data_3AMZ
#
_entry.id   3AMZ
#
_cell.length_a   168.211
_cell.length_b   124.530
_cell.length_c   148.025
_cell.angle_alpha   90.00
_cell.angle_beta   91.07
_cell.angle_gamma   90.00
#
_symmetry.space_group_name_H-M   'C 1 2 1'
#
loop_
_entity.id
_entity.type
_entity.pdbx_description
1 polymer 'Xanthine dehydrogenase/oxidase'
2 non-polymer 'FE2/S2 (INORGANIC) CLUSTER'
3 non-polymer 'CALCIUM ION'
4 non-polymer 'FLAVIN-ADENINE DINUCLEOTIDE'
5 non-polymer '1,4-DIHYDRONICOTINAMIDE ADENINE DINUCLEOTIDE'
6 non-polymer 'BICARBONATE ION'
7 non-polymer GLYCEROL
8 non-polymer 'PHOSPHONIC ACIDMONO-(2-AMINO-5,6-DIMERCAPTO-4-OXO-3,7,8A,9,10,10A-HEXAHYDRO-4H-8-OXA-1,3,9,10-TETRAAZA-ANTHRACEN-7-YLMETHYL)ESTER'
9 non-polymer 'DIOXOTHIOMOLYBDENUM(VI) ION'
10 non-polymer 'URIC ACID'
11 water water
#
_entity_poly.entity_id   1
_entity_poly.type   'polypeptide(L)'
_entity_poly.pdbx_seq_one_letter_code
;MTADELVFFVNGKKVVEKNADPETTLLAYLRRKLGLRGTKLGCGEGGCGACTVMLSKYDRLQDKIIHFSANACLAPICTL
HHVAVTTVEGIGSTKTRLHPVQERIAKSHGSQCGFCTPGIVMSMYTLLRNQPEPTVEEIEDAFQGNLCRCTGYRPILQGF
RTFAKNGGCCGGNGNNPNCCMNQKKDHTVTLSPSLFNPEEFMPLDPTQEPIFPPELLRLKDVPPKQLRFEGERVTWIQAS
TLKELLDLKAQHPEAKLVVGNTEIGIEMKFKNQLFPMIICPAWIPELNAVEHGPEGISFGAACALSSVEKTLLEAVAKLP
TQKTEVFRGVLEQLRWFAGKQVKSVASLGGNIITASPISDLNPVFMASGTKLTIVSRGTRRTVPMDHTFFPSYRKTLLGP
EEILLSIEIPYSREDEFFSAFKQASRREDDIAKVTCGMRVLFQPGSMQVKELALCYGGMADRTISALKTTQKQLSKFWNE
KLLQDVCAGLAEELSLSPDAPGGMIEFRRTLTLSFFFKFYLTVLKKLGKDSKDKCGKLDPTYTSATLLFQKHPPANIQLF
QEVPNGQSKEDTVGRPLPHLAAAMQASGEAVYCDDIPRYENELFLRLVTSTRAHAKIKSIDVSEAQKVPGFVCFLSADDI
PGSNETGLFNDETVFAKDTVTCVGHIIGAVVADTPEHAERAAHVVKVTYEDLPAIITIEDAIKNNSFYGSELKIEKGDLK
KGFSEADNVVSGELYIGGQDHFYLETHCTIAIPKGEEGEMELFVSTQNAMKTQSFVAKMLGVPVNRILVRVKRMGGGFGG
KETRSTLVSVAVALAAYKTGHPVRCMLDRNEDMLITGGRHPFLARYKVGFMKTGTIVALEVDHYSNAGNSRDLSHSIMER
ALFHMDNCYKIPNIRGTGRLCKTNLSSNTAFRGFGGPQALFIAENWMSEVAVTCGLPAEEVRWKNMYKEGDLTHFNQRLE
GFSVPRCWDECLKSSQYYARKSEVDKFNKENCWKKRGLCIIPTKFGISFTVPFLNQAGALIHVYTDGSVLVSHGGTEMGQ
GLHTKMVQVASKALKIPISKIYISETSTNTVPNSSPTAASVSTDIYGQAVYEACQTILKRLEPFKKKNPDGSWEDWVMAA
YQDRVSLSTTGFYRTPNLGYSFETNSGNAFHYFTYGVACSEVEIDCLTGDHKNLRTDIVMDVGSSLNPAIDIGQVEGAFV
QGLGLFTLEELHYSPEGSLHTRGPSTYKIPAFGSIPTEFRVSLLRDCPNKKAIYASKAVGEPPLFLGASVFFAIKDAIRA
ARAQHTNNNTKELFRLDSPATPEKIRNACVDKFTTLCVTGAPGNCKPWSLRV
;
_entity_poly.pdbx_strand_id   A,B
#
# COMPACT_ATOMS: atom_id res chain seq x y z
N ALA A 3 -37.59 14.55 -2.34
CA ALA A 3 -37.41 13.16 -1.99
C ALA A 3 -35.96 13.03 -2.34
N ASP A 4 -35.61 12.81 -3.57
CA ASP A 4 -34.27 12.54 -3.79
C ASP A 4 -33.20 12.69 -2.55
N GLU A 5 -32.99 13.80 -1.83
CA GLU A 5 -31.80 13.83 -0.90
C GLU A 5 -31.96 13.10 0.46
N LEU A 6 -30.96 12.34 0.89
CA LEU A 6 -30.93 11.70 2.25
C LEU A 6 -29.97 12.46 3.19
N VAL A 7 -30.47 12.91 4.33
CA VAL A 7 -29.70 13.83 5.16
C VAL A 7 -29.66 13.24 6.54
N PHE A 8 -28.46 12.86 6.99
CA PHE A 8 -28.34 12.37 8.35
C PHE A 8 -27.06 12.88 8.93
N PHE A 9 -26.79 12.51 10.17
CA PHE A 9 -25.54 12.96 10.84
C PHE A 9 -24.69 11.75 11.30
N VAL A 10 -23.35 11.87 11.23
CA VAL A 10 -22.47 10.81 11.75
C VAL A 10 -21.42 11.48 12.56
N ASN A 11 -21.37 11.15 13.83
CA ASN A 11 -20.46 11.77 14.76
C ASN A 11 -20.53 13.29 14.70
N GLY A 12 -21.73 13.81 14.63
CA GLY A 12 -21.90 15.27 14.67
C GLY A 12 -21.75 15.91 13.31
N LYS A 13 -21.29 15.19 12.30
CA LYS A 13 -21.04 15.84 11.04
C LYS A 13 -22.16 15.54 10.00
N LYS A 14 -22.56 16.53 9.22
CA LYS A 14 -23.78 16.37 8.43
C LYS A 14 -23.49 15.53 7.21
N VAL A 15 -24.34 14.60 6.84
CA VAL A 15 -24.08 13.84 5.62
C VAL A 15 -25.27 14.10 4.66
N VAL A 16 -24.99 14.52 3.43
CA VAL A 16 -26.04 14.75 2.40
C VAL A 16 -25.73 13.71 1.33
N GLU A 17 -26.52 12.65 1.23
CA GLU A 17 -26.34 11.66 0.18
C GLU A 17 -27.38 11.95 -0.90
N LYS A 18 -26.92 12.45 -2.08
CA LYS A 18 -27.84 12.86 -3.14
C LYS A 18 -28.41 11.67 -3.92
N ASN A 19 -27.75 10.52 -3.86
CA ASN A 19 -28.21 9.36 -4.57
C ASN A 19 -28.19 8.11 -3.69
N ALA A 20 -29.00 8.10 -2.62
CA ALA A 20 -29.04 6.96 -1.68
C ALA A 20 -29.58 5.77 -2.44
N ASP A 21 -28.84 4.65 -2.40
CA ASP A 21 -29.32 3.38 -2.89
C ASP A 21 -30.01 2.62 -1.71
N PRO A 22 -31.32 2.28 -1.87
CA PRO A 22 -32.03 1.58 -0.80
C PRO A 22 -31.35 0.29 -0.33
N GLU A 23 -30.49 -0.31 -1.15
CA GLU A 23 -29.88 -1.53 -0.70
C GLU A 23 -28.61 -1.26 0.15
N THR A 24 -28.16 -0.01 0.29
CA THR A 24 -26.94 0.28 1.05
C THR A 24 -27.26 0.22 2.56
N THR A 25 -26.51 -0.63 3.30
CA THR A 25 -26.59 -0.67 4.78
C THR A 25 -25.73 0.44 5.39
N LEU A 26 -26.03 0.83 6.62
CA LEU A 26 -25.18 1.80 7.30
C LEU A 26 -23.73 1.33 7.44
N LEU A 27 -23.56 0.04 7.67
CA LEU A 27 -22.25 -0.54 7.84
C LEU A 27 -21.42 -0.33 6.57
N ALA A 28 -22.02 -0.62 5.41
CA ALA A 28 -21.32 -0.41 4.14
C ALA A 28 -21.03 1.09 3.95
N TYR A 29 -22.00 1.91 4.34
CA TYR A 29 -21.82 3.30 4.10
C TYR A 29 -20.63 3.87 4.95
N LEU A 30 -20.65 3.52 6.25
CA LEU A 30 -19.59 3.98 7.15
C LEU A 30 -18.23 3.54 6.66
N ARG A 31 -18.13 2.24 6.33
CA ARG A 31 -16.82 1.66 5.99
C ARG A 31 -16.31 2.10 4.60
N ARG A 32 -17.19 2.16 3.60
CA ARG A 32 -16.76 2.34 2.22
C ARG A 32 -16.96 3.77 1.76
N LYS A 33 -17.98 4.48 2.22
CA LYS A 33 -18.09 5.87 1.78
C LYS A 33 -17.52 6.86 2.77
N LEU A 34 -17.80 6.68 4.07
CA LEU A 34 -17.29 7.69 4.99
C LEU A 34 -15.87 7.40 5.50
N GLY A 35 -15.31 6.24 5.17
CA GLY A 35 -14.00 5.86 5.66
C GLY A 35 -13.84 5.60 7.16
N LEU A 36 -14.92 5.25 7.86
CA LEU A 36 -14.89 5.09 9.31
C LEU A 36 -14.91 3.59 9.55
N ARG A 37 -13.72 2.96 9.57
CA ARG A 37 -13.61 1.52 9.67
C ARG A 37 -13.59 0.93 11.09
N GLY A 38 -13.91 1.71 12.13
CA GLY A 38 -13.94 1.11 13.48
C GLY A 38 -15.13 0.14 13.68
N THR A 39 -16.23 0.42 12.98
CA THR A 39 -17.41 -0.47 12.97
C THR A 39 -17.13 -1.64 11.99
N LYS A 40 -17.34 -2.89 12.47
CA LYS A 40 -16.88 -4.09 11.84
C LYS A 40 -18.01 -4.95 11.36
N LEU A 41 -17.72 -5.77 10.33
CA LEU A 41 -18.59 -6.86 9.92
C LEU A 41 -18.11 -8.11 10.59
N GLY A 42 -19.04 -8.75 11.30
CA GLY A 42 -18.72 -10.01 12.00
C GLY A 42 -19.61 -11.18 11.49
N CYS A 43 -20.82 -10.86 11.01
CA CYS A 43 -21.78 -11.92 10.66
C CYS A 43 -22.76 -11.46 9.58
N GLY A 44 -23.12 -10.17 9.59
CA GLY A 44 -24.17 -9.66 8.70
C GLY A 44 -25.58 -10.10 9.01
N GLU A 45 -25.79 -10.74 10.16
CA GLU A 45 -27.14 -11.24 10.50
C GLU A 45 -27.62 -10.87 11.90
N GLY A 46 -27.06 -9.85 12.53
CA GLY A 46 -27.68 -9.34 13.78
C GLY A 46 -27.24 -10.07 15.04
N GLY A 47 -26.41 -11.12 14.89
CA GLY A 47 -25.98 -11.91 16.05
C GLY A 47 -24.75 -11.49 16.88
N CYS A 48 -23.72 -10.94 16.26
CA CYS A 48 -22.41 -10.75 16.93
C CYS A 48 -22.23 -9.36 17.55
N GLY A 49 -22.91 -8.34 16.99
CA GLY A 49 -22.89 -6.98 17.52
C GLY A 49 -21.61 -6.19 17.22
N ALA A 50 -20.70 -6.80 16.45
CA ALA A 50 -19.47 -6.11 16.05
C ALA A 50 -19.78 -4.87 15.25
N CYS A 51 -20.97 -4.80 14.67
CA CYS A 51 -21.35 -3.63 13.86
C CYS A 51 -22.19 -2.56 14.68
N THR A 52 -22.29 -2.74 15.98
CA THR A 52 -23.18 -1.89 16.79
C THR A 52 -22.82 -0.43 16.74
N VAL A 53 -23.82 0.43 16.56
CA VAL A 53 -23.64 1.88 16.58
C VAL A 53 -24.74 2.45 17.45
N MET A 54 -24.60 3.70 17.88
CA MET A 54 -25.76 4.31 18.52
C MET A 54 -26.43 5.19 17.52
N LEU A 55 -27.74 5.24 17.62
CA LEU A 55 -28.57 6.19 16.86
C LEU A 55 -29.32 7.13 17.85
N SER A 56 -29.48 8.40 17.48
CA SER A 56 -30.15 9.40 18.30
C SER A 56 -31.10 10.09 17.38
N LYS A 57 -32.32 10.37 17.87
CA LYS A 57 -33.26 11.18 17.11
C LYS A 57 -34.23 11.94 18.03
N TYR A 58 -34.87 12.96 17.49
CA TYR A 58 -35.91 13.66 18.23
C TYR A 58 -37.15 12.81 18.13
N ASP A 59 -37.66 12.33 19.26
CA ASP A 59 -38.94 11.64 19.23
C ASP A 59 -40.12 12.64 19.42
N ARG A 60 -40.78 12.98 18.32
CA ARG A 60 -41.93 13.95 18.33
C ARG A 60 -43.02 13.00 18.67
N LEU A 61 -43.66 13.19 19.81
CA LEU A 61 -44.56 12.13 20.31
C LEU A 61 -44.18 11.83 21.74
N GLN A 62 -42.98 12.25 22.13
CA GLN A 62 -42.49 11.98 23.48
C GLN A 62 -41.77 13.24 23.90
N ASP A 63 -41.44 14.06 22.89
CA ASP A 63 -40.90 15.40 23.05
C ASP A 63 -39.47 15.44 23.58
N LYS A 64 -38.67 14.47 23.14
CA LYS A 64 -37.32 14.34 23.65
C LYS A 64 -36.36 13.67 22.64
N ILE A 65 -35.05 13.94 22.80
CA ILE A 65 -34.00 13.22 22.08
C ILE A 65 -33.92 11.82 22.70
N ILE A 66 -34.12 10.75 21.91
CA ILE A 66 -33.84 9.40 22.37
C ILE A 66 -32.57 8.85 21.76
N HIS A 67 -31.98 7.87 22.43
CA HIS A 67 -30.75 7.28 22.02
C HIS A 67 -30.97 5.77 22.12
N PHE A 68 -30.58 5.03 21.09
CA PHE A 68 -30.69 3.58 21.14
C PHE A 68 -29.62 2.93 20.25
N SER A 69 -29.33 1.64 20.47
CA SER A 69 -28.32 0.96 19.67
C SER A 69 -28.94 0.21 18.47
N ALA A 70 -28.13 -0.12 17.48
CA ALA A 70 -28.65 -0.78 16.27
C ALA A 70 -27.47 -1.46 15.60
N ASN A 71 -27.76 -2.55 14.89
CA ASN A 71 -26.76 -3.21 14.04
C ASN A 71 -26.61 -2.46 12.73
N ALA A 72 -25.48 -1.81 12.54
CA ALA A 72 -25.26 -1.16 11.23
C ALA A 72 -25.36 -2.15 10.02
N CYS A 73 -25.15 -3.45 10.21
CA CYS A 73 -25.15 -4.38 9.07
C CYS A 73 -26.58 -4.62 8.59
N LEU A 74 -27.58 -4.32 9.41
CA LEU A 74 -28.99 -4.55 9.06
C LEU A 74 -29.77 -3.22 8.83
N ALA A 75 -29.21 -2.09 9.28
CA ALA A 75 -29.83 -0.77 9.08
C ALA A 75 -29.68 -0.19 7.65
N PRO A 76 -30.82 -0.07 6.93
CA PRO A 76 -30.74 0.61 5.62
C PRO A 76 -30.45 2.07 5.92
N ILE A 77 -29.49 2.68 5.19
CA ILE A 77 -29.30 4.13 5.33
C ILE A 77 -30.63 4.86 5.01
N CYS A 78 -31.46 4.29 4.14
CA CYS A 78 -32.74 4.94 3.83
C CYS A 78 -33.78 5.05 4.97
N THR A 79 -33.57 4.36 6.10
CA THR A 79 -34.39 4.55 7.34
C THR A 79 -33.89 5.66 8.23
N LEU A 80 -32.72 6.21 7.85
CA LEU A 80 -31.99 7.10 8.77
C LEU A 80 -32.10 8.63 8.48
N HIS A 81 -33.02 9.02 7.61
CA HIS A 81 -33.18 10.45 7.31
C HIS A 81 -33.46 11.18 8.65
N HIS A 82 -32.66 12.21 8.94
CA HIS A 82 -32.77 12.98 10.19
C HIS A 82 -32.51 12.22 11.51
N VAL A 83 -31.61 11.24 11.41
CA VAL A 83 -31.06 10.49 12.54
C VAL A 83 -29.59 10.84 12.70
N ALA A 84 -29.17 11.00 13.94
CA ALA A 84 -27.75 11.20 14.24
C ALA A 84 -27.13 9.83 14.68
N VAL A 85 -26.10 9.40 13.92
CA VAL A 85 -25.36 8.16 14.19
C VAL A 85 -24.09 8.49 14.97
N THR A 86 -23.82 7.69 16.01
CA THR A 86 -22.53 7.75 16.73
C THR A 86 -21.79 6.43 16.57
N THR A 87 -20.55 6.45 16.05
CA THR A 87 -19.80 5.19 15.96
C THR A 87 -18.70 5.24 17.05
N VAL A 88 -17.85 4.21 17.12
CA VAL A 88 -16.85 4.13 18.14
C VAL A 88 -15.92 5.37 17.95
N GLU A 89 -15.66 5.77 16.72
CA GLU A 89 -14.88 7.01 16.57
C GLU A 89 -15.51 8.33 17.03
N GLY A 90 -16.81 8.35 17.24
CA GLY A 90 -17.51 9.54 17.69
C GLY A 90 -17.38 9.78 19.20
N ILE A 91 -16.87 8.81 19.97
CA ILE A 91 -16.88 8.97 21.41
C ILE A 91 -15.50 9.24 22.04
N GLY A 92 -14.42 8.99 21.31
CA GLY A 92 -13.10 9.14 21.85
C GLY A 92 -12.09 8.45 20.94
N SER A 93 -10.82 8.68 21.23
CA SER A 93 -9.73 8.08 20.46
C SER A 93 -8.43 8.30 21.21
N THR A 94 -7.41 7.55 20.84
CA THR A 94 -6.07 7.70 21.43
C THR A 94 -5.35 8.98 20.95
N LYS A 95 -5.82 9.57 19.86
CA LYS A 95 -5.23 10.84 19.39
C LYS A 95 -5.82 12.01 20.17
N THR A 96 -7.00 11.89 20.75
CA THR A 96 -7.59 12.94 21.60
C THR A 96 -7.66 12.42 23.06
N ARG A 97 -8.75 11.76 23.42
CA ARG A 97 -8.81 11.11 24.74
C ARG A 97 -9.82 9.97 24.65
N LEU A 98 -9.56 8.86 25.32
CA LEU A 98 -10.52 7.75 25.30
C LEU A 98 -11.76 8.16 26.09
N HIS A 99 -12.93 7.75 25.65
CA HIS A 99 -14.08 7.82 26.50
C HIS A 99 -13.91 6.85 27.73
N PRO A 100 -14.56 7.14 28.85
CA PRO A 100 -14.49 6.17 29.97
C PRO A 100 -14.83 4.73 29.58
N VAL A 101 -15.85 4.51 28.75
CA VAL A 101 -16.14 3.16 28.25
C VAL A 101 -14.94 2.50 27.58
N GLN A 102 -14.26 3.23 26.70
CA GLN A 102 -13.08 2.70 25.99
C GLN A 102 -11.90 2.52 26.96
N GLU A 103 -11.68 3.52 27.84
CA GLU A 103 -10.56 3.38 28.77
C GLU A 103 -10.74 2.10 29.63
N ARG A 104 -11.95 1.88 30.12
CA ARG A 104 -12.11 0.80 31.05
C ARG A 104 -11.99 -0.58 30.40
N ILE A 105 -12.60 -0.75 29.21
CA ILE A 105 -12.52 -2.10 28.58
C ILE A 105 -11.05 -2.41 28.27
N ALA A 106 -10.29 -1.38 27.87
CA ALA A 106 -8.85 -1.55 27.57
C ALA A 106 -8.03 -1.85 28.85
N LYS A 107 -8.20 -1.03 29.90
CA LYS A 107 -7.36 -1.20 31.15
C LYS A 107 -7.75 -2.44 31.94
N SER A 108 -9.00 -2.87 31.79
CA SER A 108 -9.45 -4.02 32.55
C SER A 108 -9.21 -5.37 31.81
N HIS A 109 -8.45 -5.30 30.72
CA HIS A 109 -8.07 -6.49 29.86
C HIS A 109 -9.31 -7.10 29.22
N GLY A 110 -10.34 -6.28 28.93
CA GLY A 110 -11.48 -6.85 28.21
C GLY A 110 -11.33 -6.79 26.68
N SER A 111 -10.11 -6.53 26.18
CA SER A 111 -9.89 -6.61 24.70
C SER A 111 -8.72 -7.51 24.43
N GLN A 112 -8.90 -8.55 23.59
CA GLN A 112 -7.77 -9.39 23.22
C GLN A 112 -7.47 -9.18 21.73
N CYS A 113 -8.15 -9.90 20.81
CA CYS A 113 -7.98 -9.62 19.42
C CYS A 113 -8.51 -8.26 19.07
N GLY A 114 -9.51 -7.81 19.83
CA GLY A 114 -10.08 -6.50 19.67
C GLY A 114 -11.19 -6.31 18.64
N PHE A 115 -11.56 -7.40 17.92
CA PHE A 115 -12.48 -7.20 16.78
C PHE A 115 -13.91 -6.91 17.26
N CYS A 116 -14.32 -7.47 18.42
CA CYS A 116 -15.67 -7.25 19.00
C CYS A 116 -15.72 -5.96 19.83
N THR A 117 -14.56 -5.34 20.05
CA THR A 117 -14.45 -4.34 21.11
C THR A 117 -15.27 -3.07 20.77
N PRO A 118 -15.10 -2.52 19.54
CA PRO A 118 -15.95 -1.36 19.23
C PRO A 118 -17.45 -1.62 19.36
N GLY A 119 -17.94 -2.77 18.91
CA GLY A 119 -19.39 -2.97 19.03
C GLY A 119 -19.77 -3.12 20.51
N ILE A 120 -18.94 -3.75 21.32
CA ILE A 120 -19.30 -3.84 22.79
C ILE A 120 -19.19 -2.44 23.50
N VAL A 121 -18.18 -1.68 23.12
CA VAL A 121 -18.04 -0.28 23.58
C VAL A 121 -19.34 0.50 23.25
N MET A 122 -19.82 0.35 22.02
CA MET A 122 -21.06 1.03 21.64
C MET A 122 -22.29 0.53 22.31
N SER A 123 -22.39 -0.78 22.58
CA SER A 123 -23.51 -1.26 23.47
C SER A 123 -23.43 -0.68 24.92
N MET A 124 -22.21 -0.61 25.48
CA MET A 124 -22.08 -0.03 26.84
C MET A 124 -22.30 1.48 26.79
N TYR A 125 -21.70 2.17 25.81
CA TYR A 125 -21.95 3.61 25.64
C TYR A 125 -23.47 3.95 25.54
N THR A 126 -24.20 3.17 24.74
CA THR A 126 -25.60 3.43 24.57
C THR A 126 -26.32 3.30 25.93
N LEU A 127 -26.00 2.26 26.69
CA LEU A 127 -26.63 2.05 28.00
C LEU A 127 -26.38 3.35 28.84
N LEU A 128 -25.15 3.85 28.86
CA LEU A 128 -24.79 4.98 29.69
C LEU A 128 -25.46 6.28 29.29
N ARG A 129 -25.71 6.49 28.00
CA ARG A 129 -26.42 7.68 27.55
C ARG A 129 -27.88 7.64 27.98
N ASN A 130 -28.41 6.45 28.24
CA ASN A 130 -29.78 6.33 28.69
C ASN A 130 -29.82 6.30 30.21
N GLN A 131 -28.82 5.67 30.82
CA GLN A 131 -28.77 5.54 32.26
C GLN A 131 -27.33 5.67 32.70
N PRO A 132 -26.88 6.91 33.07
CA PRO A 132 -25.51 7.23 33.50
C PRO A 132 -25.06 6.48 34.76
N GLU A 133 -26.02 6.02 35.57
CA GLU A 133 -25.70 5.17 36.72
C GLU A 133 -26.47 3.84 36.68
N PRO A 134 -26.05 2.85 35.84
CA PRO A 134 -26.88 1.64 35.71
C PRO A 134 -26.69 0.66 36.88
N THR A 135 -27.65 -0.25 37.06
CA THR A 135 -27.45 -1.41 37.95
C THR A 135 -26.60 -2.46 37.25
N VAL A 136 -26.00 -3.35 38.05
CA VAL A 136 -25.27 -4.50 37.53
C VAL A 136 -26.09 -5.30 36.50
N GLU A 137 -27.38 -5.48 36.77
CA GLU A 137 -28.24 -6.28 35.88
C GLU A 137 -28.41 -5.59 34.54
N GLU A 138 -28.59 -4.27 34.58
CA GLU A 138 -28.69 -3.51 33.31
C GLU A 138 -27.42 -3.67 32.46
N ILE A 139 -26.28 -3.71 33.14
CA ILE A 139 -24.99 -3.86 32.49
C ILE A 139 -24.91 -5.23 31.82
N GLU A 140 -25.28 -6.33 32.50
CA GLU A 140 -25.27 -7.60 31.76
C GLU A 140 -26.19 -7.59 30.54
N ASP A 141 -27.38 -7.01 30.70
CA ASP A 141 -28.40 -7.11 29.62
C ASP A 141 -28.09 -6.29 28.43
N ALA A 142 -27.10 -5.41 28.60
CA ALA A 142 -26.70 -4.48 27.56
C ALA A 142 -26.06 -5.28 26.40
N PHE A 143 -25.66 -6.52 26.67
CA PHE A 143 -24.85 -7.25 25.70
C PHE A 143 -25.44 -8.57 25.20
N GLN A 144 -26.74 -8.73 25.29
CA GLN A 144 -27.36 -9.93 24.77
C GLN A 144 -27.10 -10.07 23.24
N GLY A 145 -26.76 -8.97 22.57
CA GLY A 145 -26.43 -9.08 21.13
C GLY A 145 -24.97 -8.81 20.82
N ASN A 146 -24.04 -9.05 21.76
CA ASN A 146 -22.66 -8.90 21.49
C ASN A 146 -21.93 -10.21 21.80
N LEU A 147 -21.05 -10.61 20.89
CA LEU A 147 -20.26 -11.82 21.08
C LEU A 147 -18.81 -11.49 21.13
N CYS A 148 -18.08 -12.25 21.94
CA CYS A 148 -16.61 -12.16 22.00
C CYS A 148 -16.12 -13.63 22.09
N ARG A 149 -15.15 -13.94 21.25
CA ARG A 149 -14.60 -15.26 21.12
C ARG A 149 -13.33 -15.42 21.96
N CYS A 150 -12.72 -14.31 22.38
CA CYS A 150 -11.38 -14.38 23.00
C CYS A 150 -11.38 -14.35 24.52
N THR A 151 -12.19 -13.47 25.16
CA THR A 151 -11.91 -13.03 26.52
C THR A 151 -12.55 -13.93 27.56
N GLY A 152 -13.56 -14.67 27.17
CA GLY A 152 -14.36 -15.35 28.17
C GLY A 152 -15.26 -14.40 28.95
N TYR A 153 -15.39 -13.16 28.48
CA TYR A 153 -16.39 -12.21 28.96
C TYR A 153 -16.15 -11.60 30.32
N ARG A 154 -15.67 -12.41 31.28
CA ARG A 154 -15.40 -11.91 32.67
C ARG A 154 -14.78 -10.47 32.84
N PRO A 155 -13.61 -10.19 32.21
CA PRO A 155 -13.01 -8.89 32.32
C PRO A 155 -13.86 -7.72 31.76
N ILE A 156 -14.60 -7.96 30.70
CA ILE A 156 -15.46 -6.90 30.15
C ILE A 156 -16.54 -6.54 31.19
N LEU A 157 -17.22 -7.55 31.70
CA LEU A 157 -18.23 -7.33 32.71
C LEU A 157 -17.66 -6.74 33.98
N GLN A 158 -16.50 -7.28 34.39
CA GLN A 158 -15.92 -6.81 35.63
C GLN A 158 -15.42 -5.37 35.50
N GLY A 159 -14.73 -5.05 34.41
CA GLY A 159 -14.39 -3.64 34.10
C GLY A 159 -15.60 -2.72 34.04
N PHE A 160 -16.67 -3.17 33.41
CA PHE A 160 -17.81 -2.24 33.23
C PHE A 160 -18.69 -2.13 34.48
N ARG A 161 -18.65 -3.16 35.31
CA ARG A 161 -19.44 -3.10 36.58
C ARG A 161 -19.02 -1.90 37.45
N THR A 162 -17.80 -1.38 37.25
CA THR A 162 -17.36 -0.16 37.93
C THR A 162 -18.21 1.07 37.59
N PHE A 163 -19.05 0.99 36.54
CA PHE A 163 -19.97 2.06 36.25
C PHE A 163 -21.21 2.04 37.17
N ALA A 164 -21.47 0.91 37.84
CA ALA A 164 -22.69 0.84 38.69
C ALA A 164 -22.50 1.51 40.05
N LYS A 165 -23.59 1.65 40.80
CA LYS A 165 -23.64 1.99 42.30
C LYS A 165 -23.82 3.49 42.57
N SER A 192 -3.70 -11.00 47.13
CA SER A 192 -3.34 -10.86 45.72
C SER A 192 -3.16 -9.38 45.31
N PRO A 193 -2.17 -9.11 44.45
CA PRO A 193 -2.23 -7.83 43.65
C PRO A 193 -3.52 -7.81 42.79
N SER A 194 -3.82 -6.71 42.09
CA SER A 194 -5.01 -6.60 41.25
C SER A 194 -4.61 -6.56 39.77
N LEU A 195 -5.42 -7.15 38.88
CA LEU A 195 -5.19 -7.04 37.42
C LEU A 195 -5.37 -5.60 36.86
N PHE A 196 -6.17 -4.79 37.53
CA PHE A 196 -6.32 -3.37 37.16
C PHE A 196 -6.78 -2.55 38.41
N ASN A 197 -6.71 -1.24 38.27
CA ASN A 197 -7.05 -0.37 39.32
C ASN A 197 -8.17 0.63 38.99
N PRO A 198 -9.39 0.36 39.41
CA PRO A 198 -10.54 1.20 39.07
C PRO A 198 -10.41 2.62 39.59
N GLU A 199 -9.52 2.84 40.59
CA GLU A 199 -9.26 4.23 41.08
C GLU A 199 -8.63 5.16 40.07
N GLU A 200 -7.92 4.62 39.06
CA GLU A 200 -7.43 5.47 37.97
C GLU A 200 -8.47 5.76 36.88
N PHE A 201 -9.68 5.20 37.00
CA PHE A 201 -10.65 5.36 35.93
C PHE A 201 -11.33 6.74 36.01
N MET A 202 -11.31 7.47 34.90
CA MET A 202 -12.07 8.71 34.77
C MET A 202 -13.59 8.48 34.95
N PRO A 203 -14.22 9.17 35.91
CA PRO A 203 -15.67 9.02 36.01
C PRO A 203 -16.34 9.56 34.77
N LEU A 204 -17.54 9.08 34.55
CA LEU A 204 -18.33 9.54 33.45
C LEU A 204 -18.88 10.94 33.79
N ASP A 205 -18.86 11.86 32.82
CA ASP A 205 -19.44 13.18 32.97
C ASP A 205 -20.36 13.50 31.81
N PRO A 206 -21.68 13.40 32.03
CA PRO A 206 -22.65 13.55 30.91
C PRO A 206 -22.64 14.92 30.27
N THR A 207 -22.22 15.94 31.01
CA THR A 207 -22.09 17.28 30.45
C THR A 207 -20.98 17.40 29.39
N GLN A 208 -20.01 16.46 29.35
CA GLN A 208 -18.95 16.52 28.30
C GLN A 208 -19.27 15.70 27.03
N GLU A 209 -20.41 15.02 27.02
CA GLU A 209 -20.80 14.18 25.88
C GLU A 209 -21.18 15.05 24.66
N PRO A 210 -20.96 14.54 23.43
CA PRO A 210 -21.30 15.33 22.23
C PRO A 210 -22.78 15.77 22.21
N ILE A 211 -23.04 17.01 21.81
CA ILE A 211 -24.40 17.56 21.82
C ILE A 211 -25.19 16.95 20.63
N PHE A 212 -26.48 16.68 20.81
CA PHE A 212 -27.33 16.32 19.66
C PHE A 212 -27.20 17.44 18.58
N PRO A 213 -26.97 17.10 17.29
CA PRO A 213 -26.70 18.13 16.27
C PRO A 213 -27.77 19.25 16.26
N PRO A 214 -27.33 20.52 16.42
CA PRO A 214 -28.40 21.56 16.52
C PRO A 214 -29.19 21.67 15.23
N GLU A 215 -28.55 21.46 14.07
CA GLU A 215 -29.35 21.44 12.84
C GLU A 215 -30.53 20.44 12.87
N LEU A 216 -30.37 19.24 13.48
CA LEU A 216 -31.48 18.30 13.53
C LEU A 216 -32.60 18.78 14.42
N LEU A 217 -32.22 19.42 15.50
CA LEU A 217 -33.17 19.95 16.40
C LEU A 217 -34.04 21.05 15.72
N ARG A 218 -33.44 21.85 14.82
CA ARG A 218 -34.24 22.85 14.08
C ARG A 218 -35.24 22.20 13.13
N LEU A 219 -34.83 21.09 12.51
CA LEU A 219 -35.63 20.38 11.51
C LEU A 219 -36.80 19.58 12.10
N LYS A 220 -36.68 19.22 13.38
CA LYS A 220 -37.72 18.53 14.12
C LYS A 220 -38.98 19.31 13.89
N ASP A 221 -38.86 20.63 13.86
CA ASP A 221 -40.05 21.47 13.73
C ASP A 221 -40.85 21.26 12.42
N VAL A 222 -40.19 21.31 11.24
CA VAL A 222 -40.84 21.07 9.91
C VAL A 222 -41.63 19.74 9.78
N PRO A 223 -42.91 19.78 9.29
CA PRO A 223 -43.53 18.47 9.18
C PRO A 223 -42.90 17.66 8.03
N PRO A 224 -42.72 16.37 8.25
CA PRO A 224 -42.14 15.41 7.30
C PRO A 224 -42.90 15.34 5.97
N LYS A 225 -42.21 14.96 4.90
CA LYS A 225 -42.80 14.76 3.57
C LYS A 225 -42.31 13.43 3.06
N GLN A 226 -43.09 12.84 2.16
CA GLN A 226 -42.70 11.62 1.57
C GLN A 226 -41.44 11.79 0.76
N LEU A 227 -40.56 10.80 0.82
CA LEU A 227 -39.28 10.79 0.19
C LEU A 227 -39.19 9.57 -0.69
N ARG A 228 -38.45 9.72 -1.78
CA ARG A 228 -38.28 8.66 -2.72
C ARG A 228 -36.78 8.52 -2.94
N PHE A 229 -36.27 7.31 -2.76
CA PHE A 229 -34.90 7.03 -3.16
C PHE A 229 -34.86 5.94 -4.25
N GLU A 230 -33.87 6.02 -5.14
CA GLU A 230 -33.77 5.15 -6.31
C GLU A 230 -32.34 4.60 -6.39
N GLY A 231 -32.20 3.29 -6.36
CA GLY A 231 -30.89 2.61 -6.43
C GLY A 231 -30.76 1.79 -7.70
N GLU A 232 -29.74 0.93 -7.74
CA GLU A 232 -29.47 0.20 -8.93
C GLU A 232 -30.67 -0.70 -9.25
N ARG A 233 -31.27 -1.29 -8.21
CA ARG A 233 -32.25 -2.34 -8.42
C ARG A 233 -33.56 -1.99 -7.66
N VAL A 234 -33.50 -1.04 -6.71
CA VAL A 234 -34.61 -0.87 -5.76
C VAL A 234 -35.08 0.57 -5.66
N THR A 235 -36.40 0.75 -5.55
CA THR A 235 -36.98 2.05 -5.28
C THR A 235 -37.55 2.01 -3.85
N TRP A 236 -37.30 3.08 -3.08
CA TRP A 236 -37.76 3.16 -1.67
C TRP A 236 -38.60 4.43 -1.46
N ILE A 237 -39.77 4.23 -0.89
CA ILE A 237 -40.60 5.37 -0.59
C ILE A 237 -40.76 5.46 0.89
N GLN A 238 -40.37 6.61 1.47
CA GLN A 238 -40.54 6.79 2.90
C GLN A 238 -41.93 7.46 3.06
N ALA A 239 -42.93 6.70 3.54
CA ALA A 239 -44.29 7.23 3.65
C ALA A 239 -44.43 8.10 4.89
N SER A 240 -44.94 9.33 4.76
CA SER A 240 -45.07 10.22 5.93
C SER A 240 -46.42 10.16 6.69
N THR A 241 -47.48 9.66 6.07
CA THR A 241 -48.81 9.63 6.72
C THR A 241 -49.42 8.29 6.40
N LEU A 242 -50.37 7.89 7.23
CA LEU A 242 -51.19 6.70 7.00
C LEU A 242 -51.87 6.68 5.63
N LYS A 243 -52.56 7.78 5.29
CA LYS A 243 -53.21 7.93 4.00
C LYS A 243 -52.20 7.65 2.87
N GLU A 244 -50.97 8.20 2.96
CA GLU A 244 -49.93 7.93 1.94
C GLU A 244 -49.65 6.46 1.86
N LEU A 245 -49.53 5.84 3.01
CA LEU A 245 -49.24 4.45 3.06
C LEU A 245 -50.37 3.66 2.39
N LEU A 246 -51.62 3.97 2.75
CA LEU A 246 -52.72 3.14 2.23
C LEU A 246 -52.85 3.29 0.71
N ASP A 247 -52.62 4.50 0.21
CA ASP A 247 -52.64 4.78 -1.26
C ASP A 247 -51.49 4.07 -1.97
N LEU A 248 -50.27 4.18 -1.42
CA LEU A 248 -49.14 3.43 -2.03
C LEU A 248 -49.40 1.97 -2.08
N LYS A 249 -50.03 1.42 -1.04
CA LYS A 249 -50.35 -0.04 -1.05
C LYS A 249 -51.42 -0.38 -2.15
N ALA A 250 -52.35 0.55 -2.40
CA ALA A 250 -53.35 0.37 -3.52
C ALA A 250 -52.64 0.45 -4.85
N GLN A 251 -51.73 1.41 -4.98
CA GLN A 251 -51.06 1.62 -6.25
C GLN A 251 -50.04 0.52 -6.56
N HIS A 252 -49.44 -0.06 -5.51
CA HIS A 252 -48.34 -0.96 -5.67
C HIS A 252 -48.50 -2.09 -4.64
N PRO A 253 -49.41 -3.07 -4.91
CA PRO A 253 -49.66 -4.14 -3.92
C PRO A 253 -48.46 -5.06 -3.76
N GLU A 254 -47.60 -5.07 -4.75
CA GLU A 254 -46.38 -5.85 -4.70
C GLU A 254 -45.27 -5.16 -3.84
N ALA A 255 -45.43 -3.88 -3.48
CA ALA A 255 -44.39 -3.19 -2.73
C ALA A 255 -44.19 -3.89 -1.36
N LYS A 256 -42.94 -4.02 -0.89
CA LYS A 256 -42.65 -4.72 0.38
C LYS A 256 -42.50 -3.69 1.47
N LEU A 257 -43.25 -3.81 2.54
CA LEU A 257 -42.99 -2.90 3.70
C LEU A 257 -41.68 -3.25 4.37
N VAL A 258 -40.94 -2.23 4.80
CA VAL A 258 -39.79 -2.41 5.66
C VAL A 258 -39.90 -1.43 6.78
N VAL A 259 -39.75 -1.93 8.01
CA VAL A 259 -39.65 -1.02 9.17
C VAL A 259 -38.22 -1.14 9.72
N GLY A 260 -37.93 -2.18 10.53
CA GLY A 260 -36.56 -2.39 11.11
C GLY A 260 -35.58 -3.13 10.22
N ASN A 261 -36.11 -3.85 9.22
CA ASN A 261 -35.30 -4.57 8.19
C ASN A 261 -34.63 -5.82 8.73
N THR A 262 -35.06 -6.24 9.90
CA THR A 262 -34.23 -7.26 10.57
C THR A 262 -34.67 -8.62 10.02
N GLU A 263 -35.77 -8.66 9.27
CA GLU A 263 -36.13 -9.83 8.55
C GLU A 263 -35.82 -9.64 7.03
N ILE A 264 -36.27 -8.53 6.44
CA ILE A 264 -36.08 -8.29 5.00
C ILE A 264 -34.57 -8.25 4.68
N GLY A 265 -33.79 -7.71 5.61
CA GLY A 265 -32.31 -7.68 5.47
C GLY A 265 -31.75 -9.04 5.24
N ILE A 266 -32.28 -10.00 5.97
CA ILE A 266 -31.83 -11.35 5.83
C ILE A 266 -32.30 -11.93 4.50
N GLU A 267 -33.56 -11.64 4.15
CA GLU A 267 -34.14 -12.22 2.95
C GLU A 267 -33.33 -11.71 1.78
N MET A 268 -33.01 -10.42 1.79
CA MET A 268 -32.24 -9.87 0.69
C MET A 268 -30.81 -10.48 0.63
N LYS A 269 -30.17 -10.63 1.78
CA LYS A 269 -28.76 -10.95 1.79
C LYS A 269 -28.55 -12.43 1.70
N PHE A 270 -29.34 -13.22 2.41
CA PHE A 270 -29.12 -14.66 2.50
C PHE A 270 -30.09 -15.54 1.68
N LYS A 271 -31.28 -15.05 1.35
CA LYS A 271 -32.27 -15.90 0.69
C LYS A 271 -32.49 -15.43 -0.74
N ASN A 272 -31.60 -14.57 -1.21
CA ASN A 272 -31.63 -13.99 -2.58
C ASN A 272 -32.98 -13.47 -3.06
N GLN A 273 -33.72 -12.81 -2.17
CA GLN A 273 -34.89 -12.11 -2.57
C GLN A 273 -34.52 -10.73 -3.07
N LEU A 274 -35.23 -10.28 -4.08
CA LEU A 274 -35.14 -8.89 -4.59
C LEU A 274 -36.55 -8.25 -4.59
N PHE A 275 -36.73 -7.12 -3.91
CA PHE A 275 -38.05 -6.50 -3.84
C PHE A 275 -37.85 -5.18 -4.49
N PRO A 276 -38.26 -5.07 -5.77
CA PRO A 276 -37.89 -3.85 -6.54
C PRO A 276 -38.50 -2.57 -5.93
N MET A 277 -39.55 -2.71 -5.13
CA MET A 277 -40.12 -1.53 -4.45
C MET A 277 -40.35 -1.80 -2.96
N ILE A 278 -39.88 -0.85 -2.15
CA ILE A 278 -40.03 -0.89 -0.70
C ILE A 278 -40.75 0.36 -0.25
N ILE A 279 -41.66 0.16 0.70
CA ILE A 279 -42.30 1.30 1.36
C ILE A 279 -41.92 1.21 2.85
N CYS A 280 -41.39 2.29 3.39
CA CYS A 280 -41.05 2.27 4.78
C CYS A 280 -42.06 3.16 5.48
N PRO A 281 -42.93 2.56 6.32
CA PRO A 281 -44.00 3.35 7.03
C PRO A 281 -43.60 3.81 8.44
N ALA A 282 -42.32 3.68 8.81
CA ALA A 282 -41.87 3.89 10.21
C ALA A 282 -42.18 5.29 10.77
N TRP A 283 -42.32 6.30 9.90
CA TRP A 283 -42.60 7.65 10.41
C TRP A 283 -44.06 7.85 10.89
N ILE A 284 -44.95 6.92 10.58
CA ILE A 284 -46.37 7.29 10.59
C ILE A 284 -46.88 7.21 12.03
N PRO A 285 -47.54 8.28 12.52
CA PRO A 285 -47.89 8.27 13.95
C PRO A 285 -48.79 7.12 14.39
N GLU A 286 -49.79 6.75 13.56
CA GLU A 286 -50.70 5.69 13.90
C GLU A 286 -49.97 4.37 14.07
N LEU A 287 -48.85 4.20 13.38
CA LEU A 287 -48.10 2.94 13.45
C LEU A 287 -47.13 2.92 14.61
N ASN A 288 -47.04 4.06 15.32
CA ASN A 288 -46.23 4.25 16.55
C ASN A 288 -46.98 4.61 17.89
N ALA A 289 -48.28 4.72 17.82
CA ALA A 289 -49.12 5.12 18.93
C ALA A 289 -49.27 3.99 19.92
N VAL A 290 -49.24 4.37 21.20
CA VAL A 290 -49.44 3.45 22.32
C VAL A 290 -50.69 3.95 23.03
N GLU A 291 -51.69 3.10 23.17
CA GLU A 291 -52.95 3.53 23.77
C GLU A 291 -53.42 2.54 24.82
N HIS A 292 -53.73 3.07 26.00
CA HIS A 292 -54.20 2.31 27.14
C HIS A 292 -55.74 2.36 27.16
N GLY A 293 -56.38 1.28 26.74
CA GLY A 293 -57.81 1.21 26.64
C GLY A 293 -58.35 0.32 27.73
N PRO A 294 -59.69 0.13 27.78
CA PRO A 294 -60.24 -0.73 28.86
C PRO A 294 -59.95 -2.25 28.67
N GLU A 295 -59.69 -2.71 27.47
CA GLU A 295 -59.48 -4.15 27.26
C GLU A 295 -58.01 -4.51 27.27
N GLY A 296 -57.13 -3.55 27.08
CA GLY A 296 -55.68 -3.82 26.98
C GLY A 296 -54.89 -2.64 26.46
N ILE A 297 -53.60 -2.88 26.16
CA ILE A 297 -52.71 -1.84 25.72
C ILE A 297 -52.49 -2.06 24.21
N SER A 298 -52.78 -1.03 23.42
CA SER A 298 -52.62 -1.11 22.02
C SER A 298 -51.30 -0.44 21.62
N PHE A 299 -50.55 -1.14 20.74
CA PHE A 299 -49.30 -0.66 20.13
C PHE A 299 -49.45 -0.55 18.62
N GLY A 300 -49.11 0.61 18.06
CA GLY A 300 -48.81 0.74 16.66
C GLY A 300 -47.89 -0.39 16.17
N ALA A 301 -48.15 -0.90 14.97
CA ALA A 301 -47.38 -2.04 14.43
C ALA A 301 -45.90 -1.74 14.21
N ALA A 302 -45.53 -0.48 14.05
CA ALA A 302 -44.10 -0.14 13.89
C ALA A 302 -43.37 0.08 15.22
N CYS A 303 -44.07 0.05 16.37
CA CYS A 303 -43.42 0.21 17.67
C CYS A 303 -42.36 -0.90 17.80
N ALA A 304 -41.16 -0.50 18.17
CA ALA A 304 -40.09 -1.42 18.42
C ALA A 304 -40.39 -2.29 19.63
N LEU A 305 -39.80 -3.48 19.62
CA LEU A 305 -39.96 -4.42 20.69
C LEU A 305 -39.44 -3.82 22.02
N SER A 306 -38.39 -3.02 21.98
CA SER A 306 -37.96 -2.33 23.20
C SER A 306 -39.02 -1.39 23.78
N SER A 307 -39.76 -0.66 22.95
CA SER A 307 -40.92 0.14 23.42
C SER A 307 -42.02 -0.71 23.96
N VAL A 308 -42.25 -1.86 23.33
CA VAL A 308 -43.23 -2.79 23.84
C VAL A 308 -42.78 -3.20 25.27
N GLU A 309 -41.53 -3.60 25.39
CA GLU A 309 -41.00 -4.10 26.62
C GLU A 309 -41.10 -3.00 27.69
N LYS A 310 -40.69 -1.80 27.35
CA LYS A 310 -40.73 -0.71 28.31
C LYS A 310 -42.15 -0.50 28.86
N THR A 311 -43.09 -0.35 27.94
CA THR A 311 -44.48 -0.04 28.29
C THR A 311 -45.07 -1.17 29.08
N LEU A 312 -44.76 -2.41 28.71
CA LEU A 312 -45.33 -3.47 29.49
C LEU A 312 -44.69 -3.62 30.87
N LEU A 313 -43.40 -3.33 30.97
CA LEU A 313 -42.72 -3.40 32.27
C LEU A 313 -43.41 -2.38 33.20
N GLU A 314 -43.65 -1.19 32.69
CA GLU A 314 -44.34 -0.14 33.44
C GLU A 314 -45.74 -0.56 33.87
N ALA A 315 -46.49 -1.16 32.94
CA ALA A 315 -47.80 -1.72 33.27
C ALA A 315 -47.78 -2.81 34.37
N VAL A 316 -46.80 -3.71 34.30
CA VAL A 316 -46.71 -4.78 35.26
C VAL A 316 -46.39 -4.20 36.65
N ALA A 317 -45.63 -3.09 36.67
CA ALA A 317 -45.25 -2.42 37.93
C ALA A 317 -46.46 -1.72 38.57
N LYS A 318 -47.33 -1.16 37.73
CA LYS A 318 -48.41 -0.30 38.20
C LYS A 318 -49.72 -0.99 38.44
N LEU A 319 -50.00 -2.06 37.69
CA LEU A 319 -51.30 -2.73 37.69
C LEU A 319 -51.37 -3.99 38.59
N PRO A 320 -52.57 -4.34 39.11
CA PRO A 320 -52.68 -5.60 39.87
C PRO A 320 -52.11 -6.80 39.07
N THR A 321 -51.54 -7.75 39.79
CA THR A 321 -51.02 -8.94 39.21
C THR A 321 -52.01 -9.60 38.32
N GLN A 322 -53.29 -9.55 38.71
CA GLN A 322 -54.33 -10.35 38.04
C GLN A 322 -54.67 -9.80 36.66
N LYS A 323 -54.20 -8.59 36.38
CA LYS A 323 -54.47 -7.97 35.10
C LYS A 323 -53.33 -8.18 34.07
N THR A 324 -52.18 -8.67 34.51
CA THR A 324 -50.99 -8.53 33.69
C THR A 324 -50.39 -9.89 33.38
N GLU A 325 -51.22 -10.93 33.41
CA GLU A 325 -50.76 -12.28 33.13
C GLU A 325 -50.20 -12.38 31.67
N VAL A 326 -50.93 -11.79 30.73
CA VAL A 326 -50.55 -11.91 29.31
C VAL A 326 -49.35 -11.06 29.11
N PHE A 327 -49.36 -9.85 29.69
CA PHE A 327 -48.19 -9.00 29.58
C PHE A 327 -46.92 -9.67 30.06
N ARG A 328 -46.98 -10.41 31.16
CA ARG A 328 -45.82 -11.07 31.75
C ARG A 328 -45.37 -12.25 30.89
N GLY A 329 -46.32 -12.87 30.18
CA GLY A 329 -45.94 -13.86 29.14
C GLY A 329 -45.18 -13.15 27.98
N VAL A 330 -45.67 -11.99 27.55
CA VAL A 330 -44.94 -11.25 26.51
C VAL A 330 -43.51 -10.92 26.99
N LEU A 331 -43.41 -10.41 28.23
CA LEU A 331 -42.14 -9.98 28.78
C LEU A 331 -41.15 -11.13 28.90
N GLU A 332 -41.66 -12.29 29.29
CA GLU A 332 -40.86 -13.45 29.50
C GLU A 332 -40.20 -13.90 28.17
N GLN A 333 -40.94 -13.84 27.04
CA GLN A 333 -40.41 -14.12 25.72
C GLN A 333 -39.42 -13.03 25.28
N LEU A 334 -39.70 -11.75 25.55
CA LEU A 334 -38.76 -10.69 25.18
C LEU A 334 -37.43 -10.74 25.95
N ARG A 335 -37.42 -11.38 27.09
CA ARG A 335 -36.19 -11.49 27.86
C ARG A 335 -35.10 -12.25 27.09
N TRP A 336 -35.50 -13.27 26.35
CA TRP A 336 -34.56 -14.21 25.73
C TRP A 336 -34.86 -14.19 24.23
N PHE A 337 -34.45 -13.11 23.60
CA PHE A 337 -35.00 -12.81 22.33
C PHE A 337 -33.82 -12.33 21.47
N ALA A 338 -33.23 -11.19 21.77
CA ALA A 338 -32.16 -10.72 20.84
C ALA A 338 -31.46 -9.65 21.63
N GLY A 339 -30.46 -9.00 21.08
CA GLY A 339 -29.84 -7.95 21.88
C GLY A 339 -30.70 -6.71 21.86
N LYS A 340 -30.29 -5.76 22.67
CA LYS A 340 -30.83 -4.41 22.61
C LYS A 340 -30.81 -3.80 21.21
N GLN A 341 -29.78 -4.13 20.41
CA GLN A 341 -29.61 -3.60 19.05
C GLN A 341 -30.76 -3.97 18.14
N VAL A 342 -31.21 -5.20 18.27
CA VAL A 342 -32.31 -5.77 17.43
C VAL A 342 -33.64 -5.32 17.97
N LYS A 343 -33.81 -5.46 19.28
CA LYS A 343 -35.04 -4.99 19.94
C LYS A 343 -35.35 -3.50 19.74
N SER A 344 -34.32 -2.66 19.64
CA SER A 344 -34.54 -1.25 19.41
C SER A 344 -35.02 -0.88 18.01
N VAL A 345 -34.90 -1.79 17.04
CA VAL A 345 -35.32 -1.46 15.65
C VAL A 345 -36.40 -2.47 15.13
N ALA A 346 -36.36 -3.72 15.61
CA ALA A 346 -37.38 -4.75 15.26
C ALA A 346 -38.79 -4.32 15.73
N SER A 347 -39.73 -4.24 14.79
CA SER A 347 -41.07 -3.75 15.09
C SER A 347 -41.93 -4.98 15.48
N LEU A 348 -42.98 -4.67 16.20
CA LEU A 348 -43.90 -5.69 16.73
C LEU A 348 -44.62 -6.32 15.53
N GLY A 349 -45.12 -5.49 14.63
CA GLY A 349 -45.84 -5.99 13.44
C GLY A 349 -44.91 -6.74 12.53
N GLY A 350 -43.64 -6.34 12.44
CA GLY A 350 -42.68 -7.10 11.65
C GLY A 350 -42.61 -8.53 12.10
N ASN A 351 -42.57 -8.76 13.42
CA ASN A 351 -42.52 -10.13 13.88
C ASN A 351 -43.82 -10.91 13.57
N ILE A 352 -44.97 -10.26 13.76
CA ILE A 352 -46.21 -10.93 13.53
C ILE A 352 -46.35 -11.37 12.05
N ILE A 353 -46.08 -10.42 11.15
CA ILE A 353 -46.31 -10.68 9.69
C ILE A 353 -45.21 -11.60 9.11
N THR A 354 -43.97 -11.54 9.61
CA THR A 354 -42.90 -12.49 9.16
C THR A 354 -43.37 -13.93 9.32
N ALA A 355 -44.04 -14.17 10.46
CA ALA A 355 -44.76 -15.40 10.69
C ALA A 355 -43.89 -16.63 10.55
N SER A 356 -42.70 -16.55 11.12
CA SER A 356 -41.86 -17.74 11.22
C SER A 356 -42.56 -18.73 12.13
N PRO A 357 -42.44 -20.05 11.81
CA PRO A 357 -42.97 -21.10 12.69
C PRO A 357 -42.39 -21.04 14.09
N ILE A 358 -41.20 -20.47 14.26
CA ILE A 358 -40.62 -20.40 15.61
C ILE A 358 -40.68 -18.97 16.19
N SER A 359 -41.53 -18.12 15.63
CA SER A 359 -41.79 -16.82 16.36
C SER A 359 -42.08 -17.10 17.84
N ASP A 360 -41.46 -16.33 18.74
CA ASP A 360 -41.75 -16.51 20.15
C ASP A 360 -42.94 -15.66 20.57
N LEU A 361 -43.28 -14.67 19.75
CA LEU A 361 -44.43 -13.82 20.07
C LEU A 361 -45.79 -14.36 19.58
N ASN A 362 -45.81 -14.98 18.39
CA ASN A 362 -47.13 -15.40 17.81
C ASN A 362 -47.87 -16.43 18.63
N PRO A 363 -47.15 -17.36 19.28
CA PRO A 363 -47.92 -18.29 20.14
C PRO A 363 -48.59 -17.57 21.31
N VAL A 364 -47.96 -16.53 21.83
CA VAL A 364 -48.46 -15.75 22.96
C VAL A 364 -49.65 -14.95 22.48
N PHE A 365 -49.54 -14.32 21.32
CA PHE A 365 -50.63 -13.53 20.81
C PHE A 365 -51.82 -14.41 20.39
N MET A 366 -51.54 -15.62 19.91
CA MET A 366 -52.58 -16.53 19.52
C MET A 366 -53.33 -17.06 20.79
N ALA A 367 -52.56 -17.56 21.76
CA ALA A 367 -53.16 -18.12 23.00
C ALA A 367 -53.98 -17.04 23.73
N SER A 368 -53.61 -15.77 23.61
CA SER A 368 -54.31 -14.69 24.29
C SER A 368 -55.40 -14.02 23.47
N GLY A 369 -55.61 -14.45 22.22
CA GLY A 369 -56.57 -13.79 21.33
C GLY A 369 -56.26 -12.32 21.12
N THR A 370 -54.97 -11.96 21.08
CA THR A 370 -54.57 -10.55 20.95
C THR A 370 -55.19 -9.94 19.72
N LYS A 371 -55.63 -8.69 19.81
CA LYS A 371 -56.45 -8.05 18.77
C LYS A 371 -55.60 -7.37 17.69
N LEU A 372 -55.81 -7.76 16.43
CA LEU A 372 -55.06 -7.19 15.29
C LEU A 372 -56.00 -6.26 14.54
N THR A 373 -55.58 -5.02 14.38
CA THR A 373 -56.35 -4.09 13.62
C THR A 373 -55.66 -3.95 12.25
N ILE A 374 -56.42 -4.27 11.21
CA ILE A 374 -55.86 -4.44 9.90
C ILE A 374 -56.60 -3.45 8.98
N VAL A 375 -55.85 -2.66 8.20
CA VAL A 375 -56.42 -1.64 7.33
C VAL A 375 -55.92 -1.71 5.89
N SER A 376 -56.74 -1.08 5.05
CA SER A 376 -56.61 -0.96 3.64
C SER A 376 -57.20 0.44 3.37
N ARG A 377 -56.86 1.06 2.24
CA ARG A 377 -57.53 2.34 1.85
C ARG A 377 -59.07 2.13 1.93
N GLY A 378 -59.77 2.95 2.69
CA GLY A 378 -61.24 2.69 2.86
C GLY A 378 -61.74 1.34 3.46
N THR A 379 -60.86 0.41 3.87
CA THR A 379 -61.30 -0.74 4.70
C THR A 379 -60.54 -0.85 6.05
N ARG A 380 -61.18 -1.50 7.04
CA ARG A 380 -60.66 -1.56 8.41
C ARG A 380 -61.42 -2.59 9.22
N ARG A 381 -60.67 -3.57 9.75
CA ARG A 381 -61.21 -4.63 10.63
C ARG A 381 -60.30 -4.88 11.86
N THR A 382 -60.90 -5.38 12.94
CA THR A 382 -60.16 -5.86 14.09
C THR A 382 -60.50 -7.33 14.29
N VAL A 383 -59.52 -8.21 14.32
CA VAL A 383 -59.77 -9.62 14.55
C VAL A 383 -58.86 -10.13 15.67
N PRO A 384 -59.39 -11.03 16.53
CA PRO A 384 -58.47 -11.71 17.43
C PRO A 384 -57.56 -12.66 16.65
N MET A 385 -56.28 -12.72 17.01
CA MET A 385 -55.41 -13.75 16.43
C MET A 385 -55.86 -15.09 16.91
N ASP A 386 -56.00 -16.02 15.97
CA ASP A 386 -56.36 -17.37 16.31
C ASP A 386 -55.67 -18.31 15.32
N HIS A 387 -55.94 -19.60 15.41
CA HIS A 387 -55.23 -20.55 14.58
C HIS A 387 -55.33 -20.32 13.05
N THR A 388 -56.36 -19.62 12.59
CA THR A 388 -56.58 -19.48 11.15
C THR A 388 -55.75 -18.33 10.57
N PHE A 389 -55.16 -17.49 11.42
CA PHE A 389 -54.49 -16.30 10.95
C PHE A 389 -53.21 -16.67 10.18
N PHE A 390 -52.67 -17.85 10.45
CA PHE A 390 -51.51 -18.36 9.77
C PHE A 390 -51.88 -19.55 8.86
N PRO A 391 -52.21 -19.26 7.57
CA PRO A 391 -52.72 -20.35 6.69
C PRO A 391 -51.67 -21.35 6.31
N SER A 392 -50.41 -20.93 6.23
CA SER A 392 -49.36 -21.83 5.71
C SER A 392 -47.99 -21.16 5.95
N TYR A 393 -46.91 -21.83 5.54
CA TYR A 393 -45.58 -21.42 5.90
C TYR A 393 -45.30 -19.95 5.61
N ARG A 394 -45.03 -19.18 6.67
CA ARG A 394 -44.61 -17.78 6.60
C ARG A 394 -45.62 -16.89 5.90
N LYS A 395 -46.89 -17.24 5.98
CA LYS A 395 -47.93 -16.35 5.50
C LYS A 395 -48.99 -16.09 6.58
N THR A 396 -49.57 -14.93 6.52
CA THR A 396 -50.69 -14.54 7.35
C THR A 396 -51.93 -14.34 6.48
N LEU A 397 -53.06 -14.13 7.12
CA LEU A 397 -54.25 -13.84 6.34
C LEU A 397 -54.38 -12.42 5.79
N LEU A 398 -53.40 -11.53 5.83
CA LEU A 398 -53.69 -10.19 5.28
C LEU A 398 -53.70 -10.29 3.77
N GLY A 399 -54.50 -9.45 3.10
CA GLY A 399 -54.43 -9.38 1.65
C GLY A 399 -53.37 -8.41 1.16
N PRO A 400 -53.16 -8.36 -0.16
CA PRO A 400 -51.99 -7.62 -0.66
C PRO A 400 -52.11 -6.09 -0.52
N GLU A 401 -53.31 -5.54 -0.31
CA GLU A 401 -53.37 -4.09 -0.10
C GLU A 401 -53.57 -3.69 1.38
N GLU A 402 -53.56 -4.69 2.27
CA GLU A 402 -53.74 -4.44 3.74
C GLU A 402 -52.42 -4.32 4.48
N ILE A 403 -52.38 -3.51 5.54
CA ILE A 403 -51.26 -3.42 6.41
C ILE A 403 -51.78 -3.68 7.85
N LEU A 404 -50.90 -4.16 8.75
CA LEU A 404 -51.30 -4.29 10.17
C LEU A 404 -51.04 -2.95 10.77
N LEU A 405 -52.07 -2.32 11.33
CA LEU A 405 -52.00 -0.99 11.86
C LEU A 405 -51.63 -1.02 13.37
N SER A 406 -52.28 -1.89 14.14
CA SER A 406 -52.03 -1.91 15.60
C SER A 406 -52.40 -3.26 16.20
N ILE A 407 -51.88 -3.50 17.40
CA ILE A 407 -52.00 -4.77 18.06
C ILE A 407 -52.38 -4.44 19.51
N GLU A 408 -53.49 -4.98 19.99
CA GLU A 408 -53.90 -4.73 21.36
C GLU A 408 -53.66 -5.94 22.18
N ILE A 409 -52.70 -5.81 23.12
CA ILE A 409 -52.36 -6.97 23.96
C ILE A 409 -53.32 -6.92 25.14
N PRO A 410 -54.10 -7.99 25.38
CA PRO A 410 -55.19 -7.84 26.41
C PRO A 410 -54.77 -7.95 27.88
N TYR A 411 -55.48 -7.21 28.71
CA TYR A 411 -55.53 -7.46 30.16
C TYR A 411 -56.08 -8.86 30.38
N SER A 412 -55.51 -9.45 31.39
CA SER A 412 -55.90 -10.70 31.99
C SER A 412 -57.16 -10.48 32.85
N ARG A 413 -58.14 -11.38 32.87
CA ARG A 413 -59.30 -11.26 33.73
C ARG A 413 -59.12 -12.08 35.02
N GLU A 414 -60.13 -12.02 35.88
CA GLU A 414 -60.16 -12.85 37.07
C GLU A 414 -60.33 -14.24 36.60
N ASP A 415 -59.76 -15.20 37.34
CA ASP A 415 -59.84 -16.61 37.01
C ASP A 415 -59.09 -16.97 35.68
N GLU A 416 -58.24 -16.07 35.20
CA GLU A 416 -57.53 -16.29 33.92
C GLU A 416 -56.02 -16.26 34.14
N PHE A 417 -55.33 -17.33 33.72
CA PHE A 417 -53.88 -17.42 33.94
C PHE A 417 -53.16 -17.73 32.59
N PHE A 418 -51.90 -17.34 32.53
CA PHE A 418 -51.09 -17.33 31.35
C PHE A 418 -49.63 -17.61 31.66
N SER A 419 -49.01 -18.46 30.82
CA SER A 419 -47.57 -18.70 30.83
C SER A 419 -47.06 -18.61 29.37
N ALA A 420 -45.80 -18.21 29.20
CA ALA A 420 -45.04 -18.39 27.95
C ALA A 420 -43.75 -19.07 28.29
N PHE A 421 -43.33 -20.02 27.45
CA PHE A 421 -42.07 -20.71 27.65
C PHE A 421 -41.33 -20.77 26.31
N LYS A 422 -40.00 -20.84 26.39
CA LYS A 422 -39.15 -20.92 25.20
C LYS A 422 -37.93 -21.74 25.58
N GLN A 423 -37.60 -22.74 24.76
CA GLN A 423 -36.35 -23.50 24.92
C GLN A 423 -35.58 -23.55 23.58
N ALA A 424 -34.33 -23.07 23.61
CA ALA A 424 -33.52 -23.07 22.41
C ALA A 424 -32.25 -23.90 22.64
N SER A 425 -31.13 -23.56 22.00
CA SER A 425 -29.84 -24.24 22.30
C SER A 425 -29.08 -23.46 23.31
N ARG A 426 -29.33 -22.15 23.34
CA ARG A 426 -28.65 -21.23 24.25
C ARG A 426 -29.73 -20.29 24.70
N ARG A 427 -29.71 -19.86 25.97
CA ARG A 427 -30.72 -18.89 26.46
C ARG A 427 -30.77 -17.59 25.68
N GLU A 428 -29.62 -16.94 25.51
CA GLU A 428 -29.59 -15.61 24.92
C GLU A 428 -29.63 -15.69 23.43
N ASP A 429 -30.42 -14.80 22.83
CA ASP A 429 -30.36 -14.60 21.39
C ASP A 429 -30.30 -15.89 20.56
N ASP A 430 -31.31 -16.73 20.74
CA ASP A 430 -31.39 -18.00 19.99
C ASP A 430 -32.79 -18.37 19.42
N ILE A 431 -32.80 -19.23 18.40
CA ILE A 431 -34.03 -19.72 17.72
C ILE A 431 -34.66 -20.79 18.59
N ALA A 432 -35.91 -20.56 19.03
CA ALA A 432 -36.61 -21.60 19.81
C ALA A 432 -36.54 -22.99 19.14
N LYS A 433 -36.29 -24.04 19.94
CA LYS A 433 -36.63 -25.42 19.49
C LYS A 433 -38.15 -25.63 19.61
N VAL A 434 -38.70 -25.20 20.76
CA VAL A 434 -40.15 -25.13 21.01
C VAL A 434 -40.39 -23.87 21.83
N THR A 435 -41.51 -23.22 21.57
CA THR A 435 -41.87 -21.95 22.21
C THR A 435 -43.39 -21.97 22.26
N CYS A 436 -44.01 -21.31 23.26
CA CYS A 436 -45.43 -21.45 23.46
C CYS A 436 -46.04 -20.31 24.26
N GLY A 437 -47.34 -20.17 24.08
CA GLY A 437 -48.21 -19.32 24.91
C GLY A 437 -49.33 -20.22 25.40
N MET A 438 -49.64 -20.17 26.71
CA MET A 438 -50.63 -21.09 27.32
C MET A 438 -51.58 -20.23 28.20
N ARG A 439 -52.89 -20.34 27.95
CA ARG A 439 -53.88 -19.55 28.70
C ARG A 439 -54.98 -20.48 29.20
N VAL A 440 -55.42 -20.27 30.43
CA VAL A 440 -56.61 -20.99 30.91
C VAL A 440 -57.53 -19.95 31.54
N LEU A 441 -58.84 -20.12 31.34
CA LEU A 441 -59.84 -19.28 32.01
C LEU A 441 -60.78 -20.27 32.63
N PHE A 442 -60.94 -20.12 33.97
CA PHE A 442 -61.83 -20.97 34.77
C PHE A 442 -63.21 -20.30 34.99
N GLN A 443 -64.22 -21.10 35.28
CA GLN A 443 -65.51 -20.54 35.83
C GLN A 443 -65.17 -19.76 37.11
N PRO A 444 -65.96 -18.69 37.44
CA PRO A 444 -65.55 -17.76 38.49
C PRO A 444 -65.34 -18.47 39.87
N GLY A 445 -64.24 -18.12 40.54
CA GLY A 445 -63.83 -18.82 41.76
C GLY A 445 -63.59 -20.32 41.69
N SER A 446 -63.51 -20.91 40.50
CA SER A 446 -63.44 -22.38 40.47
C SER A 446 -62.12 -22.95 39.82
N MET A 447 -62.04 -24.28 39.74
CA MET A 447 -60.92 -25.01 39.10
C MET A 447 -61.46 -25.70 37.85
N GLN A 448 -62.61 -25.21 37.37
CA GLN A 448 -63.29 -25.81 36.26
C GLN A 448 -62.97 -25.05 34.98
N VAL A 449 -62.39 -25.78 34.01
CA VAL A 449 -61.90 -25.12 32.78
C VAL A 449 -63.08 -24.58 31.93
N LYS A 450 -63.05 -23.30 31.65
CA LYS A 450 -64.01 -22.67 30.77
C LYS A 450 -63.37 -22.46 29.37
N GLU A 451 -62.16 -21.87 29.34
CA GLU A 451 -61.34 -21.77 28.10
C GLU A 451 -59.93 -22.31 28.38
N LEU A 452 -59.33 -22.98 27.37
CA LEU A 452 -57.94 -23.47 27.46
C LEU A 452 -57.29 -23.30 26.06
N ALA A 453 -56.14 -22.66 26.00
CA ALA A 453 -55.43 -22.52 24.70
C ALA A 453 -53.95 -22.83 24.89
N LEU A 454 -53.45 -23.83 24.15
CA LEU A 454 -52.04 -24.21 24.21
C LEU A 454 -51.51 -24.06 22.78
N CYS A 455 -50.75 -23.00 22.57
CA CYS A 455 -50.27 -22.59 21.25
C CYS A 455 -48.76 -22.67 21.18
N TYR A 456 -48.29 -23.37 20.15
CA TYR A 456 -46.87 -23.72 20.09
C TYR A 456 -46.19 -23.24 18.77
N GLY A 457 -44.94 -22.81 18.93
CA GLY A 457 -44.05 -22.69 17.77
C GLY A 457 -43.04 -23.81 17.79
N GLY A 458 -42.42 -24.08 16.65
CA GLY A 458 -41.46 -25.20 16.54
C GLY A 458 -42.05 -26.57 16.36
N MET A 459 -43.36 -26.68 16.12
CA MET A 459 -43.95 -28.04 16.02
C MET A 459 -44.66 -28.31 14.67
N ALA A 460 -44.62 -27.32 13.77
CA ALA A 460 -45.20 -27.42 12.44
C ALA A 460 -44.56 -26.31 11.55
N ASP A 461 -45.02 -26.14 10.31
CA ASP A 461 -44.53 -25.04 9.46
C ASP A 461 -45.25 -23.75 9.75
N ARG A 462 -46.00 -23.75 10.85
CA ARG A 462 -46.61 -22.52 11.30
C ARG A 462 -46.88 -22.53 12.83
N THR A 463 -47.22 -21.39 13.39
CA THR A 463 -47.69 -21.39 14.81
C THR A 463 -49.02 -22.14 14.83
N ILE A 464 -49.13 -23.10 15.74
CA ILE A 464 -50.31 -23.95 15.83
C ILE A 464 -50.92 -23.98 17.23
N SER A 465 -52.20 -24.32 17.28
CA SER A 465 -52.94 -24.47 18.54
C SER A 465 -53.30 -25.93 18.72
N ALA A 466 -53.15 -26.46 19.93
CA ALA A 466 -53.48 -27.88 20.17
C ALA A 466 -55.00 -28.01 20.45
N LEU A 467 -55.81 -27.69 19.44
CA LEU A 467 -57.26 -27.59 19.58
C LEU A 467 -57.92 -28.87 19.95
N LYS A 468 -57.44 -29.97 19.39
CA LYS A 468 -58.09 -31.24 19.62
C LYS A 468 -57.95 -31.53 21.13
N THR A 469 -56.74 -31.34 21.67
CA THR A 469 -56.41 -31.70 23.05
C THR A 469 -57.14 -30.78 24.03
N THR A 470 -57.17 -29.50 23.72
CA THR A 470 -57.70 -28.55 24.65
C THR A 470 -59.21 -28.64 24.68
N GLN A 471 -59.82 -28.91 23.51
CA GLN A 471 -61.30 -29.08 23.39
C GLN A 471 -61.83 -30.12 24.41
N LYS A 472 -61.14 -31.25 24.53
CA LYS A 472 -61.52 -32.31 25.42
C LYS A 472 -61.58 -31.92 26.90
N GLN A 473 -60.97 -30.79 27.29
CA GLN A 473 -60.81 -30.46 28.69
C GLN A 473 -61.78 -29.40 29.12
N LEU A 474 -62.56 -28.87 28.21
CA LEU A 474 -63.45 -27.79 28.57
C LEU A 474 -64.49 -28.39 29.55
N SER A 475 -64.78 -27.72 30.66
CA SER A 475 -65.63 -28.28 31.77
C SER A 475 -64.97 -29.29 32.66
N LYS A 476 -63.72 -29.66 32.36
CA LYS A 476 -63.00 -30.52 33.29
C LYS A 476 -62.41 -29.61 34.35
N PHE A 477 -61.85 -30.23 35.37
CA PHE A 477 -61.25 -29.49 36.46
C PHE A 477 -59.72 -29.66 36.44
N TRP A 478 -59.01 -28.66 36.95
CA TRP A 478 -57.55 -28.70 37.00
C TRP A 478 -57.08 -29.71 38.01
N ASN A 479 -56.76 -30.92 37.57
CA ASN A 479 -56.34 -31.99 38.49
C ASN A 479 -55.36 -32.96 37.80
N GLU A 480 -54.86 -33.96 38.52
CA GLU A 480 -53.94 -34.97 37.96
C GLU A 480 -54.46 -35.62 36.65
N LYS A 481 -55.73 -35.98 36.61
CA LYS A 481 -56.27 -36.67 35.46
C LYS A 481 -56.23 -35.73 34.25
N LEU A 482 -56.49 -34.43 34.45
CA LEU A 482 -56.41 -33.48 33.33
C LEU A 482 -54.93 -33.41 32.81
N LEU A 483 -53.96 -33.45 33.72
CA LEU A 483 -52.55 -33.36 33.36
C LEU A 483 -52.22 -34.57 32.47
N GLN A 484 -52.62 -35.78 32.91
CA GLN A 484 -52.35 -37.02 32.22
C GLN A 484 -53.01 -37.00 30.86
N ASP A 485 -54.28 -36.58 30.82
CA ASP A 485 -55.03 -36.55 29.58
C ASP A 485 -54.44 -35.50 28.60
N VAL A 486 -54.03 -34.30 29.06
CA VAL A 486 -53.49 -33.28 28.16
C VAL A 486 -52.14 -33.85 27.63
N CYS A 487 -51.32 -34.44 28.48
CA CYS A 487 -50.04 -34.99 28.02
C CYS A 487 -50.25 -36.03 26.95
N ALA A 488 -51.12 -37.00 27.22
CA ALA A 488 -51.47 -37.99 26.22
C ALA A 488 -52.01 -37.39 24.92
N GLY A 489 -52.88 -36.36 25.03
CA GLY A 489 -53.43 -35.71 23.89
C GLY A 489 -52.35 -34.96 23.08
N LEU A 490 -51.41 -34.29 23.78
CA LEU A 490 -50.36 -33.53 23.09
C LEU A 490 -49.46 -34.52 22.37
N ALA A 491 -49.14 -35.64 23.02
CA ALA A 491 -48.25 -36.66 22.45
C ALA A 491 -48.82 -37.14 21.10
N GLU A 492 -50.15 -37.12 20.95
CA GLU A 492 -50.81 -37.65 19.79
C GLU A 492 -51.07 -36.56 18.75
N GLU A 493 -51.54 -35.42 19.19
CA GLU A 493 -51.94 -34.42 18.27
C GLU A 493 -50.68 -33.69 17.70
N LEU A 494 -49.62 -33.51 18.50
CA LEU A 494 -48.42 -32.77 18.02
C LEU A 494 -47.37 -33.77 17.63
N SER A 495 -47.70 -34.57 16.61
CA SER A 495 -46.77 -35.58 16.11
C SER A 495 -45.73 -34.83 15.24
N LEU A 496 -44.57 -35.43 15.07
CA LEU A 496 -43.52 -34.93 14.17
C LEU A 496 -43.08 -36.14 13.38
N SER A 497 -43.03 -36.05 12.05
CA SER A 497 -42.45 -37.18 11.32
C SER A 497 -40.92 -37.14 11.41
N PRO A 498 -40.28 -38.30 11.15
CA PRO A 498 -38.82 -38.47 11.34
C PRO A 498 -38.03 -37.36 10.63
N ASP A 499 -38.64 -36.80 9.59
CA ASP A 499 -38.01 -35.87 8.68
C ASP A 499 -38.39 -34.40 8.90
N ALA A 500 -38.92 -34.07 10.06
CA ALA A 500 -39.33 -32.70 10.31
C ALA A 500 -38.14 -31.74 10.22
N PRO A 501 -38.28 -30.60 9.52
CA PRO A 501 -37.19 -29.60 9.56
C PRO A 501 -36.83 -29.22 11.01
N GLY A 502 -35.54 -29.10 11.29
CA GLY A 502 -35.10 -28.78 12.63
C GLY A 502 -34.64 -30.00 13.40
N GLY A 503 -35.09 -31.17 12.99
CA GLY A 503 -34.68 -32.40 13.67
C GLY A 503 -35.12 -32.39 15.13
N MET A 504 -34.36 -33.08 15.97
CA MET A 504 -34.53 -33.08 17.41
C MET A 504 -35.97 -33.42 17.75
N ILE A 505 -36.43 -34.55 17.21
CA ILE A 505 -37.83 -34.91 17.23
C ILE A 505 -38.27 -35.22 18.67
N GLU A 506 -37.56 -36.13 19.35
CA GLU A 506 -37.89 -36.53 20.69
C GLU A 506 -37.87 -35.34 21.68
N PHE A 507 -36.80 -34.55 21.63
CA PHE A 507 -36.65 -33.33 22.44
C PHE A 507 -37.82 -32.41 22.26
N ARG A 508 -38.17 -32.10 21.02
CA ARG A 508 -39.27 -31.20 20.76
C ARG A 508 -40.63 -31.68 21.31
N ARG A 509 -40.95 -32.95 21.06
CA ARG A 509 -42.20 -33.54 21.59
C ARG A 509 -42.17 -33.52 23.12
N THR A 510 -41.03 -33.88 23.68
CA THR A 510 -40.88 -33.87 25.14
C THR A 510 -41.07 -32.46 25.70
N LEU A 511 -40.57 -31.44 25.00
CA LEU A 511 -40.74 -30.06 25.48
C LEU A 511 -42.16 -29.64 25.44
N THR A 512 -42.93 -30.11 24.45
CA THR A 512 -44.35 -29.69 24.39
C THR A 512 -45.12 -30.18 25.65
N LEU A 513 -44.80 -31.41 26.11
CA LEU A 513 -45.41 -31.92 27.31
C LEU A 513 -44.83 -31.27 28.57
N SER A 514 -43.52 -30.99 28.54
CA SER A 514 -42.81 -30.49 29.70
C SER A 514 -43.29 -29.07 30.02
N PHE A 515 -43.54 -28.31 28.95
CA PHE A 515 -44.00 -26.93 29.11
C PHE A 515 -45.48 -27.00 29.62
N PHE A 516 -46.28 -27.94 29.12
CA PHE A 516 -47.61 -28.03 29.66
C PHE A 516 -47.54 -28.33 31.18
N PHE A 517 -46.61 -29.20 31.55
CA PHE A 517 -46.47 -29.59 32.96
C PHE A 517 -46.13 -28.39 33.81
N LYS A 518 -45.19 -27.58 33.35
CA LYS A 518 -44.80 -26.38 34.11
C LYS A 518 -46.03 -25.48 34.21
N PHE A 519 -46.82 -25.40 33.12
CA PHE A 519 -48.02 -24.57 33.10
C PHE A 519 -49.04 -25.08 34.15
N TYR A 520 -49.19 -26.40 34.18
CA TYR A 520 -50.17 -27.07 34.99
C TYR A 520 -49.83 -26.78 36.47
N LEU A 521 -48.55 -26.97 36.82
CA LEU A 521 -48.07 -26.67 38.18
C LEU A 521 -48.12 -25.20 38.52
N THR A 522 -47.74 -24.33 37.58
CA THR A 522 -47.83 -22.90 37.80
C THR A 522 -49.30 -22.46 38.06
N VAL A 523 -50.23 -23.05 37.32
CA VAL A 523 -51.63 -22.71 37.49
C VAL A 523 -52.20 -23.25 38.83
N LEU A 524 -51.81 -24.47 39.23
CA LEU A 524 -52.11 -24.92 40.60
C LEU A 524 -51.66 -23.92 41.69
N LYS A 525 -50.44 -23.43 41.60
CA LYS A 525 -49.93 -22.44 42.56
C LYS A 525 -50.79 -21.18 42.51
N LYS A 526 -51.15 -20.74 41.31
CA LYS A 526 -51.84 -19.51 41.16
C LYS A 526 -53.27 -19.65 41.71
N LEU A 527 -53.84 -20.85 41.62
CA LEU A 527 -55.20 -21.16 42.13
C LEU A 527 -55.29 -21.34 43.66
N GLY A 528 -54.16 -21.69 44.27
CA GLY A 528 -54.06 -21.81 45.73
C GLY A 528 -53.53 -20.50 46.32
N LYS A 529 -54.05 -19.37 45.85
CA LYS A 529 -53.63 -18.09 46.39
C LYS A 529 -54.76 -17.49 47.25
N LEU A 538 -48.07 -26.15 46.42
CA LEU A 538 -48.16 -27.46 47.04
C LEU A 538 -47.07 -28.51 46.57
N ASP A 539 -46.14 -28.79 47.49
CA ASP A 539 -45.03 -29.80 47.47
C ASP A 539 -43.73 -29.12 47.16
N PRO A 540 -42.91 -28.90 48.21
CA PRO A 540 -41.77 -27.97 48.11
C PRO A 540 -40.75 -28.52 47.12
N THR A 541 -40.82 -29.82 46.88
CA THR A 541 -39.98 -30.56 45.95
C THR A 541 -40.33 -30.29 44.45
N TYR A 542 -41.51 -29.70 44.22
CA TYR A 542 -42.04 -29.43 42.87
C TYR A 542 -41.97 -27.97 42.54
N THR A 543 -41.89 -27.12 43.57
CA THR A 543 -42.07 -25.67 43.35
C THR A 543 -41.04 -25.05 42.41
N SER A 544 -39.78 -25.53 42.41
CA SER A 544 -38.78 -24.92 41.56
C SER A 544 -39.13 -25.04 40.04
N ALA A 545 -39.95 -26.03 39.66
CA ALA A 545 -40.35 -26.21 38.24
C ALA A 545 -41.14 -25.03 37.76
N THR A 546 -41.83 -24.38 38.70
CA THR A 546 -42.69 -23.23 38.38
C THR A 546 -41.93 -21.92 38.34
N LEU A 547 -40.65 -21.94 38.69
CA LEU A 547 -39.87 -20.69 38.88
C LEU A 547 -39.31 -20.20 37.55
N LEU A 548 -39.47 -18.89 37.32
CA LEU A 548 -38.97 -18.19 36.14
C LEU A 548 -37.46 -18.03 36.28
N PHE A 549 -36.68 -18.03 35.20
CA PHE A 549 -35.22 -17.95 35.35
C PHE A 549 -34.77 -16.76 36.17
N GLN A 550 -33.88 -17.01 37.12
CA GLN A 550 -33.41 -15.93 37.97
C GLN A 550 -31.87 -15.86 38.00
N LYS A 551 -31.34 -14.67 37.64
CA LYS A 551 -29.92 -14.35 37.74
C LYS A 551 -29.44 -14.22 39.20
N HIS A 552 -28.52 -15.11 39.60
CA HIS A 552 -27.68 -14.89 40.80
C HIS A 552 -26.59 -13.79 40.48
N PRO A 553 -26.14 -13.01 41.50
CA PRO A 553 -25.15 -11.94 41.19
C PRO A 553 -23.74 -12.51 40.94
N PRO A 554 -22.95 -11.88 40.05
CA PRO A 554 -21.62 -12.44 39.70
C PRO A 554 -20.59 -12.24 40.83
N ALA A 555 -19.62 -13.13 40.93
CA ALA A 555 -18.48 -12.93 41.83
C ALA A 555 -17.25 -13.46 41.08
N ASN A 556 -16.25 -12.63 40.90
CA ASN A 556 -15.05 -13.05 40.21
C ASN A 556 -13.80 -12.74 41.03
N ILE A 557 -12.93 -13.72 41.19
CA ILE A 557 -11.73 -13.49 41.95
C ILE A 557 -10.56 -13.98 41.11
N GLN A 558 -9.53 -13.15 40.93
CA GLN A 558 -8.34 -13.58 40.22
C GLN A 558 -7.18 -13.51 41.19
N LEU A 559 -6.40 -14.59 41.29
CA LEU A 559 -5.28 -14.65 42.27
C LEU A 559 -4.03 -14.92 41.47
N PHE A 560 -2.99 -14.11 41.68
CA PHE A 560 -1.75 -14.33 40.97
C PHE A 560 -0.62 -13.82 41.86
N GLN A 561 0.60 -13.96 41.36
CA GLN A 561 1.75 -13.63 42.17
C GLN A 561 2.30 -12.23 41.93
N GLU A 562 2.44 -11.48 43.01
CA GLU A 562 3.19 -10.22 42.97
C GLU A 562 4.61 -10.40 42.49
N VAL A 563 5.18 -9.38 41.82
CA VAL A 563 6.58 -9.48 41.38
C VAL A 563 7.48 -9.24 42.63
N PRO A 564 8.71 -9.79 42.63
CA PRO A 564 9.59 -9.44 43.81
C PRO A 564 9.57 -7.94 44.22
N ASN A 565 9.58 -7.70 45.53
CA ASN A 565 9.46 -6.33 46.13
C ASN A 565 10.30 -5.16 45.52
N GLY A 566 11.55 -5.45 45.17
CA GLY A 566 12.42 -4.41 44.63
C GLY A 566 12.65 -4.48 43.14
N GLN A 567 11.80 -5.22 42.42
CA GLN A 567 11.99 -5.36 40.95
C GLN A 567 11.81 -3.96 40.36
N SER A 568 12.66 -3.56 39.44
CA SER A 568 12.52 -2.25 38.79
C SER A 568 11.12 -2.00 38.22
N LYS A 569 10.65 -0.78 38.36
CA LYS A 569 9.40 -0.39 37.72
C LYS A 569 9.44 -0.58 36.19
N GLU A 570 10.59 -0.43 35.58
CA GLU A 570 10.74 -0.56 34.14
C GLU A 570 10.81 -2.00 33.66
N ASP A 571 10.96 -2.94 34.60
CA ASP A 571 11.01 -4.34 34.22
C ASP A 571 9.54 -4.78 34.38
N THR A 572 8.83 -4.96 33.29
CA THR A 572 7.38 -5.26 33.42
C THR A 572 7.13 -6.78 33.34
N VAL A 573 8.17 -7.57 33.21
CA VAL A 573 7.98 -9.03 33.16
C VAL A 573 7.40 -9.49 34.51
N GLY A 574 6.25 -10.15 34.45
CA GLY A 574 5.56 -10.60 35.63
C GLY A 574 4.48 -9.64 36.08
N ARG A 575 4.38 -8.47 35.41
CA ARG A 575 3.34 -7.46 35.77
C ARG A 575 2.15 -7.56 34.81
N PRO A 576 0.95 -7.14 35.26
CA PRO A 576 -0.29 -7.21 34.47
C PRO A 576 -0.47 -6.07 33.47
N LEU A 577 0.46 -5.97 32.55
CA LEU A 577 0.48 -4.89 31.58
C LEU A 577 -0.63 -5.22 30.58
N PRO A 578 -1.53 -4.25 30.32
CA PRO A 578 -2.56 -4.42 29.26
C PRO A 578 -1.95 -4.62 27.89
N HIS A 579 -2.65 -5.39 27.07
CA HIS A 579 -2.32 -5.67 25.65
C HIS A 579 -1.97 -4.30 25.01
N LEU A 580 -0.85 -4.19 24.30
CA LEU A 580 -0.38 -2.86 23.84
C LEU A 580 -1.34 -2.18 22.90
N ALA A 581 -2.18 -2.98 22.26
CA ALA A 581 -3.08 -2.40 21.27
C ALA A 581 -4.48 -2.23 21.80
N ALA A 582 -4.72 -2.55 23.07
CA ALA A 582 -6.10 -2.57 23.58
C ALA A 582 -6.81 -1.20 23.48
N ALA A 583 -6.09 -0.12 23.72
CA ALA A 583 -6.68 1.21 23.66
C ALA A 583 -7.09 1.51 22.20
N MET A 584 -6.22 1.18 21.23
CA MET A 584 -6.60 1.38 19.81
C MET A 584 -7.74 0.45 19.35
N GLN A 585 -7.81 -0.77 19.90
CA GLN A 585 -8.93 -1.69 19.66
C GLN A 585 -10.23 -1.12 20.20
N ALA A 586 -10.15 -0.45 21.35
CA ALA A 586 -11.33 0.07 21.99
C ALA A 586 -11.76 1.29 21.19
N SER A 587 -10.83 1.92 20.52
CA SER A 587 -11.17 3.16 19.83
C SER A 587 -11.52 2.94 18.37
N GLY A 588 -11.35 1.73 17.86
CA GLY A 588 -11.61 1.53 16.41
C GLY A 588 -10.48 1.99 15.54
N GLU A 589 -9.33 2.31 16.15
CA GLU A 589 -8.16 2.71 15.38
C GLU A 589 -7.30 1.56 14.94
N ALA A 590 -7.36 0.41 15.63
CA ALA A 590 -6.55 -0.72 15.26
C ALA A 590 -7.05 -1.15 13.89
N VAL A 591 -6.09 -1.38 12.99
CA VAL A 591 -6.38 -1.64 11.59
C VAL A 591 -6.29 -3.17 11.38
N TYR A 592 -7.37 -3.78 10.92
CA TYR A 592 -7.40 -5.19 10.53
C TYR A 592 -7.42 -5.12 8.98
N CYS A 593 -7.13 -6.26 8.36
CA CYS A 593 -6.96 -6.36 6.94
C CYS A 593 -7.98 -5.58 6.09
N ASP A 594 -9.30 -5.82 6.30
CA ASP A 594 -10.28 -5.16 5.45
C ASP A 594 -10.43 -3.68 5.77
N ASP A 595 -9.86 -3.25 6.90
CA ASP A 595 -9.83 -1.80 7.27
C ASP A 595 -8.82 -1.05 6.48
N ILE A 596 -7.83 -1.75 5.92
CA ILE A 596 -6.84 -1.07 5.04
C ILE A 596 -7.60 -0.43 3.84
N PRO A 597 -7.33 0.85 3.56
CA PRO A 597 -8.06 1.48 2.45
C PRO A 597 -7.87 0.72 1.07
N ARG A 598 -8.87 0.77 0.21
CA ARG A 598 -8.71 0.11 -1.08
C ARG A 598 -7.99 1.08 -2.02
N TYR A 599 -7.24 0.53 -2.96
CA TYR A 599 -6.67 1.36 -4.01
C TYR A 599 -7.79 1.76 -4.92
N GLU A 600 -7.59 2.83 -5.66
CA GLU A 600 -8.69 3.33 -6.50
C GLU A 600 -9.05 2.31 -7.56
N ASN A 601 -8.10 1.44 -7.92
CA ASN A 601 -8.36 0.45 -8.98
C ASN A 601 -8.49 -0.99 -8.37
N GLU A 602 -8.72 -1.08 -7.06
CA GLU A 602 -8.82 -2.37 -6.39
C GLU A 602 -10.15 -3.05 -6.67
N LEU A 603 -10.08 -4.34 -6.96
CA LEU A 603 -11.24 -5.14 -7.34
C LEU A 603 -11.58 -6.08 -6.20
N PHE A 604 -12.73 -6.76 -6.31
CA PHE A 604 -13.27 -7.63 -5.25
C PHE A 604 -13.52 -9.04 -5.82
N LEU A 605 -13.12 -10.03 -5.04
CA LEU A 605 -13.24 -11.42 -5.44
C LEU A 605 -14.31 -12.10 -4.58
N ARG A 606 -15.10 -12.96 -5.22
CA ARG A 606 -16.08 -13.76 -4.51
C ARG A 606 -15.88 -15.19 -4.96
N LEU A 607 -15.65 -16.14 -4.04
CA LEU A 607 -15.43 -17.56 -4.36
C LEU A 607 -16.71 -18.19 -4.94
N VAL A 608 -16.56 -19.06 -5.95
CA VAL A 608 -17.66 -19.96 -6.42
C VAL A 608 -17.36 -21.39 -5.94
N THR A 609 -18.30 -21.99 -5.23
CA THR A 609 -18.01 -23.23 -4.50
C THR A 609 -19.06 -24.26 -4.81
N SER A 610 -18.69 -25.51 -4.66
CA SER A 610 -19.53 -26.65 -4.95
C SER A 610 -20.79 -26.62 -4.10
N THR A 611 -21.93 -26.95 -4.71
CA THR A 611 -23.12 -27.25 -3.92
C THR A 611 -23.32 -28.77 -3.74
N ARG A 612 -22.36 -29.60 -4.15
CA ARG A 612 -22.52 -31.03 -4.03
C ARG A 612 -21.40 -31.61 -3.21
N ALA A 613 -21.67 -32.68 -2.47
CA ALA A 613 -20.66 -33.32 -1.68
C ALA A 613 -19.65 -34.10 -2.51
N HIS A 614 -20.06 -34.62 -3.65
CA HIS A 614 -19.12 -35.39 -4.48
C HIS A 614 -19.75 -35.60 -5.83
N ALA A 615 -19.14 -35.04 -6.86
CA ALA A 615 -19.73 -34.97 -8.17
C ALA A 615 -18.64 -34.64 -9.17
N LYS A 616 -18.85 -35.04 -10.44
CA LYS A 616 -18.06 -34.55 -11.56
C LYS A 616 -18.63 -33.18 -11.91
N ILE A 617 -17.74 -32.26 -12.28
CA ILE A 617 -18.19 -30.99 -12.80
C ILE A 617 -18.43 -31.20 -14.32
N LYS A 618 -19.67 -31.08 -14.80
CA LYS A 618 -19.94 -31.35 -16.22
C LYS A 618 -19.61 -30.18 -17.10
N SER A 619 -20.03 -29.00 -16.66
CA SER A 619 -19.80 -27.77 -17.40
C SER A 619 -19.95 -26.59 -16.43
N ILE A 620 -19.49 -25.41 -16.86
CA ILE A 620 -19.63 -24.20 -16.07
C ILE A 620 -20.08 -23.09 -17.02
N ASP A 621 -21.15 -22.41 -16.69
CA ASP A 621 -21.66 -21.40 -17.57
C ASP A 621 -21.73 -20.06 -16.83
N VAL A 622 -21.03 -19.06 -17.38
CA VAL A 622 -20.81 -17.80 -16.71
C VAL A 622 -21.59 -16.73 -17.43
N SER A 623 -22.47 -17.17 -18.34
CA SER A 623 -23.19 -16.23 -19.23
C SER A 623 -24.14 -15.31 -18.50
N GLU A 624 -24.72 -15.78 -17.41
CA GLU A 624 -25.49 -14.84 -16.61
C GLU A 624 -24.58 -13.94 -15.77
N ALA A 625 -23.53 -14.50 -15.20
CA ALA A 625 -22.58 -13.71 -14.38
C ALA A 625 -22.01 -12.55 -15.18
N GLN A 626 -21.63 -12.82 -16.44
CA GLN A 626 -21.12 -11.74 -17.35
C GLN A 626 -22.02 -10.52 -17.53
N LYS A 627 -23.31 -10.64 -17.18
CA LYS A 627 -24.28 -9.58 -17.38
C LYS A 627 -24.44 -8.69 -16.18
N VAL A 628 -23.98 -9.14 -15.01
CA VAL A 628 -24.02 -8.30 -13.81
C VAL A 628 -23.12 -7.08 -14.02
N PRO A 629 -23.64 -5.89 -13.73
CA PRO A 629 -22.83 -4.70 -13.85
C PRO A 629 -21.52 -4.80 -13.03
N GLY A 630 -20.41 -4.33 -13.60
CA GLY A 630 -19.13 -4.36 -12.88
C GLY A 630 -18.39 -5.67 -12.92
N PHE A 631 -18.97 -6.69 -13.54
CA PHE A 631 -18.28 -7.96 -13.73
C PHE A 631 -16.95 -7.75 -14.43
N VAL A 632 -15.91 -8.40 -13.95
CA VAL A 632 -14.59 -8.30 -14.56
C VAL A 632 -14.23 -9.63 -15.16
N CYS A 633 -14.26 -10.69 -14.37
CA CYS A 633 -13.93 -11.98 -14.92
C CYS A 633 -14.30 -13.11 -14.00
N PHE A 634 -14.38 -14.31 -14.56
CA PHE A 634 -14.51 -15.53 -13.78
C PHE A 634 -13.18 -16.27 -13.92
N LEU A 635 -12.65 -16.79 -12.81
CA LEU A 635 -11.36 -17.40 -12.77
C LEU A 635 -11.59 -18.83 -12.44
N SER A 636 -10.87 -19.74 -13.07
CA SER A 636 -11.01 -21.13 -12.73
C SER A 636 -9.66 -21.81 -12.92
N ALA A 637 -9.59 -23.13 -12.82
CA ALA A 637 -8.32 -23.83 -12.79
C ALA A 637 -7.42 -23.55 -14.00
N ASP A 638 -7.98 -23.42 -15.20
CA ASP A 638 -7.16 -23.12 -16.40
C ASP A 638 -6.43 -21.77 -16.35
N ASP A 639 -6.87 -20.85 -15.50
CA ASP A 639 -6.21 -19.54 -15.43
C ASP A 639 -4.92 -19.52 -14.65
N ILE A 640 -4.67 -20.56 -13.85
CA ILE A 640 -3.50 -20.62 -13.00
C ILE A 640 -2.22 -20.79 -13.84
N PRO A 641 -1.20 -19.91 -13.62
CA PRO A 641 -0.06 -19.99 -14.51
C PRO A 641 0.96 -21.00 -13.99
N GLY A 642 0.92 -21.31 -12.69
CA GLY A 642 1.90 -22.25 -12.11
C GLY A 642 1.27 -23.61 -11.84
N SER A 643 1.04 -23.96 -10.59
CA SER A 643 0.51 -25.25 -10.24
C SER A 643 -0.87 -25.11 -9.57
N ASN A 644 -1.79 -25.98 -10.00
CA ASN A 644 -3.05 -26.16 -9.32
C ASN A 644 -2.91 -27.11 -8.11
N GLU A 645 -1.74 -27.48 -7.70
CA GLU A 645 -1.70 -28.52 -6.68
C GLU A 645 -1.22 -27.81 -5.43
N THR A 646 -1.95 -27.95 -4.33
CA THR A 646 -1.72 -27.11 -3.14
C THR A 646 -2.00 -27.91 -1.87
N GLY A 647 -1.94 -27.27 -0.69
CA GLY A 647 -2.29 -27.99 0.54
C GLY A 647 -1.02 -28.45 1.22
N LEU A 648 -1.10 -28.64 2.52
CA LEU A 648 0.06 -29.04 3.30
C LEU A 648 0.68 -30.35 2.71
N PHE A 649 -0.21 -31.26 2.31
CA PHE A 649 0.25 -32.51 1.68
C PHE A 649 0.09 -32.62 0.17
N ASN A 650 -0.14 -31.51 -0.51
CA ASN A 650 -0.18 -31.49 -1.97
C ASN A 650 -1.24 -32.38 -2.55
N ASP A 651 -2.31 -32.52 -1.78
CA ASP A 651 -3.42 -33.38 -2.16
C ASP A 651 -4.65 -32.53 -2.42
N GLU A 652 -4.47 -31.22 -2.68
CA GLU A 652 -5.65 -30.35 -2.92
C GLU A 652 -5.50 -29.60 -4.20
N THR A 653 -6.60 -29.15 -4.74
CA THR A 653 -6.54 -28.17 -5.85
C THR A 653 -6.68 -26.72 -5.31
N VAL A 654 -6.11 -25.74 -6.03
CA VAL A 654 -6.40 -24.33 -5.76
C VAL A 654 -7.86 -24.07 -6.23
N PHE A 655 -8.18 -24.54 -7.44
CA PHE A 655 -9.55 -24.53 -8.01
C PHE A 655 -9.91 -25.93 -8.46
N ALA A 656 -11.08 -26.44 -8.03
CA ALA A 656 -11.50 -27.79 -8.43
C ALA A 656 -11.44 -27.93 -9.97
N LYS A 657 -10.97 -29.07 -10.45
CA LYS A 657 -10.99 -29.34 -11.87
C LYS A 657 -11.58 -30.76 -12.00
N ASP A 658 -12.58 -30.94 -12.87
CA ASP A 658 -13.19 -32.30 -13.15
C ASP A 658 -14.12 -32.78 -12.06
N THR A 659 -13.67 -32.78 -10.80
CA THR A 659 -14.56 -33.20 -9.73
C THR A 659 -14.56 -32.26 -8.50
N VAL A 660 -15.69 -32.21 -7.80
CA VAL A 660 -15.78 -31.57 -6.49
C VAL A 660 -15.87 -32.64 -5.41
N THR A 661 -15.22 -32.43 -4.27
CA THR A 661 -15.24 -33.45 -3.22
C THR A 661 -15.78 -32.96 -1.87
N CYS A 662 -16.48 -31.83 -1.85
CA CYS A 662 -17.28 -31.44 -0.69
C CYS A 662 -18.17 -30.27 -1.01
N VAL A 663 -19.21 -30.08 -0.22
CA VAL A 663 -19.97 -28.84 -0.34
C VAL A 663 -19.04 -27.74 0.19
N GLY A 664 -18.79 -26.72 -0.63
CA GLY A 664 -17.89 -25.63 -0.30
C GLY A 664 -16.55 -25.72 -1.02
N HIS A 665 -16.27 -26.85 -1.66
CA HIS A 665 -15.11 -27.04 -2.52
C HIS A 665 -14.96 -25.92 -3.53
N ILE A 666 -13.82 -25.23 -3.52
CA ILE A 666 -13.77 -24.02 -4.33
C ILE A 666 -13.53 -24.39 -5.77
N ILE A 667 -14.44 -23.91 -6.63
CA ILE A 667 -14.39 -24.16 -8.05
C ILE A 667 -13.76 -23.02 -8.81
N GLY A 668 -14.04 -21.79 -8.40
CA GLY A 668 -13.58 -20.65 -9.17
C GLY A 668 -13.84 -19.38 -8.39
N ALA A 669 -13.81 -18.25 -9.07
CA ALA A 669 -14.00 -17.00 -8.36
C ALA A 669 -14.42 -15.98 -9.33
N VAL A 670 -15.37 -15.17 -8.95
CA VAL A 670 -15.67 -14.00 -9.73
C VAL A 670 -14.91 -12.72 -9.22
N VAL A 671 -14.45 -11.86 -10.13
CA VAL A 671 -13.82 -10.61 -9.75
C VAL A 671 -14.72 -9.55 -10.30
N ALA A 672 -15.08 -8.57 -9.49
CA ALA A 672 -15.89 -7.46 -9.99
C ALA A 672 -15.50 -6.14 -9.30
N ASP A 673 -16.12 -5.06 -9.75
CA ASP A 673 -15.76 -3.76 -9.26
C ASP A 673 -16.24 -3.45 -7.80
N THR A 674 -17.25 -4.16 -7.28
CA THR A 674 -17.74 -3.95 -5.91
C THR A 674 -17.98 -5.32 -5.31
N PRO A 675 -17.98 -5.43 -3.94
CA PRO A 675 -18.24 -6.77 -3.41
C PRO A 675 -19.67 -7.25 -3.72
N GLU A 676 -20.66 -6.34 -3.73
CA GLU A 676 -22.04 -6.74 -4.10
C GLU A 676 -22.12 -7.28 -5.53
N HIS A 677 -21.46 -6.61 -6.48
CA HIS A 677 -21.50 -7.12 -7.86
C HIS A 677 -20.81 -8.47 -7.97
N ALA A 678 -19.75 -8.63 -7.21
CA ALA A 678 -18.99 -9.88 -7.29
C ALA A 678 -19.85 -11.00 -6.73
N GLU A 679 -20.48 -10.71 -5.61
CA GLU A 679 -21.36 -11.70 -4.99
C GLU A 679 -22.56 -11.98 -5.90
N ARG A 680 -23.17 -10.95 -6.44
CA ARG A 680 -24.32 -11.23 -7.31
C ARG A 680 -23.93 -12.11 -8.53
N ALA A 681 -22.84 -11.76 -9.21
CA ALA A 681 -22.39 -12.54 -10.33
C ALA A 681 -21.98 -13.94 -9.89
N ALA A 682 -21.31 -14.10 -8.73
CA ALA A 682 -20.98 -15.48 -8.31
C ALA A 682 -22.23 -16.33 -8.09
N HIS A 683 -23.31 -15.71 -7.59
CA HIS A 683 -24.49 -16.47 -7.26
C HIS A 683 -25.12 -17.14 -8.54
N VAL A 684 -24.87 -16.52 -9.68
CA VAL A 684 -25.57 -16.87 -10.90
C VAL A 684 -24.62 -17.64 -11.88
N VAL A 685 -23.39 -17.92 -11.46
CA VAL A 685 -22.58 -18.87 -12.18
C VAL A 685 -23.29 -20.24 -12.05
N LYS A 686 -23.49 -20.92 -13.18
CA LYS A 686 -24.30 -22.17 -13.19
C LYS A 686 -23.38 -23.34 -13.47
N VAL A 687 -23.27 -24.24 -12.48
CA VAL A 687 -22.43 -25.44 -12.57
C VAL A 687 -23.38 -26.61 -12.78
N THR A 688 -22.98 -27.57 -13.62
CA THR A 688 -23.74 -28.76 -13.87
C THR A 688 -22.91 -29.91 -13.38
N TYR A 689 -23.51 -30.74 -12.57
CA TYR A 689 -22.78 -31.78 -11.88
C TYR A 689 -23.36 -33.13 -12.29
N GLU A 690 -22.64 -34.18 -11.97
CA GLU A 690 -23.11 -35.53 -12.06
C GLU A 690 -22.60 -36.12 -10.78
N ASP A 691 -23.50 -36.48 -9.86
CA ASP A 691 -23.14 -36.99 -8.54
C ASP A 691 -22.29 -38.25 -8.55
N LEU A 692 -21.40 -38.38 -7.55
CA LEU A 692 -20.67 -39.59 -7.30
C LEU A 692 -21.01 -40.10 -5.87
N PRO A 693 -20.79 -41.40 -5.59
CA PRO A 693 -21.08 -41.88 -4.24
C PRO A 693 -20.25 -41.09 -3.19
N ALA A 694 -20.93 -40.59 -2.16
CA ALA A 694 -20.35 -39.69 -1.18
C ALA A 694 -20.05 -40.49 0.06
N ILE A 695 -18.96 -40.18 0.77
CA ILE A 695 -18.67 -40.78 2.09
C ILE A 695 -18.63 -39.63 3.09
N ILE A 696 -19.62 -39.55 3.97
CA ILE A 696 -19.82 -38.35 4.74
C ILE A 696 -19.34 -38.57 6.18
N THR A 697 -19.77 -39.64 6.82
CA THR A 697 -19.65 -39.71 8.27
C THR A 697 -18.45 -40.58 8.54
N ILE A 698 -18.01 -40.58 9.80
CA ILE A 698 -16.98 -41.49 10.27
C ILE A 698 -17.41 -42.96 10.05
N GLU A 699 -18.65 -43.29 10.43
CA GLU A 699 -19.22 -44.62 10.09
C GLU A 699 -19.13 -45.01 8.59
N ASP A 700 -19.54 -44.12 7.66
CA ASP A 700 -19.44 -44.39 6.21
C ASP A 700 -17.98 -44.71 5.87
N ALA A 701 -17.07 -44.02 6.54
CA ALA A 701 -15.65 -44.09 6.18
C ALA A 701 -15.09 -45.42 6.64
N ILE A 702 -15.43 -45.79 7.87
CA ILE A 702 -14.97 -47.06 8.43
C ILE A 702 -15.45 -48.20 7.52
N LYS A 703 -16.77 -48.20 7.27
CA LYS A 703 -17.41 -49.22 6.46
C LYS A 703 -16.77 -49.30 5.08
N ASN A 704 -16.30 -48.17 4.57
CA ASN A 704 -15.81 -48.13 3.19
C ASN A 704 -14.33 -48.14 3.12
N ASN A 705 -13.69 -48.36 4.27
CA ASN A 705 -12.25 -48.33 4.41
C ASN A 705 -11.59 -47.01 3.85
N SER A 706 -12.19 -45.85 4.14
CA SER A 706 -11.81 -44.63 3.44
C SER A 706 -11.00 -43.80 4.43
N PHE A 707 -9.67 -43.97 4.39
CA PHE A 707 -8.77 -43.39 5.40
C PHE A 707 -7.59 -42.68 4.73
N TYR A 708 -6.96 -41.77 5.48
CA TYR A 708 -5.73 -41.15 5.02
C TYR A 708 -4.63 -41.90 5.71
N GLY A 709 -3.80 -42.59 4.95
CA GLY A 709 -2.59 -43.19 5.53
C GLY A 709 -2.97 -44.39 6.38
N SER A 710 -2.07 -44.84 7.23
CA SER A 710 -2.41 -45.99 8.06
C SER A 710 -2.57 -45.63 9.53
N GLU A 711 -2.88 -46.66 10.30
CA GLU A 711 -3.14 -46.55 11.70
C GLU A 711 -1.96 -45.96 12.47
N LEU A 712 -2.28 -45.04 13.39
CA LEU A 712 -1.27 -44.58 14.38
C LEU A 712 -1.51 -45.32 15.64
N LYS A 713 -0.46 -45.60 16.39
CA LYS A 713 -0.60 -46.40 17.59
C LYS A 713 0.46 -46.09 18.60
N ILE A 714 0.06 -45.99 19.85
CA ILE A 714 1.03 -46.07 20.93
C ILE A 714 0.56 -47.22 21.80
N GLU A 715 1.51 -48.04 22.25
CA GLU A 715 1.21 -49.20 23.07
C GLU A 715 2.27 -49.42 24.12
N LYS A 716 1.88 -49.64 25.35
CA LYS A 716 2.88 -49.89 26.37
C LYS A 716 2.32 -50.94 27.30
N GLY A 717 3.22 -51.84 27.72
CA GLY A 717 2.88 -52.90 28.66
C GLY A 717 2.16 -54.05 28.00
N ASP A 718 1.33 -54.74 28.77
CA ASP A 718 0.77 -56.01 28.31
C ASP A 718 -0.72 -55.98 28.54
N LEU A 719 -1.47 -55.87 27.45
CA LEU A 719 -2.93 -55.67 27.56
C LEU A 719 -3.68 -56.90 28.03
N LYS A 720 -3.46 -58.03 27.34
CA LYS A 720 -4.06 -59.33 27.74
C LYS A 720 -3.85 -59.53 29.24
N LYS A 721 -2.62 -59.32 29.70
CA LYS A 721 -2.33 -59.51 31.11
C LYS A 721 -3.08 -58.52 31.99
N GLY A 722 -3.09 -57.26 31.59
CA GLY A 722 -3.80 -56.25 32.35
C GLY A 722 -5.31 -56.53 32.44
N PHE A 723 -5.96 -56.85 31.31
CA PHE A 723 -7.38 -57.20 31.30
C PHE A 723 -7.69 -58.44 32.20
N SER A 724 -6.94 -59.53 32.00
CA SER A 724 -7.06 -60.73 32.81
C SER A 724 -6.86 -60.43 34.30
N GLU A 725 -6.08 -59.40 34.63
CA GLU A 725 -5.91 -59.01 36.04
C GLU A 725 -7.00 -58.09 36.58
N ALA A 726 -7.70 -57.38 35.69
CA ALA A 726 -8.74 -56.42 36.13
C ALA A 726 -9.96 -57.11 36.79
N ASP A 727 -10.38 -56.59 37.94
CA ASP A 727 -11.67 -56.96 38.57
C ASP A 727 -12.84 -56.66 37.68
N ASN A 728 -12.82 -55.50 37.01
CA ASN A 728 -13.98 -54.95 36.28
C ASN A 728 -13.51 -54.43 34.91
N VAL A 729 -14.31 -54.66 33.88
CA VAL A 729 -13.99 -54.20 32.53
C VAL A 729 -15.23 -53.48 31.99
N VAL A 730 -15.06 -52.22 31.56
CA VAL A 730 -16.15 -51.49 30.91
C VAL A 730 -15.73 -51.22 29.49
N SER A 731 -16.64 -51.44 28.56
CA SER A 731 -16.37 -50.94 27.22
C SER A 731 -17.53 -50.10 26.67
N GLY A 732 -17.21 -49.25 25.70
CA GLY A 732 -18.20 -48.39 25.17
C GLY A 732 -17.77 -47.67 23.93
N GLU A 733 -18.66 -46.76 23.52
CA GLU A 733 -18.42 -45.90 22.43
C GLU A 733 -18.78 -44.45 22.82
N LEU A 734 -18.11 -43.47 22.19
CA LEU A 734 -18.26 -42.07 22.58
C LEU A 734 -17.98 -41.23 21.37
N TYR A 735 -18.74 -40.17 21.23
CA TYR A 735 -18.59 -39.22 20.14
C TYR A 735 -18.44 -37.78 20.71
N ILE A 736 -17.58 -36.98 20.06
CA ILE A 736 -17.51 -35.54 20.36
C ILE A 736 -17.57 -34.80 19.01
N GLY A 737 -18.51 -33.86 18.94
CA GLY A 737 -18.78 -33.09 17.75
C GLY A 737 -17.67 -32.12 17.50
N GLY A 738 -17.65 -31.60 16.26
CA GLY A 738 -16.59 -30.65 15.85
C GLY A 738 -16.85 -29.24 16.46
N GLN A 739 -16.29 -28.20 15.85
CA GLN A 739 -16.35 -26.86 16.40
C GLN A 739 -15.88 -25.93 15.28
N ASP A 740 -16.65 -24.87 15.02
CA ASP A 740 -16.26 -23.81 14.12
C ASP A 740 -15.42 -22.77 14.91
N HIS A 741 -14.34 -22.28 14.32
CA HIS A 741 -13.45 -21.34 15.04
C HIS A 741 -14.21 -20.12 15.58
N PHE A 742 -15.12 -19.63 14.75
CA PHE A 742 -15.78 -18.39 15.01
C PHE A 742 -14.86 -17.21 15.50
N TYR A 743 -13.67 -17.06 14.92
CA TYR A 743 -12.90 -15.79 15.06
C TYR A 743 -13.80 -14.66 14.63
N LEU A 744 -13.80 -13.53 15.36
CA LEU A 744 -14.80 -12.50 15.04
C LEU A 744 -14.47 -11.89 13.65
N GLU A 745 -13.17 -11.81 13.32
CA GLU A 745 -12.75 -11.45 11.97
C GLU A 745 -12.64 -12.73 11.14
N THR A 746 -13.44 -12.82 10.08
CA THR A 746 -13.35 -14.01 9.21
C THR A 746 -12.06 -13.89 8.32
N HIS A 747 -11.77 -14.91 7.54
CA HIS A 747 -10.62 -14.90 6.62
C HIS A 747 -10.61 -13.75 5.62
N CYS A 748 -9.42 -13.25 5.28
CA CYS A 748 -9.34 -11.98 4.56
C CYS A 748 -7.93 -11.92 3.94
N THR A 749 -7.85 -11.59 2.65
CA THR A 749 -6.58 -11.25 1.99
C THR A 749 -6.75 -10.08 1.04
N ILE A 750 -5.74 -9.21 1.04
CA ILE A 750 -5.54 -8.23 0.01
C ILE A 750 -4.22 -8.62 -0.71
N ALA A 751 -4.26 -8.71 -2.05
CA ALA A 751 -3.07 -8.99 -2.82
C ALA A 751 -2.77 -7.84 -3.77
N ILE A 752 -1.53 -7.31 -3.68
CA ILE A 752 -1.12 -6.18 -4.46
C ILE A 752 -0.11 -6.69 -5.54
N PRO A 753 -0.46 -6.70 -6.84
CA PRO A 753 0.53 -7.14 -7.82
C PRO A 753 1.41 -5.97 -8.13
N LYS A 754 2.72 -6.14 -8.08
CA LYS A 754 3.65 -5.04 -8.34
C LYS A 754 4.01 -4.86 -9.79
N GLY A 755 3.76 -5.83 -10.65
CA GLY A 755 3.95 -5.60 -12.09
C GLY A 755 5.38 -5.85 -12.59
N GLU A 756 6.28 -6.29 -11.71
CA GLU A 756 7.70 -6.48 -12.01
C GLU A 756 8.13 -7.81 -11.51
N GLU A 757 8.64 -8.66 -12.40
CA GLU A 757 9.31 -9.92 -12.02
C GLU A 757 8.42 -10.82 -11.17
N GLY A 758 7.08 -10.73 -11.29
CA GLY A 758 6.18 -11.65 -10.54
C GLY A 758 5.94 -11.20 -9.08
N GLU A 759 6.55 -10.07 -8.69
CA GLU A 759 6.36 -9.54 -7.30
C GLU A 759 4.92 -9.27 -6.89
N MET A 760 4.61 -9.58 -5.61
CA MET A 760 3.29 -9.37 -5.08
C MET A 760 3.47 -9.21 -3.61
N GLU A 761 2.71 -8.26 -3.04
CA GLU A 761 2.74 -8.00 -1.61
C GLU A 761 1.30 -8.29 -1.10
N LEU A 762 1.14 -9.07 -0.01
CA LEU A 762 -0.16 -9.53 0.39
C LEU A 762 -0.27 -9.13 1.85
N PHE A 763 -1.45 -8.61 2.23
CA PHE A 763 -1.84 -8.34 3.59
C PHE A 763 -2.87 -9.35 3.93
N VAL A 764 -2.63 -10.14 4.98
CA VAL A 764 -3.42 -11.33 5.13
C VAL A 764 -3.73 -11.60 6.56
N SER A 765 -4.93 -12.06 6.83
CA SER A 765 -5.28 -12.44 8.23
C SER A 765 -4.85 -13.91 8.41
N THR A 766 -3.60 -14.18 8.79
CA THR A 766 -3.13 -15.56 8.82
C THR A 766 -2.14 -15.74 9.97
N GLN A 767 -2.11 -16.95 10.54
CA GLN A 767 -1.09 -17.30 11.55
C GLN A 767 0.17 -17.88 10.87
N ASN A 768 0.21 -17.86 9.54
CA ASN A 768 1.27 -18.63 8.84
C ASN A 768 1.63 -17.87 7.62
N ALA A 769 2.39 -16.78 7.79
CA ALA A 769 2.90 -16.00 6.60
C ALA A 769 3.77 -16.86 5.70
N MET A 770 4.51 -17.78 6.29
CA MET A 770 5.44 -18.62 5.45
C MET A 770 4.75 -19.51 4.39
N LYS A 771 3.79 -20.34 4.81
CA LYS A 771 3.02 -21.11 3.83
C LYS A 771 2.13 -20.27 2.94
N THR A 772 1.63 -19.13 3.46
CA THR A 772 0.92 -18.24 2.55
C THR A 772 1.90 -17.86 1.43
N GLN A 773 3.10 -17.48 1.83
CA GLN A 773 4.06 -16.99 0.86
C GLN A 773 4.43 -18.13 -0.15
N SER A 774 4.76 -19.29 0.36
CA SER A 774 5.16 -20.34 -0.60
C SER A 774 4.00 -20.92 -1.41
N PHE A 775 2.77 -20.96 -0.86
CA PHE A 775 1.63 -21.46 -1.66
C PHE A 775 1.27 -20.46 -2.72
N VAL A 776 1.38 -19.17 -2.42
CA VAL A 776 1.05 -18.16 -3.43
C VAL A 776 2.12 -18.28 -4.55
N ALA A 777 3.40 -18.35 -4.15
CA ALA A 777 4.54 -18.58 -5.14
C ALA A 777 4.31 -19.86 -6.02
N LYS A 778 3.91 -20.97 -5.37
CA LYS A 778 3.78 -22.24 -6.12
C LYS A 778 2.64 -22.13 -7.14
N MET A 779 1.58 -21.42 -6.75
CA MET A 779 0.47 -21.26 -7.63
C MET A 779 0.86 -20.37 -8.79
N LEU A 780 1.63 -19.32 -8.52
CA LEU A 780 2.02 -18.40 -9.58
C LEU A 780 3.15 -19.01 -10.44
N GLY A 781 3.87 -19.95 -9.85
CA GLY A 781 5.06 -20.51 -10.52
C GLY A 781 6.24 -19.50 -10.47
N VAL A 782 6.42 -18.78 -9.34
CA VAL A 782 7.54 -17.84 -9.20
C VAL A 782 8.37 -18.19 -7.96
N PRO A 783 9.64 -17.70 -7.90
CA PRO A 783 10.44 -17.99 -6.72
C PRO A 783 9.79 -17.37 -5.45
N VAL A 784 10.06 -17.95 -4.30
CA VAL A 784 9.40 -17.52 -3.08
C VAL A 784 9.89 -16.08 -2.75
N ASN A 785 11.11 -15.73 -3.21
CA ASN A 785 11.68 -14.40 -2.92
C ASN A 785 10.87 -13.27 -3.61
N ARG A 786 9.93 -13.63 -4.49
CA ARG A 786 9.11 -12.60 -5.18
C ARG A 786 7.94 -12.12 -4.33
N ILE A 787 7.60 -12.89 -3.33
CA ILE A 787 6.30 -12.78 -2.64
C ILE A 787 6.48 -12.27 -1.21
N LEU A 788 5.81 -11.17 -0.87
CA LEU A 788 5.95 -10.62 0.46
C LEU A 788 4.62 -10.74 1.17
N VAL A 789 4.61 -11.34 2.34
CA VAL A 789 3.35 -11.46 3.06
C VAL A 789 3.51 -10.66 4.36
N ARG A 790 2.53 -9.79 4.63
CA ARG A 790 2.51 -8.97 5.77
C ARG A 790 1.26 -9.27 6.60
N VAL A 791 1.46 -9.46 7.90
CA VAL A 791 0.37 -9.66 8.85
C VAL A 791 0.53 -8.65 10.02
N LYS A 792 -0.38 -7.68 10.10
CA LYS A 792 -0.37 -6.73 11.18
C LYS A 792 -1.00 -7.41 12.41
N ARG A 793 -2.23 -7.88 12.25
CA ARG A 793 -2.91 -8.61 13.29
C ARG A 793 -4.09 -9.40 12.70
N MET A 794 -4.60 -10.34 13.47
CA MET A 794 -5.83 -11.03 13.15
C MET A 794 -6.87 -10.70 14.21
N GLY A 795 -8.12 -10.63 13.80
CA GLY A 795 -9.21 -10.60 14.80
C GLY A 795 -9.57 -12.04 15.18
N GLY A 796 -8.65 -12.76 15.82
CA GLY A 796 -8.84 -14.18 16.17
C GLY A 796 -8.26 -15.11 15.10
N GLY A 797 -7.74 -16.26 15.52
CA GLY A 797 -7.26 -17.28 14.61
C GLY A 797 -7.63 -18.66 15.18
N PHE A 798 -7.27 -18.89 16.45
CA PHE A 798 -7.61 -20.16 17.16
C PHE A 798 -7.18 -21.41 16.39
N GLY A 799 -6.20 -21.30 15.49
CA GLY A 799 -5.81 -22.51 14.73
C GLY A 799 -6.44 -22.54 13.35
N GLY A 800 -7.56 -21.84 13.17
CA GLY A 800 -8.23 -21.88 11.88
C GLY A 800 -7.56 -20.98 10.84
N LYS A 801 -6.50 -20.25 11.24
CA LYS A 801 -5.80 -19.50 10.26
C LYS A 801 -4.38 -20.03 10.17
N GLU A 802 -4.18 -21.25 10.68
CA GLU A 802 -2.85 -21.87 10.64
C GLU A 802 -2.49 -22.31 9.23
N THR A 803 -3.45 -22.85 8.47
CA THR A 803 -3.25 -23.22 7.09
C THR A 803 -4.38 -22.79 6.20
N ARG A 804 -5.62 -22.84 6.70
CA ARG A 804 -6.79 -22.73 5.81
C ARG A 804 -6.97 -21.32 5.25
N SER A 805 -6.25 -20.34 5.77
CA SER A 805 -6.34 -19.01 5.22
C SER A 805 -5.82 -19.01 3.77
N THR A 806 -5.02 -20.00 3.38
CA THR A 806 -4.44 -19.98 2.03
C THR A 806 -5.49 -20.22 0.95
N LEU A 807 -6.64 -20.80 1.33
CA LEU A 807 -7.73 -21.04 0.37
C LEU A 807 -8.14 -19.72 -0.17
N VAL A 808 -8.20 -18.70 0.70
CA VAL A 808 -8.62 -17.38 0.20
C VAL A 808 -7.40 -16.61 -0.46
N SER A 809 -6.26 -16.65 0.22
CA SER A 809 -5.05 -15.94 -0.23
C SER A 809 -4.62 -16.34 -1.64
N VAL A 810 -4.66 -17.64 -1.95
CA VAL A 810 -4.18 -18.10 -3.28
C VAL A 810 -5.16 -17.71 -4.37
N ALA A 811 -6.46 -17.75 -4.11
CA ALA A 811 -7.43 -17.24 -5.10
C ALA A 811 -7.29 -15.71 -5.34
N VAL A 812 -7.17 -14.93 -4.27
CA VAL A 812 -7.03 -13.47 -4.41
C VAL A 812 -5.71 -13.16 -5.21
N ALA A 813 -4.64 -13.85 -4.86
CA ALA A 813 -3.37 -13.70 -5.59
C ALA A 813 -3.54 -13.99 -7.08
N LEU A 814 -4.29 -15.03 -7.40
CA LEU A 814 -4.54 -15.37 -8.79
C LEU A 814 -5.23 -14.21 -9.47
N ALA A 815 -6.26 -13.68 -8.80
CA ALA A 815 -7.01 -12.55 -9.38
C ALA A 815 -6.10 -11.34 -9.59
N ALA A 816 -5.17 -11.07 -8.64
CA ALA A 816 -4.28 -9.88 -8.78
C ALA A 816 -3.33 -10.11 -9.95
N TYR A 817 -2.78 -11.33 -10.02
CA TYR A 817 -1.93 -11.74 -11.14
C TYR A 817 -2.68 -11.59 -12.49
N LYS A 818 -3.89 -12.15 -12.60
CA LYS A 818 -4.61 -12.13 -13.86
C LYS A 818 -5.00 -10.70 -14.28
N THR A 819 -5.50 -9.86 -13.34
CA THR A 819 -5.95 -8.53 -13.73
C THR A 819 -4.84 -7.52 -13.72
N GLY A 820 -3.76 -7.77 -12.99
CA GLY A 820 -2.82 -6.68 -12.70
C GLY A 820 -3.34 -5.52 -11.78
N HIS A 821 -4.51 -5.73 -11.17
CA HIS A 821 -5.05 -4.80 -10.18
C HIS A 821 -4.91 -5.35 -8.75
N PRO A 822 -4.81 -4.44 -7.75
CA PRO A 822 -5.06 -4.91 -6.37
C PRO A 822 -6.39 -5.62 -6.35
N VAL A 823 -6.46 -6.71 -5.58
CA VAL A 823 -7.71 -7.41 -5.37
C VAL A 823 -7.87 -7.79 -3.93
N ARG A 824 -9.10 -7.79 -3.39
CA ARG A 824 -9.28 -8.34 -2.03
C ARG A 824 -10.48 -9.26 -1.90
N CYS A 825 -10.49 -10.04 -0.84
CA CYS A 825 -11.71 -10.80 -0.46
C CYS A 825 -11.76 -10.97 1.02
N MET A 826 -12.86 -10.60 1.67
CA MET A 826 -13.11 -11.02 3.06
C MET A 826 -14.33 -11.93 3.04
N LEU A 827 -14.25 -13.07 3.71
CA LEU A 827 -15.34 -14.03 3.69
C LEU A 827 -16.52 -13.50 4.54
N ASP A 828 -17.75 -13.67 4.05
CA ASP A 828 -18.93 -13.56 4.92
C ASP A 828 -18.91 -14.76 5.80
N ARG A 829 -19.54 -14.65 6.96
CA ARG A 829 -19.52 -15.72 7.97
C ARG A 829 -20.01 -17.03 7.41
N ASN A 830 -21.07 -16.99 6.60
CA ASN A 830 -21.60 -18.24 6.08
C ASN A 830 -20.60 -18.93 5.12
N GLU A 831 -19.81 -18.16 4.37
CA GLU A 831 -18.76 -18.79 3.51
C GLU A 831 -17.68 -19.39 4.40
N ASP A 832 -17.31 -18.67 5.44
CA ASP A 832 -16.21 -19.06 6.30
C ASP A 832 -16.55 -20.37 6.97
N MET A 833 -17.75 -20.45 7.59
CA MET A 833 -18.13 -21.70 8.31
C MET A 833 -18.22 -22.94 7.38
N LEU A 834 -18.65 -22.73 6.14
CA LEU A 834 -18.81 -23.82 5.20
C LEU A 834 -17.43 -24.33 4.65
N ILE A 835 -16.54 -23.39 4.36
CA ILE A 835 -15.41 -23.66 3.51
C ILE A 835 -14.11 -24.00 4.29
N THR A 836 -13.88 -23.31 5.43
CA THR A 836 -12.51 -23.22 5.91
C THR A 836 -12.17 -24.30 6.94
N GLY A 837 -13.10 -25.23 7.20
CA GLY A 837 -12.84 -26.35 8.07
C GLY A 837 -12.92 -25.97 9.55
N GLY A 838 -12.99 -26.99 10.42
CA GLY A 838 -13.16 -26.76 11.88
C GLY A 838 -12.37 -27.75 12.72
N ARG A 839 -12.74 -27.89 13.97
CA ARG A 839 -12.19 -28.93 14.78
C ARG A 839 -12.62 -30.30 14.23
N HIS A 840 -11.87 -31.34 14.56
CA HIS A 840 -12.16 -32.69 14.05
C HIS A 840 -13.18 -33.32 15.00
N PRO A 841 -14.33 -33.73 14.49
CA PRO A 841 -15.18 -34.65 15.26
C PRO A 841 -14.40 -35.95 15.52
N PHE A 842 -14.59 -36.56 16.68
CA PHE A 842 -13.96 -37.84 17.04
C PHE A 842 -15.04 -38.84 17.49
N LEU A 843 -14.88 -40.09 17.03
CA LEU A 843 -15.59 -41.24 17.53
C LEU A 843 -14.55 -42.12 18.19
N ALA A 844 -14.83 -42.61 19.40
CA ALA A 844 -13.90 -43.50 20.13
C ALA A 844 -14.62 -44.81 20.55
N ARG A 845 -13.89 -45.93 20.44
CA ARG A 845 -14.31 -47.21 21.02
C ARG A 845 -13.28 -47.55 22.04
N TYR A 846 -13.72 -47.75 23.25
CA TYR A 846 -12.78 -47.94 24.35
C TYR A 846 -13.11 -49.18 25.20
N LYS A 847 -12.10 -49.66 25.92
CA LYS A 847 -12.28 -50.74 26.89
C LYS A 847 -11.35 -50.49 28.06
N VAL A 848 -11.87 -50.38 29.26
CA VAL A 848 -11.02 -50.09 30.37
C VAL A 848 -11.14 -51.18 31.45
N GLY A 849 -9.99 -51.68 31.94
CA GLY A 849 -9.91 -52.67 33.03
C GLY A 849 -9.44 -51.98 34.28
N PHE A 850 -10.13 -52.22 35.38
CA PHE A 850 -9.79 -51.59 36.64
C PHE A 850 -10.11 -52.48 37.81
N MET A 851 -9.57 -52.12 38.97
CA MET A 851 -9.77 -52.90 40.19
C MET A 851 -10.94 -52.27 40.92
N LYS A 852 -11.52 -52.98 41.88
CA LYS A 852 -12.67 -52.50 42.64
C LYS A 852 -12.35 -51.24 43.48
N THR A 853 -11.06 -50.99 43.69
CA THR A 853 -10.62 -49.76 44.35
C THR A 853 -10.64 -48.51 43.39
N GLY A 854 -10.85 -48.76 42.09
CA GLY A 854 -10.81 -47.72 41.06
C GLY A 854 -9.49 -47.51 40.31
N THR A 855 -8.47 -48.32 40.67
CA THR A 855 -7.13 -48.29 40.08
C THR A 855 -7.24 -48.87 38.70
N ILE A 856 -6.78 -48.11 37.69
CA ILE A 856 -6.82 -48.52 36.31
C ILE A 856 -5.64 -49.42 36.00
N VAL A 857 -5.89 -50.41 35.17
CA VAL A 857 -4.97 -51.52 35.03
C VAL A 857 -4.78 -51.79 33.53
N ALA A 858 -5.78 -51.54 32.70
CA ALA A 858 -5.61 -51.73 31.29
C ALA A 858 -6.52 -50.75 30.54
N LEU A 859 -6.11 -50.28 29.37
CA LEU A 859 -6.95 -49.34 28.60
C LEU A 859 -6.66 -49.54 27.16
N GLU A 860 -7.70 -49.65 26.38
CA GLU A 860 -7.60 -49.69 24.94
C GLU A 860 -8.57 -48.65 24.40
N VAL A 861 -8.09 -47.77 23.51
CA VAL A 861 -8.94 -46.77 22.86
C VAL A 861 -8.57 -46.70 21.41
N ASP A 862 -9.56 -46.91 20.58
CA ASP A 862 -9.43 -46.71 19.17
C ASP A 862 -10.13 -45.38 18.81
N HIS A 863 -9.36 -44.44 18.25
CA HIS A 863 -9.83 -43.06 17.86
C HIS A 863 -10.07 -43.01 16.35
N TYR A 864 -11.15 -42.39 15.94
CA TYR A 864 -11.35 -42.05 14.51
C TYR A 864 -11.69 -40.57 14.44
N SER A 865 -11.03 -39.81 13.56
CA SER A 865 -11.41 -38.40 13.37
C SER A 865 -12.01 -38.28 12.01
N ASN A 866 -12.97 -37.35 11.91
CA ASN A 866 -13.45 -36.98 10.61
C ASN A 866 -12.59 -35.85 10.03
N ALA A 867 -11.86 -36.20 8.96
CA ALA A 867 -10.77 -35.36 8.44
C ALA A 867 -11.22 -34.49 7.28
N GLY A 868 -12.33 -34.87 6.62
CA GLY A 868 -12.72 -34.14 5.43
C GLY A 868 -11.87 -34.47 4.18
N ASN A 869 -11.93 -33.57 3.20
CA ASN A 869 -11.43 -33.86 1.87
C ASN A 869 -9.93 -33.57 1.60
N SER A 870 -9.10 -33.30 2.62
CA SER A 870 -7.64 -33.37 2.39
C SER A 870 -7.03 -33.74 3.71
N ARG A 871 -5.72 -34.07 3.68
CA ARG A 871 -5.00 -34.33 4.92
C ARG A 871 -4.88 -33.10 5.84
N ASP A 872 -4.37 -31.98 5.31
CA ASP A 872 -4.11 -30.78 6.12
C ASP A 872 -3.38 -31.21 7.40
N LEU A 873 -3.83 -30.79 8.57
CA LEU A 873 -3.08 -31.09 9.79
C LEU A 873 -3.59 -32.33 10.53
N SER A 874 -4.41 -33.15 9.86
CA SER A 874 -5.12 -34.23 10.53
C SER A 874 -4.21 -35.24 11.19
N HIS A 875 -3.07 -35.54 10.56
CA HIS A 875 -2.17 -36.54 11.13
C HIS A 875 -1.56 -36.11 12.43
N SER A 876 -0.96 -34.90 12.44
CA SER A 876 -0.36 -34.40 13.66
C SER A 876 -1.45 -34.19 14.71
N ILE A 877 -2.66 -33.87 14.26
CA ILE A 877 -3.77 -33.73 15.25
C ILE A 877 -4.04 -35.11 15.92
N MET A 878 -4.04 -36.19 15.12
CA MET A 878 -4.26 -37.52 15.74
C MET A 878 -3.10 -37.89 16.64
N GLU A 879 -1.89 -37.49 16.24
CA GLU A 879 -0.76 -37.77 17.11
C GLU A 879 -0.96 -37.11 18.44
N ARG A 880 -1.37 -35.84 18.45
CA ARG A 880 -1.45 -35.15 19.72
C ARG A 880 -2.57 -35.78 20.58
N ALA A 881 -3.62 -36.24 19.92
CA ALA A 881 -4.70 -36.95 20.62
C ALA A 881 -4.15 -38.17 21.40
N LEU A 882 -3.41 -39.03 20.68
CA LEU A 882 -2.72 -40.19 21.27
C LEU A 882 -1.78 -39.83 22.38
N PHE A 883 -1.02 -38.76 22.19
CA PHE A 883 -0.17 -38.24 23.25
C PHE A 883 -0.99 -37.80 24.48
N HIS A 884 -2.28 -37.57 24.34
CA HIS A 884 -3.01 -37.03 25.53
C HIS A 884 -4.07 -37.98 26.08
N MET A 885 -4.09 -39.23 25.60
CA MET A 885 -5.17 -40.16 26.01
C MET A 885 -5.06 -40.60 27.51
N ASP A 886 -3.98 -40.23 28.20
CA ASP A 886 -3.74 -40.59 29.60
C ASP A 886 -4.29 -39.48 30.50
N ASN A 887 -4.54 -38.32 29.91
CA ASN A 887 -4.68 -37.11 30.70
C ASN A 887 -3.63 -37.07 31.82
N CYS A 888 -4.06 -37.18 33.08
CA CYS A 888 -3.13 -37.09 34.20
C CYS A 888 -2.93 -38.41 34.93
N TYR A 889 -3.24 -39.52 34.26
CA TYR A 889 -3.35 -40.84 34.93
C TYR A 889 -2.34 -41.88 34.49
N LYS A 890 -1.75 -42.54 35.46
CA LYS A 890 -0.74 -43.56 35.23
C LYS A 890 -1.49 -44.88 34.92
N ILE A 891 -1.26 -45.46 33.75
CA ILE A 891 -1.98 -46.66 33.33
C ILE A 891 -1.02 -47.74 32.77
N PRO A 892 -0.77 -48.84 33.52
CA PRO A 892 0.42 -49.64 33.15
C PRO A 892 0.34 -50.35 31.83
N ASN A 893 -0.88 -50.67 31.36
CA ASN A 893 -1.05 -51.42 30.11
C ASN A 893 -2.01 -50.65 29.24
N ILE A 894 -1.58 -50.20 28.09
CA ILE A 894 -2.34 -49.17 27.37
C ILE A 894 -2.06 -49.29 25.91
N ARG A 895 -3.11 -49.17 25.10
CA ARG A 895 -2.96 -49.20 23.69
C ARG A 895 -3.93 -48.22 23.11
N GLY A 896 -3.41 -47.22 22.41
CA GLY A 896 -4.24 -46.29 21.71
C GLY A 896 -3.95 -46.32 20.26
N THR A 897 -5.00 -46.35 19.45
CA THR A 897 -4.84 -46.26 18.01
C THR A 897 -5.66 -45.06 17.49
N GLY A 898 -5.36 -44.66 16.27
CA GLY A 898 -6.05 -43.53 15.64
C GLY A 898 -6.08 -43.78 14.16
N ARG A 899 -7.23 -43.49 13.55
CA ARG A 899 -7.36 -43.47 12.09
C ARG A 899 -7.94 -42.15 11.63
N LEU A 900 -7.50 -41.67 10.46
CA LEU A 900 -8.01 -40.41 9.91
C LEU A 900 -9.00 -40.78 8.88
N CYS A 901 -10.28 -40.38 9.03
CA CYS A 901 -11.31 -40.72 8.01
C CYS A 901 -11.39 -39.71 6.90
N LYS A 902 -11.47 -40.24 5.70
CA LYS A 902 -11.42 -39.44 4.48
C LYS A 902 -12.84 -39.31 3.96
N THR A 903 -13.35 -38.09 3.93
CA THR A 903 -14.76 -37.85 3.72
C THR A 903 -14.98 -36.73 2.73
N ASN A 904 -16.20 -36.68 2.22
CA ASN A 904 -16.63 -35.59 1.37
C ASN A 904 -17.22 -34.41 2.18
N LEU A 905 -16.37 -33.90 3.08
CA LEU A 905 -16.62 -32.66 3.87
C LEU A 905 -15.41 -31.74 3.74
N SER A 906 -15.61 -30.44 3.91
CA SER A 906 -14.46 -29.50 4.05
C SER A 906 -13.45 -30.07 4.97
N SER A 907 -12.17 -29.96 4.61
CA SER A 907 -11.06 -30.46 5.38
C SER A 907 -10.95 -29.78 6.79
N ASN A 908 -10.85 -30.59 7.85
CA ASN A 908 -10.81 -30.03 9.16
C ASN A 908 -9.37 -29.79 9.51
N THR A 909 -9.15 -28.94 10.50
CA THR A 909 -7.83 -28.38 10.65
C THR A 909 -7.49 -28.20 12.14
N ALA A 910 -6.47 -27.39 12.42
CA ALA A 910 -6.08 -27.02 13.78
C ALA A 910 -7.22 -26.21 14.40
N PHE A 911 -7.48 -26.45 15.67
CA PHE A 911 -8.37 -25.64 16.44
C PHE A 911 -7.76 -25.84 17.82
N ARG A 912 -7.39 -24.72 18.45
CA ARG A 912 -6.92 -24.63 19.83
C ARG A 912 -7.12 -25.93 20.66
N GLY A 913 -6.02 -26.62 20.99
CA GLY A 913 -6.10 -27.93 21.64
C GLY A 913 -5.54 -28.99 20.70
N PHE A 914 -5.92 -28.93 19.42
CA PHE A 914 -5.24 -29.62 18.33
C PHE A 914 -5.27 -31.17 18.60
N GLY A 915 -6.47 -31.73 18.85
CA GLY A 915 -6.57 -33.17 19.10
C GLY A 915 -6.51 -33.51 20.59
N GLY A 916 -5.93 -32.62 21.39
CA GLY A 916 -5.80 -32.89 22.83
C GLY A 916 -7.14 -32.95 23.54
N PRO A 917 -8.00 -31.91 23.31
CA PRO A 917 -9.33 -31.91 23.95
C PRO A 917 -10.19 -33.18 23.63
N GLN A 918 -10.22 -33.62 22.37
CA GLN A 918 -10.96 -34.83 22.04
C GLN A 918 -10.44 -36.04 22.87
N ALA A 919 -9.14 -36.25 22.91
CA ALA A 919 -8.54 -37.42 23.60
C ALA A 919 -8.72 -37.27 25.12
N LEU A 920 -8.60 -36.04 25.59
CA LEU A 920 -8.69 -35.82 27.04
C LEU A 920 -10.14 -36.06 27.52
N PHE A 921 -11.08 -35.65 26.70
CA PHE A 921 -12.49 -35.88 26.90
C PHE A 921 -12.83 -37.39 26.91
N ILE A 922 -12.30 -38.15 25.95
CA ILE A 922 -12.52 -39.58 25.95
C ILE A 922 -11.97 -40.19 27.24
N ALA A 923 -10.86 -39.68 27.71
CA ALA A 923 -10.23 -40.23 28.88
C ALA A 923 -11.07 -39.94 30.16
N GLU A 924 -11.52 -38.70 30.33
CA GLU A 924 -12.36 -38.34 31.48
C GLU A 924 -13.70 -39.08 31.40
N ASN A 925 -14.16 -39.39 30.20
CA ASN A 925 -15.40 -40.13 30.13
C ASN A 925 -15.24 -41.54 30.73
N TRP A 926 -14.27 -42.32 30.28
CA TRP A 926 -14.12 -43.66 30.91
C TRP A 926 -13.78 -43.54 32.38
N MET A 927 -13.03 -42.52 32.76
CA MET A 927 -12.72 -42.38 34.15
C MET A 927 -14.00 -42.16 34.96
N SER A 928 -14.91 -41.34 34.42
CA SER A 928 -16.13 -41.04 35.15
C SER A 928 -16.89 -42.36 35.26
N GLU A 929 -16.75 -43.23 34.28
CA GLU A 929 -17.45 -44.51 34.31
C GLU A 929 -16.84 -45.45 35.33
N VAL A 930 -15.49 -45.47 35.39
CA VAL A 930 -14.79 -46.19 36.43
C VAL A 930 -15.35 -45.81 37.81
N ALA A 931 -15.40 -44.51 38.15
CA ALA A 931 -15.91 -44.11 39.49
C ALA A 931 -17.34 -44.59 39.75
N VAL A 932 -18.21 -44.42 38.76
CA VAL A 932 -19.59 -44.89 38.93
C VAL A 932 -19.66 -46.43 39.18
N THR A 933 -18.98 -47.21 38.34
CA THR A 933 -18.95 -48.64 38.49
C THR A 933 -18.48 -49.10 39.89
N CYS A 934 -17.44 -48.45 40.44
CA CYS A 934 -16.84 -48.86 41.70
C CYS A 934 -17.67 -48.35 42.89
N GLY A 935 -18.65 -47.49 42.60
CA GLY A 935 -19.33 -46.72 43.67
C GLY A 935 -18.44 -45.89 44.57
N LEU A 936 -17.41 -45.29 43.99
CA LEU A 936 -16.50 -44.44 44.77
C LEU A 936 -16.64 -42.96 44.36
N PRO A 937 -16.43 -42.04 45.30
CA PRO A 937 -16.45 -40.62 44.86
C PRO A 937 -15.42 -40.38 43.73
N ALA A 938 -15.79 -39.62 42.69
CA ALA A 938 -14.91 -39.49 41.53
C ALA A 938 -13.56 -38.84 41.83
N GLU A 939 -13.51 -37.89 42.73
CA GLU A 939 -12.24 -37.23 43.00
C GLU A 939 -11.23 -38.20 43.64
N GLU A 940 -11.76 -39.19 44.40
CA GLU A 940 -10.89 -40.24 45.00
C GLU A 940 -10.32 -41.11 43.95
N VAL A 941 -11.15 -41.50 43.00
CA VAL A 941 -10.68 -42.34 41.92
C VAL A 941 -9.66 -41.59 41.04
N ARG A 942 -9.94 -40.30 40.77
CA ARG A 942 -8.99 -39.53 39.93
C ARG A 942 -7.64 -39.40 40.67
N TRP A 943 -7.69 -39.00 41.94
CA TRP A 943 -6.49 -38.79 42.75
C TRP A 943 -5.65 -40.04 42.84
N LYS A 944 -6.28 -41.19 43.10
CA LYS A 944 -5.50 -42.43 43.25
C LYS A 944 -4.87 -42.90 41.95
N ASN A 945 -5.40 -42.47 40.78
CA ASN A 945 -4.78 -42.88 39.51
C ASN A 945 -3.77 -41.90 38.95
N MET A 946 -3.57 -40.81 39.66
CA MET A 946 -2.85 -39.68 39.10
C MET A 946 -1.39 -40.03 39.08
N TYR A 947 -0.68 -39.63 38.03
CA TYR A 947 0.77 -39.67 38.00
C TYR A 947 1.39 -39.02 39.22
N LYS A 948 2.64 -39.42 39.53
CA LYS A 948 3.39 -38.66 40.52
C LYS A 948 4.67 -38.12 39.88
N GLU A 949 5.26 -37.13 40.55
CA GLU A 949 6.52 -36.56 40.12
C GLU A 949 7.46 -37.72 39.66
N GLY A 950 7.92 -37.65 38.41
CA GLY A 950 8.94 -38.54 37.94
C GLY A 950 8.43 -39.72 37.16
N ASP A 951 7.12 -40.01 37.22
CA ASP A 951 6.56 -41.08 36.36
C ASP A 951 6.78 -40.84 34.89
N LEU A 952 6.83 -41.93 34.12
CA LEU A 952 6.83 -41.85 32.68
C LEU A 952 5.37 -41.92 32.19
N THR A 953 5.10 -41.14 31.16
CA THR A 953 3.84 -41.26 30.43
C THR A 953 3.80 -42.56 29.61
N HIS A 954 2.69 -42.75 28.91
CA HIS A 954 2.55 -43.93 28.13
C HIS A 954 3.48 -43.87 26.95
N PHE A 955 4.00 -42.66 26.64
CA PHE A 955 4.96 -42.50 25.52
C PHE A 955 6.39 -42.30 26.07
N ASN A 956 6.55 -42.69 27.33
CA ASN A 956 7.86 -42.83 27.98
C ASN A 956 8.57 -41.53 28.26
N GLN A 957 7.81 -40.46 28.37
CA GLN A 957 8.42 -39.21 28.69
C GLN A 957 8.21 -38.99 30.17
N ARG A 958 9.27 -38.49 30.81
CA ARG A 958 9.30 -38.29 32.22
C ARG A 958 8.61 -37.01 32.58
N LEU A 959 7.79 -37.07 33.62
CA LEU A 959 7.09 -35.90 34.12
C LEU A 959 7.91 -35.21 35.19
N GLU A 960 8.65 -34.18 34.80
CA GLU A 960 9.41 -33.37 35.76
C GLU A 960 8.72 -32.05 36.03
N GLY A 961 8.65 -31.71 37.31
CA GLY A 961 7.97 -30.53 37.78
C GLY A 961 6.46 -30.71 37.52
N PHE A 962 5.94 -31.92 37.83
CA PHE A 962 4.54 -32.27 37.63
C PHE A 962 3.75 -31.57 38.72
N SER A 963 3.02 -30.49 38.41
CA SER A 963 2.41 -29.70 39.46
C SER A 963 0.91 -29.96 39.64
N VAL A 964 0.38 -30.94 38.90
CA VAL A 964 -1.06 -31.27 39.08
C VAL A 964 -1.50 -31.49 40.56
N PRO A 965 -0.70 -32.25 41.37
CA PRO A 965 -1.15 -32.44 42.77
C PRO A 965 -1.32 -31.12 43.54
N ARG A 966 -0.37 -30.16 43.39
CA ARG A 966 -0.53 -28.84 44.01
C ARG A 966 -1.76 -28.12 43.44
N CYS A 967 -1.92 -28.12 42.12
CA CYS A 967 -3.10 -27.47 41.56
C CYS A 967 -4.39 -28.13 42.11
N TRP A 968 -4.33 -29.44 42.30
CA TRP A 968 -5.48 -30.25 42.68
C TRP A 968 -5.83 -29.90 44.10
N ASP A 969 -4.82 -30.00 44.99
CA ASP A 969 -5.06 -29.67 46.38
C ASP A 969 -5.49 -28.25 46.59
N GLU A 970 -4.87 -27.32 45.89
CA GLU A 970 -5.23 -25.94 46.17
C GLU A 970 -6.65 -25.66 45.60
N CYS A 971 -6.99 -26.27 44.47
CA CYS A 971 -8.37 -26.08 43.90
C CYS A 971 -9.48 -26.71 44.79
N LEU A 972 -9.25 -27.92 45.31
CA LEU A 972 -10.15 -28.52 46.29
C LEU A 972 -10.43 -27.55 47.44
N LYS A 973 -9.36 -27.00 48.00
CA LYS A 973 -9.51 -26.14 49.13
C LYS A 973 -10.17 -24.83 48.75
N SER A 974 -9.62 -24.14 47.74
CA SER A 974 -10.14 -22.82 47.49
C SER A 974 -11.57 -22.89 46.89
N SER A 975 -11.92 -23.99 46.22
CA SER A 975 -13.30 -24.14 45.74
C SER A 975 -14.27 -24.65 46.84
N GLN A 976 -13.75 -25.01 48.01
CA GLN A 976 -14.57 -25.59 49.05
C GLN A 976 -15.30 -26.79 48.46
N TYR A 977 -14.60 -27.58 47.67
CA TYR A 977 -15.20 -28.72 46.99
C TYR A 977 -16.05 -29.64 47.92
N TYR A 978 -15.42 -30.10 49.01
CA TYR A 978 -16.08 -31.02 49.98
C TYR A 978 -17.35 -30.46 50.60
N ALA A 979 -17.26 -29.27 51.19
CA ALA A 979 -18.47 -28.66 51.73
C ALA A 979 -19.55 -28.55 50.62
N ARG A 980 -19.11 -28.24 49.38
CA ARG A 980 -20.05 -28.00 48.32
C ARG A 980 -20.74 -29.26 47.83
N LYS A 981 -20.01 -30.38 47.77
CA LYS A 981 -20.63 -31.67 47.52
C LYS A 981 -21.86 -31.97 48.42
N SER A 982 -21.80 -31.70 49.71
CA SER A 982 -22.98 -31.94 50.59
C SER A 982 -24.08 -31.03 50.22
N GLU A 983 -23.78 -29.76 49.93
CA GLU A 983 -24.81 -28.79 49.51
C GLU A 983 -25.51 -29.28 48.19
N VAL A 984 -24.74 -29.88 47.30
CA VAL A 984 -25.31 -30.34 46.05
C VAL A 984 -26.31 -31.48 46.33
N ASP A 985 -25.90 -32.45 47.19
CA ASP A 985 -26.79 -33.59 47.58
C ASP A 985 -28.10 -33.14 48.22
N LYS A 986 -28.00 -32.17 49.14
CA LYS A 986 -29.14 -31.52 49.77
C LYS A 986 -30.05 -30.94 48.68
N PHE A 987 -29.52 -30.06 47.81
CA PHE A 987 -30.33 -29.46 46.75
C PHE A 987 -31.08 -30.56 45.96
N ASN A 988 -30.38 -31.64 45.64
CA ASN A 988 -30.93 -32.72 44.89
C ASN A 988 -32.05 -33.50 45.59
N LYS A 989 -31.89 -33.73 46.90
CA LYS A 989 -32.94 -34.30 47.75
C LYS A 989 -34.21 -33.47 47.73
N GLU A 990 -34.04 -32.15 47.73
CA GLU A 990 -35.12 -31.17 47.89
C GLU A 990 -35.77 -30.65 46.60
N ASN A 991 -35.29 -31.09 45.44
CA ASN A 991 -35.79 -30.63 44.13
C ASN A 991 -35.98 -31.82 43.21
N CYS A 992 -37.20 -31.98 42.76
CA CYS A 992 -37.45 -33.07 41.89
C CYS A 992 -37.17 -32.78 40.37
N TRP A 993 -37.31 -31.52 39.93
CA TRP A 993 -37.24 -31.15 38.49
C TRP A 993 -36.08 -30.24 38.11
N LYS A 994 -35.16 -30.07 39.06
CA LYS A 994 -33.91 -29.33 38.88
C LYS A 994 -32.90 -30.15 39.63
N LYS A 995 -31.67 -30.27 39.12
CA LYS A 995 -30.64 -31.01 39.86
C LYS A 995 -29.33 -30.29 39.73
N ARG A 996 -28.48 -30.44 40.74
CA ARG A 996 -27.13 -29.85 40.64
C ARG A 996 -26.11 -30.92 40.44
N GLY A 997 -24.98 -30.52 39.85
CA GLY A 997 -23.84 -31.44 39.61
C GLY A 997 -22.53 -30.69 39.91
N LEU A 998 -21.47 -31.41 40.25
CA LEU A 998 -20.19 -30.81 40.68
C LEU A 998 -19.07 -31.74 40.22
N CYS A 999 -18.03 -31.22 39.60
CA CYS A 999 -17.00 -32.13 39.18
C CYS A 999 -15.67 -31.40 39.07
N ILE A 1000 -14.60 -32.10 39.47
CA ILE A 1000 -13.28 -31.43 39.49
C ILE A 1000 -12.41 -32.31 38.62
N ILE A 1001 -11.78 -31.71 37.62
CA ILE A 1001 -10.93 -32.46 36.69
C ILE A 1001 -9.55 -31.78 36.50
N PRO A 1002 -8.50 -32.58 36.34
CA PRO A 1002 -7.17 -32.07 36.12
C PRO A 1002 -6.93 -31.98 34.60
N THR A 1003 -5.84 -31.33 34.18
CA THR A 1003 -5.36 -31.59 32.82
C THR A 1003 -3.83 -31.41 32.71
N LYS A 1004 -3.24 -32.03 31.69
CA LYS A 1004 -1.85 -31.69 31.39
C LYS A 1004 -1.81 -31.57 29.88
N PHE A 1005 -0.94 -30.72 29.40
CA PHE A 1005 -0.89 -30.50 27.95
C PHE A 1005 0.57 -30.27 27.52
N GLY A 1006 1.02 -31.06 26.56
CA GLY A 1006 2.43 -31.07 26.18
C GLY A 1006 2.75 -29.88 25.30
N ILE A 1007 3.91 -29.26 25.59
CA ILE A 1007 4.29 -27.97 24.95
C ILE A 1007 5.43 -28.19 23.95
N SER A 1008 5.09 -28.04 22.68
CA SER A 1008 6.01 -28.09 21.56
C SER A 1008 5.23 -28.47 20.36
N PHE A 1009 5.75 -28.17 19.18
CA PHE A 1009 5.22 -28.76 17.97
C PHE A 1009 5.66 -30.21 17.97
N THR A 1010 4.74 -31.09 17.63
CA THR A 1010 5.04 -32.53 17.55
C THR A 1010 5.90 -32.86 16.33
N VAL A 1011 5.90 -32.00 15.31
CA VAL A 1011 6.88 -32.02 14.20
C VAL A 1011 8.14 -31.31 14.66
N PRO A 1012 9.26 -32.03 14.79
CA PRO A 1012 10.44 -31.43 15.45
C PRO A 1012 10.95 -30.10 14.81
N PHE A 1013 11.04 -30.09 13.49
CA PHE A 1013 11.62 -28.94 12.75
C PHE A 1013 10.82 -27.62 12.91
N LEU A 1014 9.55 -27.71 13.34
CA LEU A 1014 8.75 -26.54 13.55
C LEU A 1014 9.19 -25.74 14.77
N ASN A 1015 9.89 -26.39 15.69
CA ASN A 1015 10.29 -25.75 16.92
C ASN A 1015 11.56 -24.88 16.74
N GLN A 1016 11.42 -23.83 15.92
CA GLN A 1016 12.50 -22.87 15.70
C GLN A 1016 11.81 -21.51 15.53
N ALA A 1017 12.55 -20.45 15.78
CA ALA A 1017 12.01 -19.09 15.82
C ALA A 1017 13.11 -18.08 15.56
N GLY A 1018 12.83 -17.11 14.70
CA GLY A 1018 13.74 -16.00 14.43
C GLY A 1018 13.18 -14.65 14.81
N ALA A 1019 14.08 -13.67 15.05
CA ALA A 1019 13.77 -12.28 15.39
C ALA A 1019 14.75 -11.38 14.63
N LEU A 1020 14.34 -10.14 14.40
CA LEU A 1020 15.21 -9.15 13.79
C LEU A 1020 15.03 -7.91 14.62
N ILE A 1021 16.14 -7.31 15.11
CA ILE A 1021 16.00 -6.09 15.96
C ILE A 1021 16.80 -4.94 15.43
N HIS A 1022 16.22 -3.77 15.30
CA HIS A 1022 17.02 -2.60 14.92
C HIS A 1022 16.98 -1.56 16.05
N VAL A 1023 18.09 -0.87 16.29
CA VAL A 1023 18.01 0.29 17.17
C VAL A 1023 18.31 1.47 16.28
N TYR A 1024 17.38 2.42 16.18
CA TYR A 1024 17.63 3.60 15.39
C TYR A 1024 18.46 4.57 16.21
N THR A 1025 18.95 5.63 15.57
CA THR A 1025 19.91 6.51 16.23
C THR A 1025 19.27 7.44 17.26
N ASP A 1026 17.93 7.51 17.35
CA ASP A 1026 17.31 8.19 18.51
C ASP A 1026 17.23 7.25 19.68
N GLY A 1027 17.76 6.02 19.53
CA GLY A 1027 17.61 5.03 20.55
C GLY A 1027 16.26 4.28 20.59
N SER A 1028 15.27 4.65 19.74
CA SER A 1028 14.09 3.78 19.61
C SER A 1028 14.40 2.43 18.92
N VAL A 1029 13.66 1.37 19.31
CA VAL A 1029 13.99 0.03 18.93
C VAL A 1029 12.78 -0.56 18.15
N LEU A 1030 13.04 -1.17 17.01
CA LEU A 1030 11.98 -1.82 16.28
C LEU A 1030 12.25 -3.28 16.34
N VAL A 1031 11.32 -4.05 16.91
CA VAL A 1031 11.48 -5.49 17.04
C VAL A 1031 10.60 -6.14 16.00
N SER A 1032 11.14 -7.15 15.31
CA SER A 1032 10.33 -7.96 14.44
C SER A 1032 10.62 -9.44 14.80
N HIS A 1033 9.63 -10.33 14.70
CA HIS A 1033 9.89 -11.73 15.03
C HIS A 1033 8.93 -12.55 14.14
N GLY A 1034 9.07 -13.87 14.06
CA GLY A 1034 8.24 -14.66 13.14
C GLY A 1034 6.77 -14.89 13.58
N GLY A 1035 6.46 -14.56 14.84
CA GLY A 1035 5.13 -14.76 15.38
C GLY A 1035 4.12 -13.69 15.00
N THR A 1036 2.83 -14.07 15.01
CA THR A 1036 1.73 -13.16 14.71
C THR A 1036 0.83 -12.89 15.92
N GLU A 1037 0.21 -11.72 15.88
CA GLU A 1037 -0.71 -11.32 16.91
C GLU A 1037 -2.13 -11.65 16.47
N MET A 1038 -2.82 -12.49 17.27
CA MET A 1038 -4.19 -12.77 16.99
C MET A 1038 -5.05 -12.48 18.20
N GLY A 1039 -4.53 -11.72 19.16
CA GLY A 1039 -5.32 -11.31 20.35
C GLY A 1039 -4.71 -11.90 21.62
N GLN A 1040 -3.74 -12.80 21.46
CA GLN A 1040 -3.17 -13.49 22.63
C GLN A 1040 -2.09 -12.65 23.35
N GLY A 1041 -1.77 -11.47 22.79
CA GLY A 1041 -0.80 -10.62 23.47
C GLY A 1041 0.68 -10.97 23.29
N LEU A 1042 0.96 -11.63 22.18
CA LEU A 1042 2.30 -12.06 21.89
C LEU A 1042 3.24 -10.82 21.78
N HIS A 1043 2.82 -9.79 21.03
CA HIS A 1043 3.72 -8.66 20.84
C HIS A 1043 3.92 -7.94 22.15
N THR A 1044 2.83 -7.77 22.89
CA THR A 1044 2.94 -7.27 24.22
C THR A 1044 4.05 -8.02 25.01
N LYS A 1045 3.96 -9.36 25.06
CA LYS A 1045 4.91 -10.17 25.80
C LYS A 1045 6.30 -9.97 25.21
N MET A 1046 6.43 -9.83 23.88
CA MET A 1046 7.77 -9.68 23.25
C MET A 1046 8.44 -8.33 23.56
N VAL A 1047 7.61 -7.27 23.68
CA VAL A 1047 8.10 -5.96 24.08
C VAL A 1047 8.50 -6.04 25.56
N GLN A 1048 7.72 -6.77 26.38
CA GLN A 1048 8.06 -6.90 27.82
C GLN A 1048 9.41 -7.59 27.96
N VAL A 1049 9.63 -8.66 27.18
CA VAL A 1049 10.87 -9.41 27.17
C VAL A 1049 12.05 -8.53 26.71
N ALA A 1050 11.90 -7.83 25.58
CA ALA A 1050 13.02 -7.02 25.06
C ALA A 1050 13.36 -5.90 26.02
N SER A 1051 12.34 -5.30 26.66
CA SER A 1051 12.58 -4.26 27.61
C SER A 1051 13.35 -4.77 28.84
N LYS A 1052 12.98 -5.93 29.34
CA LYS A 1052 13.70 -6.50 30.51
C LYS A 1052 15.16 -6.76 30.08
N ALA A 1053 15.33 -7.48 28.97
CA ALA A 1053 16.64 -7.87 28.47
C ALA A 1053 17.55 -6.67 28.20
N LEU A 1054 17.00 -5.65 27.55
CA LEU A 1054 17.83 -4.46 27.22
C LEU A 1054 17.98 -3.49 28.42
N LYS A 1055 17.19 -3.67 29.46
CA LYS A 1055 17.07 -2.73 30.57
C LYS A 1055 16.72 -1.29 30.13
N ILE A 1056 15.69 -1.19 29.27
CA ILE A 1056 15.08 0.11 28.89
C ILE A 1056 13.54 0.08 29.10
N PRO A 1057 12.87 1.23 29.30
CA PRO A 1057 11.41 1.16 29.37
C PRO A 1057 10.74 0.58 28.09
N ILE A 1058 9.58 -0.05 28.24
CA ILE A 1058 8.87 -0.57 27.02
C ILE A 1058 8.50 0.55 26.03
N SER A 1059 8.34 1.79 26.53
CA SER A 1059 7.96 2.89 25.65
C SER A 1059 9.00 3.12 24.59
N LYS A 1060 10.22 2.59 24.75
CA LYS A 1060 11.22 2.80 23.70
C LYS A 1060 11.21 1.71 22.64
N ILE A 1061 10.29 0.74 22.81
CA ILE A 1061 10.31 -0.45 21.97
C ILE A 1061 9.00 -0.57 21.24
N TYR A 1062 9.05 -1.05 20.01
CA TYR A 1062 7.82 -1.08 19.19
C TYR A 1062 7.86 -2.30 18.28
N ILE A 1063 6.70 -2.92 18.08
CA ILE A 1063 6.51 -3.99 17.07
C ILE A 1063 5.36 -3.51 16.19
N SER A 1064 5.66 -3.39 14.91
CA SER A 1064 4.69 -2.93 13.93
C SER A 1064 3.92 -4.11 13.39
N GLU A 1065 4.60 -5.18 13.00
CA GLU A 1065 3.88 -6.25 12.30
C GLU A 1065 4.79 -7.44 12.09
N THR A 1066 4.25 -8.44 11.40
CA THR A 1066 4.99 -9.65 11.03
C THR A 1066 5.12 -9.68 9.53
N SER A 1067 6.33 -9.93 8.99
CA SER A 1067 6.50 -9.97 7.52
C SER A 1067 7.56 -10.94 7.03
N THR A 1068 7.37 -11.53 5.88
CA THR A 1068 8.39 -12.53 5.40
C THR A 1068 9.69 -11.92 4.92
N ASN A 1069 9.76 -10.59 4.78
CA ASN A 1069 11.05 -10.00 4.40
C ASN A 1069 11.84 -9.45 5.58
N THR A 1070 11.32 -9.64 6.78
CA THR A 1070 12.09 -9.30 7.98
C THR A 1070 12.48 -10.58 8.69
N VAL A 1071 11.53 -11.50 8.93
CA VAL A 1071 11.90 -12.85 9.41
C VAL A 1071 11.37 -13.94 8.43
N PRO A 1072 12.27 -14.66 7.76
CA PRO A 1072 11.87 -15.67 6.81
C PRO A 1072 11.61 -17.03 7.44
N ASN A 1073 10.90 -17.91 6.71
CA ASN A 1073 10.78 -19.35 7.08
C ASN A 1073 10.26 -19.55 8.47
N SER A 1074 9.32 -18.70 8.89
CA SER A 1074 8.75 -18.84 10.23
C SER A 1074 7.77 -20.06 10.31
N SER A 1075 7.73 -20.72 11.44
CA SER A 1075 6.67 -21.65 11.71
C SER A 1075 5.37 -20.86 11.90
N PRO A 1076 4.21 -21.51 11.63
CA PRO A 1076 2.96 -20.82 11.96
C PRO A 1076 2.94 -20.48 13.43
N THR A 1077 2.17 -19.48 13.80
CA THR A 1077 2.04 -19.07 15.20
C THR A 1077 1.04 -20.02 15.83
N ALA A 1078 1.55 -21.01 16.53
CA ALA A 1078 0.67 -22.13 16.86
C ALA A 1078 1.33 -22.98 17.94
N ALA A 1079 0.60 -23.99 18.41
CA ALA A 1079 1.06 -24.92 19.46
C ALA A 1079 1.33 -24.25 20.78
N SER A 1080 0.80 -23.03 21.02
CA SER A 1080 1.01 -22.33 22.30
C SER A 1080 2.51 -22.02 22.65
N VAL A 1081 3.43 -22.27 21.75
CA VAL A 1081 4.86 -22.08 22.06
C VAL A 1081 5.43 -20.74 21.65
N SER A 1082 4.59 -19.86 21.08
CA SER A 1082 5.11 -18.63 20.42
C SER A 1082 5.88 -17.73 21.40
N THR A 1083 5.34 -17.54 22.59
CA THR A 1083 6.05 -16.78 23.61
C THR A 1083 7.40 -17.46 23.96
N ASP A 1084 7.37 -18.78 24.13
CA ASP A 1084 8.62 -19.51 24.49
C ASP A 1084 9.68 -19.28 23.44
N ILE A 1085 9.32 -19.53 22.18
CA ILE A 1085 10.32 -19.57 21.17
C ILE A 1085 10.71 -18.20 20.62
N TYR A 1086 9.72 -17.35 20.28
CA TYR A 1086 10.05 -15.97 19.85
C TYR A 1086 10.67 -15.22 21.00
N GLY A 1087 10.24 -15.51 22.23
CA GLY A 1087 10.85 -14.84 23.45
C GLY A 1087 12.35 -15.10 23.53
N GLN A 1088 12.75 -16.34 23.22
CA GLN A 1088 14.20 -16.70 23.21
C GLN A 1088 14.93 -15.99 22.11
N ALA A 1089 14.41 -16.07 20.89
CA ALA A 1089 14.99 -15.32 19.74
C ALA A 1089 15.07 -13.84 19.98
N VAL A 1090 14.02 -13.24 20.52
CA VAL A 1090 14.08 -11.81 20.89
C VAL A 1090 15.19 -11.55 21.96
N TYR A 1091 15.16 -12.38 23.00
CA TYR A 1091 16.19 -12.34 24.06
C TYR A 1091 17.59 -12.31 23.46
N GLU A 1092 17.88 -13.24 22.54
CA GLU A 1092 19.21 -13.40 21.95
C GLU A 1092 19.62 -12.20 21.10
N ALA A 1093 18.65 -11.65 20.37
CA ALA A 1093 18.95 -10.50 19.56
C ALA A 1093 19.31 -9.35 20.52
N CYS A 1094 18.61 -9.21 21.65
CA CYS A 1094 18.96 -8.18 22.62
C CYS A 1094 20.37 -8.37 23.19
N GLN A 1095 20.76 -9.63 23.43
CA GLN A 1095 22.09 -9.95 24.02
C GLN A 1095 23.14 -9.46 23.04
N THR A 1096 22.89 -9.71 21.77
CA THR A 1096 23.86 -9.24 20.78
C THR A 1096 23.94 -7.72 20.80
N ILE A 1097 22.79 -7.05 20.81
CA ILE A 1097 22.84 -5.62 20.87
C ILE A 1097 23.68 -5.16 22.12
N LEU A 1098 23.36 -5.73 23.29
CA LEU A 1098 24.00 -5.37 24.59
C LEU A 1098 25.51 -5.52 24.50
N LYS A 1099 25.96 -6.59 23.86
CA LYS A 1099 27.41 -6.79 23.63
C LYS A 1099 28.03 -5.72 22.71
N ARG A 1100 27.31 -5.29 21.67
CA ARG A 1100 27.84 -4.26 20.78
C ARG A 1100 27.90 -2.90 21.51
N LEU A 1101 26.93 -2.65 22.39
CA LEU A 1101 26.91 -1.43 23.16
C LEU A 1101 27.91 -1.37 24.37
N GLU A 1102 28.38 -2.53 24.83
CA GLU A 1102 29.10 -2.63 26.13
C GLU A 1102 30.32 -1.68 26.20
N PRO A 1103 31.19 -1.71 25.19
CA PRO A 1103 32.31 -0.72 25.23
C PRO A 1103 31.90 0.73 25.46
N PHE A 1104 30.76 1.15 24.88
CA PHE A 1104 30.27 2.55 24.97
C PHE A 1104 29.71 2.79 26.36
N LYS A 1105 29.04 1.76 26.85
CA LYS A 1105 28.55 1.79 28.20
C LYS A 1105 29.77 1.96 29.19
N LYS A 1106 30.83 1.19 28.97
CA LYS A 1106 32.04 1.27 29.78
C LYS A 1106 32.69 2.66 29.78
N LYS A 1107 32.85 3.26 28.58
CA LYS A 1107 33.35 4.63 28.42
C LYS A 1107 32.49 5.68 29.09
N ASN A 1108 31.20 5.46 29.17
CA ASN A 1108 30.33 6.55 29.63
C ASN A 1108 29.26 5.97 30.53
N PRO A 1109 29.67 5.37 31.67
CA PRO A 1109 28.75 4.61 32.54
C PRO A 1109 27.63 5.42 33.12
N ASP A 1110 27.78 6.74 33.17
CA ASP A 1110 26.73 7.60 33.65
C ASP A 1110 25.86 8.20 32.53
N GLY A 1111 26.18 7.87 31.27
CA GLY A 1111 25.41 8.34 30.11
C GLY A 1111 24.08 7.58 29.97
N SER A 1112 23.24 8.02 29.02
CA SER A 1112 21.91 7.42 28.78
C SER A 1112 22.02 6.36 27.70
N TRP A 1113 20.96 5.57 27.57
CA TRP A 1113 20.82 4.58 26.48
C TRP A 1113 21.05 5.37 25.16
N GLU A 1114 20.46 6.54 25.07
CA GLU A 1114 20.51 7.35 23.84
C GLU A 1114 21.94 7.73 23.55
N ASP A 1115 22.71 8.10 24.59
CA ASP A 1115 24.11 8.46 24.41
C ASP A 1115 24.88 7.28 23.86
N TRP A 1116 24.64 6.08 24.40
CA TRP A 1116 25.46 4.94 23.98
C TRP A 1116 25.19 4.54 22.56
N VAL A 1117 23.92 4.58 22.20
CA VAL A 1117 23.46 4.21 20.84
C VAL A 1117 24.06 5.20 19.85
N MET A 1118 23.99 6.49 20.14
CA MET A 1118 24.59 7.46 19.21
C MET A 1118 26.10 7.24 19.07
N ALA A 1119 26.78 6.94 20.18
CA ALA A 1119 28.22 6.74 20.11
C ALA A 1119 28.51 5.46 19.36
N ALA A 1120 27.67 4.43 19.54
CA ALA A 1120 27.95 3.19 18.74
C ALA A 1120 27.79 3.51 17.25
N TYR A 1121 26.76 4.29 16.95
CA TYR A 1121 26.48 4.63 15.52
C TYR A 1121 27.65 5.43 14.91
N GLN A 1122 28.06 6.49 15.61
CA GLN A 1122 29.21 7.34 15.20
C GLN A 1122 30.49 6.54 15.11
N ASP A 1123 30.60 5.46 15.90
CA ASP A 1123 31.77 4.57 15.80
C ASP A 1123 31.62 3.48 14.73
N ARG A 1124 30.55 3.55 13.95
CA ARG A 1124 30.30 2.52 12.91
C ARG A 1124 30.24 1.13 13.49
N VAL A 1125 29.45 1.02 14.54
CA VAL A 1125 29.10 -0.30 15.07
C VAL A 1125 27.64 -0.60 14.63
N SER A 1126 27.43 -1.77 14.07
CA SER A 1126 26.06 -2.14 13.69
C SER A 1126 25.02 -2.19 14.83
N LEU A 1127 23.88 -1.53 14.63
CA LEU A 1127 22.80 -1.64 15.61
C LEU A 1127 21.61 -2.47 15.06
N SER A 1128 21.94 -3.47 14.26
CA SER A 1128 20.92 -4.39 13.77
C SER A 1128 21.45 -5.83 13.90
N THR A 1129 20.60 -6.72 14.34
CA THR A 1129 20.95 -8.12 14.40
C THR A 1129 19.74 -9.05 14.37
N THR A 1130 19.97 -10.27 13.94
CA THR A 1130 19.00 -11.35 14.08
C THR A 1130 19.21 -12.02 15.46
N GLY A 1131 18.22 -12.84 15.87
CA GLY A 1131 18.27 -13.71 17.06
C GLY A 1131 17.54 -14.98 16.58
N PHE A 1132 17.90 -16.12 17.15
CA PHE A 1132 17.31 -17.35 16.74
C PHE A 1132 17.27 -18.30 17.93
N TYR A 1133 16.32 -19.23 17.91
CA TYR A 1133 16.16 -20.26 18.96
C TYR A 1133 15.60 -21.54 18.34
N ARG A 1134 16.17 -22.66 18.80
CA ARG A 1134 15.62 -23.97 18.44
C ARG A 1134 15.49 -24.79 19.73
N THR A 1135 14.30 -25.31 19.97
CA THR A 1135 14.04 -26.01 21.24
C THR A 1135 14.92 -27.28 21.39
N PRO A 1136 15.67 -27.43 22.53
CA PRO A 1136 16.65 -28.54 22.57
C PRO A 1136 15.97 -29.87 22.91
N ASN A 1137 16.62 -31.00 22.57
CA ASN A 1137 16.28 -32.36 23.13
C ASN A 1137 14.87 -32.87 22.82
N LEU A 1138 14.41 -32.65 21.60
CA LEU A 1138 13.08 -33.08 21.16
C LEU A 1138 13.23 -34.07 20.06
N GLY A 1139 12.37 -35.06 20.03
CA GLY A 1139 12.41 -36.05 18.95
C GLY A 1139 11.79 -37.38 19.36
N TYR A 1140 10.47 -37.43 19.31
CA TYR A 1140 9.77 -38.66 19.67
C TYR A 1140 9.72 -39.50 18.46
N SER A 1141 9.79 -40.81 18.69
CA SER A 1141 9.65 -41.77 17.61
C SER A 1141 8.48 -42.70 17.93
N PHE A 1142 7.55 -42.86 17.00
CA PHE A 1142 6.49 -43.85 17.22
C PHE A 1142 6.98 -45.29 17.15
N GLU A 1143 7.99 -45.55 16.31
CA GLU A 1143 8.59 -46.91 16.21
C GLU A 1143 9.23 -47.40 17.54
N THR A 1144 9.97 -46.55 18.25
CA THR A 1144 10.58 -47.02 19.49
C THR A 1144 9.83 -46.60 20.73
N ASN A 1145 8.77 -45.76 20.58
CA ASN A 1145 8.11 -45.19 21.78
C ASN A 1145 9.08 -44.59 22.76
N SER A 1146 9.96 -43.70 22.27
CA SER A 1146 10.90 -42.96 23.16
C SER A 1146 11.35 -41.66 22.52
N GLY A 1147 12.06 -40.83 23.28
CA GLY A 1147 12.45 -39.51 22.81
C GLY A 1147 11.36 -38.50 23.24
N ASN A 1148 11.76 -37.30 23.58
CA ASN A 1148 10.83 -36.33 24.13
C ASN A 1148 9.88 -35.82 23.05
N ALA A 1149 8.59 -36.01 23.23
CA ALA A 1149 7.62 -35.35 22.33
C ALA A 1149 7.48 -33.86 22.66
N PHE A 1150 7.59 -33.50 23.94
CA PHE A 1150 7.36 -32.12 24.38
C PHE A 1150 8.51 -31.64 25.22
N HIS A 1151 8.61 -30.31 25.35
CA HIS A 1151 9.67 -29.72 26.13
C HIS A 1151 9.31 -29.75 27.59
N TYR A 1152 8.03 -29.57 27.88
CA TYR A 1152 7.49 -29.65 29.24
C TYR A 1152 5.97 -29.69 29.06
N PHE A 1153 5.24 -29.71 30.16
CA PHE A 1153 3.78 -29.75 30.12
C PHE A 1153 3.26 -28.58 30.94
N THR A 1154 2.17 -28.03 30.49
CA THR A 1154 1.43 -27.07 31.29
C THR A 1154 0.28 -27.82 31.95
N TYR A 1155 -0.07 -27.38 33.16
CA TYR A 1155 -0.99 -28.14 34.01
C TYR A 1155 -2.06 -27.23 34.58
N GLY A 1156 -3.20 -27.82 34.99
CA GLY A 1156 -4.20 -27.05 35.74
C GLY A 1156 -5.34 -27.94 36.15
N VAL A 1157 -6.21 -27.39 37.01
CA VAL A 1157 -7.32 -28.11 37.54
C VAL A 1157 -8.51 -27.14 37.51
N ALA A 1158 -9.69 -27.67 37.21
CA ALA A 1158 -10.92 -26.90 37.32
C ALA A 1158 -12.02 -27.68 38.03
N CYS A 1159 -12.67 -26.97 38.93
CA CYS A 1159 -13.88 -27.47 39.58
C CYS A 1159 -15.06 -26.61 39.09
N SER A 1160 -16.12 -27.24 38.59
CA SER A 1160 -17.33 -26.52 38.14
C SER A 1160 -18.58 -27.15 38.74
N GLU A 1161 -19.56 -26.29 39.02
CA GLU A 1161 -20.90 -26.70 39.47
C GLU A 1161 -21.97 -26.15 38.55
N VAL A 1162 -22.99 -26.95 38.27
CA VAL A 1162 -24.06 -26.53 37.39
C VAL A 1162 -25.41 -26.86 38.06
N GLU A 1163 -26.47 -26.24 37.58
CA GLU A 1163 -27.82 -26.65 37.93
C GLU A 1163 -28.52 -26.83 36.58
N ILE A 1164 -29.15 -27.97 36.42
CA ILE A 1164 -29.87 -28.25 35.19
C ILE A 1164 -31.35 -28.18 35.48
N ASP A 1165 -32.10 -27.82 34.45
CA ASP A 1165 -33.53 -27.88 34.47
C ASP A 1165 -33.91 -29.18 33.77
N CYS A 1166 -34.34 -30.16 34.55
CA CYS A 1166 -34.63 -31.49 34.02
C CYS A 1166 -35.83 -31.49 33.10
N LEU A 1167 -36.64 -30.43 33.15
CA LEU A 1167 -37.82 -30.42 32.30
C LEU A 1167 -37.54 -29.76 30.93
N THR A 1168 -36.50 -28.94 30.82
CA THR A 1168 -36.21 -28.22 29.54
C THR A 1168 -34.81 -28.54 28.96
N GLY A 1169 -33.84 -28.92 29.76
CA GLY A 1169 -32.51 -29.15 29.15
C GLY A 1169 -31.62 -27.91 29.33
N ASP A 1170 -32.22 -26.80 29.76
CA ASP A 1170 -31.45 -25.59 30.14
C ASP A 1170 -30.58 -25.84 31.37
N HIS A 1171 -29.51 -25.07 31.53
CA HIS A 1171 -28.71 -25.22 32.73
C HIS A 1171 -27.98 -23.91 33.04
N LYS A 1172 -27.63 -23.75 34.31
CA LYS A 1172 -26.83 -22.60 34.70
C LYS A 1172 -25.47 -23.13 35.02
N ASN A 1173 -24.46 -22.36 34.69
CA ASN A 1173 -23.09 -22.51 35.14
C ASN A 1173 -22.91 -21.65 36.42
N LEU A 1174 -23.04 -22.28 37.58
CA LEU A 1174 -23.15 -21.58 38.85
C LEU A 1174 -21.79 -21.11 39.27
N ARG A 1175 -20.76 -21.97 39.18
CA ARG A 1175 -19.45 -21.62 39.72
C ARG A 1175 -18.37 -22.48 39.14
N THR A 1176 -17.24 -21.83 38.84
CA THR A 1176 -16.06 -22.54 38.37
C THR A 1176 -14.83 -21.94 39.07
N ASP A 1177 -13.92 -22.80 39.53
CA ASP A 1177 -12.64 -22.41 40.15
C ASP A 1177 -11.55 -23.12 39.38
N ILE A 1178 -10.54 -22.36 38.94
CA ILE A 1178 -9.44 -22.89 38.15
C ILE A 1178 -8.14 -22.55 38.86
N VAL A 1179 -7.23 -23.51 38.85
CA VAL A 1179 -5.90 -23.25 39.31
C VAL A 1179 -5.01 -23.69 38.19
N MET A 1180 -4.20 -22.78 37.66
CA MET A 1180 -3.43 -23.07 36.48
C MET A 1180 -1.94 -22.87 36.72
N ASP A 1181 -1.12 -23.83 36.32
CA ASP A 1181 0.28 -23.65 36.47
C ASP A 1181 0.77 -23.06 35.15
N VAL A 1182 1.11 -21.77 35.18
CA VAL A 1182 1.79 -21.16 34.02
C VAL A 1182 3.21 -20.70 34.35
N GLY A 1183 3.88 -21.45 35.23
CA GLY A 1183 5.17 -21.08 35.75
C GLY A 1183 5.14 -19.68 36.35
N SER A 1184 6.23 -18.97 36.19
CA SER A 1184 6.31 -17.56 36.52
C SER A 1184 5.73 -16.77 35.34
N SER A 1185 4.47 -16.36 35.45
CA SER A 1185 3.79 -15.70 34.32
C SER A 1185 4.63 -14.51 33.78
N LEU A 1186 4.79 -14.36 32.46
CA LEU A 1186 5.34 -13.06 31.99
C LEU A 1186 4.37 -11.93 32.17
N ASN A 1187 3.07 -12.25 32.25
CA ASN A 1187 2.04 -11.23 32.26
C ASN A 1187 0.78 -11.86 32.75
N PRO A 1188 0.49 -11.67 34.03
CA PRO A 1188 -0.58 -12.45 34.60
C PRO A 1188 -1.94 -11.94 34.16
N ALA A 1189 -2.05 -10.69 33.72
CA ALA A 1189 -3.34 -10.22 33.14
C ALA A 1189 -3.68 -10.98 31.86
N ILE A 1190 -2.69 -11.04 30.98
CA ILE A 1190 -2.79 -11.73 29.67
C ILE A 1190 -2.92 -13.27 29.85
N ASP A 1191 -2.19 -13.84 30.82
CA ASP A 1191 -2.31 -15.27 31.09
C ASP A 1191 -3.64 -15.62 31.73
N ILE A 1192 -4.13 -14.84 32.68
CA ILE A 1192 -5.48 -15.15 33.17
C ILE A 1192 -6.49 -14.99 32.00
N GLY A 1193 -6.26 -14.02 31.11
CA GLY A 1193 -7.26 -13.83 30.02
C GLY A 1193 -7.23 -15.07 29.11
N GLN A 1194 -6.06 -15.66 28.98
CA GLN A 1194 -5.93 -16.81 28.12
C GLN A 1194 -6.58 -17.96 28.80
N VAL A 1195 -6.37 -18.13 30.11
CA VAL A 1195 -7.09 -19.16 30.85
C VAL A 1195 -8.60 -19.05 30.70
N GLU A 1196 -9.13 -17.85 30.92
CA GLU A 1196 -10.57 -17.67 30.90
C GLU A 1196 -11.08 -17.83 29.46
N GLY A 1197 -10.39 -17.24 28.49
CA GLY A 1197 -10.81 -17.37 27.09
C GLY A 1197 -10.82 -18.82 26.62
N ALA A 1198 -9.75 -19.57 26.91
CA ALA A 1198 -9.66 -20.98 26.50
C ALA A 1198 -10.76 -21.78 27.21
N PHE A 1199 -10.87 -21.55 28.52
CA PHE A 1199 -11.86 -22.27 29.30
C PHE A 1199 -13.25 -22.14 28.62
N VAL A 1200 -13.62 -20.89 28.29
CA VAL A 1200 -14.95 -20.60 27.68
C VAL A 1200 -15.11 -21.21 26.27
N GLN A 1201 -14.07 -21.20 25.44
CA GLN A 1201 -14.12 -21.99 24.22
C GLN A 1201 -14.35 -23.47 24.49
N GLY A 1202 -13.72 -23.99 25.55
CA GLY A 1202 -13.94 -25.36 25.94
C GLY A 1202 -15.37 -25.63 26.35
N LEU A 1203 -15.85 -24.74 27.22
CA LEU A 1203 -17.24 -24.75 27.64
C LEU A 1203 -18.19 -24.74 26.42
N GLY A 1204 -17.90 -23.93 25.40
CA GLY A 1204 -18.76 -23.95 24.21
C GLY A 1204 -18.69 -25.29 23.46
N LEU A 1205 -17.45 -25.81 23.29
CA LEU A 1205 -17.20 -27.12 22.63
C LEU A 1205 -18.05 -28.24 23.31
N PHE A 1206 -18.07 -28.25 24.63
CA PHE A 1206 -18.64 -29.35 25.37
C PHE A 1206 -20.15 -29.19 25.73
N THR A 1207 -20.70 -27.98 25.57
CA THR A 1207 -22.05 -27.75 26.05
C THR A 1207 -22.96 -26.94 25.15
N LEU A 1208 -22.45 -26.24 24.12
CA LEU A 1208 -23.32 -25.33 23.37
C LEU A 1208 -23.22 -25.46 21.85
N GLU A 1209 -22.00 -25.69 21.37
CA GLU A 1209 -21.66 -25.50 20.00
C GLU A 1209 -21.84 -26.83 19.27
N GLU A 1210 -22.62 -26.78 18.23
CA GLU A 1210 -22.96 -27.97 17.51
C GLU A 1210 -23.17 -27.61 16.09
N LEU A 1211 -22.50 -28.29 15.17
CA LEU A 1211 -22.74 -28.09 13.72
C LEU A 1211 -23.68 -29.21 13.17
N HIS A 1212 -24.66 -28.85 12.34
CA HIS A 1212 -25.61 -29.84 11.82
C HIS A 1212 -25.43 -29.86 10.36
N TYR A 1213 -25.35 -31.07 9.84
CA TYR A 1213 -25.24 -31.38 8.38
C TYR A 1213 -26.45 -32.18 7.87
N SER A 1214 -26.94 -31.87 6.67
CA SER A 1214 -27.91 -32.75 6.04
C SER A 1214 -27.26 -34.13 5.82
N PRO A 1215 -28.09 -35.21 5.61
CA PRO A 1215 -27.48 -36.50 5.35
C PRO A 1215 -26.59 -36.50 4.09
N GLU A 1216 -26.87 -35.58 3.15
CA GLU A 1216 -26.05 -35.41 1.92
C GLU A 1216 -24.78 -34.57 2.16
N GLY A 1217 -24.55 -34.12 3.41
CA GLY A 1217 -23.28 -33.48 3.75
C GLY A 1217 -23.21 -31.96 3.51
N SER A 1218 -24.40 -31.35 3.52
CA SER A 1218 -24.50 -29.88 3.38
C SER A 1218 -24.72 -29.27 4.78
N LEU A 1219 -23.82 -28.34 5.18
CA LEU A 1219 -23.87 -27.74 6.51
C LEU A 1219 -25.16 -26.91 6.68
N HIS A 1220 -25.98 -27.18 7.72
CA HIS A 1220 -27.14 -26.31 8.00
C HIS A 1220 -26.77 -25.02 8.77
N THR A 1221 -25.81 -25.15 9.68
CA THR A 1221 -25.55 -24.11 10.67
C THR A 1221 -24.39 -23.22 10.17
N ARG A 1222 -24.72 -22.04 9.65
CA ARG A 1222 -23.74 -21.19 8.94
C ARG A 1222 -23.73 -19.76 9.43
N GLY A 1223 -24.27 -19.53 10.62
CA GLY A 1223 -24.09 -18.22 11.28
C GLY A 1223 -24.41 -18.24 12.75
N PRO A 1224 -24.19 -17.10 13.45
CA PRO A 1224 -24.42 -17.13 14.92
C PRO A 1224 -25.90 -17.39 15.29
N SER A 1225 -26.84 -17.23 14.35
CA SER A 1225 -28.28 -17.56 14.66
C SER A 1225 -28.43 -19.06 15.02
N THR A 1226 -27.68 -19.91 14.34
CA THR A 1226 -27.90 -21.36 14.49
C THR A 1226 -26.70 -22.01 15.07
N TYR A 1227 -25.56 -21.33 15.05
CA TYR A 1227 -24.37 -21.93 15.69
C TYR A 1227 -24.09 -21.13 16.96
N LYS A 1228 -24.15 -21.76 18.14
CA LYS A 1228 -24.21 -20.93 19.34
C LYS A 1228 -22.96 -21.03 20.21
N ILE A 1229 -22.11 -20.00 20.16
CA ILE A 1229 -20.91 -19.98 20.99
C ILE A 1229 -21.36 -19.37 22.34
N PRO A 1230 -20.51 -19.46 23.37
CA PRO A 1230 -20.88 -18.86 24.66
C PRO A 1230 -21.16 -17.36 24.50
N ALA A 1231 -22.21 -16.94 25.16
CA ALA A 1231 -22.68 -15.56 25.20
C ALA A 1231 -22.17 -14.95 26.50
N PHE A 1232 -22.38 -13.65 26.69
CA PHE A 1232 -22.02 -13.00 28.02
C PHE A 1232 -22.69 -13.77 29.17
N GLY A 1233 -23.96 -14.14 28.99
CA GLY A 1233 -24.74 -14.85 30.04
C GLY A 1233 -24.36 -16.34 30.22
N SER A 1234 -23.40 -16.83 29.43
CA SER A 1234 -23.03 -18.25 29.43
C SER A 1234 -21.99 -18.59 30.45
N ILE A 1235 -21.25 -17.60 30.96
CA ILE A 1235 -20.08 -17.91 31.73
C ILE A 1235 -20.44 -18.29 33.17
N PRO A 1236 -19.48 -18.90 33.87
CA PRO A 1236 -19.90 -19.24 35.24
C PRO A 1236 -20.23 -17.98 36.06
N THR A 1237 -21.35 -17.95 36.78
CA THR A 1237 -21.72 -16.73 37.53
C THR A 1237 -20.67 -16.33 38.61
N GLU A 1238 -20.15 -17.32 39.29
CA GLU A 1238 -18.98 -17.11 40.14
C GLU A 1238 -17.75 -17.77 39.43
N PHE A 1239 -16.76 -16.96 39.08
CA PHE A 1239 -15.71 -17.38 38.17
C PHE A 1239 -14.37 -16.99 38.76
N ARG A 1240 -13.62 -17.98 39.25
CA ARG A 1240 -12.38 -17.71 40.00
C ARG A 1240 -11.18 -18.34 39.31
N VAL A 1241 -10.11 -17.56 39.12
CA VAL A 1241 -8.96 -18.13 38.45
C VAL A 1241 -7.74 -17.83 39.33
N SER A 1242 -6.91 -18.83 39.60
CA SER A 1242 -5.64 -18.58 40.28
C SER A 1242 -4.47 -19.13 39.48
N LEU A 1243 -3.39 -18.35 39.44
CA LEU A 1243 -2.17 -18.85 38.82
C LEU A 1243 -1.35 -19.39 39.98
N LEU A 1244 -0.92 -20.64 39.84
CA LEU A 1244 -0.11 -21.33 40.86
C LEU A 1244 1.12 -20.47 41.27
N ARG A 1245 1.28 -20.19 42.56
CA ARG A 1245 2.49 -19.48 43.09
C ARG A 1245 3.75 -20.36 43.16
N ASP A 1246 4.93 -19.71 43.02
CA ASP A 1246 6.26 -20.36 43.19
C ASP A 1246 6.43 -21.67 42.43
N CYS A 1247 6.28 -21.57 41.11
CA CYS A 1247 6.55 -22.70 40.28
C CYS A 1247 7.39 -22.29 39.06
N PRO A 1248 8.59 -21.68 39.29
CA PRO A 1248 9.41 -21.34 38.08
C PRO A 1248 9.63 -22.55 37.17
N ASN A 1249 9.54 -22.34 35.84
CA ASN A 1249 9.74 -23.36 34.86
C ASN A 1249 11.07 -23.00 34.22
N LYS A 1250 12.09 -23.82 34.51
CA LYS A 1250 13.47 -23.49 34.05
C LYS A 1250 13.58 -23.79 32.55
N LYS A 1251 12.61 -24.49 32.00
CA LYS A 1251 12.68 -24.84 30.56
C LYS A 1251 12.23 -23.71 29.56
N ALA A 1252 11.74 -22.58 30.05
CA ALA A 1252 11.34 -21.47 29.15
C ALA A 1252 11.69 -20.07 29.64
N ILE A 1253 11.59 -19.13 28.69
CA ILE A 1253 11.88 -17.73 28.84
C ILE A 1253 11.41 -17.13 30.16
N TYR A 1254 12.36 -16.57 30.92
CA TYR A 1254 12.09 -16.05 32.28
C TYR A 1254 11.18 -16.89 33.18
N ALA A 1255 11.31 -18.19 33.01
CA ALA A 1255 10.65 -19.17 33.90
C ALA A 1255 9.11 -19.28 33.71
N SER A 1256 8.63 -18.85 32.52
CA SER A 1256 7.19 -18.84 32.24
C SER A 1256 6.81 -20.19 31.61
N LYS A 1257 5.50 -20.40 31.33
CA LYS A 1257 4.99 -21.60 30.60
C LYS A 1257 3.97 -21.14 29.55
N ALA A 1258 3.92 -21.83 28.44
CA ALA A 1258 2.86 -21.71 27.43
C ALA A 1258 1.47 -21.83 28.08
N VAL A 1259 0.55 -21.00 27.62
CA VAL A 1259 -0.79 -20.89 28.23
C VAL A 1259 -1.91 -20.99 27.21
N GLY A 1260 -1.65 -20.80 25.94
CA GLY A 1260 -2.77 -20.54 25.01
C GLY A 1260 -3.81 -21.67 24.90
N GLU A 1261 -3.34 -22.92 24.71
CA GLU A 1261 -4.26 -24.07 24.53
C GLU A 1261 -4.53 -24.90 25.81
N PRO A 1262 -3.52 -25.07 26.70
CA PRO A 1262 -3.69 -25.96 27.87
C PRO A 1262 -4.96 -25.80 28.67
N PRO A 1263 -5.47 -24.56 28.90
CA PRO A 1263 -6.69 -24.47 29.73
C PRO A 1263 -8.00 -24.84 29.05
N LEU A 1264 -8.02 -25.01 27.72
CA LEU A 1264 -9.33 -25.19 27.06
C LEU A 1264 -10.03 -26.47 27.53
N PHE A 1265 -9.28 -27.56 27.69
CA PHE A 1265 -9.92 -28.79 28.14
C PHE A 1265 -10.62 -28.68 29.48
N LEU A 1266 -10.19 -27.72 30.31
CA LEU A 1266 -10.81 -27.56 31.61
C LEU A 1266 -12.29 -27.19 31.58
N GLY A 1267 -12.77 -26.69 30.43
CA GLY A 1267 -14.20 -26.47 30.23
C GLY A 1267 -14.97 -27.77 30.29
N ALA A 1268 -14.28 -28.91 30.17
CA ALA A 1268 -14.97 -30.22 30.30
C ALA A 1268 -15.45 -30.42 31.76
N SER A 1269 -14.91 -29.63 32.71
CA SER A 1269 -15.46 -29.72 34.07
C SER A 1269 -16.98 -29.41 34.09
N VAL A 1270 -17.45 -28.56 33.18
CA VAL A 1270 -18.87 -28.22 33.09
C VAL A 1270 -19.61 -29.42 32.52
N PHE A 1271 -19.04 -30.05 31.50
CA PHE A 1271 -19.68 -31.20 30.92
C PHE A 1271 -19.87 -32.33 32.00
N PHE A 1272 -18.82 -32.62 32.79
CA PHE A 1272 -18.91 -33.70 33.77
C PHE A 1272 -19.76 -33.32 34.99
N ALA A 1273 -19.79 -32.04 35.35
CA ALA A 1273 -20.78 -31.52 36.30
C ALA A 1273 -22.24 -31.77 35.78
N ILE A 1274 -22.50 -31.45 34.53
CA ILE A 1274 -23.76 -31.75 33.89
C ILE A 1274 -24.11 -33.24 33.94
N LYS A 1275 -23.16 -34.11 33.63
CA LYS A 1275 -23.41 -35.52 33.68
C LYS A 1275 -23.74 -36.00 35.14
N ASP A 1276 -23.03 -35.48 36.14
CA ASP A 1276 -23.32 -35.71 37.58
C ASP A 1276 -24.80 -35.31 37.82
N ALA A 1277 -25.22 -34.17 37.30
CA ALA A 1277 -26.61 -33.71 37.52
C ALA A 1277 -27.61 -34.64 36.84
N ILE A 1278 -27.25 -35.07 35.62
CA ILE A 1278 -28.14 -35.98 34.92
C ILE A 1278 -28.33 -37.29 35.68
N ARG A 1279 -27.25 -37.80 36.28
CA ARG A 1279 -27.31 -39.04 37.08
C ARG A 1279 -28.29 -38.85 38.26
N ALA A 1280 -28.25 -37.68 38.88
CA ALA A 1280 -29.21 -37.40 39.94
C ALA A 1280 -30.69 -37.34 39.41
N ALA A 1281 -30.90 -36.76 38.24
CA ALA A 1281 -32.24 -36.76 37.63
C ALA A 1281 -32.68 -38.17 37.32
N ARG A 1282 -31.78 -39.00 36.79
CA ARG A 1282 -32.16 -40.35 36.40
C ARG A 1282 -32.45 -41.21 37.65
N ALA A 1283 -31.69 -41.05 38.72
CA ALA A 1283 -32.00 -41.71 39.99
C ALA A 1283 -33.41 -41.27 40.43
N GLN A 1284 -33.77 -40.01 40.22
CA GLN A 1284 -35.07 -39.49 40.67
C GLN A 1284 -36.28 -40.14 39.91
N HIS A 1285 -36.22 -40.15 38.59
CA HIS A 1285 -37.36 -40.60 37.76
C HIS A 1285 -37.16 -41.82 36.85
N THR A 1286 -35.94 -42.31 36.74
CA THR A 1286 -35.69 -43.35 35.71
C THR A 1286 -35.39 -44.69 36.36
N ASN A 1287 -34.37 -44.73 37.21
CA ASN A 1287 -33.74 -45.99 37.69
C ASN A 1287 -33.58 -46.12 39.20
N ASN A 1288 -33.44 -47.38 39.63
CA ASN A 1288 -32.85 -47.72 40.93
C ASN A 1288 -31.38 -48.14 40.82
N ASN A 1289 -30.98 -48.43 39.57
CA ASN A 1289 -29.63 -48.90 39.24
C ASN A 1289 -28.59 -47.79 39.44
N THR A 1290 -27.97 -47.73 40.61
CA THR A 1290 -27.01 -46.65 40.87
C THR A 1290 -25.58 -46.86 40.28
N LYS A 1291 -25.36 -48.02 39.63
CA LYS A 1291 -24.12 -48.30 38.84
C LYS A 1291 -24.39 -48.30 37.33
N GLU A 1292 -25.54 -47.77 36.92
CA GLU A 1292 -25.90 -47.64 35.51
C GLU A 1292 -24.94 -46.72 34.78
N LEU A 1293 -24.59 -47.06 33.55
CA LEU A 1293 -23.74 -46.20 32.75
C LEU A 1293 -24.48 -45.75 31.51
N PHE A 1294 -24.88 -44.49 31.47
CA PHE A 1294 -25.56 -44.04 30.28
C PHE A 1294 -24.62 -43.22 29.42
N ARG A 1295 -24.81 -43.33 28.13
CA ARG A 1295 -23.91 -42.65 27.20
C ARG A 1295 -24.29 -41.15 27.07
N LEU A 1296 -23.34 -40.23 27.34
CA LEU A 1296 -23.55 -38.82 27.04
C LEU A 1296 -22.43 -38.33 26.10
N ASP A 1297 -22.79 -38.05 24.87
CA ASP A 1297 -21.82 -37.54 23.92
C ASP A 1297 -21.70 -36.01 24.12
N SER A 1298 -20.66 -35.44 23.52
CA SER A 1298 -20.44 -34.01 23.47
C SER A 1298 -20.86 -33.51 22.11
N PRO A 1299 -21.50 -32.34 22.03
CA PRO A 1299 -21.73 -31.47 23.18
C PRO A 1299 -22.99 -31.86 24.03
N ALA A 1300 -22.97 -31.59 25.31
CA ALA A 1300 -24.17 -31.83 26.09
C ALA A 1300 -25.03 -30.61 26.00
N THR A 1301 -25.78 -30.53 24.90
CA THR A 1301 -26.70 -29.44 24.60
C THR A 1301 -28.05 -29.64 25.35
N PRO A 1302 -28.96 -28.64 25.36
CA PRO A 1302 -30.26 -28.90 26.00
C PRO A 1302 -30.93 -30.17 25.49
N GLU A 1303 -30.80 -30.45 24.19
CA GLU A 1303 -31.35 -31.67 23.60
C GLU A 1303 -30.87 -32.94 24.31
N LYS A 1304 -29.56 -33.03 24.56
CA LYS A 1304 -28.99 -34.25 25.07
C LYS A 1304 -29.26 -34.34 26.56
N ILE A 1305 -29.25 -33.18 27.23
CA ILE A 1305 -29.52 -33.15 28.63
C ILE A 1305 -31.00 -33.53 28.89
N ARG A 1306 -31.96 -32.88 28.22
CA ARG A 1306 -33.38 -33.20 28.40
C ARG A 1306 -33.69 -34.66 28.05
N ASN A 1307 -33.23 -35.12 26.90
CA ASN A 1307 -33.47 -36.54 26.51
C ASN A 1307 -32.87 -37.53 27.53
N ALA A 1308 -31.82 -37.14 28.26
CA ALA A 1308 -31.29 -38.07 29.22
C ALA A 1308 -32.07 -38.07 30.52
N CYS A 1309 -32.90 -37.04 30.74
CA CYS A 1309 -33.66 -36.90 31.95
C CYS A 1309 -34.95 -37.68 31.76
N VAL A 1310 -34.78 -38.99 31.59
CA VAL A 1310 -35.89 -39.92 31.24
C VAL A 1310 -36.91 -39.91 32.39
N ASP A 1311 -38.18 -39.78 32.04
CA ASP A 1311 -39.24 -39.55 33.05
C ASP A 1311 -40.57 -39.88 32.40
N LYS A 1312 -41.67 -39.56 33.07
CA LYS A 1312 -43.02 -39.88 32.53
C LYS A 1312 -43.31 -39.14 31.18
N PHE A 1313 -42.65 -38.02 30.92
CA PHE A 1313 -42.95 -37.28 29.67
C PHE A 1313 -42.17 -37.80 28.44
N THR A 1314 -40.86 -38.02 28.60
CA THR A 1314 -40.03 -38.65 27.57
C THR A 1314 -40.59 -40.01 27.19
N THR A 1315 -41.00 -40.78 28.18
CA THR A 1315 -41.73 -42.07 28.00
C THR A 1315 -42.95 -41.99 27.06
N LEU A 1316 -43.81 -40.99 27.25
CA LEU A 1316 -44.85 -40.68 26.28
C LEU A 1316 -44.37 -40.23 24.87
N CYS A 1317 -43.12 -39.81 24.69
CA CYS A 1317 -42.64 -39.13 23.44
C CYS A 1317 -41.57 -39.79 22.52
N VAL A 1318 -40.81 -40.75 23.11
CA VAL A 1318 -39.72 -41.43 22.40
C VAL A 1318 -40.32 -42.16 21.18
N THR A 1319 -39.67 -41.98 20.01
CA THR A 1319 -40.16 -42.51 18.72
C THR A 1319 -40.26 -44.05 18.77
N GLY A 1320 -41.26 -44.62 18.09
CA GLY A 1320 -41.54 -46.05 18.16
C GLY A 1320 -42.40 -46.40 19.37
N LYS A 1326 -49.66 -50.63 18.64
CA LYS A 1326 -50.91 -51.09 18.07
C LYS A 1326 -50.73 -52.20 16.99
N PRO A 1327 -49.57 -52.89 16.92
CA PRO A 1327 -49.49 -53.99 15.94
C PRO A 1327 -50.57 -55.08 16.20
N TRP A 1328 -51.11 -55.67 15.11
CA TRP A 1328 -52.03 -56.83 15.23
C TRP A 1328 -51.56 -57.93 16.22
N SER A 1329 -50.27 -58.31 16.12
CA SER A 1329 -49.69 -59.29 17.06
C SER A 1329 -48.30 -58.90 17.58
N LEU A 1330 -47.90 -59.48 18.72
CA LEU A 1330 -46.65 -59.17 19.37
C LEU A 1330 -46.19 -60.52 19.91
N ARG A 1331 -45.00 -60.97 19.54
CA ARG A 1331 -44.44 -62.23 20.11
C ARG A 1331 -44.42 -62.20 21.62
N VAL A 1332 -44.74 -63.36 22.13
CA VAL A 1332 -44.65 -63.74 23.51
C VAL A 1332 -45.95 -64.29 24.07
N ALA B 3 -22.89 17.77 -24.06
CA ALA B 3 -21.57 17.39 -24.66
C ALA B 3 -21.59 16.07 -25.50
N ASP B 4 -20.83 16.03 -26.58
CA ASP B 4 -20.71 14.78 -27.33
C ASP B 4 -19.75 13.78 -26.69
N GLU B 5 -19.86 12.50 -26.99
CA GLU B 5 -18.85 11.50 -26.59
C GLU B 5 -17.51 11.71 -27.33
N LEU B 6 -16.40 11.54 -26.62
CA LEU B 6 -15.07 11.50 -27.25
C LEU B 6 -14.71 10.03 -27.43
N VAL B 7 -14.37 9.63 -28.65
CA VAL B 7 -14.08 8.20 -28.90
C VAL B 7 -12.72 8.11 -29.54
N PHE B 8 -11.85 7.31 -28.90
CA PHE B 8 -10.52 7.12 -29.43
C PHE B 8 -10.01 5.76 -28.96
N PHE B 9 -8.83 5.39 -29.41
CA PHE B 9 -8.35 4.04 -29.07
C PHE B 9 -6.99 4.15 -28.35
N VAL B 10 -6.75 3.25 -27.40
CA VAL B 10 -5.45 3.19 -26.75
C VAL B 10 -4.95 1.78 -26.77
N ASN B 11 -3.80 1.59 -27.41
CA ASN B 11 -3.26 0.23 -27.60
C ASN B 11 -4.28 -0.75 -28.14
N GLY B 12 -5.09 -0.34 -29.10
CA GLY B 12 -5.98 -1.33 -29.76
C GLY B 12 -7.37 -1.36 -29.11
N LYS B 13 -7.53 -0.70 -27.99
CA LYS B 13 -8.72 -0.80 -27.20
C LYS B 13 -9.56 0.50 -27.22
N LYS B 14 -10.85 0.35 -27.47
CA LYS B 14 -11.73 1.51 -27.59
C LYS B 14 -11.93 2.24 -26.27
N VAL B 15 -11.85 3.56 -26.33
CA VAL B 15 -12.11 4.35 -25.17
C VAL B 15 -13.29 5.25 -25.48
N VAL B 16 -14.33 5.26 -24.63
CA VAL B 16 -15.50 6.11 -24.90
C VAL B 16 -15.56 6.98 -23.68
N GLU B 17 -15.16 8.23 -23.81
CA GLU B 17 -15.23 9.14 -22.70
C GLU B 17 -16.46 10.03 -22.83
N LYS B 18 -17.44 9.84 -21.96
CA LYS B 18 -18.71 10.55 -22.12
C LYS B 18 -18.62 11.95 -21.59
N ASN B 19 -17.68 12.24 -20.72
CA ASN B 19 -17.56 13.64 -20.21
C ASN B 19 -16.19 14.23 -20.30
N ALA B 20 -15.69 14.33 -21.51
CA ALA B 20 -14.32 14.80 -21.69
C ALA B 20 -14.12 16.23 -21.20
N ASP B 21 -13.14 16.47 -20.33
CA ASP B 21 -12.83 17.82 -19.98
C ASP B 21 -11.78 18.35 -20.97
N PRO B 22 -12.03 19.49 -21.64
CA PRO B 22 -11.03 20.07 -22.60
C PRO B 22 -9.67 20.32 -22.00
N GLU B 23 -9.59 20.48 -20.68
CA GLU B 23 -8.25 20.72 -20.11
C GLU B 23 -7.46 19.43 -19.87
N THR B 24 -8.07 18.25 -20.10
CA THR B 24 -7.39 16.99 -19.76
C THR B 24 -6.37 16.68 -20.85
N THR B 25 -5.10 16.52 -20.47
CA THR B 25 -4.07 16.07 -21.42
C THR B 25 -4.08 14.54 -21.59
N LEU B 26 -3.58 14.04 -22.71
CA LEU B 26 -3.44 12.60 -22.89
C LEU B 26 -2.65 11.97 -21.76
N LEU B 27 -1.59 12.66 -21.33
CA LEU B 27 -0.73 12.08 -20.29
C LEU B 27 -1.49 11.84 -18.99
N ALA B 28 -2.28 12.85 -18.56
CA ALA B 28 -3.06 12.71 -17.35
C ALA B 28 -4.07 11.61 -17.54
N TYR B 29 -4.65 11.53 -18.74
CA TYR B 29 -5.71 10.53 -18.97
C TYR B 29 -5.08 9.09 -18.93
N LEU B 30 -3.97 8.90 -19.64
CA LEU B 30 -3.31 7.56 -19.61
C LEU B 30 -2.98 7.13 -18.20
N ARG B 31 -2.41 8.07 -17.42
CA ARG B 31 -1.80 7.69 -16.15
C ARG B 31 -2.92 7.61 -15.11
N ARG B 32 -3.87 8.54 -15.14
CA ARG B 32 -4.86 8.56 -14.05
C ARG B 32 -6.18 7.91 -14.30
N LYS B 33 -6.61 7.81 -15.57
CA LYS B 33 -7.88 7.23 -15.84
C LYS B 33 -7.68 5.83 -16.36
N LEU B 34 -6.71 5.62 -17.26
CA LEU B 34 -6.57 4.28 -17.88
C LEU B 34 -5.56 3.41 -17.15
N GLY B 35 -4.85 4.00 -16.22
CA GLY B 35 -3.90 3.28 -15.40
C GLY B 35 -2.63 2.79 -16.11
N LEU B 36 -2.28 3.41 -17.25
CA LEU B 36 -1.11 3.04 -18.03
C LEU B 36 0.03 3.99 -17.66
N ARG B 37 0.84 3.57 -16.67
CA ARG B 37 1.80 4.49 -16.12
C ARG B 37 3.18 4.39 -16.75
N GLY B 38 3.27 3.69 -17.88
CA GLY B 38 4.55 3.61 -18.56
C GLY B 38 4.96 4.98 -19.15
N THR B 39 4.01 5.74 -19.70
CA THR B 39 4.29 7.09 -20.17
C THR B 39 4.48 8.06 -18.96
N LYS B 40 5.54 8.90 -18.97
CA LYS B 40 6.00 9.61 -17.74
C LYS B 40 5.81 11.09 -17.88
N LEU B 41 5.78 11.79 -16.75
CA LEU B 41 5.92 13.26 -16.77
C LEU B 41 7.37 13.61 -16.48
N GLY B 42 8.06 14.31 -17.38
CA GLY B 42 9.44 14.81 -17.09
C GLY B 42 9.56 16.35 -17.05
N CYS B 43 8.63 17.08 -17.69
CA CYS B 43 8.75 18.51 -17.79
C CYS B 43 7.43 19.21 -18.09
N GLY B 44 6.50 18.52 -18.76
CA GLY B 44 5.21 19.14 -19.05
C GLY B 44 5.33 20.28 -20.06
N GLU B 45 6.45 20.42 -20.75
CA GLU B 45 6.58 21.55 -21.70
C GLU B 45 7.21 21.15 -23.05
N GLY B 46 7.20 19.84 -23.40
CA GLY B 46 7.61 19.43 -24.73
C GLY B 46 9.09 19.19 -24.95
N GLY B 47 9.92 19.47 -23.93
CA GLY B 47 11.39 19.36 -24.05
C GLY B 47 11.98 17.95 -23.88
N CYS B 48 11.46 17.12 -22.96
CA CYS B 48 12.21 15.96 -22.54
C CYS B 48 11.83 14.67 -23.26
N GLY B 49 10.60 14.61 -23.80
CA GLY B 49 10.14 13.46 -24.58
C GLY B 49 9.74 12.27 -23.73
N ALA B 50 9.78 12.38 -22.40
CA ALA B 50 9.45 11.24 -21.56
C ALA B 50 8.02 10.79 -21.67
N CYS B 51 7.15 11.70 -22.08
CA CYS B 51 5.73 11.39 -22.28
C CYS B 51 5.44 11.02 -23.76
N THR B 52 6.48 10.75 -24.55
CA THR B 52 6.25 10.44 -25.97
C THR B 52 5.35 9.21 -26.20
N VAL B 53 4.38 9.33 -27.08
CA VAL B 53 3.52 8.22 -27.52
C VAL B 53 3.44 8.29 -29.09
N MET B 54 2.89 7.23 -29.69
CA MET B 54 2.56 7.27 -31.09
C MET B 54 1.08 7.49 -31.24
N LEU B 55 0.75 8.28 -32.26
CA LEU B 55 -0.62 8.47 -32.73
C LEU B 55 -0.77 7.91 -34.16
N SER B 56 -1.89 7.25 -34.44
CA SER B 56 -2.18 6.74 -35.79
C SER B 56 -3.58 7.22 -36.10
N LYS B 57 -3.78 7.67 -37.33
CA LYS B 57 -5.12 8.09 -37.77
C LYS B 57 -5.26 7.80 -39.30
N TYR B 58 -6.50 7.71 -39.78
CA TYR B 58 -6.71 7.67 -41.23
C TYR B 58 -6.64 9.10 -41.76
N ASP B 59 -5.75 9.37 -42.70
CA ASP B 59 -5.66 10.70 -43.29
C ASP B 59 -6.45 10.71 -44.60
N ARG B 60 -7.58 11.41 -44.62
CA ARG B 60 -8.41 11.39 -45.85
C ARG B 60 -7.80 12.16 -47.00
N LEU B 61 -7.32 13.38 -46.74
CA LEU B 61 -6.61 14.14 -47.80
C LEU B 61 -5.54 13.30 -48.54
N GLN B 62 -5.15 12.14 -47.97
CA GLN B 62 -4.06 11.28 -48.49
C GLN B 62 -4.41 9.78 -48.72
N ASP B 63 -5.62 9.39 -48.29
CA ASP B 63 -6.12 8.00 -48.30
C ASP B 63 -5.13 6.92 -47.80
N LYS B 64 -4.63 7.10 -46.57
CA LYS B 64 -3.61 6.24 -45.96
C LYS B 64 -3.70 6.32 -44.40
N ILE B 65 -3.33 5.24 -43.71
CA ILE B 65 -3.04 5.33 -42.26
C ILE B 65 -1.71 6.01 -42.05
N ILE B 66 -1.70 7.05 -41.22
CA ILE B 66 -0.41 7.71 -40.91
C ILE B 66 -0.01 7.50 -39.43
N HIS B 67 1.29 7.55 -39.14
CA HIS B 67 1.76 7.25 -37.78
C HIS B 67 2.75 8.35 -37.45
N PHE B 68 2.58 9.00 -36.29
CA PHE B 68 3.53 10.06 -35.91
C PHE B 68 3.63 10.09 -34.39
N SER B 69 4.70 10.72 -33.87
CA SER B 69 4.89 10.73 -32.43
C SER B 69 4.32 12.05 -31.84
N ALA B 70 4.04 12.09 -30.53
CA ALA B 70 3.54 13.28 -29.91
C ALA B 70 3.85 13.25 -28.42
N ASN B 71 3.95 14.44 -27.82
CA ASN B 71 4.07 14.57 -26.39
C ASN B 71 2.70 14.43 -25.77
N ALA B 72 2.51 13.40 -24.98
CA ALA B 72 1.24 13.27 -24.28
C ALA B 72 1.03 14.42 -23.31
N CYS B 73 2.08 15.09 -22.88
CA CYS B 73 1.88 16.13 -21.87
C CYS B 73 1.19 17.38 -22.46
N LEU B 74 1.26 17.54 -23.78
CA LEU B 74 0.72 18.72 -24.48
C LEU B 74 -0.52 18.39 -25.28
N ALA B 75 -0.76 17.12 -25.57
CA ALA B 75 -1.90 16.69 -26.43
C ALA B 75 -3.22 16.70 -25.59
N PRO B 76 -4.16 17.61 -25.90
CA PRO B 76 -5.46 17.54 -25.26
C PRO B 76 -6.14 16.30 -25.73
N ILE B 77 -6.79 15.56 -24.86
CA ILE B 77 -7.57 14.41 -25.34
C ILE B 77 -8.64 14.84 -26.35
N CYS B 78 -9.14 16.08 -26.18
CA CYS B 78 -10.18 16.58 -27.06
C CYS B 78 -9.70 16.77 -28.52
N THR B 79 -8.38 16.67 -28.77
CA THR B 79 -7.90 16.70 -30.15
C THR B 79 -7.90 15.31 -30.75
N LEU B 80 -8.21 14.31 -29.94
CA LEU B 80 -7.91 12.94 -30.36
C LEU B 80 -9.08 12.03 -30.75
N HIS B 81 -10.25 12.62 -30.99
CA HIS B 81 -11.39 11.86 -31.46
C HIS B 81 -11.02 11.08 -32.74
N HIS B 82 -11.27 9.75 -32.71
CA HIS B 82 -10.95 8.82 -33.83
C HIS B 82 -9.46 8.71 -34.13
N VAL B 83 -8.64 8.81 -33.10
CA VAL B 83 -7.20 8.66 -33.24
C VAL B 83 -6.85 7.44 -32.42
N ALA B 84 -5.89 6.67 -32.90
CA ALA B 84 -5.44 5.51 -32.16
C ALA B 84 -4.08 5.83 -31.51
N VAL B 85 -3.99 5.66 -30.19
CA VAL B 85 -2.79 5.97 -29.40
C VAL B 85 -2.07 4.65 -29.16
N THR B 86 -0.72 4.66 -29.28
CA THR B 86 0.07 3.56 -28.84
C THR B 86 1.05 4.05 -27.77
N THR B 87 1.02 3.43 -26.60
CA THR B 87 2.03 3.75 -25.61
C THR B 87 3.08 2.61 -25.55
N VAL B 88 4.07 2.77 -24.68
CA VAL B 88 5.06 1.75 -24.49
C VAL B 88 4.43 0.38 -24.20
N GLU B 89 3.36 0.39 -23.42
CA GLU B 89 2.66 -0.86 -23.07
C GLU B 89 2.03 -1.50 -24.29
N GLY B 90 1.69 -0.73 -25.32
CA GLY B 90 1.07 -1.35 -26.51
C GLY B 90 2.03 -2.11 -27.44
N ILE B 91 3.34 -2.02 -27.25
CA ILE B 91 4.25 -2.61 -28.29
C ILE B 91 4.95 -3.91 -27.81
N GLY B 92 4.88 -4.19 -26.48
CA GLY B 92 5.51 -5.39 -25.93
C GLY B 92 5.73 -5.21 -24.43
N SER B 93 6.10 -6.29 -23.77
CA SER B 93 6.31 -6.22 -22.36
C SER B 93 7.05 -7.48 -21.96
N THR B 94 7.68 -7.47 -20.79
CA THR B 94 8.34 -8.68 -20.24
C THR B 94 7.32 -9.77 -19.84
N LYS B 95 6.05 -9.43 -19.69
CA LYS B 95 5.03 -10.46 -19.40
C LYS B 95 4.59 -11.14 -20.70
N THR B 96 4.79 -10.53 -21.85
CA THR B 96 4.42 -11.23 -23.07
C THR B 96 5.72 -11.45 -23.82
N ARG B 97 6.06 -10.55 -24.75
CA ARG B 97 7.49 -10.43 -25.15
C ARG B 97 7.81 -9.03 -25.58
N LEU B 98 9.11 -8.69 -25.50
CA LEU B 98 9.51 -7.31 -25.75
C LEU B 98 9.49 -7.09 -27.23
N HIS B 99 9.11 -5.91 -27.67
CA HIS B 99 9.36 -5.51 -29.02
C HIS B 99 10.88 -5.41 -29.31
N PRO B 100 11.34 -5.59 -30.57
CA PRO B 100 12.78 -5.39 -30.79
C PRO B 100 13.35 -4.04 -30.27
N VAL B 101 12.63 -2.94 -30.42
CA VAL B 101 13.12 -1.65 -29.89
C VAL B 101 13.44 -1.75 -28.38
N GLN B 102 12.56 -2.40 -27.63
CA GLN B 102 12.71 -2.51 -26.18
C GLN B 102 13.85 -3.49 -25.85
N GLU B 103 13.91 -4.59 -26.57
CA GLU B 103 14.94 -5.60 -26.31
C GLU B 103 16.30 -4.97 -26.54
N ARG B 104 16.40 -4.16 -27.60
CA ARG B 104 17.69 -3.68 -27.99
C ARG B 104 18.20 -2.55 -27.08
N ILE B 105 17.31 -1.63 -26.69
CA ILE B 105 17.78 -0.58 -25.81
C ILE B 105 18.20 -1.18 -24.45
N ALA B 106 17.50 -2.24 -24.03
CA ALA B 106 17.83 -2.90 -22.77
C ALA B 106 19.18 -3.62 -22.84
N LYS B 107 19.33 -4.47 -23.87
CA LYS B 107 20.55 -5.31 -24.02
C LYS B 107 21.78 -4.51 -24.36
N SER B 108 21.56 -3.32 -24.90
CA SER B 108 22.69 -2.57 -25.34
C SER B 108 23.14 -1.57 -24.26
N HIS B 109 22.52 -1.64 -23.08
CA HIS B 109 22.85 -0.77 -21.92
C HIS B 109 22.43 0.67 -22.19
N GLY B 110 21.38 0.84 -22.98
CA GLY B 110 20.86 2.17 -23.19
C GLY B 110 19.87 2.63 -22.12
N SER B 111 19.71 1.85 -21.05
CA SER B 111 18.79 2.22 -19.97
C SER B 111 19.52 2.15 -18.64
N GLN B 112 19.62 3.29 -17.96
CA GLN B 112 20.14 3.28 -16.61
C GLN B 112 19.03 3.49 -15.58
N CYS B 113 18.70 4.75 -15.21
CA CYS B 113 17.58 4.94 -14.28
C CYS B 113 16.27 4.47 -14.90
N GLY B 114 16.18 4.48 -16.22
CA GLY B 114 15.00 3.97 -16.92
C GLY B 114 13.86 4.96 -17.16
N PHE B 115 13.95 6.18 -16.63
CA PHE B 115 12.80 7.10 -16.68
C PHE B 115 12.55 7.69 -18.07
N CYS B 116 13.61 7.92 -18.88
CA CYS B 116 13.47 8.42 -20.22
C CYS B 116 13.18 7.27 -21.25
N THR B 117 13.31 6.03 -20.83
CA THR B 117 13.40 4.89 -21.76
C THR B 117 12.08 4.68 -22.53
N PRO B 118 10.89 4.69 -21.86
CA PRO B 118 9.65 4.57 -22.64
C PRO B 118 9.53 5.64 -23.74
N GLY B 119 9.85 6.91 -23.42
CA GLY B 119 9.66 7.97 -24.43
C GLY B 119 10.67 7.80 -25.59
N ILE B 120 11.87 7.31 -25.28
CA ILE B 120 12.88 7.04 -26.28
C ILE B 120 12.50 5.79 -27.14
N VAL B 121 12.03 4.71 -26.48
CA VAL B 121 11.40 3.58 -27.13
C VAL B 121 10.31 4.02 -28.16
N MET B 122 9.43 4.91 -27.70
CA MET B 122 8.33 5.33 -28.55
C MET B 122 8.80 6.20 -29.69
N SER B 123 9.81 7.05 -29.49
CA SER B 123 10.42 7.79 -30.63
C SER B 123 11.03 6.84 -31.70
N MET B 124 11.72 5.79 -31.25
CA MET B 124 12.39 4.84 -32.17
C MET B 124 11.32 3.98 -32.86
N TYR B 125 10.34 3.50 -32.09
CA TYR B 125 9.23 2.74 -32.58
C TYR B 125 8.45 3.47 -33.67
N THR B 126 8.13 4.73 -33.43
CA THR B 126 7.46 5.54 -34.42
C THR B 126 8.27 5.63 -35.72
N LEU B 127 9.57 5.91 -35.58
CA LEU B 127 10.45 5.96 -36.76
C LEU B 127 10.32 4.64 -37.55
N LEU B 128 10.48 3.48 -36.88
CA LEU B 128 10.36 2.16 -37.50
C LEU B 128 9.01 1.87 -38.18
N ARG B 129 7.90 2.41 -37.61
CA ARG B 129 6.60 2.27 -38.24
C ARG B 129 6.47 3.12 -39.49
N ASN B 130 7.25 4.18 -39.63
CA ASN B 130 7.29 4.91 -40.90
C ASN B 130 8.36 4.41 -41.85
N GLN B 131 9.48 3.96 -41.33
CA GLN B 131 10.61 3.53 -42.15
C GLN B 131 11.24 2.34 -41.46
N PRO B 132 10.83 1.11 -41.84
CA PRO B 132 11.36 -0.10 -41.16
C PRO B 132 12.89 -0.34 -41.37
N GLU B 133 13.50 0.34 -42.32
CA GLU B 133 14.92 0.22 -42.49
C GLU B 133 15.52 1.60 -42.55
N PRO B 134 15.59 2.30 -41.41
CA PRO B 134 16.02 3.68 -41.52
C PRO B 134 17.53 3.76 -41.67
N THR B 135 18.04 4.93 -42.05
CA THR B 135 19.46 5.14 -42.09
C THR B 135 19.92 5.63 -40.73
N VAL B 136 21.23 5.69 -40.53
CA VAL B 136 21.80 6.20 -39.32
C VAL B 136 21.38 7.63 -39.03
N GLU B 137 21.26 8.47 -40.07
CA GLU B 137 20.99 9.87 -39.78
C GLU B 137 19.52 10.07 -39.33
N GLU B 138 18.63 9.27 -39.91
CA GLU B 138 17.24 9.25 -39.51
C GLU B 138 17.12 8.80 -38.04
N ILE B 139 17.92 7.80 -37.67
CA ILE B 139 17.93 7.31 -36.30
C ILE B 139 18.38 8.44 -35.37
N GLU B 140 19.50 9.11 -35.65
CA GLU B 140 19.79 10.31 -34.79
C GLU B 140 18.68 11.37 -34.75
N ASP B 141 18.10 11.67 -35.90
CA ASP B 141 17.12 12.77 -35.93
C ASP B 141 15.86 12.46 -35.17
N ALA B 142 15.66 11.16 -34.94
CA ALA B 142 14.46 10.67 -34.29
C ALA B 142 14.39 11.18 -32.84
N PHE B 143 15.51 11.65 -32.28
CA PHE B 143 15.56 11.92 -30.80
C PHE B 143 15.82 13.38 -30.42
N GLN B 144 15.58 14.28 -31.37
CA GLN B 144 15.83 15.70 -31.09
C GLN B 144 14.91 16.15 -29.93
N GLY B 145 13.85 15.40 -29.69
CA GLY B 145 12.89 15.77 -28.65
C GLY B 145 12.96 14.85 -27.46
N ASN B 146 14.05 14.05 -27.30
CA ASN B 146 14.18 13.17 -26.12
C ASN B 146 15.47 13.47 -25.35
N LEU B 147 15.33 13.56 -24.03
CA LEU B 147 16.50 13.79 -23.19
C LEU B 147 16.79 12.60 -22.26
N CYS B 148 18.08 12.33 -22.06
CA CYS B 148 18.47 11.33 -21.08
C CYS B 148 19.56 11.95 -20.26
N ARG B 149 19.43 11.83 -18.95
CA ARG B 149 20.46 12.40 -18.07
C ARG B 149 21.55 11.39 -17.63
N CYS B 150 21.29 10.08 -17.77
CA CYS B 150 22.15 9.03 -17.17
C CYS B 150 23.18 8.50 -18.12
N THR B 151 22.80 8.28 -19.38
CA THR B 151 23.54 7.33 -20.19
C THR B 151 24.65 7.97 -21.01
N GLY B 152 24.55 9.27 -21.30
CA GLY B 152 25.40 9.94 -22.25
C GLY B 152 25.10 9.49 -23.67
N TYR B 153 23.97 8.84 -23.89
CA TYR B 153 23.40 8.67 -25.21
C TYR B 153 24.02 7.63 -26.14
N ARG B 154 25.33 7.53 -26.08
CA ARG B 154 26.07 6.62 -26.90
C ARG B 154 25.46 5.18 -27.01
N PRO B 155 25.25 4.44 -25.89
CA PRO B 155 24.68 3.08 -26.03
C PRO B 155 23.30 3.07 -26.68
N ILE B 156 22.51 4.11 -26.51
CA ILE B 156 21.18 4.12 -27.09
C ILE B 156 21.30 4.20 -28.63
N LEU B 157 22.11 5.15 -29.13
CA LEU B 157 22.35 5.25 -30.57
C LEU B 157 23.02 3.99 -31.15
N GLN B 158 24.01 3.48 -30.43
CA GLN B 158 24.73 2.26 -30.88
C GLN B 158 23.85 1.02 -30.97
N GLY B 159 23.02 0.75 -29.95
CA GLY B 159 21.99 -0.30 -30.06
C GLY B 159 20.99 -0.11 -31.21
N PHE B 160 20.51 1.13 -31.40
CA PHE B 160 19.51 1.39 -32.39
C PHE B 160 20.06 1.41 -33.80
N ARG B 161 21.34 1.68 -33.89
CA ARG B 161 22.02 1.67 -35.19
C ARG B 161 21.94 0.26 -35.83
N THR B 162 21.76 -0.80 -35.01
CA THR B 162 21.54 -2.13 -35.59
C THR B 162 20.27 -2.28 -36.41
N PHE B 163 19.37 -1.28 -36.40
CA PHE B 163 18.17 -1.30 -37.20
C PHE B 163 18.45 -0.76 -38.61
N ALA B 164 19.56 -0.05 -38.81
CA ALA B 164 19.91 0.45 -40.16
C ALA B 164 20.41 -0.65 -41.10
N LYS B 165 20.41 -0.33 -42.41
CA LYS B 165 21.04 -1.16 -43.49
C LYS B 165 20.75 -2.65 -43.40
N SER B 192 38.85 -8.95 -28.99
CA SER B 192 38.47 -8.03 -27.86
C SER B 192 36.92 -7.98 -27.50
N PRO B 193 36.57 -8.13 -26.19
CA PRO B 193 35.16 -8.50 -25.90
C PRO B 193 34.17 -7.32 -26.18
N SER B 194 32.89 -7.65 -26.42
CA SER B 194 31.86 -6.66 -26.81
C SER B 194 30.95 -6.42 -25.62
N LEU B 195 30.36 -5.24 -25.59
CA LEU B 195 29.38 -4.96 -24.49
C LEU B 195 28.04 -5.65 -24.73
N PHE B 196 27.71 -5.89 -26.00
CA PHE B 196 26.54 -6.63 -26.30
C PHE B 196 26.73 -7.35 -27.64
N ASN B 197 25.81 -8.26 -27.96
CA ASN B 197 25.95 -9.02 -29.16
C ASN B 197 24.73 -8.85 -30.08
N PRO B 198 24.85 -8.07 -31.14
CA PRO B 198 23.63 -7.76 -31.93
C PRO B 198 23.06 -8.95 -32.68
N GLU B 199 23.89 -9.96 -32.88
CA GLU B 199 23.42 -11.18 -33.57
C GLU B 199 22.39 -11.97 -32.75
N GLU B 200 22.34 -11.79 -31.44
CA GLU B 200 21.28 -12.37 -30.64
C GLU B 200 19.94 -11.60 -30.69
N PHE B 201 19.90 -10.46 -31.41
CA PHE B 201 18.70 -9.61 -31.47
C PHE B 201 17.64 -10.19 -32.38
N MET B 202 16.38 -10.25 -31.89
CA MET B 202 15.24 -10.52 -32.76
C MET B 202 15.10 -9.52 -33.91
N PRO B 203 15.07 -10.00 -35.19
CA PRO B 203 14.82 -9.09 -36.31
C PRO B 203 13.46 -8.42 -36.17
N LEU B 204 13.33 -7.22 -36.71
CA LEU B 204 12.08 -6.51 -36.71
C LEU B 204 11.19 -7.17 -37.74
N ASP B 205 9.93 -7.47 -37.45
CA ASP B 205 9.04 -8.03 -38.48
C ASP B 205 7.78 -7.18 -38.55
N PRO B 206 7.70 -6.27 -39.54
CA PRO B 206 6.51 -5.35 -39.54
C PRO B 206 5.14 -6.03 -39.63
N THR B 207 5.11 -7.28 -40.10
CA THR B 207 3.82 -7.98 -40.26
C THR B 207 3.26 -8.41 -38.91
N GLN B 208 4.04 -8.32 -37.84
CA GLN B 208 3.54 -8.72 -36.56
C GLN B 208 3.18 -7.50 -35.76
N GLU B 209 3.27 -6.30 -36.34
CA GLU B 209 2.79 -5.11 -35.61
C GLU B 209 1.26 -5.13 -35.34
N PRO B 210 0.77 -4.46 -34.27
CA PRO B 210 -0.68 -4.32 -34.08
C PRO B 210 -1.32 -3.66 -35.28
N ILE B 211 -2.43 -4.21 -35.70
CA ILE B 211 -3.25 -3.67 -36.77
C ILE B 211 -3.88 -2.35 -36.29
N PHE B 212 -4.07 -1.40 -37.22
CA PHE B 212 -4.90 -0.23 -36.94
C PHE B 212 -6.33 -0.69 -36.57
N PRO B 213 -6.94 -0.13 -35.50
CA PRO B 213 -8.24 -0.69 -35.06
C PRO B 213 -9.29 -0.70 -36.17
N PRO B 214 -9.84 -1.90 -36.50
CA PRO B 214 -10.79 -2.04 -37.63
C PRO B 214 -12.02 -1.08 -37.47
N GLU B 215 -12.56 -0.94 -36.26
CA GLU B 215 -13.64 0.07 -36.07
C GLU B 215 -13.26 1.50 -36.48
N LEU B 216 -12.02 1.94 -36.23
CA LEU B 216 -11.66 3.27 -36.74
C LEU B 216 -11.63 3.31 -38.24
N LEU B 217 -11.21 2.20 -38.84
CA LEU B 217 -11.22 2.15 -40.30
C LEU B 217 -12.67 2.16 -40.79
N ARG B 218 -13.62 1.59 -40.04
CA ARG B 218 -15.04 1.71 -40.49
C ARG B 218 -15.56 3.16 -40.40
N LEU B 219 -15.28 3.83 -39.28
CA LEU B 219 -15.69 5.22 -39.06
C LEU B 219 -15.11 6.24 -40.04
N LYS B 220 -14.10 5.87 -40.85
CA LYS B 220 -13.41 6.81 -41.76
C LYS B 220 -14.39 7.29 -42.83
N ASP B 221 -15.45 6.52 -43.02
CA ASP B 221 -16.36 6.70 -44.15
C ASP B 221 -17.42 7.77 -43.80
N VAL B 222 -17.95 7.75 -42.57
CA VAL B 222 -18.83 8.82 -42.03
C VAL B 222 -18.19 10.24 -42.06
N PRO B 223 -18.83 11.20 -42.73
CA PRO B 223 -18.21 12.54 -42.69
C PRO B 223 -18.25 13.13 -41.27
N PRO B 224 -17.25 13.94 -40.93
CA PRO B 224 -17.19 14.41 -39.53
C PRO B 224 -18.34 15.37 -39.22
N LYS B 225 -18.76 15.45 -37.95
CA LYS B 225 -19.63 16.52 -37.53
C LYS B 225 -19.01 17.28 -36.36
N GLN B 226 -19.49 18.50 -36.15
CA GLN B 226 -19.00 19.36 -35.12
C GLN B 226 -19.25 18.70 -33.75
N LEU B 227 -18.25 18.74 -32.87
CA LEU B 227 -18.44 18.12 -31.54
C LEU B 227 -18.29 19.20 -30.48
N ARG B 228 -18.90 19.00 -29.30
CA ARG B 228 -18.78 19.97 -28.25
C ARG B 228 -18.40 19.20 -27.02
N PHE B 229 -17.39 19.70 -26.27
CA PHE B 229 -17.01 19.04 -25.01
C PHE B 229 -17.08 20.12 -23.94
N GLU B 230 -17.51 19.72 -22.75
CA GLU B 230 -17.74 20.67 -21.68
C GLU B 230 -16.96 20.23 -20.45
N GLY B 231 -16.05 21.06 -19.93
CA GLY B 231 -15.30 20.70 -18.74
C GLY B 231 -15.63 21.57 -17.54
N GLU B 232 -14.83 21.43 -16.48
CA GLU B 232 -15.07 22.25 -15.33
C GLU B 232 -15.01 23.72 -15.66
N ARG B 233 -14.07 24.12 -16.51
CA ARG B 233 -13.84 25.54 -16.76
C ARG B 233 -13.92 25.90 -18.23
N VAL B 234 -13.90 24.92 -19.13
CA VAL B 234 -13.65 25.23 -20.56
C VAL B 234 -14.63 24.51 -21.45
N THR B 235 -15.13 25.19 -22.48
CA THR B 235 -15.92 24.51 -23.53
C THR B 235 -15.08 24.41 -24.81
N TRP B 236 -15.15 23.25 -25.43
CA TRP B 236 -14.29 23.00 -26.60
C TRP B 236 -15.23 22.67 -27.75
N ILE B 237 -15.09 23.40 -28.85
CA ILE B 237 -15.78 23.01 -30.11
C ILE B 237 -14.79 22.49 -31.16
N GLN B 238 -15.02 21.24 -31.57
CA GLN B 238 -14.31 20.70 -32.68
C GLN B 238 -15.07 21.08 -33.95
N ALA B 239 -14.56 22.01 -34.75
CA ALA B 239 -15.28 22.51 -35.93
C ALA B 239 -15.00 21.57 -37.12
N SER B 240 -16.04 21.06 -37.80
CA SER B 240 -15.86 20.11 -38.90
C SER B 240 -15.67 20.79 -40.27
N THR B 241 -16.19 22.01 -40.44
CA THR B 241 -16.08 22.71 -41.73
C THR B 241 -15.59 24.15 -41.58
N LEU B 242 -14.99 24.68 -42.64
CA LEU B 242 -14.62 26.10 -42.64
C LEU B 242 -15.79 27.01 -42.29
N LYS B 243 -16.97 26.80 -42.91
CA LYS B 243 -18.13 27.64 -42.61
C LYS B 243 -18.46 27.61 -41.11
N GLU B 244 -18.36 26.44 -40.51
CA GLU B 244 -18.59 26.33 -39.04
C GLU B 244 -17.57 27.17 -38.25
N LEU B 245 -16.28 27.03 -38.59
CA LEU B 245 -15.26 27.85 -37.95
C LEU B 245 -15.59 29.35 -38.07
N LEU B 246 -15.90 29.81 -39.29
CA LEU B 246 -16.14 31.27 -39.45
C LEU B 246 -17.40 31.72 -38.73
N ASP B 247 -18.46 30.92 -38.74
CA ASP B 247 -19.67 31.31 -37.99
C ASP B 247 -19.37 31.40 -36.51
N LEU B 248 -18.70 30.39 -35.99
CA LEU B 248 -18.35 30.39 -34.55
C LEU B 248 -17.48 31.58 -34.19
N LYS B 249 -16.48 31.90 -35.03
CA LYS B 249 -15.61 33.09 -34.75
C LYS B 249 -16.37 34.43 -34.87
N ALA B 250 -17.38 34.45 -35.73
CA ALA B 250 -18.19 35.65 -35.92
C ALA B 250 -19.12 35.86 -34.71
N GLN B 251 -19.63 34.76 -34.13
CA GLN B 251 -20.48 34.84 -32.93
C GLN B 251 -19.66 35.02 -31.67
N HIS B 252 -18.44 34.48 -31.65
CA HIS B 252 -17.61 34.42 -30.44
C HIS B 252 -16.16 34.81 -30.79
N PRO B 253 -15.87 36.12 -31.01
CA PRO B 253 -14.50 36.51 -31.49
C PRO B 253 -13.44 36.18 -30.47
N GLU B 254 -13.84 36.04 -29.21
CA GLU B 254 -12.94 35.73 -28.12
C GLU B 254 -12.66 34.23 -27.99
N ALA B 255 -13.38 33.35 -28.70
CA ALA B 255 -13.02 31.91 -28.68
C ALA B 255 -11.55 31.78 -29.11
N LYS B 256 -10.77 30.93 -28.42
CA LYS B 256 -9.33 30.81 -28.68
C LYS B 256 -9.11 29.64 -29.64
N LEU B 257 -8.38 29.80 -30.73
CA LEU B 257 -8.18 28.62 -31.59
C LEU B 257 -7.12 27.74 -30.96
N VAL B 258 -7.20 26.42 -31.16
CA VAL B 258 -6.16 25.51 -30.71
C VAL B 258 -6.00 24.48 -31.81
N VAL B 259 -4.78 24.26 -32.27
CA VAL B 259 -4.56 23.15 -33.21
C VAL B 259 -3.67 22.16 -32.48
N GLY B 260 -2.37 22.43 -32.42
CA GLY B 260 -1.41 21.46 -31.77
C GLY B 260 -1.30 21.68 -30.24
N ASN B 261 -1.78 22.83 -29.78
CA ASN B 261 -1.73 23.15 -28.33
C ASN B 261 -0.32 23.35 -27.76
N THR B 262 0.69 23.50 -28.62
CA THR B 262 2.06 23.41 -28.10
C THR B 262 2.44 24.78 -27.63
N GLU B 263 1.66 25.79 -28.01
CA GLU B 263 1.73 27.10 -27.34
C GLU B 263 0.64 27.27 -26.25
N ILE B 264 -0.62 27.05 -26.58
CA ILE B 264 -1.73 27.27 -25.63
C ILE B 264 -1.60 26.37 -24.36
N GLY B 265 -1.11 25.12 -24.54
CA GLY B 265 -0.80 24.23 -23.40
C GLY B 265 0.19 24.89 -22.40
N ILE B 266 1.20 25.57 -22.95
CA ILE B 266 2.15 26.30 -22.12
C ILE B 266 1.42 27.47 -21.46
N GLU B 267 0.64 28.21 -22.25
CA GLU B 267 -0.02 29.40 -21.67
C GLU B 267 -0.96 29.02 -20.51
N MET B 268 -1.72 27.95 -20.67
CA MET B 268 -2.61 27.46 -19.60
C MET B 268 -1.86 26.92 -18.39
N LYS B 269 -0.85 26.07 -18.64
CA LYS B 269 -0.14 25.42 -17.54
C LYS B 269 0.82 26.37 -16.87
N PHE B 270 1.55 27.19 -17.61
CA PHE B 270 2.62 27.98 -16.98
C PHE B 270 2.35 29.48 -16.79
N LYS B 271 1.33 30.03 -17.44
CA LYS B 271 1.22 31.47 -17.48
C LYS B 271 -0.15 31.84 -17.03
N ASN B 272 -0.80 30.90 -16.37
CA ASN B 272 -2.09 31.10 -15.77
C ASN B 272 -3.15 31.65 -16.71
N GLN B 273 -3.09 31.30 -17.99
CA GLN B 273 -4.15 31.74 -18.87
C GLN B 273 -5.31 30.77 -18.79
N LEU B 274 -6.52 31.30 -18.93
CA LEU B 274 -7.74 30.48 -18.95
C LEU B 274 -8.65 30.91 -20.09
N PHE B 275 -8.91 30.02 -21.05
CA PHE B 275 -9.77 30.39 -22.21
C PHE B 275 -11.04 29.58 -22.09
N PRO B 276 -12.18 30.25 -21.76
CA PRO B 276 -13.37 29.46 -21.41
C PRO B 276 -13.96 28.78 -22.61
N MET B 277 -13.64 29.31 -23.79
CA MET B 277 -14.15 28.73 -25.04
C MET B 277 -13.00 28.50 -26.04
N ILE B 278 -12.86 27.24 -26.48
CA ILE B 278 -11.79 26.93 -27.47
C ILE B 278 -12.47 26.35 -28.68
N ILE B 279 -11.97 26.70 -29.87
CA ILE B 279 -12.38 26.04 -31.10
C ILE B 279 -11.13 25.35 -31.68
N CYS B 280 -11.28 24.10 -32.02
CA CYS B 280 -10.18 23.37 -32.65
C CYS B 280 -10.58 23.18 -34.12
N PRO B 281 -9.89 23.86 -35.04
CA PRO B 281 -10.27 23.73 -36.46
C PRO B 281 -9.41 22.71 -37.21
N ALA B 282 -8.70 21.83 -36.50
CA ALA B 282 -7.71 20.93 -37.17
C ALA B 282 -8.29 20.01 -38.27
N TRP B 283 -9.58 19.65 -38.15
CA TRP B 283 -10.21 18.72 -39.12
C TRP B 283 -10.53 19.35 -40.49
N ILE B 284 -10.48 20.67 -40.57
CA ILE B 284 -10.98 21.39 -41.74
C ILE B 284 -10.13 21.23 -43.00
N PRO B 285 -10.74 20.75 -44.11
CA PRO B 285 -9.85 20.49 -45.27
C PRO B 285 -9.06 21.70 -45.73
N GLU B 286 -9.70 22.88 -45.75
CA GLU B 286 -8.98 24.05 -46.23
C GLU B 286 -7.82 24.47 -45.38
N LEU B 287 -7.82 24.11 -44.09
CA LEU B 287 -6.70 24.46 -43.24
C LEU B 287 -5.57 23.43 -43.36
N ASN B 288 -5.83 22.34 -44.10
CA ASN B 288 -4.83 21.28 -44.27
C ASN B 288 -4.32 21.09 -45.74
N ALA B 289 -4.78 21.92 -46.64
CA ALA B 289 -4.56 21.80 -48.06
C ALA B 289 -3.18 22.28 -48.45
N VAL B 290 -2.54 21.49 -49.31
CA VAL B 290 -1.24 21.83 -49.82
C VAL B 290 -1.36 22.10 -51.35
N GLU B 291 -1.00 23.30 -51.78
CA GLU B 291 -1.19 23.67 -53.19
C GLU B 291 0.07 24.25 -53.82
N HIS B 292 0.48 23.66 -54.93
CA HIS B 292 1.65 24.12 -55.68
C HIS B 292 1.20 25.05 -56.79
N GLY B 293 1.45 26.35 -56.61
CA GLY B 293 0.92 27.39 -57.45
C GLY B 293 2.09 27.89 -58.27
N PRO B 294 1.83 28.86 -59.18
CA PRO B 294 2.91 29.41 -60.02
C PRO B 294 3.95 30.25 -59.25
N GLU B 295 3.54 30.92 -58.17
CA GLU B 295 4.44 31.72 -57.33
C GLU B 295 5.09 31.01 -56.11
N GLY B 296 4.61 29.83 -55.72
CA GLY B 296 5.14 29.19 -54.51
C GLY B 296 4.26 28.08 -54.06
N ILE B 297 4.53 27.56 -52.85
CA ILE B 297 3.73 26.47 -52.29
C ILE B 297 2.90 26.96 -51.12
N SER B 298 1.63 26.59 -51.17
CA SER B 298 0.67 27.07 -50.19
C SER B 298 0.33 25.95 -49.24
N PHE B 299 0.32 26.30 -47.95
CA PHE B 299 0.01 25.36 -46.86
C PHE B 299 -1.17 25.88 -46.04
N GLY B 300 -2.17 25.04 -45.83
CA GLY B 300 -3.22 25.37 -44.91
C GLY B 300 -2.55 25.64 -43.55
N ALA B 301 -3.05 26.62 -42.83
CA ALA B 301 -2.46 27.06 -41.55
C ALA B 301 -2.43 25.97 -40.49
N ALA B 302 -3.26 24.95 -40.59
CA ALA B 302 -3.21 23.88 -39.61
C ALA B 302 -2.19 22.80 -39.98
N CYS B 303 -1.65 22.83 -41.20
CA CYS B 303 -0.52 21.89 -41.53
C CYS B 303 0.58 21.84 -40.46
N ALA B 304 0.92 20.63 -40.02
CA ALA B 304 1.99 20.41 -39.06
C ALA B 304 3.32 20.79 -39.67
N LEU B 305 4.23 21.29 -38.85
CA LEU B 305 5.54 21.62 -39.34
C LEU B 305 6.22 20.43 -40.01
N SER B 306 6.00 19.23 -39.52
CA SER B 306 6.57 18.06 -40.21
C SER B 306 6.04 17.92 -41.66
N SER B 307 4.76 18.27 -41.91
CA SER B 307 4.23 18.21 -43.31
C SER B 307 4.89 19.29 -44.15
N VAL B 308 4.98 20.51 -43.60
CA VAL B 308 5.73 21.52 -44.25
C VAL B 308 7.13 21.03 -44.57
N GLU B 309 7.83 20.50 -43.58
CA GLU B 309 9.21 20.12 -43.80
C GLU B 309 9.29 19.03 -44.91
N LYS B 310 8.40 18.05 -44.86
CA LYS B 310 8.37 16.99 -45.90
C LYS B 310 8.14 17.55 -47.30
N THR B 311 7.10 18.35 -47.49
CA THR B 311 6.77 18.96 -48.78
C THR B 311 7.92 19.84 -49.31
N LEU B 312 8.55 20.62 -48.41
CA LEU B 312 9.66 21.44 -48.85
C LEU B 312 10.88 20.60 -49.23
N LEU B 313 11.16 19.53 -48.50
CA LEU B 313 12.32 18.67 -48.85
C LEU B 313 12.12 18.12 -50.27
N GLU B 314 10.89 17.75 -50.57
CA GLU B 314 10.57 17.16 -51.84
C GLU B 314 10.76 18.19 -52.94
N ALA B 315 10.31 19.41 -52.70
CA ALA B 315 10.43 20.49 -53.63
C ALA B 315 11.89 20.84 -53.90
N VAL B 316 12.72 20.83 -52.86
CA VAL B 316 14.12 21.12 -53.02
C VAL B 316 14.82 20.01 -53.83
N ALA B 317 14.34 18.77 -53.70
CA ALA B 317 14.87 17.66 -54.49
C ALA B 317 14.47 17.75 -55.98
N LYS B 318 13.24 18.20 -56.25
CA LYS B 318 12.69 18.20 -57.60
C LYS B 318 12.92 19.48 -58.42
N LEU B 319 12.95 20.64 -57.76
CA LEU B 319 13.04 21.92 -58.46
C LEU B 319 14.46 22.44 -58.63
N PRO B 320 14.69 23.30 -59.66
CA PRO B 320 16.04 23.87 -59.82
C PRO B 320 16.45 24.58 -58.52
N THR B 321 17.73 24.53 -58.20
CA THR B 321 18.15 25.15 -57.00
C THR B 321 17.84 26.65 -56.98
N GLN B 322 17.81 27.30 -58.13
CA GLN B 322 17.51 28.73 -58.20
C GLN B 322 16.10 29.12 -57.75
N LYS B 323 15.14 28.17 -57.75
CA LYS B 323 13.76 28.43 -57.33
C LYS B 323 13.45 28.15 -55.84
N THR B 324 14.39 27.50 -55.14
CA THR B 324 14.16 26.97 -53.78
C THR B 324 15.00 27.64 -52.68
N GLU B 325 15.53 28.86 -52.95
CA GLU B 325 16.28 29.66 -51.97
C GLU B 325 15.50 29.88 -50.66
N VAL B 326 14.23 30.28 -50.76
CA VAL B 326 13.45 30.56 -49.58
C VAL B 326 13.11 29.25 -48.90
N PHE B 327 12.71 28.21 -49.67
CA PHE B 327 12.46 26.90 -49.07
C PHE B 327 13.62 26.41 -48.22
N ARG B 328 14.83 26.56 -48.74
CA ARG B 328 16.00 26.08 -48.05
C ARG B 328 16.22 26.86 -46.74
N GLY B 329 15.88 28.15 -46.73
CA GLY B 329 15.88 28.98 -45.49
C GLY B 329 14.91 28.37 -44.45
N VAL B 330 13.69 28.06 -44.87
CA VAL B 330 12.70 27.48 -43.98
C VAL B 330 13.23 26.13 -43.43
N LEU B 331 13.76 25.27 -44.31
CA LEU B 331 14.30 23.95 -43.95
C LEU B 331 15.41 24.02 -42.94
N GLU B 332 16.31 24.93 -43.20
CA GLU B 332 17.42 25.13 -42.32
C GLU B 332 16.95 25.60 -40.90
N GLN B 333 15.89 26.44 -40.82
CA GLN B 333 15.34 26.72 -39.47
C GLN B 333 14.68 25.48 -38.84
N LEU B 334 13.93 24.73 -39.65
CA LEU B 334 13.20 23.54 -39.20
C LEU B 334 14.11 22.43 -38.74
N ARG B 335 15.33 22.44 -39.23
CA ARG B 335 16.29 21.43 -38.85
C ARG B 335 16.64 21.50 -37.32
N TRP B 336 16.67 22.68 -36.74
CA TRP B 336 17.11 22.87 -35.36
C TRP B 336 16.00 23.61 -34.66
N PHE B 337 14.97 22.87 -34.31
CA PHE B 337 13.68 23.46 -34.02
C PHE B 337 13.14 22.74 -32.76
N ALA B 338 12.85 21.45 -32.90
CA ALA B 338 12.22 20.73 -31.79
C ALA B 338 12.22 19.28 -32.18
N GLY B 339 11.68 18.42 -31.35
CA GLY B 339 11.68 17.02 -31.75
C GLY B 339 10.66 16.67 -32.82
N LYS B 340 10.74 15.43 -33.30
CA LYS B 340 9.68 14.91 -34.15
C LYS B 340 8.31 15.05 -33.41
N GLN B 341 8.24 14.83 -32.09
CA GLN B 341 6.95 14.92 -31.37
C GLN B 341 6.27 16.28 -31.47
N VAL B 342 7.04 17.34 -31.40
CA VAL B 342 6.50 18.71 -31.47
C VAL B 342 6.20 19.10 -32.91
N LYS B 343 7.12 18.81 -33.83
CA LYS B 343 6.92 19.17 -35.26
C LYS B 343 5.73 18.42 -35.88
N SER B 344 5.41 17.21 -35.40
CA SER B 344 4.25 16.48 -35.92
C SER B 344 2.90 17.03 -35.48
N VAL B 345 2.85 17.89 -34.44
CA VAL B 345 1.55 18.43 -34.05
C VAL B 345 1.49 19.94 -34.13
N ALA B 346 2.63 20.62 -33.99
CA ALA B 346 2.70 22.09 -34.09
C ALA B 346 2.38 22.58 -35.53
N SER B 347 1.36 23.39 -35.68
CA SER B 347 0.96 23.88 -36.97
C SER B 347 1.81 25.07 -37.37
N LEU B 348 1.88 25.27 -38.68
CA LEU B 348 2.51 26.44 -39.29
C LEU B 348 1.83 27.69 -38.80
N GLY B 349 0.49 27.75 -38.92
CA GLY B 349 -0.23 29.00 -38.58
C GLY B 349 -0.05 29.31 -37.10
N GLY B 350 0.02 28.26 -36.30
CA GLY B 350 0.19 28.46 -34.88
C GLY B 350 1.47 29.17 -34.55
N ASN B 351 2.55 28.84 -35.25
CA ASN B 351 3.83 29.54 -34.96
C ASN B 351 3.82 30.99 -35.41
N ILE B 352 3.20 31.21 -36.57
CA ILE B 352 3.11 32.56 -37.09
C ILE B 352 2.26 33.42 -36.13
N ILE B 353 1.10 32.90 -35.71
CA ILE B 353 0.20 33.75 -34.90
C ILE B 353 0.65 33.87 -33.44
N THR B 354 1.37 32.87 -32.91
CA THR B 354 1.96 32.99 -31.56
C THR B 354 2.79 34.22 -31.54
N ALA B 355 3.54 34.45 -32.64
CA ALA B 355 4.32 35.69 -32.78
C ALA B 355 5.28 35.95 -31.63
N SER B 356 5.99 34.90 -31.22
CA SER B 356 7.06 35.20 -30.28
C SER B 356 8.18 36.03 -30.98
N PRO B 357 8.82 36.95 -30.24
CA PRO B 357 9.92 37.71 -30.75
C PRO B 357 11.06 36.80 -31.25
N ILE B 358 11.12 35.56 -30.75
CA ILE B 358 12.17 34.65 -31.17
C ILE B 358 11.66 33.52 -32.07
N SER B 359 10.46 33.66 -32.66
CA SER B 359 10.08 32.72 -33.76
C SER B 359 11.23 32.64 -34.78
N ASP B 360 11.57 31.43 -35.17
CA ASP B 360 12.60 31.21 -36.20
C ASP B 360 11.97 31.25 -37.58
N LEU B 361 10.66 31.13 -37.62
CA LEU B 361 10.01 31.09 -38.89
C LEU B 361 9.55 32.47 -39.35
N ASN B 362 8.99 33.27 -38.43
CA ASN B 362 8.60 34.62 -38.82
C ASN B 362 9.66 35.53 -39.51
N PRO B 363 10.93 35.54 -39.05
CA PRO B 363 11.95 36.36 -39.76
C PRO B 363 12.09 35.92 -41.20
N VAL B 364 11.87 34.63 -41.47
CA VAL B 364 12.05 34.05 -42.81
C VAL B 364 10.83 34.40 -43.66
N PHE B 365 9.64 34.29 -43.05
CA PHE B 365 8.46 34.70 -43.76
C PHE B 365 8.43 36.19 -44.00
N MET B 366 8.87 37.00 -43.06
CA MET B 366 8.94 38.47 -43.29
C MET B 366 9.93 38.83 -44.42
N ALA B 367 11.14 38.28 -44.33
CA ALA B 367 12.18 38.67 -45.29
C ALA B 367 11.84 38.22 -46.73
N SER B 368 11.03 37.17 -46.87
CA SER B 368 10.59 36.69 -48.19
C SER B 368 9.23 37.22 -48.64
N GLY B 369 8.59 38.03 -47.83
CA GLY B 369 7.26 38.49 -48.17
C GLY B 369 6.28 37.34 -48.40
N THR B 370 6.42 36.26 -47.63
CA THR B 370 5.46 35.16 -47.65
C THR B 370 4.05 35.67 -47.49
N LYS B 371 3.14 35.06 -48.24
CA LYS B 371 1.79 35.58 -48.37
C LYS B 371 0.84 34.87 -47.45
N LEU B 372 0.11 35.65 -46.66
CA LEU B 372 -0.80 35.14 -45.65
C LEU B 372 -2.21 35.30 -46.15
N THR B 373 -2.97 34.22 -46.22
CA THR B 373 -4.41 34.41 -46.55
C THR B 373 -5.23 34.36 -45.28
N ILE B 374 -5.99 35.45 -45.07
CA ILE B 374 -6.71 35.67 -43.87
C ILE B 374 -8.19 35.87 -44.18
N VAL B 375 -9.04 35.29 -43.36
CA VAL B 375 -10.44 35.12 -43.66
C VAL B 375 -11.29 35.38 -42.39
N SER B 376 -12.49 35.95 -42.54
CA SER B 376 -13.54 35.90 -41.52
C SER B 376 -14.86 35.60 -42.24
N ARG B 377 -15.97 35.49 -41.52
CA ARG B 377 -17.26 35.24 -42.22
C ARG B 377 -17.46 36.44 -43.17
N GLY B 378 -17.65 36.19 -44.47
CA GLY B 378 -17.76 37.27 -45.50
C GLY B 378 -16.54 38.12 -45.91
N THR B 379 -15.33 37.73 -45.50
CA THR B 379 -14.08 38.48 -45.79
C THR B 379 -12.96 37.52 -46.17
N ARG B 380 -12.03 38.04 -46.97
CA ARG B 380 -10.87 37.33 -47.40
C ARG B 380 -9.88 38.36 -47.93
N ARG B 381 -8.64 38.31 -47.44
CA ARG B 381 -7.55 39.11 -47.97
C ARG B 381 -6.26 38.24 -47.98
N THR B 382 -5.34 38.53 -48.90
CA THR B 382 -4.03 37.88 -48.94
C THR B 382 -3.04 39.00 -48.82
N VAL B 383 -2.17 38.97 -47.80
CA VAL B 383 -1.20 40.05 -47.61
C VAL B 383 0.23 39.47 -47.56
N PRO B 384 1.21 40.19 -48.11
CA PRO B 384 2.58 39.70 -47.91
C PRO B 384 2.94 39.96 -46.44
N MET B 385 3.58 39.02 -45.75
CA MET B 385 4.11 39.39 -44.41
C MET B 385 5.17 40.52 -44.48
N ASP B 386 4.98 41.55 -43.69
CA ASP B 386 6.03 42.55 -43.60
C ASP B 386 6.12 43.03 -42.18
N HIS B 387 6.92 44.04 -41.97
CA HIS B 387 7.23 44.51 -40.63
C HIS B 387 6.03 45.02 -39.82
N THR B 388 5.00 45.51 -40.50
CA THR B 388 3.78 46.00 -39.86
C THR B 388 2.91 44.85 -39.38
N PHE B 389 3.13 43.63 -39.86
CA PHE B 389 2.30 42.52 -39.42
C PHE B 389 2.37 42.22 -37.90
N PHE B 390 3.44 42.65 -37.24
CA PHE B 390 3.67 42.39 -35.80
C PHE B 390 3.73 43.74 -35.11
N PRO B 391 2.58 44.24 -34.68
CA PRO B 391 2.51 45.61 -34.15
C PRO B 391 3.06 45.76 -32.74
N SER B 392 3.09 44.68 -31.95
CA SER B 392 3.63 44.76 -30.61
C SER B 392 3.80 43.32 -30.09
N TYR B 393 4.17 43.16 -28.83
CA TYR B 393 4.58 41.88 -28.30
C TYR B 393 3.50 40.80 -28.44
N ARG B 394 3.85 39.66 -29.05
CA ARG B 394 2.92 38.53 -29.20
C ARG B 394 1.56 38.83 -29.83
N LYS B 395 1.49 39.88 -30.65
CA LYS B 395 0.28 40.19 -31.45
C LYS B 395 0.58 40.33 -32.96
N THR B 396 -0.46 40.16 -33.75
CA THR B 396 -0.39 40.32 -35.17
C THR B 396 -1.49 41.27 -35.60
N LEU B 397 -1.49 41.67 -36.86
CA LEU B 397 -2.61 42.42 -37.41
C LEU B 397 -3.88 41.64 -37.84
N LEU B 398 -4.20 40.51 -37.23
CA LEU B 398 -5.49 39.90 -37.46
C LEU B 398 -6.49 40.55 -36.55
N GLY B 399 -7.70 40.74 -37.06
CA GLY B 399 -8.83 41.15 -36.22
C GLY B 399 -9.30 39.97 -35.38
N PRO B 400 -10.07 40.25 -34.29
CA PRO B 400 -10.52 39.10 -33.43
C PRO B 400 -11.48 38.09 -34.10
N GLU B 401 -12.17 38.49 -35.16
CA GLU B 401 -13.04 37.54 -35.93
C GLU B 401 -12.23 36.74 -36.99
N GLU B 402 -11.00 37.16 -37.26
CA GLU B 402 -10.21 36.63 -38.40
C GLU B 402 -9.41 35.39 -38.03
N ILE B 403 -9.23 34.48 -39.00
CA ILE B 403 -8.34 33.30 -38.83
C ILE B 403 -7.41 33.30 -40.03
N LEU B 404 -6.19 32.77 -39.83
CA LEU B 404 -5.19 32.55 -40.89
C LEU B 404 -5.54 31.23 -41.56
N LEU B 405 -5.90 31.30 -42.84
CA LEU B 405 -6.34 30.15 -43.60
C LEU B 405 -5.14 29.41 -44.23
N SER B 406 -4.22 30.15 -44.82
CA SER B 406 -3.11 29.52 -45.53
C SER B 406 -1.92 30.43 -45.74
N ILE B 407 -0.77 29.85 -46.10
CA ILE B 407 0.49 30.53 -46.12
C ILE B 407 1.18 30.03 -47.37
N GLU B 408 1.55 30.99 -48.22
CA GLU B 408 2.20 30.65 -49.47
C GLU B 408 3.64 31.07 -49.42
N ILE B 409 4.54 30.07 -49.39
CA ILE B 409 5.94 30.32 -49.23
C ILE B 409 6.47 30.42 -50.70
N PRO B 410 7.12 31.57 -51.06
CA PRO B 410 7.35 31.80 -52.48
C PRO B 410 8.57 31.08 -53.03
N TYR B 411 8.50 30.74 -54.32
CA TYR B 411 9.75 30.37 -55.06
C TYR B 411 10.66 31.57 -55.07
N SER B 412 11.97 31.31 -55.04
CA SER B 412 12.93 32.40 -55.29
C SER B 412 13.03 32.67 -56.81
N ARG B 413 13.49 33.85 -57.20
CA ARG B 413 13.63 34.20 -58.61
C ARG B 413 15.10 34.19 -59.02
N GLU B 414 15.33 34.38 -60.33
CA GLU B 414 16.69 34.69 -60.83
C GLU B 414 17.27 35.89 -60.09
N ASP B 415 18.57 35.87 -59.83
CA ASP B 415 19.22 37.03 -59.18
C ASP B 415 18.74 37.28 -57.72
N GLU B 416 18.07 36.28 -57.11
CA GLU B 416 17.49 36.42 -55.75
C GLU B 416 18.06 35.32 -54.86
N PHE B 417 18.66 35.72 -53.74
CA PHE B 417 19.28 34.73 -52.86
C PHE B 417 18.75 34.93 -51.43
N PHE B 418 18.73 33.83 -50.68
CA PHE B 418 18.19 33.80 -49.33
C PHE B 418 19.06 32.98 -48.39
N SER B 419 19.15 33.50 -47.16
CA SER B 419 19.75 32.77 -46.03
C SER B 419 18.90 32.89 -44.78
N ALA B 420 18.91 31.80 -44.01
CA ALA B 420 18.38 31.86 -42.62
C ALA B 420 19.44 31.34 -41.68
N PHE B 421 19.62 32.02 -40.54
CA PHE B 421 20.53 31.60 -39.51
C PHE B 421 19.81 31.63 -38.14
N LYS B 422 20.27 30.81 -37.21
CA LYS B 422 19.72 30.73 -35.84
C LYS B 422 20.89 30.39 -34.95
N GLN B 423 21.06 31.07 -33.83
CA GLN B 423 22.06 30.68 -32.82
C GLN B 423 21.38 30.69 -31.47
N ALA B 424 21.48 29.58 -30.74
CA ALA B 424 20.84 29.42 -29.44
C ALA B 424 21.94 29.06 -28.42
N SER B 425 21.62 28.37 -27.30
CA SER B 425 22.71 27.89 -26.39
C SER B 425 23.13 26.49 -26.76
N ARG B 426 22.19 25.76 -27.34
CA ARG B 426 22.42 24.38 -27.79
C ARG B 426 21.79 24.28 -29.15
N ARG B 427 22.40 23.51 -30.02
CA ARG B 427 21.88 23.40 -31.39
C ARG B 427 20.44 22.88 -31.37
N GLU B 428 20.21 21.75 -30.72
CA GLU B 428 18.93 21.03 -30.78
C GLU B 428 17.90 21.68 -29.85
N ASP B 429 16.64 21.74 -30.30
CA ASP B 429 15.50 22.05 -29.43
C ASP B 429 15.80 23.20 -28.46
N ASP B 430 16.06 24.37 -29.02
CA ASP B 430 16.41 25.52 -28.17
C ASP B 430 15.91 26.89 -28.72
N ILE B 431 15.77 27.85 -27.80
CA ILE B 431 15.19 29.14 -28.09
C ILE B 431 16.29 30.00 -28.70
N ALA B 432 16.07 30.57 -29.89
CA ALA B 432 17.11 31.43 -30.50
C ALA B 432 17.54 32.55 -29.56
N LYS B 433 18.84 32.86 -29.47
CA LYS B 433 19.30 34.18 -28.98
C LYS B 433 19.11 35.25 -30.05
N VAL B 434 19.50 34.96 -31.30
CA VAL B 434 19.18 35.79 -32.47
C VAL B 434 18.90 34.81 -33.59
N THR B 435 17.93 35.13 -34.41
CA THR B 435 17.53 34.23 -35.48
C THR B 435 17.14 35.19 -36.63
N CYS B 436 17.33 34.80 -37.89
CA CYS B 436 17.08 35.76 -38.98
C CYS B 436 16.67 35.15 -40.29
N GLY B 437 16.11 35.99 -41.14
CA GLY B 437 15.85 35.64 -42.53
C GLY B 437 16.46 36.79 -43.35
N MET B 438 17.26 36.45 -44.36
CA MET B 438 17.91 37.51 -45.16
C MET B 438 17.68 37.24 -46.67
N ARG B 439 17.26 38.27 -47.40
CA ARG B 439 16.96 38.10 -48.83
C ARG B 439 17.60 39.26 -49.58
N VAL B 440 18.19 38.94 -50.72
CA VAL B 440 18.68 40.00 -51.63
C VAL B 440 18.15 39.67 -53.00
N LEU B 441 17.72 40.72 -53.70
CA LEU B 441 17.40 40.64 -55.12
C LEU B 441 18.27 41.63 -55.84
N PHE B 442 19.00 41.12 -56.83
CA PHE B 442 19.89 41.97 -57.68
C PHE B 442 19.22 42.36 -59.00
N GLN B 443 19.68 43.44 -59.64
CA GLN B 443 19.27 43.77 -61.02
C GLN B 443 19.74 42.58 -61.90
N PRO B 444 19.07 42.34 -63.05
CA PRO B 444 19.35 41.08 -63.80
C PRO B 444 20.82 40.86 -64.17
N GLY B 445 21.33 39.67 -63.84
CA GLY B 445 22.77 39.32 -63.95
C GLY B 445 23.76 40.30 -63.28
N SER B 446 23.31 41.15 -62.38
CA SER B 446 24.29 42.04 -61.82
C SER B 446 24.56 41.76 -60.32
N MET B 447 25.46 42.59 -59.76
CA MET B 447 25.80 42.64 -58.35
C MET B 447 25.21 43.87 -57.71
N GLN B 448 24.24 44.48 -58.40
CA GLN B 448 23.65 45.74 -57.95
C GLN B 448 22.32 45.48 -57.25
N VAL B 449 22.25 45.91 -55.99
CA VAL B 449 21.08 45.56 -55.16
C VAL B 449 19.79 46.17 -55.70
N LYS B 450 18.78 45.34 -55.90
CA LYS B 450 17.46 45.86 -56.22
C LYS B 450 16.54 45.88 -54.99
N GLU B 451 16.53 44.77 -54.24
CA GLU B 451 15.87 44.71 -52.92
C GLU B 451 16.82 44.01 -51.92
N LEU B 452 16.71 44.38 -50.63
CA LEU B 452 17.48 43.75 -49.51
C LEU B 452 16.56 43.75 -48.29
N ALA B 453 16.40 42.58 -47.62
CA ALA B 453 15.55 42.53 -46.41
C ALA B 453 16.32 41.71 -45.37
N LEU B 454 16.64 42.34 -44.25
CA LEU B 454 17.32 41.66 -43.17
C LEU B 454 16.36 41.66 -41.95
N CYS B 455 15.73 40.52 -41.72
CA CYS B 455 14.73 40.44 -40.63
C CYS B 455 15.21 39.53 -39.50
N TYR B 456 15.06 40.01 -38.26
CA TYR B 456 15.67 39.31 -37.16
C TYR B 456 14.64 39.03 -36.09
N GLY B 457 14.79 37.87 -35.47
CA GLY B 457 14.18 37.60 -34.14
C GLY B 457 15.19 37.79 -33.01
N GLY B 458 14.73 38.05 -31.79
CA GLY B 458 15.64 38.10 -30.65
C GLY B 458 16.29 39.45 -30.48
N MET B 459 15.82 40.45 -31.22
CA MET B 459 16.44 41.76 -31.15
C MET B 459 15.49 42.84 -30.68
N ALA B 460 14.26 42.48 -30.25
CA ALA B 460 13.25 43.47 -29.86
C ALA B 460 12.07 42.67 -29.31
N ASP B 461 10.97 43.35 -28.93
CA ASP B 461 9.77 42.65 -28.48
C ASP B 461 8.92 42.05 -29.60
N ARG B 462 9.43 42.04 -30.82
CA ARG B 462 8.73 41.38 -31.90
C ARG B 462 9.76 41.10 -33.05
N THR B 463 9.33 40.40 -34.08
CA THR B 463 10.19 40.20 -35.26
C THR B 463 10.33 41.55 -35.95
N ILE B 464 11.55 41.99 -36.23
CA ILE B 464 11.75 43.28 -36.88
C ILE B 464 12.58 43.18 -38.18
N SER B 465 12.54 44.25 -38.96
CA SER B 465 13.32 44.32 -40.19
C SER B 465 14.25 45.52 -40.05
N ALA B 466 15.52 45.38 -40.44
CA ALA B 466 16.45 46.52 -40.38
C ALA B 466 16.24 47.44 -41.58
N LEU B 467 15.08 48.09 -41.62
CA LEU B 467 14.65 48.90 -42.77
C LEU B 467 15.58 50.09 -43.08
N LYS B 468 16.07 50.79 -42.04
CA LYS B 468 16.86 51.97 -42.31
C LYS B 468 18.15 51.51 -42.94
N THR B 469 18.70 50.40 -42.48
CA THR B 469 20.00 49.93 -42.92
C THR B 469 19.89 49.44 -44.37
N THR B 470 18.85 48.68 -44.68
CA THR B 470 18.76 48.07 -45.99
C THR B 470 18.35 49.09 -47.05
N GLN B 471 17.46 50.03 -46.72
CA GLN B 471 17.06 51.10 -47.65
C GLN B 471 18.28 51.84 -48.19
N LYS B 472 19.29 52.11 -47.35
CA LYS B 472 20.55 52.76 -47.82
C LYS B 472 21.37 51.98 -48.87
N GLN B 473 21.10 50.71 -49.06
CA GLN B 473 21.98 49.93 -49.94
C GLN B 473 21.29 49.68 -51.26
N LEU B 474 20.06 50.14 -51.40
CA LEU B 474 19.36 49.94 -52.65
C LEU B 474 20.12 50.67 -53.77
N SER B 475 20.28 49.95 -54.87
CA SER B 475 21.10 50.33 -55.98
C SER B 475 22.63 50.43 -55.70
N LYS B 476 23.11 50.05 -54.51
CA LYS B 476 24.59 49.85 -54.30
C LYS B 476 25.00 48.45 -54.83
N PHE B 477 26.31 48.20 -54.94
CA PHE B 477 26.81 46.95 -55.46
C PHE B 477 27.32 46.08 -54.27
N TRP B 478 27.25 44.77 -54.43
CA TRP B 478 27.67 43.84 -53.40
C TRP B 478 29.19 43.87 -53.22
N ASN B 479 29.66 44.65 -52.27
CA ASN B 479 31.08 44.79 -52.11
C ASN B 479 31.46 45.11 -50.66
N GLU B 480 32.75 45.18 -50.43
CA GLU B 480 33.30 45.40 -49.11
C GLU B 480 32.74 46.64 -48.42
N LYS B 481 32.57 47.70 -49.20
CA LYS B 481 32.06 48.94 -48.63
C LYS B 481 30.59 48.71 -48.21
N LEU B 482 29.83 47.94 -48.99
CA LEU B 482 28.47 47.60 -48.56
C LEU B 482 28.52 46.79 -47.24
N LEU B 483 29.46 45.88 -47.13
CA LEU B 483 29.51 45.04 -45.93
C LEU B 483 29.76 45.95 -44.72
N GLN B 484 30.72 46.88 -44.88
CA GLN B 484 31.08 47.79 -43.77
C GLN B 484 29.91 48.68 -43.41
N ASP B 485 29.24 49.17 -44.42
CA ASP B 485 28.13 50.08 -44.26
C ASP B 485 26.99 49.36 -43.55
N VAL B 486 26.69 48.13 -44.00
CA VAL B 486 25.58 47.40 -43.45
C VAL B 486 25.88 47.07 -41.97
N CYS B 487 27.09 46.63 -41.67
CA CYS B 487 27.52 46.38 -40.28
C CYS B 487 27.36 47.63 -39.43
N ALA B 488 27.86 48.77 -39.89
CA ALA B 488 27.74 50.00 -39.15
C ALA B 488 26.25 50.30 -38.97
N GLY B 489 25.49 50.05 -40.04
CA GLY B 489 24.06 50.34 -39.98
C GLY B 489 23.37 49.50 -38.87
N LEU B 490 23.60 48.18 -38.93
CA LEU B 490 22.97 47.25 -38.02
C LEU B 490 23.40 47.59 -36.57
N ALA B 491 24.64 48.00 -36.37
CA ALA B 491 25.09 48.35 -35.00
C ALA B 491 24.29 49.53 -34.42
N GLU B 492 23.88 50.44 -35.28
CA GLU B 492 23.20 51.62 -34.79
C GLU B 492 21.72 51.34 -34.73
N GLU B 493 21.20 50.64 -35.73
CA GLU B 493 19.75 50.51 -35.88
C GLU B 493 19.23 49.44 -34.91
N LEU B 494 20.00 48.37 -34.72
CA LEU B 494 19.51 47.30 -33.87
C LEU B 494 20.16 47.36 -32.49
N SER B 495 19.99 48.50 -31.83
CA SER B 495 20.65 48.73 -30.53
C SER B 495 19.85 47.97 -29.49
N LEU B 496 20.48 47.58 -28.37
CA LEU B 496 19.75 46.97 -27.25
C LEU B 496 20.11 47.74 -25.99
N SER B 497 19.14 48.14 -25.17
CA SER B 497 19.49 48.80 -23.91
C SER B 497 20.08 47.76 -22.97
N PRO B 498 20.83 48.23 -21.96
CA PRO B 498 21.49 47.23 -21.11
C PRO B 498 20.47 46.34 -20.36
N ASP B 499 19.24 46.82 -20.21
CA ASP B 499 18.19 46.03 -19.54
C ASP B 499 17.28 45.17 -20.45
N ALA B 500 17.59 45.01 -21.73
CA ALA B 500 16.78 44.11 -22.60
C ALA B 500 16.49 42.72 -22.00
N PRO B 501 15.22 42.27 -22.04
CA PRO B 501 14.86 40.87 -21.80
C PRO B 501 15.77 39.92 -22.57
N GLY B 502 16.28 38.89 -21.88
CA GLY B 502 17.13 37.84 -22.52
C GLY B 502 18.58 38.13 -22.25
N GLY B 503 18.93 39.37 -21.88
CA GLY B 503 20.34 39.68 -21.59
C GLY B 503 21.26 39.44 -22.78
N MET B 504 22.51 39.12 -22.50
CA MET B 504 23.49 38.74 -23.52
C MET B 504 23.53 39.76 -24.68
N ILE B 505 23.70 41.01 -24.29
CA ILE B 505 23.52 42.19 -25.07
C ILE B 505 24.62 42.22 -26.14
N GLU B 506 25.88 42.10 -25.74
CA GLU B 506 26.99 42.09 -26.72
C GLU B 506 26.92 40.89 -27.69
N PHE B 507 26.57 39.70 -27.16
CA PHE B 507 26.48 38.49 -27.98
C PHE B 507 25.42 38.67 -29.08
N ARG B 508 24.24 39.13 -28.69
CA ARG B 508 23.19 39.36 -29.63
C ARG B 508 23.55 40.38 -30.72
N ARG B 509 24.12 41.52 -30.33
CA ARG B 509 24.57 42.51 -31.29
C ARG B 509 25.61 41.94 -32.23
N THR B 510 26.57 41.22 -31.69
CA THR B 510 27.61 40.58 -32.49
C THR B 510 27.03 39.57 -33.48
N LEU B 511 26.05 38.79 -33.04
CA LEU B 511 25.38 37.84 -33.87
C LEU B 511 24.66 38.56 -34.97
N THR B 512 24.05 39.70 -34.70
CA THR B 512 23.30 40.30 -35.83
C THR B 512 24.28 40.68 -37.01
N LEU B 513 25.48 41.15 -36.69
CA LEU B 513 26.51 41.52 -37.69
C LEU B 513 27.13 40.26 -38.30
N SER B 514 27.38 39.27 -37.43
CA SER B 514 28.00 38.02 -37.86
C SER B 514 27.12 37.26 -38.87
N PHE B 515 25.80 37.26 -38.64
CA PHE B 515 24.90 36.58 -39.57
C PHE B 515 24.92 37.37 -40.92
N PHE B 516 24.88 38.70 -40.86
CA PHE B 516 25.01 39.45 -42.09
C PHE B 516 26.32 39.16 -42.83
N PHE B 517 27.43 39.06 -42.10
CA PHE B 517 28.71 38.68 -42.72
C PHE B 517 28.64 37.34 -43.42
N LYS B 518 27.94 36.38 -42.81
CA LYS B 518 27.86 35.06 -43.40
C LYS B 518 27.02 35.16 -44.63
N PHE B 519 25.97 35.99 -44.57
CA PHE B 519 25.07 36.18 -45.70
C PHE B 519 25.85 36.85 -46.84
N TYR B 520 26.60 37.88 -46.52
CA TYR B 520 27.40 38.61 -47.47
C TYR B 520 28.37 37.67 -48.22
N LEU B 521 29.05 36.79 -47.50
CA LEU B 521 29.99 35.87 -48.16
C LEU B 521 29.30 34.81 -48.98
N THR B 522 28.20 34.29 -48.43
CA THR B 522 27.40 33.30 -49.09
C THR B 522 26.85 33.88 -50.42
N VAL B 523 26.41 35.14 -50.38
CA VAL B 523 25.90 35.75 -51.60
C VAL B 523 27.04 35.95 -52.66
N LEU B 524 28.24 36.34 -52.20
CA LEU B 524 29.39 36.38 -53.11
C LEU B 524 29.64 35.03 -53.79
N LYS B 525 29.61 33.96 -53.01
CA LYS B 525 29.73 32.62 -53.54
C LYS B 525 28.62 32.38 -54.57
N LYS B 526 27.36 32.61 -54.21
CA LYS B 526 26.24 32.38 -55.17
C LYS B 526 26.28 33.29 -56.42
N LEU B 527 26.80 34.49 -56.28
CA LEU B 527 27.01 35.34 -57.46
C LEU B 527 28.17 34.84 -58.39
N GLY B 528 29.05 33.95 -57.92
CA GLY B 528 30.28 33.55 -58.66
C GLY B 528 30.11 32.21 -59.35
N LYS B 537 35.58 33.09 -56.75
CA LYS B 537 35.34 32.51 -55.43
C LYS B 537 36.01 33.37 -54.32
N LEU B 538 35.78 32.97 -53.07
CA LEU B 538 36.35 33.63 -51.89
C LEU B 538 37.76 33.12 -51.58
N ASP B 539 38.53 33.91 -50.83
CA ASP B 539 39.76 33.40 -50.21
C ASP B 539 39.42 32.01 -49.60
N PRO B 540 40.23 30.95 -49.91
CA PRO B 540 39.75 29.64 -49.43
C PRO B 540 39.76 29.52 -47.87
N THR B 541 40.45 30.43 -47.18
CA THR B 541 40.39 30.47 -45.73
C THR B 541 39.06 31.06 -45.21
N TYR B 542 38.26 31.67 -46.11
CA TYR B 542 36.92 32.20 -45.78
C TYR B 542 35.76 31.26 -46.10
N THR B 543 35.98 30.23 -46.93
CA THR B 543 34.82 29.44 -47.46
C THR B 543 34.01 28.69 -46.36
N SER B 544 34.68 28.19 -45.31
CA SER B 544 33.96 27.42 -44.27
C SER B 544 32.92 28.30 -43.53
N ALA B 545 33.11 29.65 -43.57
CA ALA B 545 32.14 30.60 -42.95
C ALA B 545 30.77 30.51 -43.58
N THR B 546 30.71 30.02 -44.82
CA THR B 546 29.46 29.91 -45.61
C THR B 546 28.84 28.50 -45.60
N LEU B 547 29.53 27.50 -45.05
CA LEU B 547 28.98 26.12 -45.09
C LEU B 547 27.91 25.92 -44.03
N LEU B 548 26.82 25.23 -44.40
CA LEU B 548 25.73 24.89 -43.51
C LEU B 548 26.15 23.71 -42.63
N PHE B 549 25.65 23.68 -41.39
CA PHE B 549 26.07 22.67 -40.43
C PHE B 549 26.08 21.28 -41.07
N GLN B 550 27.12 20.52 -40.81
CA GLN B 550 27.31 19.25 -41.48
C GLN B 550 27.59 18.17 -40.42
N LYS B 551 26.66 17.21 -40.31
CA LYS B 551 26.78 16.00 -39.46
C LYS B 551 27.93 15.07 -39.95
N HIS B 552 28.85 14.70 -39.05
CA HIS B 552 29.81 13.63 -39.39
C HIS B 552 29.36 12.28 -38.81
N PRO B 553 29.70 11.18 -39.53
CA PRO B 553 29.20 9.87 -39.13
C PRO B 553 29.78 9.46 -37.76
N PRO B 554 28.95 8.83 -36.90
CA PRO B 554 29.46 8.41 -35.58
C PRO B 554 30.49 7.25 -35.63
N ALA B 555 31.43 7.25 -34.68
CA ALA B 555 32.33 6.12 -34.41
C ALA B 555 32.50 5.96 -32.89
N ASN B 556 32.16 4.79 -32.36
CA ASN B 556 32.23 4.50 -30.93
C ASN B 556 32.96 3.20 -30.69
N ILE B 557 34.00 3.23 -29.86
CA ILE B 557 34.72 2.00 -29.52
C ILE B 557 34.78 1.89 -27.99
N GLN B 558 34.47 0.72 -27.44
CA GLN B 558 34.69 0.48 -26.01
C GLN B 558 35.66 -0.67 -25.87
N LEU B 559 36.71 -0.49 -25.07
CA LEU B 559 37.69 -1.53 -24.81
C LEU B 559 37.61 -1.89 -23.31
N PHE B 560 37.62 -3.18 -23.00
CA PHE B 560 37.65 -3.56 -21.58
C PHE B 560 38.28 -4.95 -21.51
N GLN B 561 38.39 -5.46 -20.30
CA GLN B 561 39.11 -6.71 -20.14
C GLN B 561 38.14 -7.90 -20.09
N GLU B 562 38.43 -8.91 -20.91
CA GLU B 562 37.81 -10.24 -20.77
C GLU B 562 38.04 -10.81 -19.36
N VAL B 563 37.13 -11.67 -18.87
CA VAL B 563 37.34 -12.34 -17.60
C VAL B 563 38.32 -13.53 -17.82
N PRO B 564 39.02 -13.96 -16.73
CA PRO B 564 39.91 -15.15 -16.84
C PRO B 564 39.27 -16.34 -17.57
N ASN B 565 40.09 -17.03 -18.34
CA ASN B 565 39.67 -18.22 -19.08
C ASN B 565 38.89 -19.27 -18.25
N GLY B 566 39.34 -19.59 -17.04
CA GLY B 566 38.60 -20.62 -16.30
C GLY B 566 37.41 -20.14 -15.46
N GLN B 567 36.92 -18.92 -15.68
CA GLN B 567 35.92 -18.42 -14.76
C GLN B 567 34.59 -19.06 -15.14
N SER B 568 33.92 -19.65 -14.17
CA SER B 568 32.61 -20.26 -14.40
C SER B 568 31.61 -19.28 -15.04
N LYS B 569 30.73 -19.80 -15.88
CA LYS B 569 29.67 -19.02 -16.49
C LYS B 569 28.69 -18.39 -15.49
N GLU B 570 28.48 -19.00 -14.34
CA GLU B 570 27.58 -18.46 -13.36
C GLU B 570 28.27 -17.38 -12.50
N ASP B 571 29.58 -17.26 -12.61
CA ASP B 571 30.25 -16.19 -11.94
C ASP B 571 30.21 -15.00 -12.92
N THR B 572 29.35 -14.01 -12.64
CA THR B 572 29.17 -12.89 -13.57
C THR B 572 30.03 -11.65 -13.24
N VAL B 573 30.81 -11.73 -12.18
CA VAL B 573 31.62 -10.58 -11.76
C VAL B 573 32.70 -10.38 -12.82
N GLY B 574 32.80 -9.16 -13.38
CA GLY B 574 33.73 -8.87 -14.50
C GLY B 574 33.06 -8.93 -15.86
N ARG B 575 31.79 -9.38 -15.92
CA ARG B 575 31.10 -9.60 -17.20
C ARG B 575 30.07 -8.45 -17.45
N PRO B 576 29.79 -8.13 -18.74
CA PRO B 576 28.92 -7.00 -19.06
C PRO B 576 27.42 -7.34 -18.98
N LEU B 577 26.98 -7.70 -17.79
CA LEU B 577 25.61 -8.03 -17.52
C LEU B 577 24.70 -6.74 -17.57
N PRO B 578 23.66 -6.76 -18.41
CA PRO B 578 22.72 -5.62 -18.44
C PRO B 578 22.07 -5.36 -17.06
N HIS B 579 21.82 -4.10 -16.77
CA HIS B 579 21.05 -3.67 -15.59
C HIS B 579 19.84 -4.59 -15.43
N LEU B 580 19.62 -5.08 -14.23
CA LEU B 580 18.55 -6.09 -14.05
C LEU B 580 17.18 -5.59 -14.38
N ALA B 581 16.94 -4.28 -14.27
CA ALA B 581 15.54 -3.81 -14.48
C ALA B 581 15.41 -3.19 -15.88
N ALA B 582 16.48 -3.26 -16.69
CA ALA B 582 16.46 -2.55 -18.02
C ALA B 582 15.28 -2.96 -18.88
N ALA B 583 14.99 -4.25 -18.93
CA ALA B 583 13.90 -4.72 -19.82
C ALA B 583 12.58 -4.16 -19.29
N MET B 584 12.37 -4.15 -17.96
CA MET B 584 11.16 -3.53 -17.39
C MET B 584 11.11 -2.02 -17.56
N GLN B 585 12.27 -1.38 -17.63
CA GLN B 585 12.28 0.10 -17.81
C GLN B 585 11.92 0.38 -19.28
N ALA B 586 12.38 -0.50 -20.17
CA ALA B 586 12.07 -0.32 -21.57
C ALA B 586 10.60 -0.67 -21.86
N SER B 587 9.97 -1.49 -21.01
CA SER B 587 8.54 -1.86 -21.29
C SER B 587 7.52 -0.98 -20.47
N GLY B 588 8.05 -0.06 -19.64
CA GLY B 588 7.13 0.80 -18.84
C GLY B 588 6.52 0.09 -17.67
N GLU B 589 7.06 -1.10 -17.39
CA GLU B 589 6.61 -1.89 -16.26
C GLU B 589 7.33 -1.53 -14.96
N ALA B 590 8.53 -0.95 -15.05
CA ALA B 590 9.31 -0.57 -13.82
C ALA B 590 8.51 0.50 -13.11
N VAL B 591 8.26 0.32 -11.82
CA VAL B 591 7.42 1.24 -11.08
C VAL B 591 8.29 2.32 -10.38
N TYR B 592 8.02 3.58 -10.71
CA TYR B 592 8.57 4.74 -9.97
C TYR B 592 7.50 5.27 -9.01
N CYS B 593 7.94 6.05 -8.02
CA CYS B 593 7.04 6.54 -6.96
C CYS B 593 5.61 6.91 -7.41
N ASP B 594 5.51 7.81 -8.40
CA ASP B 594 4.20 8.32 -8.74
C ASP B 594 3.46 7.26 -9.55
N ASP B 595 4.18 6.22 -10.02
CA ASP B 595 3.51 5.13 -10.76
C ASP B 595 2.70 4.22 -9.83
N ILE B 596 3.01 4.27 -8.55
CA ILE B 596 2.21 3.54 -7.56
C ILE B 596 0.76 4.03 -7.59
N PRO B 597 -0.20 3.09 -7.77
CA PRO B 597 -1.61 3.45 -7.82
C PRO B 597 -1.99 4.28 -6.59
N ARG B 598 -2.91 5.23 -6.71
CA ARG B 598 -3.30 5.97 -5.54
C ARG B 598 -4.39 5.24 -4.79
N TYR B 599 -4.46 5.45 -3.49
CA TYR B 599 -5.57 4.90 -2.74
C TYR B 599 -6.85 5.64 -3.14
N GLU B 600 -8.01 5.04 -2.95
CA GLU B 600 -9.21 5.81 -3.28
C GLU B 600 -9.45 7.07 -2.47
N ASN B 601 -8.90 7.12 -1.25
CA ASN B 601 -9.04 8.29 -0.42
C ASN B 601 -7.76 9.16 -0.45
N GLU B 602 -6.89 8.92 -1.44
CA GLU B 602 -5.58 9.58 -1.46
C GLU B 602 -5.68 11.03 -1.96
N LEU B 603 -5.04 11.96 -1.25
CA LEU B 603 -5.11 13.40 -1.56
C LEU B 603 -3.78 13.88 -2.18
N PHE B 604 -3.79 15.11 -2.74
CA PHE B 604 -2.66 15.67 -3.45
C PHE B 604 -2.23 16.95 -2.76
N LEU B 605 -0.91 17.15 -2.68
CA LEU B 605 -0.35 18.33 -2.02
C LEU B 605 0.41 19.16 -3.02
N ARG B 606 0.26 20.47 -2.92
CA ARG B 606 0.98 21.42 -3.76
C ARG B 606 1.68 22.43 -2.85
N LEU B 607 2.99 22.59 -2.96
CA LEU B 607 3.71 23.52 -2.07
C LEU B 607 3.36 24.98 -2.40
N VAL B 608 3.29 25.80 -1.36
CA VAL B 608 3.12 27.26 -1.57
C VAL B 608 4.48 27.87 -1.19
N THR B 609 5.09 28.57 -2.11
CA THR B 609 6.45 29.01 -1.91
C THR B 609 6.63 30.51 -2.09
N SER B 610 7.68 31.02 -1.47
CA SER B 610 7.93 32.45 -1.42
C SER B 610 8.28 33.02 -2.84
N THR B 611 7.73 34.18 -3.18
CA THR B 611 8.11 34.91 -4.39
C THR B 611 9.14 36.00 -4.08
N ARG B 612 9.62 36.07 -2.84
CA ARG B 612 10.57 37.13 -2.43
C ARG B 612 11.85 36.49 -1.95
N ALA B 613 13.00 37.06 -2.30
CA ALA B 613 14.31 36.53 -1.85
C ALA B 613 14.53 36.67 -0.34
N HIS B 614 13.94 37.71 0.27
CA HIS B 614 14.15 37.97 1.70
C HIS B 614 13.12 38.98 2.17
N ALA B 615 12.17 38.53 3.00
CA ALA B 615 11.13 39.38 3.45
C ALA B 615 10.45 38.85 4.68
N LYS B 616 9.76 39.75 5.38
CA LYS B 616 8.85 39.31 6.44
C LYS B 616 7.60 38.84 5.78
N ILE B 617 6.99 37.80 6.33
CA ILE B 617 5.69 37.41 5.91
C ILE B 617 4.71 38.24 6.80
N LYS B 618 3.89 39.08 6.18
CA LYS B 618 2.89 39.88 6.94
C LYS B 618 1.56 39.16 7.21
N SER B 619 1.01 38.54 6.18
CA SER B 619 -0.19 37.77 6.38
C SER B 619 -0.27 36.77 5.26
N ILE B 620 -1.17 35.80 5.44
CA ILE B 620 -1.47 34.81 4.44
C ILE B 620 -2.99 34.74 4.35
N ASP B 621 -3.51 34.92 3.16
CA ASP B 621 -4.93 34.90 2.97
C ASP B 621 -5.25 33.68 2.08
N VAL B 622 -6.00 32.71 2.62
CA VAL B 622 -6.42 31.49 1.88
C VAL B 622 -7.87 31.52 1.34
N SER B 623 -8.50 32.68 1.46
CA SER B 623 -9.91 32.81 1.25
C SER B 623 -10.28 32.51 -0.19
N GLU B 624 -9.45 32.93 -1.14
CA GLU B 624 -9.65 32.50 -2.53
C GLU B 624 -9.34 31.00 -2.74
N ALA B 625 -8.25 30.51 -2.15
CA ALA B 625 -7.90 29.05 -2.23
C ALA B 625 -9.07 28.17 -1.82
N GLN B 626 -9.73 28.59 -0.74
CA GLN B 626 -10.83 27.84 -0.15
C GLN B 626 -12.00 27.70 -1.07
N LYS B 627 -12.04 28.49 -2.14
CA LYS B 627 -13.19 28.38 -3.04
C LYS B 627 -13.00 27.43 -4.21
N VAL B 628 -11.75 27.11 -4.55
CA VAL B 628 -11.44 26.09 -5.57
C VAL B 628 -12.07 24.78 -5.17
N PRO B 629 -12.82 24.15 -6.10
CA PRO B 629 -13.44 22.88 -5.86
C PRO B 629 -12.38 21.90 -5.39
N GLY B 630 -12.76 21.01 -4.46
CA GLY B 630 -11.88 19.98 -3.92
C GLY B 630 -10.84 20.42 -2.91
N PHE B 631 -10.80 21.71 -2.57
CA PHE B 631 -9.88 22.18 -1.55
C PHE B 631 -10.10 21.40 -0.26
N VAL B 632 -9.03 20.91 0.34
CA VAL B 632 -9.17 20.20 1.59
C VAL B 632 -8.60 21.11 2.71
N CYS B 633 -7.38 21.58 2.59
CA CYS B 633 -6.85 22.45 3.67
C CYS B 633 -5.59 23.12 3.19
N PHE B 634 -5.21 24.22 3.86
CA PHE B 634 -3.90 24.82 3.72
C PHE B 634 -3.09 24.51 4.99
N LEU B 635 -1.85 24.09 4.86
CA LEU B 635 -1.03 23.75 6.00
C LEU B 635 0.07 24.75 6.11
N SER B 636 0.46 25.08 7.34
CA SER B 636 1.62 25.97 7.57
C SER B 636 2.29 25.64 8.91
N ALA B 637 3.25 26.47 9.31
CA ALA B 637 4.07 26.14 10.44
C ALA B 637 3.25 25.72 11.64
N ASP B 638 2.13 26.38 11.88
CA ASP B 638 1.34 26.10 13.06
C ASP B 638 0.69 24.73 13.13
N ASP B 639 0.56 24.03 12.01
CA ASP B 639 -0.05 22.71 12.01
C ASP B 639 0.93 21.65 12.45
N ILE B 640 2.20 22.03 12.58
CA ILE B 640 3.21 21.01 12.82
C ILE B 640 3.10 20.48 14.26
N PRO B 641 2.86 19.16 14.43
CA PRO B 641 2.66 18.73 15.82
C PRO B 641 4.00 18.59 16.61
N GLY B 642 5.13 18.38 15.93
CA GLY B 642 6.41 18.11 16.61
C GLY B 642 7.30 19.35 16.45
N SER B 643 8.28 19.31 15.55
CA SER B 643 9.22 20.42 15.45
C SER B 643 9.26 21.00 14.05
N ASN B 644 9.37 22.33 13.96
CA ASN B 644 9.56 23.08 12.69
C ASN B 644 11.05 23.28 12.35
N GLU B 645 11.94 22.65 13.09
CA GLU B 645 13.33 22.83 12.88
C GLU B 645 13.82 21.60 12.17
N THR B 646 14.50 21.79 11.05
CA THR B 646 14.84 20.65 10.19
C THR B 646 16.13 20.97 9.43
N GLY B 647 16.50 20.12 8.48
CA GLY B 647 17.78 20.32 7.78
C GLY B 647 18.93 19.57 8.48
N LEU B 648 19.98 19.29 7.72
CA LEU B 648 21.11 18.55 8.22
C LEU B 648 21.74 19.23 9.43
N PHE B 649 21.70 20.57 9.47
CA PHE B 649 22.27 21.34 10.59
C PHE B 649 21.22 22.08 11.33
N ASN B 650 19.98 21.62 11.19
CA ASN B 650 18.96 22.22 12.02
C ASN B 650 18.82 23.70 11.89
N ASP B 651 19.10 24.23 10.71
CA ASP B 651 19.07 25.68 10.48
C ASP B 651 17.97 25.95 9.46
N GLU B 652 17.04 25.00 9.28
CA GLU B 652 15.93 25.28 8.36
C GLU B 652 14.61 25.11 9.03
N THR B 653 13.59 25.70 8.39
CA THR B 653 12.16 25.45 8.72
C THR B 653 11.55 24.40 7.78
N VAL B 654 10.56 23.65 8.30
CA VAL B 654 9.74 22.76 7.47
C VAL B 654 8.85 23.69 6.64
N PHE B 655 8.19 24.63 7.33
CA PHE B 655 7.38 25.69 6.76
C PHE B 655 7.88 27.02 7.31
N ALA B 656 8.16 27.98 6.43
CA ALA B 656 8.69 29.29 6.87
C ALA B 656 7.78 29.96 7.95
N LYS B 657 8.39 30.53 8.98
CA LYS B 657 7.68 31.24 10.03
C LYS B 657 8.31 32.63 10.15
N ASP B 658 7.49 33.67 10.19
CA ASP B 658 7.99 35.08 10.36
C ASP B 658 8.68 35.61 9.09
N THR B 659 9.70 34.94 8.57
CA THR B 659 10.44 35.40 7.40
C THR B 659 10.72 34.37 6.29
N VAL B 660 10.91 34.84 5.05
CA VAL B 660 11.30 33.99 3.91
C VAL B 660 12.70 34.41 3.52
N THR B 661 13.55 33.45 3.18
CA THR B 661 14.92 33.76 2.93
C THR B 661 15.43 33.30 1.54
N CYS B 662 14.53 32.91 0.64
CA CYS B 662 14.87 32.75 -0.77
C CYS B 662 13.60 32.66 -1.53
N VAL B 663 13.68 32.92 -2.84
CA VAL B 663 12.54 32.65 -3.70
C VAL B 663 12.45 31.12 -3.78
N GLY B 664 11.28 30.57 -3.55
CA GLY B 664 11.16 29.14 -3.48
C GLY B 664 11.06 28.62 -2.06
N HIS B 665 11.28 29.51 -1.07
CA HIS B 665 11.28 29.08 0.33
C HIS B 665 9.86 28.60 0.66
N ILE B 666 9.75 27.38 1.18
CA ILE B 666 8.42 26.78 1.38
C ILE B 666 7.67 27.39 2.55
N ILE B 667 6.52 27.99 2.28
CA ILE B 667 5.74 28.64 3.33
C ILE B 667 4.64 27.74 3.87
N GLY B 668 4.06 26.89 3.04
CA GLY B 668 2.82 26.19 3.40
C GLY B 668 2.53 25.20 2.29
N ALA B 669 1.33 24.58 2.29
CA ALA B 669 1.02 23.66 1.23
C ALA B 669 -0.49 23.54 1.17
N VAL B 670 -1.02 23.37 -0.03
CA VAL B 670 -2.42 23.11 -0.18
C VAL B 670 -2.63 21.60 -0.36
N VAL B 671 -3.67 21.06 0.27
CA VAL B 671 -4.07 19.69 0.05
C VAL B 671 -5.42 19.72 -0.65
N ALA B 672 -5.54 18.99 -1.75
CA ALA B 672 -6.88 18.96 -2.41
C ALA B 672 -7.17 17.60 -2.99
N ASP B 673 -8.33 17.47 -3.63
CA ASP B 673 -8.74 16.14 -4.10
C ASP B 673 -8.09 15.66 -5.43
N THR B 674 -7.53 16.57 -6.21
CA THR B 674 -6.83 16.20 -7.43
C THR B 674 -5.61 17.12 -7.52
N PRO B 675 -4.61 16.76 -8.39
CA PRO B 675 -3.45 17.63 -8.41
C PRO B 675 -3.75 19.01 -9.02
N GLU B 676 -4.64 19.04 -10.00
CA GLU B 676 -5.02 20.29 -10.61
C GLU B 676 -5.71 21.18 -9.59
N HIS B 677 -6.57 20.67 -8.75
CA HIS B 677 -7.22 21.57 -7.75
C HIS B 677 -6.23 22.08 -6.69
N ALA B 678 -5.27 21.23 -6.30
CA ALA B 678 -4.27 21.68 -5.30
C ALA B 678 -3.41 22.81 -5.93
N GLU B 679 -3.00 22.62 -7.18
CA GLU B 679 -2.20 23.64 -7.91
C GLU B 679 -3.01 24.95 -8.08
N ARG B 680 -4.25 24.84 -8.52
CA ARG B 680 -5.07 26.05 -8.66
C ARG B 680 -5.25 26.76 -7.34
N ALA B 681 -5.51 26.01 -6.26
CA ALA B 681 -5.74 26.69 -5.00
C ALA B 681 -4.44 27.26 -4.51
N ALA B 682 -3.32 26.53 -4.67
CA ALA B 682 -2.04 27.08 -4.17
C ALA B 682 -1.70 28.39 -4.88
N HIS B 683 -2.07 28.51 -6.16
CA HIS B 683 -1.74 29.67 -6.96
C HIS B 683 -2.46 30.92 -6.44
N VAL B 684 -3.65 30.81 -5.88
CA VAL B 684 -4.38 31.99 -5.38
C VAL B 684 -4.23 32.19 -3.86
N VAL B 685 -3.32 31.44 -3.22
CA VAL B 685 -2.97 31.77 -1.89
C VAL B 685 -2.20 33.09 -1.92
N LYS B 686 -2.60 34.07 -1.10
CA LYS B 686 -2.03 35.41 -1.23
C LYS B 686 -1.19 35.74 -0.01
N VAL B 687 0.10 36.00 -0.23
CA VAL B 687 1.02 36.25 0.83
C VAL B 687 1.42 37.71 0.71
N THR B 688 1.37 38.41 1.84
CA THR B 688 1.83 39.78 1.95
C THR B 688 3.21 39.83 2.63
N TYR B 689 4.12 40.52 1.98
CA TYR B 689 5.52 40.52 2.38
C TYR B 689 5.93 41.95 2.71
N GLU B 690 7.00 42.07 3.50
CA GLU B 690 7.75 43.28 3.55
C GLU B 690 9.20 42.94 3.34
N ASP B 691 9.78 43.49 2.27
CA ASP B 691 11.14 43.16 1.88
C ASP B 691 12.17 43.48 2.94
N LEU B 692 13.19 42.64 3.01
CA LEU B 692 14.37 42.83 3.86
C LEU B 692 15.56 42.85 2.91
N PRO B 693 16.67 43.52 3.29
CA PRO B 693 17.89 43.55 2.48
C PRO B 693 18.32 42.14 2.07
N ALA B 694 18.53 41.92 0.78
CA ALA B 694 18.86 40.58 0.31
C ALA B 694 20.32 40.48 -0.03
N ILE B 695 20.92 39.31 0.17
CA ILE B 695 22.30 39.07 -0.26
C ILE B 695 22.19 37.88 -1.21
N ILE B 696 22.48 38.13 -2.49
CA ILE B 696 22.21 37.17 -3.58
C ILE B 696 23.48 36.49 -4.03
N THR B 697 24.45 37.32 -4.37
CA THR B 697 25.64 36.82 -5.04
C THR B 697 26.82 36.50 -4.08
N ILE B 698 27.82 35.84 -4.62
CA ILE B 698 29.06 35.63 -3.89
C ILE B 698 29.73 36.98 -3.51
N GLU B 699 29.84 37.87 -4.48
CA GLU B 699 30.35 39.23 -4.29
C GLU B 699 29.57 39.89 -3.17
N ASP B 700 28.22 39.79 -3.20
CA ASP B 700 27.33 40.40 -2.20
C ASP B 700 27.73 39.85 -0.83
N ALA B 701 27.97 38.52 -0.75
CA ALA B 701 28.22 37.90 0.51
C ALA B 701 29.58 38.31 1.08
N ILE B 702 30.60 38.31 0.26
CA ILE B 702 31.92 38.76 0.69
C ILE B 702 31.84 40.23 1.23
N LYS B 703 31.23 41.15 0.47
CA LYS B 703 31.03 42.55 0.87
C LYS B 703 30.36 42.61 2.25
N ASN B 704 29.37 41.75 2.51
CA ASN B 704 28.66 41.81 3.77
C ASN B 704 29.13 40.84 4.83
N ASN B 705 30.27 40.17 4.62
CA ASN B 705 30.74 39.21 5.60
C ASN B 705 29.65 38.14 5.96
N SER B 706 28.86 37.70 4.95
CA SER B 706 27.76 36.74 5.13
C SER B 706 28.17 35.31 4.77
N PHE B 707 28.64 34.54 5.77
CA PHE B 707 29.25 33.24 5.55
C PHE B 707 28.67 32.22 6.54
N TYR B 708 28.76 30.93 6.21
CA TYR B 708 28.47 29.93 7.18
C TYR B 708 29.79 29.51 7.79
N GLY B 709 29.95 29.70 9.10
CA GLY B 709 31.10 29.15 9.82
C GLY B 709 32.34 29.90 9.36
N SER B 710 33.48 29.35 9.69
CA SER B 710 34.70 30.07 9.44
C SER B 710 35.45 29.39 8.33
N GLU B 711 36.54 30.01 7.95
CA GLU B 711 37.29 29.60 6.80
C GLU B 711 37.83 28.19 6.92
N LEU B 712 37.80 27.43 5.80
CA LEU B 712 38.50 26.16 5.73
C LEU B 712 39.87 26.37 5.13
N LYS B 713 40.83 25.54 5.50
CA LYS B 713 42.19 25.72 4.97
C LYS B 713 43.06 24.45 4.95
N ILE B 714 43.80 24.28 3.87
CA ILE B 714 44.87 23.28 3.80
C ILE B 714 46.11 24.03 3.37
N GLU B 715 47.21 23.80 4.06
CA GLU B 715 48.43 24.55 3.69
C GLU B 715 49.58 23.62 3.90
N LYS B 716 50.48 23.55 2.93
CA LYS B 716 51.66 22.71 3.06
C LYS B 716 52.85 23.49 2.50
N GLY B 717 54.00 23.34 3.14
CA GLY B 717 55.27 23.83 2.57
C GLY B 717 55.43 25.29 2.93
N ASP B 718 56.13 26.03 2.11
CA ASP B 718 56.44 27.42 2.55
C ASP B 718 56.09 28.37 1.44
N LEU B 719 54.99 29.11 1.55
CA LEU B 719 54.49 29.86 0.39
C LEU B 719 55.41 31.01 0.01
N LYS B 720 55.88 31.75 1.00
CA LYS B 720 56.71 32.91 0.71
C LYS B 720 57.99 32.47 -0.01
N LYS B 721 58.60 31.41 0.49
CA LYS B 721 59.79 30.89 -0.13
C LYS B 721 59.49 30.39 -1.58
N GLY B 722 58.35 29.69 -1.75
CA GLY B 722 58.00 29.18 -3.06
C GLY B 722 57.81 30.31 -4.03
N PHE B 723 57.09 31.35 -3.62
CA PHE B 723 57.00 32.55 -4.47
C PHE B 723 58.34 33.31 -4.76
N SER B 724 59.29 33.36 -3.79
CA SER B 724 60.67 33.90 -4.05
C SER B 724 61.38 33.12 -5.13
N GLU B 725 61.26 31.79 -5.06
CA GLU B 725 61.86 30.92 -6.08
C GLU B 725 61.29 31.01 -7.47
N ALA B 726 60.04 31.43 -7.62
CA ALA B 726 59.41 31.32 -8.94
C ALA B 726 60.05 32.25 -10.00
N ASP B 727 60.32 31.71 -11.19
CA ASP B 727 60.59 32.55 -12.35
C ASP B 727 59.41 33.47 -12.63
N ASN B 728 58.18 32.92 -12.65
CA ASN B 728 56.95 33.63 -13.07
C ASN B 728 55.83 33.48 -12.01
N VAL B 729 55.02 34.52 -11.88
CA VAL B 729 53.89 34.48 -10.99
C VAL B 729 52.67 34.90 -11.83
N VAL B 730 51.60 34.11 -11.82
CA VAL B 730 50.39 34.51 -12.49
C VAL B 730 49.28 34.61 -11.43
N SER B 731 48.46 35.64 -11.51
CA SER B 731 47.34 35.59 -10.61
C SER B 731 46.08 36.00 -11.33
N GLY B 732 44.93 35.59 -10.82
CA GLY B 732 43.67 35.92 -11.53
C GLY B 732 42.46 35.50 -10.74
N GLU B 733 41.30 35.57 -11.39
CA GLU B 733 40.06 35.11 -10.79
C GLU B 733 39.28 34.31 -11.82
N LEU B 734 38.36 33.45 -11.37
CA LEU B 734 37.70 32.40 -12.24
C LEU B 734 36.39 32.08 -11.58
N TYR B 735 35.32 31.94 -12.37
CA TYR B 735 34.02 31.59 -11.86
C TYR B 735 33.53 30.34 -12.58
N ILE B 736 32.85 29.47 -11.84
CA ILE B 736 32.16 28.36 -12.45
C ILE B 736 30.71 28.34 -12.02
N GLY B 737 29.78 28.39 -13.01
CA GLY B 737 28.37 28.50 -12.71
C GLY B 737 27.87 27.22 -12.07
N GLY B 738 26.70 27.31 -11.45
CA GLY B 738 26.05 26.13 -10.87
C GLY B 738 25.51 25.10 -11.89
N GLN B 739 24.59 24.28 -11.40
CA GLN B 739 24.06 23.15 -12.19
C GLN B 739 22.80 22.59 -11.56
N ASP B 740 21.77 22.40 -12.40
CA ASP B 740 20.56 21.71 -11.93
C ASP B 740 20.65 20.22 -12.16
N HIS B 741 20.24 19.39 -11.18
CA HIS B 741 20.40 17.92 -11.39
C HIS B 741 19.72 17.41 -12.64
N PHE B 742 18.51 17.91 -12.89
CA PHE B 742 17.71 17.43 -14.03
C PHE B 742 17.67 15.91 -14.09
N TYR B 743 17.42 15.26 -12.94
CA TYR B 743 17.10 13.84 -12.93
C TYR B 743 15.77 13.79 -13.73
N LEU B 744 15.54 12.75 -14.53
CA LEU B 744 14.33 12.79 -15.35
C LEU B 744 13.07 12.68 -14.47
N GLU B 745 13.15 11.90 -13.38
CA GLU B 745 12.07 11.84 -12.42
C GLU B 745 12.38 12.92 -11.30
N THR B 746 11.52 13.91 -11.19
CA THR B 746 11.63 14.93 -10.15
C THR B 746 11.29 14.33 -8.76
N HIS B 747 11.42 15.17 -7.73
CA HIS B 747 11.17 14.74 -6.35
C HIS B 747 9.73 14.28 -6.16
N CYS B 748 9.52 13.23 -5.35
CA CYS B 748 8.21 12.65 -5.23
C CYS B 748 8.13 11.90 -3.89
N THR B 749 7.05 12.08 -3.16
CA THR B 749 6.82 11.29 -1.94
C THR B 749 5.34 10.93 -1.87
N ILE B 750 5.07 9.70 -1.44
CA ILE B 750 3.70 9.28 -1.07
C ILE B 750 3.82 8.95 0.40
N ALA B 751 2.95 9.50 1.24
CA ALA B 751 2.99 9.20 2.69
C ALA B 751 1.69 8.51 3.11
N ILE B 752 1.76 7.38 3.80
CA ILE B 752 0.53 6.66 4.19
C ILE B 752 0.44 6.67 5.69
N PRO B 753 -0.55 7.40 6.29
CA PRO B 753 -0.66 7.25 7.73
C PRO B 753 -1.37 5.92 8.08
N LYS B 754 -0.87 5.20 9.07
CA LYS B 754 -1.61 3.96 9.47
C LYS B 754 -2.68 4.16 10.55
N GLY B 755 -2.68 5.30 11.24
CA GLY B 755 -3.72 5.55 12.20
C GLY B 755 -3.38 5.00 13.60
N GLU B 756 -2.24 4.32 13.77
CA GLU B 756 -1.88 3.62 15.00
C GLU B 756 -0.56 4.12 15.48
N GLU B 757 -0.57 4.70 16.69
CA GLU B 757 0.68 4.95 17.40
C GLU B 757 1.58 5.89 16.61
N GLY B 758 1.03 6.74 15.75
CA GLY B 758 1.87 7.67 14.99
C GLY B 758 2.54 6.99 13.74
N GLU B 759 2.30 5.70 13.47
CA GLU B 759 2.98 5.04 12.32
C GLU B 759 2.65 5.65 10.98
N MET B 760 3.62 5.58 10.07
CA MET B 760 3.47 6.12 8.77
C MET B 760 4.46 5.37 7.86
N GLU B 761 4.01 5.06 6.64
CA GLU B 761 4.80 4.38 5.72
C GLU B 761 4.89 5.27 4.50
N LEU B 762 6.13 5.53 4.04
CA LEU B 762 6.38 6.45 2.92
C LEU B 762 7.12 5.76 1.79
N PHE B 763 6.73 6.14 0.56
CA PHE B 763 7.33 5.70 -0.65
C PHE B 763 7.97 6.98 -1.22
N VAL B 764 9.28 6.97 -1.40
CA VAL B 764 10.00 8.21 -1.64
C VAL B 764 11.08 8.00 -2.70
N SER B 765 11.18 8.95 -3.61
CA SER B 765 12.33 9.04 -4.51
C SER B 765 13.50 9.71 -3.73
N THR B 766 14.32 8.94 -2.99
CA THR B 766 15.40 9.58 -2.19
C THR B 766 16.64 8.66 -2.15
N GLN B 767 17.84 9.24 -2.13
CA GLN B 767 19.06 8.46 -1.87
C GLN B 767 19.29 8.29 -0.42
N ASN B 768 18.39 8.80 0.41
CA ASN B 768 18.65 8.87 1.83
C ASN B 768 17.43 8.52 2.68
N ALA B 769 17.15 7.25 2.80
CA ALA B 769 15.94 6.80 3.50
C ALA B 769 16.01 7.12 5.02
N MET B 770 17.23 7.04 5.53
CA MET B 770 17.52 7.25 6.92
C MET B 770 17.17 8.72 7.37
N LYS B 771 17.66 9.72 6.69
CA LYS B 771 17.33 11.05 7.06
C LYS B 771 15.91 11.35 6.72
N THR B 772 15.37 10.76 5.65
CA THR B 772 13.94 10.95 5.41
C THR B 772 13.18 10.49 6.66
N GLN B 773 13.52 9.28 7.16
CA GLN B 773 12.80 8.63 8.25
C GLN B 773 12.91 9.53 9.50
N SER B 774 14.13 9.98 9.79
CA SER B 774 14.34 10.73 11.01
C SER B 774 13.79 12.18 10.93
N PHE B 775 13.89 12.85 9.79
CA PHE B 775 13.28 14.20 9.66
C PHE B 775 11.73 14.16 9.70
N VAL B 776 11.13 13.09 9.18
CA VAL B 776 9.69 12.92 9.26
C VAL B 776 9.32 12.71 10.72
N ALA B 777 10.07 11.84 11.40
CA ALA B 777 9.80 11.55 12.81
C ALA B 777 10.01 12.81 13.67
N LYS B 778 11.01 13.60 13.33
CA LYS B 778 11.25 14.83 14.13
C LYS B 778 10.10 15.84 13.96
N MET B 779 9.59 15.98 12.73
CA MET B 779 8.53 16.94 12.43
C MET B 779 7.28 16.47 13.13
N LEU B 780 7.08 15.17 13.20
CA LEU B 780 5.83 14.66 13.75
C LEU B 780 5.94 14.57 15.29
N GLY B 781 7.15 14.58 15.83
CA GLY B 781 7.34 14.40 17.27
C GLY B 781 7.06 12.95 17.68
N VAL B 782 7.52 11.96 16.90
CA VAL B 782 7.36 10.55 17.27
C VAL B 782 8.68 9.84 17.18
N PRO B 783 8.81 8.66 17.84
CA PRO B 783 10.04 7.87 17.73
C PRO B 783 10.29 7.46 16.26
N VAL B 784 11.57 7.35 15.91
CA VAL B 784 11.97 6.96 14.53
C VAL B 784 11.41 5.55 14.20
N ASN B 785 11.30 4.65 15.19
CA ASN B 785 10.78 3.31 14.95
C ASN B 785 9.31 3.30 14.45
N ARG B 786 8.61 4.46 14.49
CA ARG B 786 7.24 4.54 13.96
C ARG B 786 7.24 4.73 12.45
N ILE B 787 8.36 5.14 11.89
CA ILE B 787 8.37 5.66 10.52
C ILE B 787 9.01 4.66 9.60
N LEU B 788 8.29 4.23 8.55
CA LEU B 788 8.93 3.28 7.58
C LEU B 788 9.10 4.01 6.21
N VAL B 789 10.33 4.05 5.68
CA VAL B 789 10.59 4.66 4.38
C VAL B 789 11.08 3.50 3.45
N ARG B 790 10.49 3.46 2.25
CA ARG B 790 10.77 2.45 1.27
C ARG B 790 11.14 3.15 -0.01
N VAL B 791 12.23 2.72 -0.63
CA VAL B 791 12.72 3.27 -1.92
C VAL B 791 12.90 2.11 -2.87
N LYS B 792 12.00 1.96 -3.87
CA LYS B 792 12.18 0.89 -4.86
C LYS B 792 13.30 1.37 -5.79
N ARG B 793 13.14 2.55 -6.38
CA ARG B 793 14.13 3.17 -7.28
C ARG B 793 13.81 4.66 -7.48
N MET B 794 14.78 5.40 -8.02
CA MET B 794 14.63 6.78 -8.43
C MET B 794 14.94 6.81 -9.93
N GLY B 795 14.22 7.66 -10.66
CA GLY B 795 14.58 7.97 -12.04
C GLY B 795 15.65 9.06 -12.02
N GLY B 796 16.84 8.72 -11.49
CA GLY B 796 17.94 9.68 -11.27
C GLY B 796 17.92 10.33 -9.87
N GLY B 797 19.13 10.59 -9.39
CA GLY B 797 19.36 11.30 -8.14
C GLY B 797 20.53 12.28 -8.26
N PHE B 798 21.70 11.77 -8.62
CA PHE B 798 22.89 12.60 -8.91
C PHE B 798 23.26 13.48 -7.71
N GLY B 799 22.90 13.07 -6.49
CA GLY B 799 23.20 13.87 -5.30
C GLY B 799 22.11 14.86 -4.92
N GLY B 800 21.26 15.20 -5.89
CA GLY B 800 20.07 16.03 -5.64
C GLY B 800 19.03 15.38 -4.73
N LYS B 801 19.12 14.07 -4.52
CA LYS B 801 18.16 13.41 -3.64
C LYS B 801 18.87 12.85 -2.41
N GLU B 802 20.10 13.28 -2.15
CA GLU B 802 20.83 12.89 -0.90
C GLU B 802 20.22 13.58 0.33
N THR B 803 19.81 14.85 0.23
CA THR B 803 19.13 15.45 1.37
C THR B 803 17.84 16.22 0.97
N ARG B 804 17.84 16.84 -0.22
CA ARG B 804 16.81 17.91 -0.48
C ARG B 804 15.43 17.30 -0.74
N SER B 805 15.42 15.97 -0.92
CA SER B 805 14.17 15.23 -1.04
C SER B 805 13.30 15.37 0.23
N THR B 806 13.89 15.68 1.37
CA THR B 806 13.07 15.73 2.60
C THR B 806 12.16 16.96 2.56
N LEU B 807 12.49 17.97 1.74
CA LEU B 807 11.64 19.21 1.69
C LEU B 807 10.22 18.78 1.29
N VAL B 808 10.13 17.87 0.32
CA VAL B 808 8.81 17.36 -0.08
C VAL B 808 8.26 16.35 0.91
N SER B 809 9.11 15.44 1.37
CA SER B 809 8.65 14.30 2.19
C SER B 809 8.01 14.78 3.45
N VAL B 810 8.63 15.80 4.04
CA VAL B 810 8.13 16.20 5.35
C VAL B 810 6.81 16.97 5.21
N ALA B 811 6.69 17.81 4.17
CA ALA B 811 5.41 18.49 3.90
C ALA B 811 4.29 17.42 3.62
N VAL B 812 4.61 16.40 2.83
CA VAL B 812 3.60 15.37 2.55
C VAL B 812 3.29 14.52 3.79
N ALA B 813 4.29 14.22 4.61
CA ALA B 813 3.99 13.52 5.88
C ALA B 813 3.04 14.33 6.78
N LEU B 814 3.24 15.66 6.83
CA LEU B 814 2.45 16.48 7.71
C LEU B 814 1.02 16.45 7.20
N ALA B 815 0.83 16.52 5.88
CA ALA B 815 -0.49 16.41 5.29
C ALA B 815 -1.20 15.08 5.59
N ALA B 816 -0.44 13.99 5.55
CA ALA B 816 -0.99 12.66 5.90
C ALA B 816 -1.37 12.62 7.39
N TYR B 817 -0.52 13.18 8.21
CA TYR B 817 -0.79 13.15 9.67
C TYR B 817 -2.07 13.95 9.94
N LYS B 818 -2.17 15.14 9.31
CA LYS B 818 -3.27 16.02 9.61
C LYS B 818 -4.58 15.53 9.01
N THR B 819 -4.56 14.96 7.81
CA THR B 819 -5.83 14.55 7.21
C THR B 819 -6.20 13.14 7.65
N GLY B 820 -5.22 12.31 7.98
CA GLY B 820 -5.51 10.88 8.20
C GLY B 820 -5.67 10.11 6.87
N HIS B 821 -5.48 10.79 5.74
CA HIS B 821 -5.49 10.15 4.40
C HIS B 821 -4.07 9.97 3.87
N PRO B 822 -3.89 9.01 2.93
CA PRO B 822 -2.66 8.97 2.11
C PRO B 822 -2.58 10.31 1.40
N VAL B 823 -1.37 10.79 1.15
CA VAL B 823 -1.26 12.05 0.41
C VAL B 823 -0.01 11.86 -0.44
N ARG B 824 0.06 12.51 -1.61
CA ARG B 824 1.29 12.47 -2.42
C ARG B 824 1.60 13.81 -3.02
N CYS B 825 2.85 13.98 -3.44
CA CYS B 825 3.24 15.16 -4.21
C CYS B 825 4.34 14.74 -5.10
N MET B 826 4.19 14.96 -6.39
CA MET B 826 5.34 14.92 -7.28
C MET B 826 5.60 16.36 -7.79
N LEU B 827 6.85 16.85 -7.73
CA LEU B 827 7.14 18.25 -8.25
C LEU B 827 7.08 18.37 -9.76
N ASP B 828 6.55 19.50 -10.24
CA ASP B 828 6.65 19.84 -11.68
C ASP B 828 8.11 20.24 -11.84
N ARG B 829 8.68 20.16 -13.07
CA ARG B 829 10.09 20.54 -13.28
C ARG B 829 10.39 21.96 -12.74
N ASN B 830 9.46 22.90 -12.96
CA ASN B 830 9.73 24.25 -12.57
C ASN B 830 9.77 24.47 -11.07
N GLU B 831 8.97 23.72 -10.32
CA GLU B 831 9.12 23.79 -8.85
C GLU B 831 10.40 23.15 -8.44
N ASP B 832 10.73 22.02 -9.07
CA ASP B 832 11.94 21.25 -8.70
C ASP B 832 13.20 22.12 -8.87
N MET B 833 13.32 22.74 -10.04
CA MET B 833 14.49 23.59 -10.32
C MET B 833 14.57 24.80 -9.42
N LEU B 834 13.43 25.37 -9.04
CA LEU B 834 13.41 26.56 -8.18
C LEU B 834 13.83 26.21 -6.75
N ILE B 835 13.28 25.09 -6.26
CA ILE B 835 13.28 24.84 -4.83
C ILE B 835 14.43 23.97 -4.29
N THR B 836 14.83 22.93 -5.03
CA THR B 836 15.51 21.84 -4.38
C THR B 836 17.06 21.98 -4.37
N GLY B 837 17.57 23.11 -4.83
CA GLY B 837 19.00 23.29 -4.89
C GLY B 837 19.74 22.61 -6.05
N GLY B 838 20.99 23.03 -6.29
CA GLY B 838 21.81 22.41 -7.34
C GLY B 838 23.27 22.40 -6.96
N ARG B 839 24.15 22.27 -7.96
CA ARG B 839 25.57 22.31 -7.70
C ARG B 839 25.94 23.73 -7.16
N HIS B 840 26.98 23.81 -6.33
CA HIS B 840 27.46 25.15 -5.86
C HIS B 840 28.22 25.92 -6.95
N PRO B 841 27.77 27.14 -7.30
CA PRO B 841 28.69 28.06 -8.04
C PRO B 841 29.91 28.33 -7.16
N PHE B 842 31.09 28.44 -7.77
CA PHE B 842 32.35 28.78 -7.08
C PHE B 842 32.96 29.95 -7.76
N LEU B 843 33.46 30.87 -6.96
CA LEU B 843 34.35 31.94 -7.39
C LEU B 843 35.71 31.61 -6.80
N ALA B 844 36.77 31.70 -7.58
CA ALA B 844 38.12 31.53 -7.02
C ALA B 844 39.04 32.73 -7.36
N ARG B 845 39.87 33.07 -6.39
CA ARG B 845 40.97 34.02 -6.53
C ARG B 845 42.25 33.12 -6.34
N TYR B 846 43.13 33.08 -7.35
CA TYR B 846 44.32 32.24 -7.29
C TYR B 846 45.60 33.01 -7.63
N LYS B 847 46.74 32.41 -7.31
CA LYS B 847 48.07 32.98 -7.61
C LYS B 847 48.99 31.79 -7.67
N VAL B 848 49.66 31.61 -8.78
CA VAL B 848 50.51 30.45 -8.97
C VAL B 848 51.95 30.91 -9.33
N GLY B 849 52.95 30.30 -8.70
CA GLY B 849 54.37 30.56 -9.03
C GLY B 849 55.00 29.37 -9.71
N PHE B 850 55.72 29.59 -10.79
CA PHE B 850 56.28 28.50 -11.54
C PHE B 850 57.62 28.90 -12.21
N MET B 851 58.38 27.89 -12.68
CA MET B 851 59.66 28.10 -13.37
C MET B 851 59.37 28.19 -14.83
N LYS B 852 60.40 28.60 -15.60
CA LYS B 852 60.30 28.83 -17.04
C LYS B 852 60.07 27.48 -17.76
N THR B 853 60.45 26.40 -17.08
CA THR B 853 60.20 25.04 -17.54
C THR B 853 58.73 24.59 -17.33
N GLY B 854 57.95 25.34 -16.54
CA GLY B 854 56.53 24.98 -16.26
C GLY B 854 56.30 24.25 -14.93
N THR B 855 57.37 23.91 -14.25
CA THR B 855 57.30 23.30 -12.94
C THR B 855 56.64 24.26 -11.92
N ILE B 856 55.65 23.76 -11.20
CA ILE B 856 54.91 24.60 -10.28
C ILE B 856 55.68 24.63 -8.99
N VAL B 857 55.74 25.81 -8.41
CA VAL B 857 56.56 26.00 -7.26
C VAL B 857 55.75 26.51 -6.10
N ALA B 858 54.67 27.27 -6.34
CA ALA B 858 53.87 27.81 -5.27
C ALA B 858 52.44 27.99 -5.76
N LEU B 859 51.48 27.82 -4.87
CA LEU B 859 50.10 28.03 -5.33
C LEU B 859 49.23 28.45 -4.21
N GLU B 860 48.42 29.44 -4.45
CA GLU B 860 47.50 29.88 -3.45
C GLU B 860 46.16 30.08 -4.15
N VAL B 861 45.11 29.48 -3.57
CA VAL B 861 43.76 29.57 -4.14
C VAL B 861 42.79 29.79 -3.01
N ASP B 862 42.01 30.87 -3.10
CA ASP B 862 40.87 31.08 -2.18
C ASP B 862 39.56 30.80 -2.92
N HIS B 863 38.79 29.83 -2.38
CA HIS B 863 37.54 29.38 -3.02
C HIS B 863 36.38 29.99 -2.25
N TYR B 864 35.31 30.42 -2.96
CA TYR B 864 34.05 30.81 -2.35
C TYR B 864 32.93 30.10 -3.09
N SER B 865 31.99 29.51 -2.34
CA SER B 865 30.86 28.82 -2.95
C SER B 865 29.60 29.56 -2.55
N ASN B 866 28.63 29.58 -3.44
CA ASN B 866 27.33 30.11 -3.11
C ASN B 866 26.51 28.98 -2.48
N ALA B 867 26.32 29.01 -1.17
CA ALA B 867 25.62 27.96 -0.43
C ALA B 867 24.09 28.10 -0.37
N GLY B 868 23.56 29.30 -0.56
CA GLY B 868 22.10 29.54 -0.48
C GLY B 868 21.69 29.66 0.99
N ASN B 869 20.42 29.41 1.29
CA ASN B 869 19.81 29.80 2.59
C ASN B 869 19.90 28.74 3.71
N SER B 870 20.77 27.74 3.57
CA SER B 870 21.06 26.87 4.70
C SER B 870 22.39 26.21 4.47
N ARG B 871 22.94 25.61 5.50
CA ARG B 871 24.19 24.86 5.36
C ARG B 871 24.08 23.61 4.50
N ASP B 872 23.13 22.76 4.83
CA ASP B 872 23.00 21.46 4.12
C ASP B 872 24.40 20.84 3.98
N LEU B 873 24.81 20.45 2.78
CA LEU B 873 26.08 19.76 2.60
C LEU B 873 27.26 20.66 2.21
N SER B 874 27.06 21.98 2.32
CA SER B 874 27.98 22.92 1.75
C SER B 874 29.39 22.79 2.36
N HIS B 875 29.48 22.42 3.66
CA HIS B 875 30.81 22.34 4.32
C HIS B 875 31.62 21.18 3.78
N SER B 876 31.00 19.99 3.73
CA SER B 876 31.77 18.84 3.19
C SER B 876 32.10 19.00 1.72
N ILE B 877 31.21 19.65 0.98
CA ILE B 877 31.51 19.97 -0.42
C ILE B 877 32.78 20.85 -0.51
N MET B 878 32.86 21.85 0.37
CA MET B 878 34.08 22.72 0.34
C MET B 878 35.32 21.91 0.81
N GLU B 879 35.15 21.03 1.79
CA GLU B 879 36.25 20.12 2.11
C GLU B 879 36.67 19.30 0.92
N ARG B 880 35.70 18.76 0.18
CA ARG B 880 36.14 17.96 -0.94
C ARG B 880 36.80 18.82 -2.04
N ALA B 881 36.29 20.03 -2.25
CA ALA B 881 36.98 20.94 -3.19
C ALA B 881 38.49 21.14 -2.78
N LEU B 882 38.70 21.41 -1.50
CA LEU B 882 40.09 21.61 -0.98
C LEU B 882 40.93 20.38 -1.18
N PHE B 883 40.32 19.19 -0.99
CA PHE B 883 41.04 17.93 -1.16
C PHE B 883 41.41 17.71 -2.63
N HIS B 884 40.75 18.41 -3.55
CA HIS B 884 41.06 18.18 -4.99
C HIS B 884 41.70 19.37 -5.72
N MET B 885 42.09 20.41 -4.98
CA MET B 885 42.74 21.57 -5.63
C MET B 885 44.07 21.26 -6.39
N ASP B 886 44.65 20.07 -6.14
CA ASP B 886 45.89 19.65 -6.78
C ASP B 886 45.65 18.94 -8.10
N ASN B 887 44.41 18.50 -8.34
CA ASN B 887 44.18 17.48 -9.36
C ASN B 887 45.23 16.42 -9.28
N CYS B 888 46.03 16.26 -10.33
CA CYS B 888 47.11 15.25 -10.38
C CYS B 888 48.57 15.76 -10.29
N TYR B 889 48.75 16.93 -9.71
CA TYR B 889 50.04 17.68 -9.77
C TYR B 889 50.68 17.89 -8.39
N LYS B 890 51.95 17.54 -8.31
CA LYS B 890 52.74 17.71 -7.08
C LYS B 890 53.09 19.19 -6.92
N ILE B 891 52.68 19.78 -5.81
CA ILE B 891 52.89 21.20 -5.56
C ILE B 891 53.48 21.42 -4.19
N PRO B 892 54.79 21.70 -4.15
CA PRO B 892 55.48 21.67 -2.84
C PRO B 892 55.00 22.72 -1.84
N ASN B 893 54.63 23.91 -2.31
CA ASN B 893 54.16 24.97 -1.42
C ASN B 893 52.77 25.39 -1.84
N ILE B 894 51.81 25.24 -0.94
CA ILE B 894 50.41 25.32 -1.41
C ILE B 894 49.53 25.71 -0.28
N ARG B 895 48.65 26.64 -0.56
CA ARG B 895 47.66 27.03 0.43
C ARG B 895 46.25 27.16 -0.24
N GLY B 896 45.24 26.52 0.34
CA GLY B 896 43.90 26.58 -0.25
C GLY B 896 42.98 26.98 0.83
N THR B 897 42.13 27.96 0.56
CA THR B 897 41.15 28.30 1.53
C THR B 897 39.73 28.19 0.90
N GLY B 898 38.73 28.10 1.77
CA GLY B 898 37.35 27.99 1.34
C GLY B 898 36.46 28.71 2.30
N ARG B 899 35.47 29.39 1.74
CA ARG B 899 34.44 30.08 2.50
C ARG B 899 33.08 29.75 1.90
N LEU B 900 32.05 29.55 2.74
CA LEU B 900 30.70 29.20 2.27
C LEU B 900 29.89 30.46 2.30
N CYS B 901 29.39 30.95 1.16
CA CYS B 901 28.59 32.19 1.26
C CYS B 901 27.15 31.92 1.57
N LYS B 902 26.64 32.67 2.54
CA LYS B 902 25.26 32.56 2.97
C LYS B 902 24.46 33.60 2.19
N THR B 903 23.45 33.13 1.47
CA THR B 903 22.75 34.01 0.53
C THR B 903 21.28 33.65 0.50
N ASN B 904 20.46 34.54 -0.07
CA ASN B 904 19.05 34.35 -0.16
C ASN B 904 18.70 33.66 -1.50
N LEU B 905 19.25 32.48 -1.66
CA LEU B 905 18.94 31.58 -2.75
C LEU B 905 18.64 30.23 -2.13
N SER B 906 17.92 29.40 -2.86
CA SER B 906 17.66 28.00 -2.44
C SER B 906 18.98 27.38 -2.10
N SER B 907 18.97 26.58 -1.05
CA SER B 907 20.17 26.00 -0.51
C SER B 907 20.79 25.01 -1.48
N ASN B 908 22.08 25.16 -1.78
CA ASN B 908 22.72 24.28 -2.77
C ASN B 908 23.22 23.03 -2.08
N THR B 909 23.46 21.96 -2.84
CA THR B 909 23.56 20.66 -2.16
C THR B 909 24.54 19.78 -2.92
N ALA B 910 24.56 18.47 -2.64
CA ALA B 910 25.38 17.50 -3.39
C ALA B 910 24.95 17.45 -4.85
N PHE B 911 25.94 17.36 -5.73
CA PHE B 911 25.73 17.08 -7.13
C PHE B 911 27.02 16.34 -7.51
N ARG B 912 26.86 15.15 -8.06
CA ARG B 912 27.90 14.29 -8.61
C ARG B 912 29.24 15.00 -8.75
N GLY B 913 30.23 14.60 -7.94
CA GLY B 913 31.52 15.32 -7.86
C GLY B 913 31.67 16.06 -6.54
N PHE B 914 30.55 16.70 -6.06
CA PHE B 914 30.44 17.14 -4.68
C PHE B 914 31.64 18.08 -4.31
N GLY B 915 31.84 19.13 -5.13
CA GLY B 915 32.92 20.13 -4.90
C GLY B 915 34.18 19.80 -5.65
N GLY B 916 34.38 18.53 -5.96
CA GLY B 916 35.55 18.08 -6.71
C GLY B 916 35.69 18.77 -8.07
N PRO B 917 34.67 18.67 -8.95
CA PRO B 917 34.77 19.30 -10.29
C PRO B 917 35.08 20.82 -10.25
N GLN B 918 34.46 21.56 -9.33
CA GLN B 918 34.81 22.98 -9.17
C GLN B 918 36.31 23.18 -8.88
N ALA B 919 36.86 22.46 -7.91
CA ALA B 919 38.29 22.68 -7.51
C ALA B 919 39.20 22.17 -8.62
N LEU B 920 38.84 21.05 -9.26
CA LEU B 920 39.65 20.49 -10.34
C LEU B 920 39.66 21.41 -11.57
N PHE B 921 38.53 22.06 -11.80
CA PHE B 921 38.43 22.99 -12.91
C PHE B 921 39.30 24.23 -12.64
N ILE B 922 39.26 24.75 -11.40
CA ILE B 922 40.20 25.81 -11.00
C ILE B 922 41.67 25.40 -11.19
N ALA B 923 42.02 24.16 -10.84
CA ALA B 923 43.41 23.67 -11.02
C ALA B 923 43.78 23.68 -12.49
N GLU B 924 42.91 23.15 -13.36
CA GLU B 924 43.30 23.05 -14.75
C GLU B 924 43.37 24.40 -15.44
N ASN B 925 42.55 25.34 -14.98
CA ASN B 925 42.64 26.69 -15.49
C ASN B 925 44.00 27.34 -15.21
N TRP B 926 44.47 27.38 -13.97
CA TRP B 926 45.85 27.95 -13.79
C TRP B 926 46.91 27.12 -14.51
N MET B 927 46.72 25.80 -14.59
CA MET B 927 47.69 24.94 -15.27
C MET B 927 47.74 25.30 -16.76
N SER B 928 46.59 25.59 -17.36
CA SER B 928 46.58 25.97 -18.75
C SER B 928 47.24 27.34 -18.87
N GLU B 929 47.12 28.21 -17.84
CA GLU B 929 47.78 29.52 -17.88
C GLU B 929 49.31 29.43 -17.74
N VAL B 930 49.80 28.39 -17.07
CA VAL B 930 51.24 28.14 -16.88
C VAL B 930 51.84 27.71 -18.19
N ALA B 931 51.23 26.76 -18.88
CA ALA B 931 51.71 26.35 -20.18
C ALA B 931 51.76 27.51 -21.20
N VAL B 932 50.70 28.32 -21.27
CA VAL B 932 50.68 29.45 -22.20
C VAL B 932 51.81 30.46 -21.88
N THR B 933 51.85 30.92 -20.63
CA THR B 933 52.89 31.83 -20.17
C THR B 933 54.27 31.30 -20.52
N CYS B 934 54.47 29.99 -20.33
CA CYS B 934 55.78 29.39 -20.54
C CYS B 934 56.08 29.17 -22.00
N GLY B 935 55.06 29.15 -22.87
CA GLY B 935 55.30 28.85 -24.29
C GLY B 935 55.67 27.39 -24.56
N LEU B 936 55.22 26.50 -23.67
CA LEU B 936 55.44 25.06 -23.80
C LEU B 936 54.13 24.30 -24.11
N PRO B 937 54.23 23.18 -24.84
CA PRO B 937 53.03 22.34 -25.04
C PRO B 937 52.36 21.93 -23.69
N ALA B 938 51.06 22.12 -23.60
CA ALA B 938 50.35 21.89 -22.36
C ALA B 938 50.55 20.47 -21.83
N GLU B 939 50.57 19.48 -22.70
CA GLU B 939 50.72 18.10 -22.24
C GLU B 939 52.06 17.89 -21.53
N GLU B 940 53.09 18.61 -21.98
CA GLU B 940 54.43 18.49 -21.38
C GLU B 940 54.47 19.11 -20.00
N VAL B 941 53.85 20.27 -19.86
CA VAL B 941 53.82 20.94 -18.61
C VAL B 941 52.98 20.10 -17.62
N ARG B 942 51.91 19.47 -18.13
CA ARG B 942 51.08 18.62 -17.24
C ARG B 942 51.91 17.41 -16.82
N TRP B 943 52.55 16.76 -17.78
CA TRP B 943 53.28 15.56 -17.46
C TRP B 943 54.36 15.81 -16.40
N LYS B 944 55.15 16.88 -16.57
CA LYS B 944 56.27 17.08 -15.66
C LYS B 944 55.79 17.45 -14.24
N ASN B 945 54.55 17.92 -14.10
CA ASN B 945 54.09 18.34 -12.77
C ASN B 945 53.30 17.23 -12.10
N MET B 946 53.11 16.13 -12.84
CA MET B 946 52.28 15.04 -12.37
C MET B 946 52.92 14.36 -11.13
N TYR B 947 52.15 14.04 -10.11
CA TYR B 947 52.63 13.13 -9.08
C TYR B 947 53.25 11.88 -9.65
N LYS B 948 54.11 11.24 -8.87
CA LYS B 948 54.43 9.86 -9.20
C LYS B 948 54.09 8.88 -8.08
N GLU B 949 54.14 7.57 -8.38
CA GLU B 949 53.84 6.52 -7.42
C GLU B 949 54.49 6.85 -6.09
N GLY B 950 53.68 6.93 -5.03
CA GLY B 950 54.24 7.05 -3.69
C GLY B 950 54.36 8.47 -3.19
N ASP B 951 54.12 9.49 -4.02
CA ASP B 951 54.10 10.88 -3.52
C ASP B 951 52.97 11.13 -2.54
N LEU B 952 53.09 12.18 -1.73
CA LEU B 952 52.00 12.58 -0.84
C LEU B 952 51.28 13.74 -1.52
N THR B 953 50.00 13.83 -1.26
CA THR B 953 49.20 14.94 -1.67
C THR B 953 49.48 16.10 -0.75
N HIS B 954 48.82 17.22 -1.02
CA HIS B 954 49.00 18.43 -0.22
C HIS B 954 48.30 18.20 1.12
N PHE B 955 47.45 17.17 1.20
CA PHE B 955 46.89 16.81 2.50
C PHE B 955 47.56 15.51 2.99
N ASN B 956 48.79 15.27 2.53
CA ASN B 956 49.70 14.28 3.14
C ASN B 956 49.28 12.84 3.07
N GLN B 957 48.40 12.53 2.11
CA GLN B 957 48.05 11.15 1.88
C GLN B 957 48.88 10.59 0.75
N ARG B 958 49.33 9.36 0.97
CA ARG B 958 50.20 8.68 0.05
C ARG B 958 49.44 8.12 -1.12
N LEU B 959 49.97 8.29 -2.33
CA LEU B 959 49.30 7.81 -3.52
C LEU B 959 49.83 6.47 -3.90
N GLU B 960 49.08 5.41 -3.57
CA GLU B 960 49.50 4.02 -3.89
C GLU B 960 48.67 3.44 -4.99
N GLY B 961 49.31 2.81 -5.95
CA GLY B 961 48.59 2.30 -7.12
C GLY B 961 48.12 3.47 -7.95
N PHE B 962 49.01 4.45 -8.14
CA PHE B 962 48.70 5.73 -8.77
C PHE B 962 48.81 5.50 -10.27
N SER B 963 47.67 5.32 -10.95
CA SER B 963 47.75 4.84 -12.31
C SER B 963 47.56 5.92 -13.36
N VAL B 964 47.51 7.18 -12.99
CA VAL B 964 47.42 8.23 -14.02
C VAL B 964 48.47 8.10 -15.15
N PRO B 965 49.78 7.88 -14.79
CA PRO B 965 50.81 7.71 -15.82
C PRO B 965 50.45 6.71 -16.89
N ARG B 966 49.98 5.51 -16.52
CA ARG B 966 49.53 4.52 -17.51
C ARG B 966 48.29 5.02 -18.28
N CYS B 967 47.31 5.59 -17.55
CA CYS B 967 46.12 6.12 -18.24
C CYS B 967 46.56 7.18 -19.27
N TRP B 968 47.49 8.04 -18.88
CA TRP B 968 47.94 9.15 -19.71
C TRP B 968 48.65 8.63 -20.96
N ASP B 969 49.63 7.75 -20.76
CA ASP B 969 50.38 7.22 -21.90
C ASP B 969 49.45 6.41 -22.79
N GLU B 970 48.56 5.59 -22.22
CA GLU B 970 47.66 4.84 -23.12
C GLU B 970 46.71 5.76 -23.85
N CYS B 971 46.16 6.76 -23.16
CA CYS B 971 45.28 7.68 -23.84
C CYS B 971 46.01 8.46 -24.96
N LEU B 972 47.23 8.93 -24.65
CA LEU B 972 48.06 9.65 -25.66
C LEU B 972 48.11 8.87 -26.97
N LYS B 973 48.42 7.60 -26.81
CA LYS B 973 48.62 6.71 -27.87
C LYS B 973 47.33 6.35 -28.60
N SER B 974 46.33 5.87 -27.90
CA SER B 974 45.14 5.38 -28.59
C SER B 974 44.32 6.55 -29.14
N SER B 975 44.53 7.75 -28.60
CA SER B 975 43.87 8.94 -29.15
C SER B 975 44.67 9.49 -30.33
N GLN B 976 45.89 8.99 -30.51
CA GLN B 976 46.82 9.54 -31.52
C GLN B 976 47.01 11.02 -31.28
N TYR B 977 47.18 11.41 -30.04
CA TYR B 977 47.21 12.84 -29.70
C TYR B 977 48.18 13.66 -30.56
N TYR B 978 49.40 13.15 -30.77
CA TYR B 978 50.46 13.96 -31.44
C TYR B 978 50.19 14.18 -32.91
N ALA B 979 49.82 13.15 -33.63
CA ALA B 979 49.43 13.32 -35.02
C ALA B 979 48.24 14.29 -35.12
N ARG B 980 47.30 14.18 -34.20
CA ARG B 980 46.16 15.11 -34.29
C ARG B 980 46.46 16.54 -33.96
N LYS B 981 47.41 16.77 -33.05
CA LYS B 981 47.83 18.14 -32.73
C LYS B 981 48.32 18.85 -34.02
N SER B 982 49.02 18.12 -34.90
CA SER B 982 49.38 18.61 -36.26
C SER B 982 48.20 19.02 -37.16
N GLU B 983 47.23 18.12 -37.25
CA GLU B 983 46.05 18.27 -38.08
C GLU B 983 45.22 19.48 -37.56
N VAL B 984 45.12 19.63 -36.25
CA VAL B 984 44.51 20.82 -35.66
C VAL B 984 45.22 22.12 -36.14
N ASP B 985 46.54 22.16 -36.00
CA ASP B 985 47.33 23.32 -36.42
C ASP B 985 47.17 23.70 -37.87
N LYS B 986 47.16 22.68 -38.71
CA LYS B 986 46.94 22.88 -40.12
C LYS B 986 45.51 23.42 -40.39
N PHE B 987 44.51 22.81 -39.73
CA PHE B 987 43.12 23.24 -39.91
C PHE B 987 42.98 24.73 -39.61
N ASN B 988 43.62 25.17 -38.53
CA ASN B 988 43.65 26.55 -38.10
C ASN B 988 44.34 27.56 -39.03
N LYS B 989 45.38 27.09 -39.73
CA LYS B 989 46.03 27.91 -40.78
C LYS B 989 45.11 27.96 -42.00
N GLU B 990 44.35 26.92 -42.27
CA GLU B 990 43.44 26.89 -43.43
C GLU B 990 42.06 27.54 -43.27
N ASN B 991 41.75 28.00 -42.04
CA ASN B 991 40.36 28.43 -41.72
C ASN B 991 40.38 29.67 -40.86
N CYS B 992 39.75 30.70 -41.34
CA CYS B 992 39.79 31.93 -40.69
C CYS B 992 38.63 32.12 -39.65
N TRP B 993 37.48 31.50 -39.88
CA TRP B 993 36.26 31.79 -39.09
C TRP B 993 35.77 30.54 -38.40
N LYS B 994 36.55 29.46 -38.48
CA LYS B 994 36.36 28.23 -37.72
C LYS B 994 37.73 27.81 -37.21
N LYS B 995 37.78 27.19 -36.01
CA LYS B 995 39.07 26.78 -35.41
C LYS B 995 38.88 25.49 -34.65
N ARG B 996 39.97 24.73 -34.54
CA ARG B 996 39.91 23.51 -33.80
C ARG B 996 40.82 23.65 -32.58
N GLY B 997 40.50 22.90 -31.53
CA GLY B 997 41.29 22.87 -30.31
C GLY B 997 41.29 21.46 -29.77
N LEU B 998 42.34 21.10 -29.03
CA LEU B 998 42.61 19.71 -28.64
C LEU B 998 43.20 19.80 -27.24
N CYS B 999 42.78 18.95 -26.33
CA CYS B 999 43.32 19.07 -25.00
C CYS B 999 43.21 17.72 -24.35
N ILE B 1000 44.19 17.34 -23.57
CA ILE B 1000 44.15 16.06 -22.87
C ILE B 1000 44.37 16.39 -21.42
N ILE B 1001 43.48 15.87 -20.52
CA ILE B 1001 43.61 16.18 -19.08
C ILE B 1001 43.44 14.96 -18.22
N PRO B 1002 44.12 14.96 -17.06
CA PRO B 1002 43.97 13.82 -16.17
C PRO B 1002 42.96 14.14 -15.06
N THR B 1003 42.59 13.14 -14.26
CA THR B 1003 41.94 13.42 -13.00
C THR B 1003 42.25 12.33 -11.97
N LYS B 1004 42.08 12.68 -10.71
CA LYS B 1004 41.99 11.68 -9.66
C LYS B 1004 40.88 12.13 -8.76
N PHE B 1005 40.28 11.19 -8.08
CA PHE B 1005 39.10 11.48 -7.26
C PHE B 1005 39.13 10.61 -6.03
N GLY B 1006 39.05 11.23 -4.86
CA GLY B 1006 39.25 10.47 -3.61
C GLY B 1006 37.99 9.68 -3.28
N ILE B 1007 38.15 8.37 -3.00
CA ILE B 1007 37.01 7.53 -2.65
C ILE B 1007 36.79 7.32 -1.15
N SER B 1008 35.65 7.86 -0.66
CA SER B 1008 35.12 7.74 0.72
C SER B 1008 34.28 8.94 0.99
N PHE B 1009 33.35 8.82 1.92
CA PHE B 1009 32.74 9.99 2.47
C PHE B 1009 33.82 10.68 3.30
N THR B 1010 33.87 12.00 3.20
CA THR B 1010 34.80 12.81 3.99
C THR B 1010 34.42 12.82 5.45
N VAL B 1011 33.15 12.53 5.78
CA VAL B 1011 32.80 12.30 7.21
C VAL B 1011 32.98 10.82 7.58
N PRO B 1012 33.92 10.55 8.50
CA PRO B 1012 34.27 9.16 8.65
C PRO B 1012 33.08 8.27 9.04
N PHE B 1013 32.16 8.73 9.88
CA PHE B 1013 31.13 7.81 10.40
C PHE B 1013 30.14 7.34 9.28
N LEU B 1014 30.18 8.02 8.13
CA LEU B 1014 29.30 7.62 7.03
C LEU B 1014 29.78 6.35 6.30
N ASN B 1015 31.05 5.99 6.50
CA ASN B 1015 31.66 4.89 5.75
C ASN B 1015 31.34 3.55 6.42
N GLN B 1016 30.06 3.22 6.44
CA GLN B 1016 29.54 2.00 7.13
C GLN B 1016 28.35 1.51 6.26
N ALA B 1017 28.11 0.22 6.24
CA ALA B 1017 27.09 -0.32 5.32
C ALA B 1017 26.54 -1.62 5.90
N GLY B 1018 25.23 -1.76 5.93
CA GLY B 1018 24.57 -3.00 6.37
C GLY B 1018 23.83 -3.69 5.24
N ALA B 1019 23.68 -5.02 5.36
CA ALA B 1019 22.92 -5.90 4.47
C ALA B 1019 22.12 -6.91 5.31
N LEU B 1020 21.07 -7.44 4.71
CA LEU B 1020 20.26 -8.43 5.34
C LEU B 1020 19.92 -9.45 4.25
N ILE B 1021 20.18 -10.71 4.48
CA ILE B 1021 19.92 -11.72 3.45
C ILE B 1021 19.07 -12.87 4.02
N HIS B 1022 18.01 -13.23 3.30
CA HIS B 1022 17.22 -14.40 3.66
C HIS B 1022 17.34 -15.43 2.53
N VAL B 1023 17.39 -16.70 2.89
CA VAL B 1023 17.30 -17.75 1.89
C VAL B 1023 16.02 -18.48 2.25
N TYR B 1024 15.09 -18.50 1.30
CA TYR B 1024 13.82 -19.17 1.53
C TYR B 1024 14.00 -20.66 1.29
N THR B 1025 13.02 -21.46 1.70
CA THR B 1025 13.16 -22.94 1.68
C THR B 1025 13.11 -23.53 0.23
N ASP B 1026 12.77 -22.72 -0.76
CA ASP B 1026 12.95 -23.19 -2.13
C ASP B 1026 14.39 -22.84 -2.63
N GLY B 1027 15.23 -22.27 -1.76
CA GLY B 1027 16.58 -21.86 -2.15
C GLY B 1027 16.67 -20.49 -2.77
N SER B 1028 15.54 -19.85 -3.09
CA SER B 1028 15.62 -18.47 -3.62
C SER B 1028 16.10 -17.56 -2.46
N VAL B 1029 16.81 -16.52 -2.86
CA VAL B 1029 17.49 -15.60 -1.95
C VAL B 1029 16.99 -14.17 -2.14
N LEU B 1030 16.71 -13.51 -1.01
CA LEU B 1030 16.28 -12.11 -1.01
C LEU B 1030 17.34 -11.32 -0.34
N VAL B 1031 17.99 -10.44 -1.10
CA VAL B 1031 18.99 -9.55 -0.55
C VAL B 1031 18.43 -8.19 -0.31
N SER B 1032 18.75 -7.66 0.84
CA SER B 1032 18.41 -6.27 1.10
C SER B 1032 19.68 -5.56 1.56
N HIS B 1033 19.91 -4.31 1.15
CA HIS B 1033 21.05 -3.59 1.70
C HIS B 1033 20.69 -2.11 1.84
N GLY B 1034 21.53 -1.33 2.52
CA GLY B 1034 21.17 0.09 2.74
C GLY B 1034 21.27 1.01 1.50
N GLY B 1035 21.84 0.55 0.37
CA GLY B 1035 21.89 1.42 -0.82
C GLY B 1035 20.61 1.43 -1.64
N THR B 1036 20.49 2.47 -2.47
CA THR B 1036 19.33 2.66 -3.30
C THR B 1036 19.75 2.64 -4.76
N GLU B 1037 18.82 2.21 -5.61
CA GLU B 1037 19.00 2.22 -7.08
C GLU B 1037 18.52 3.53 -7.71
N MET B 1038 19.39 4.23 -8.44
CA MET B 1038 19.01 5.48 -9.07
C MET B 1038 19.41 5.44 -10.51
N GLY B 1039 19.74 4.25 -11.00
CA GLY B 1039 20.12 4.13 -12.39
C GLY B 1039 21.53 3.57 -12.55
N GLN B 1040 22.32 3.59 -11.45
CA GLN B 1040 23.75 3.31 -11.54
C GLN B 1040 24.06 1.79 -11.54
N GLY B 1041 23.01 0.95 -11.42
CA GLY B 1041 23.19 -0.46 -11.41
C GLY B 1041 23.75 -1.05 -10.12
N LEU B 1042 23.45 -0.43 -8.96
CA LEU B 1042 23.87 -0.93 -7.68
C LEU B 1042 23.26 -2.33 -7.35
N HIS B 1043 21.94 -2.47 -7.40
CA HIS B 1043 21.33 -3.77 -7.19
C HIS B 1043 21.87 -4.84 -8.11
N THR B 1044 22.02 -4.51 -9.39
CA THR B 1044 22.60 -5.45 -10.34
C THR B 1044 23.98 -5.90 -9.78
N LYS B 1045 24.84 -4.95 -9.47
CA LYS B 1045 26.18 -5.34 -8.97
C LYS B 1045 26.11 -6.14 -7.70
N MET B 1046 25.19 -5.78 -6.83
CA MET B 1046 25.05 -6.52 -5.55
C MET B 1046 24.58 -7.96 -5.82
N VAL B 1047 23.77 -8.13 -6.86
CA VAL B 1047 23.30 -9.48 -7.20
C VAL B 1047 24.50 -10.23 -7.79
N GLN B 1048 25.31 -9.56 -8.63
CA GLN B 1048 26.51 -10.26 -9.20
C GLN B 1048 27.42 -10.73 -8.07
N VAL B 1049 27.59 -9.83 -7.08
CA VAL B 1049 28.45 -10.10 -5.93
C VAL B 1049 27.93 -11.27 -5.09
N ALA B 1050 26.63 -11.26 -4.78
CA ALA B 1050 26.05 -12.31 -4.00
C ALA B 1050 26.13 -13.66 -4.70
N SER B 1051 25.87 -13.64 -6.01
CA SER B 1051 25.91 -14.84 -6.80
C SER B 1051 27.35 -15.44 -6.86
N LYS B 1052 28.37 -14.58 -6.94
CA LYS B 1052 29.76 -15.07 -6.94
C LYS B 1052 30.08 -15.60 -5.54
N ALA B 1053 29.78 -14.84 -4.49
CA ALA B 1053 30.00 -15.30 -3.15
C ALA B 1053 29.33 -16.64 -2.81
N LEU B 1054 28.09 -16.85 -3.23
CA LEU B 1054 27.36 -18.06 -2.80
C LEU B 1054 27.61 -19.18 -3.80
N LYS B 1055 28.21 -18.83 -4.94
CA LYS B 1055 28.41 -19.79 -6.02
C LYS B 1055 27.10 -20.39 -6.50
N ILE B 1056 26.12 -19.53 -6.71
CA ILE B 1056 24.88 -19.92 -7.34
C ILE B 1056 24.61 -18.91 -8.44
N PRO B 1057 23.77 -19.25 -9.43
CA PRO B 1057 23.44 -18.30 -10.50
C PRO B 1057 22.62 -17.10 -10.04
N ILE B 1058 22.82 -15.97 -10.73
CA ILE B 1058 22.09 -14.73 -10.36
C ILE B 1058 20.57 -14.92 -10.33
N SER B 1059 20.07 -15.88 -11.13
CA SER B 1059 18.65 -16.13 -11.28
C SER B 1059 17.96 -16.58 -9.98
N LYS B 1060 18.73 -17.11 -9.02
CA LYS B 1060 18.21 -17.48 -7.68
C LYS B 1060 18.20 -16.34 -6.66
N ILE B 1061 18.65 -15.16 -7.09
CA ILE B 1061 18.83 -14.07 -6.15
C ILE B 1061 17.98 -12.89 -6.63
N TYR B 1062 17.39 -12.18 -5.66
CA TYR B 1062 16.56 -11.04 -5.99
C TYR B 1062 16.71 -9.89 -5.00
N ILE B 1063 16.72 -8.66 -5.51
CA ILE B 1063 16.61 -7.49 -4.63
C ILE B 1063 15.33 -6.74 -5.01
N SER B 1064 14.44 -6.56 -4.03
CA SER B 1064 13.16 -5.89 -4.27
C SER B 1064 13.27 -4.38 -4.04
N GLU B 1065 13.87 -3.98 -2.91
CA GLU B 1065 13.91 -2.59 -2.62
C GLU B 1065 14.82 -2.30 -1.46
N THR B 1066 14.85 -1.00 -1.10
CA THR B 1066 15.57 -0.50 0.08
C THR B 1066 14.54 -0.03 1.10
N SER B 1067 14.67 -0.42 2.36
CA SER B 1067 13.73 0.06 3.34
C SER B 1067 14.31 0.10 4.74
N THR B 1068 13.83 1.03 5.54
CA THR B 1068 14.44 1.30 6.87
C THR B 1068 14.12 0.20 7.87
N ASN B 1069 13.15 -0.70 7.57
CA ASN B 1069 12.86 -1.82 8.46
C ASN B 1069 13.60 -3.13 8.11
N THR B 1070 14.45 -3.08 7.09
CA THR B 1070 15.26 -4.23 6.75
C THR B 1070 16.71 -3.89 7.06
N VAL B 1071 17.18 -2.72 6.63
CA VAL B 1071 18.55 -2.21 7.00
C VAL B 1071 18.44 -0.78 7.61
N PRO B 1072 18.69 -0.66 8.91
CA PRO B 1072 18.49 0.65 9.58
C PRO B 1072 19.79 1.47 9.53
N ASN B 1073 19.66 2.78 9.78
CA ASN B 1073 20.77 3.70 10.00
C ASN B 1073 21.72 3.75 8.82
N SER B 1074 21.15 3.75 7.61
CA SER B 1074 22.04 3.66 6.44
C SER B 1074 22.56 5.06 6.12
N SER B 1075 23.80 5.14 5.65
CA SER B 1075 24.27 6.36 5.03
C SER B 1075 23.54 6.58 3.70
N PRO B 1076 23.49 7.84 3.23
CA PRO B 1076 22.88 8.13 1.91
C PRO B 1076 23.65 7.37 0.84
N THR B 1077 22.99 7.03 -0.26
CA THR B 1077 23.62 6.37 -1.35
C THR B 1077 24.39 7.45 -2.12
N ALA B 1078 25.67 7.58 -1.81
CA ALA B 1078 26.41 8.72 -2.26
C ALA B 1078 27.92 8.47 -2.18
N ALA B 1079 28.71 9.47 -2.62
CA ALA B 1079 30.19 9.46 -2.61
C ALA B 1079 30.81 8.32 -3.48
N SER B 1080 29.99 7.71 -4.35
CA SER B 1080 30.49 6.71 -5.26
C SER B 1080 30.91 5.41 -4.53
N VAL B 1081 30.65 5.31 -3.23
CA VAL B 1081 31.24 4.20 -2.50
C VAL B 1081 30.27 3.09 -2.26
N SER B 1082 29.06 3.19 -2.81
CA SER B 1082 27.99 2.23 -2.46
C SER B 1082 28.35 0.79 -2.90
N THR B 1083 28.93 0.61 -4.08
CA THR B 1083 29.29 -0.76 -4.52
C THR B 1083 30.31 -1.29 -3.54
N ASP B 1084 31.23 -0.41 -3.14
CA ASP B 1084 32.37 -0.84 -2.30
C ASP B 1084 31.82 -1.33 -0.96
N ILE B 1085 30.97 -0.50 -0.33
CA ILE B 1085 30.62 -0.75 1.05
C ILE B 1085 29.44 -1.74 1.13
N TYR B 1086 28.40 -1.59 0.31
CA TYR B 1086 27.30 -2.60 0.32
C TYR B 1086 27.82 -3.92 -0.26
N GLY B 1087 28.77 -3.86 -1.20
CA GLY B 1087 29.36 -5.11 -1.69
C GLY B 1087 30.02 -5.91 -0.60
N GLN B 1088 30.76 -5.26 0.30
CA GLN B 1088 31.31 -5.99 1.45
C GLN B 1088 30.24 -6.46 2.43
N ALA B 1089 29.26 -5.61 2.76
CA ALA B 1089 28.22 -6.06 3.68
C ALA B 1089 27.47 -7.29 3.13
N VAL B 1090 27.14 -7.26 1.83
CA VAL B 1090 26.48 -8.38 1.17
C VAL B 1090 27.41 -9.62 1.18
N TYR B 1091 28.69 -9.38 0.85
CA TYR B 1091 29.67 -10.49 0.84
C TYR B 1091 29.76 -11.09 2.27
N GLU B 1092 29.74 -10.27 3.31
CA GLU B 1092 29.86 -10.82 4.68
C GLU B 1092 28.61 -11.65 5.05
N ALA B 1093 27.45 -11.17 4.65
CA ALA B 1093 26.23 -11.94 4.92
C ALA B 1093 26.25 -13.26 4.16
N CYS B 1094 26.77 -13.27 2.94
CA CYS B 1094 26.85 -14.52 2.19
C CYS B 1094 27.83 -15.51 2.85
N GLN B 1095 28.94 -15.02 3.44
CA GLN B 1095 29.96 -15.88 4.06
C GLN B 1095 29.26 -16.61 5.25
N THR B 1096 28.49 -15.84 6.03
CA THR B 1096 27.76 -16.39 7.18
C THR B 1096 26.78 -17.48 6.73
N ILE B 1097 26.08 -17.27 5.62
CA ILE B 1097 25.15 -18.26 5.10
C ILE B 1097 25.96 -19.51 4.70
N LEU B 1098 27.06 -19.32 3.96
CA LEU B 1098 27.92 -20.44 3.58
C LEU B 1098 28.40 -21.23 4.83
N LYS B 1099 28.82 -20.54 5.91
CA LYS B 1099 29.27 -21.29 7.11
C LYS B 1099 28.15 -22.17 7.63
N ARG B 1100 26.93 -21.62 7.62
CA ARG B 1100 25.76 -22.30 8.14
C ARG B 1100 25.36 -23.53 7.31
N LEU B 1101 25.50 -23.42 5.98
CA LEU B 1101 25.19 -24.57 5.09
C LEU B 1101 26.30 -25.63 4.98
N GLU B 1102 27.48 -25.28 5.47
CA GLU B 1102 28.69 -26.04 5.19
C GLU B 1102 28.61 -27.50 5.72
N PRO B 1103 28.10 -27.73 6.97
CA PRO B 1103 27.91 -29.17 7.37
C PRO B 1103 26.97 -29.97 6.46
N PHE B 1104 25.98 -29.30 5.85
CA PHE B 1104 24.98 -29.98 4.99
C PHE B 1104 25.60 -30.30 3.65
N LYS B 1105 26.44 -29.37 3.20
CA LYS B 1105 27.22 -29.55 1.99
C LYS B 1105 28.15 -30.78 2.14
N LYS B 1106 28.86 -30.89 3.26
CA LYS B 1106 29.72 -32.02 3.54
C LYS B 1106 28.96 -33.36 3.66
N LYS B 1107 27.87 -33.41 4.44
CA LYS B 1107 26.98 -34.58 4.42
C LYS B 1107 26.54 -34.95 3.00
N ASN B 1108 26.35 -33.99 2.10
CA ASN B 1108 25.72 -34.32 0.82
C ASN B 1108 26.40 -33.67 -0.39
N PRO B 1109 27.75 -33.81 -0.52
CA PRO B 1109 28.54 -33.00 -1.49
C PRO B 1109 28.05 -33.05 -2.93
N ASP B 1110 27.31 -34.09 -3.28
CA ASP B 1110 26.77 -34.18 -4.63
C ASP B 1110 25.35 -33.63 -4.76
N GLY B 1111 24.77 -33.19 -3.64
CA GLY B 1111 23.44 -32.57 -3.64
C GLY B 1111 23.42 -31.16 -4.24
N SER B 1112 22.21 -30.61 -4.48
CA SER B 1112 22.04 -29.23 -4.95
C SER B 1112 22.04 -28.19 -3.80
N TRP B 1113 22.26 -26.93 -4.14
CA TRP B 1113 21.93 -25.77 -3.29
C TRP B 1113 20.54 -25.98 -2.68
N GLU B 1114 19.55 -26.36 -3.49
CA GLU B 1114 18.18 -26.55 -2.94
C GLU B 1114 18.12 -27.62 -1.87
N ASP B 1115 18.92 -28.68 -2.02
CA ASP B 1115 18.98 -29.79 -1.03
C ASP B 1115 19.59 -29.31 0.26
N TRP B 1116 20.65 -28.53 0.16
CA TRP B 1116 21.35 -28.15 1.39
C TRP B 1116 20.48 -27.14 2.13
N VAL B 1117 19.83 -26.25 1.38
CA VAL B 1117 18.96 -25.23 2.03
C VAL B 1117 17.84 -25.93 2.77
N MET B 1118 17.18 -26.86 2.10
CA MET B 1118 16.10 -27.62 2.78
C MET B 1118 16.60 -28.44 3.98
N ALA B 1119 17.78 -29.06 3.84
CA ALA B 1119 18.33 -29.78 5.01
C ALA B 1119 18.61 -28.86 6.18
N ALA B 1120 19.21 -27.70 5.90
CA ALA B 1120 19.49 -26.74 7.01
C ALA B 1120 18.16 -26.33 7.67
N TYR B 1121 17.17 -25.99 6.85
CA TYR B 1121 15.87 -25.63 7.40
C TYR B 1121 15.31 -26.77 8.29
N GLN B 1122 15.32 -28.04 7.81
CA GLN B 1122 14.75 -29.17 8.63
C GLN B 1122 15.59 -29.45 9.84
N ASP B 1123 16.85 -29.01 9.81
CA ASP B 1123 17.69 -29.13 10.95
C ASP B 1123 17.57 -27.95 11.84
N ARG B 1124 16.65 -27.01 11.54
CA ARG B 1124 16.53 -25.79 12.37
C ARG B 1124 17.83 -24.99 12.42
N VAL B 1125 18.44 -24.77 11.25
CA VAL B 1125 19.50 -23.78 11.11
C VAL B 1125 18.90 -22.49 10.51
N SER B 1126 19.19 -21.35 11.11
CA SER B 1126 18.66 -20.08 10.61
C SER B 1126 19.22 -19.75 9.23
N LEU B 1127 18.36 -19.42 8.25
CA LEU B 1127 18.80 -18.99 6.93
C LEU B 1127 18.70 -17.48 6.74
N SER B 1128 18.87 -16.76 7.83
CA SER B 1128 18.70 -15.32 7.80
C SER B 1128 19.91 -14.72 8.52
N THR B 1129 20.54 -13.72 7.88
CA THR B 1129 21.58 -13.05 8.59
C THR B 1129 21.82 -11.61 8.14
N THR B 1130 22.47 -10.82 9.00
CA THR B 1130 22.91 -9.48 8.61
C THR B 1130 24.37 -9.61 8.11
N GLY B 1131 24.82 -8.58 7.39
CA GLY B 1131 26.21 -8.40 7.02
C GLY B 1131 26.52 -6.93 7.25
N PHE B 1132 27.78 -6.63 7.57
CA PHE B 1132 28.14 -5.24 7.89
C PHE B 1132 29.56 -4.94 7.47
N TYR B 1133 29.82 -3.68 7.11
CA TYR B 1133 31.16 -3.28 6.76
C TYR B 1133 31.43 -1.84 7.19
N ARG B 1134 32.68 -1.59 7.58
CA ARG B 1134 33.17 -0.33 8.15
C ARG B 1134 34.53 -0.07 7.39
N THR B 1135 34.65 0.99 6.61
CA THR B 1135 35.87 1.16 5.79
C THR B 1135 37.04 1.48 6.75
N PRO B 1136 38.18 0.74 6.67
CA PRO B 1136 39.20 0.90 7.75
C PRO B 1136 40.16 2.06 7.54
N ASN B 1137 40.81 2.54 8.61
CA ASN B 1137 41.89 3.51 8.45
C ASN B 1137 41.58 4.89 7.89
N LEU B 1138 40.40 5.42 8.16
CA LEU B 1138 40.04 6.72 7.61
C LEU B 1138 39.99 7.66 8.76
N GLY B 1139 40.37 8.92 8.56
CA GLY B 1139 40.09 9.97 9.55
C GLY B 1139 41.12 11.08 9.40
N TYR B 1140 40.86 12.02 8.51
CA TYR B 1140 41.72 13.14 8.22
C TYR B 1140 41.38 14.23 9.20
N SER B 1141 42.39 14.99 9.59
CA SER B 1141 42.18 16.20 10.37
C SER B 1141 42.72 17.43 9.67
N PHE B 1142 41.84 18.43 9.54
CA PHE B 1142 42.24 19.68 8.98
C PHE B 1142 43.23 20.43 9.87
N GLU B 1143 43.11 20.26 11.20
CA GLU B 1143 44.02 20.89 12.19
C GLU B 1143 45.48 20.45 12.05
N THR B 1144 45.70 19.17 11.81
CA THR B 1144 47.08 18.63 11.75
C THR B 1144 47.51 18.31 10.33
N ASN B 1145 46.56 18.41 9.40
CA ASN B 1145 46.86 18.01 7.99
C ASN B 1145 47.46 16.61 7.91
N SER B 1146 46.79 15.68 8.59
CA SER B 1146 47.19 14.31 8.63
C SER B 1146 45.96 13.38 8.73
N GLY B 1147 46.20 12.11 8.43
CA GLY B 1147 45.23 11.03 8.54
C GLY B 1147 44.68 10.77 7.13
N ASN B 1148 44.21 9.57 6.85
CA ASN B 1148 43.65 9.22 5.55
C ASN B 1148 42.27 9.82 5.30
N ALA B 1149 42.16 10.72 4.32
CA ALA B 1149 40.83 11.25 3.95
C ALA B 1149 40.09 10.21 3.11
N PHE B 1150 40.82 9.46 2.29
CA PHE B 1150 40.20 8.56 1.32
C PHE B 1150 40.75 7.16 1.43
N HIS B 1151 39.94 6.19 1.02
CA HIS B 1151 40.40 4.84 1.08
C HIS B 1151 41.40 4.59 -0.09
N TYR B 1152 41.13 5.15 -1.26
CA TYR B 1152 41.98 5.06 -2.46
C TYR B 1152 41.45 6.13 -3.43
N PHE B 1153 42.04 6.24 -4.62
CA PHE B 1153 41.60 7.23 -5.59
C PHE B 1153 41.26 6.48 -6.83
N THR B 1154 40.24 7.00 -7.53
CA THR B 1154 39.97 6.51 -8.88
C THR B 1154 40.57 7.49 -9.86
N TYR B 1155 41.13 6.96 -10.95
CA TYR B 1155 41.87 7.78 -11.89
C TYR B 1155 41.34 7.66 -13.29
N GLY B 1156 41.66 8.66 -14.09
CA GLY B 1156 41.29 8.65 -15.47
C GLY B 1156 41.92 9.75 -16.29
N VAL B 1157 41.94 9.56 -17.61
CA VAL B 1157 42.45 10.62 -18.52
C VAL B 1157 41.52 10.77 -19.73
N ALA B 1158 41.33 11.99 -20.23
CA ALA B 1158 40.47 12.17 -21.43
C ALA B 1158 41.09 13.15 -22.34
N CYS B 1159 41.05 12.83 -23.61
CA CYS B 1159 41.52 13.75 -24.65
C CYS B 1159 40.31 14.14 -25.48
N SER B 1160 40.04 15.42 -25.66
CA SER B 1160 38.91 15.85 -26.52
C SER B 1160 39.36 16.83 -27.58
N GLU B 1161 38.73 16.78 -28.74
CA GLU B 1161 38.91 17.73 -29.81
C GLU B 1161 37.59 18.40 -30.20
N VAL B 1162 37.61 19.71 -30.48
CA VAL B 1162 36.38 20.42 -30.84
C VAL B 1162 36.64 21.26 -32.09
N GLU B 1163 35.57 21.76 -32.70
CA GLU B 1163 35.72 22.79 -33.69
C GLU B 1163 34.73 23.86 -33.31
N ILE B 1164 35.24 25.09 -33.15
CA ILE B 1164 34.36 26.22 -32.91
C ILE B 1164 34.03 27.03 -34.17
N ASP B 1165 32.84 27.63 -34.16
CA ASP B 1165 32.44 28.58 -35.18
C ASP B 1165 32.73 29.94 -34.58
N CYS B 1166 33.73 30.62 -35.14
CA CYS B 1166 34.22 31.88 -34.60
C CYS B 1166 33.17 32.92 -34.76
N LEU B 1167 32.22 32.66 -35.65
CA LEU B 1167 31.26 33.69 -35.97
C LEU B 1167 29.95 33.59 -35.14
N THR B 1168 29.68 32.43 -34.53
CA THR B 1168 28.36 32.24 -33.88
C THR B 1168 28.56 31.74 -32.47
N GLY B 1169 29.71 31.13 -32.20
CA GLY B 1169 29.90 30.51 -30.86
C GLY B 1169 29.40 29.06 -30.73
N ASP B 1170 28.70 28.59 -31.74
CA ASP B 1170 28.46 27.15 -31.88
C ASP B 1170 29.82 26.36 -31.94
N HIS B 1171 29.79 25.09 -31.53
CA HIS B 1171 30.96 24.23 -31.66
C HIS B 1171 30.55 22.78 -31.86
N LYS B 1172 31.41 21.97 -32.47
CA LYS B 1172 31.21 20.52 -32.45
C LYS B 1172 32.20 19.83 -31.52
N ASN B 1173 31.74 18.79 -30.83
CA ASN B 1173 32.57 17.89 -30.09
C ASN B 1173 32.94 16.80 -31.08
N LEU B 1174 34.14 16.92 -31.68
CA LEU B 1174 34.56 16.02 -32.82
C LEU B 1174 34.95 14.67 -32.28
N ARG B 1175 35.73 14.63 -31.21
CA ARG B 1175 36.25 13.37 -30.78
C ARG B 1175 36.70 13.40 -29.33
N THR B 1176 36.33 12.37 -28.59
CA THR B 1176 36.78 12.24 -27.20
C THR B 1176 37.25 10.78 -26.99
N ASP B 1177 38.40 10.63 -26.37
CA ASP B 1177 38.93 9.33 -25.96
C ASP B 1177 39.19 9.38 -24.47
N ILE B 1178 38.72 8.38 -23.74
CA ILE B 1178 38.84 8.33 -22.29
C ILE B 1178 39.52 7.01 -21.93
N VAL B 1179 40.47 7.06 -21.00
CA VAL B 1179 40.98 5.83 -20.40
C VAL B 1179 40.73 5.97 -18.94
N MET B 1180 39.98 5.02 -18.40
CA MET B 1180 39.58 5.09 -16.99
C MET B 1180 40.09 3.87 -16.22
N ASP B 1181 40.62 4.12 -15.06
CA ASP B 1181 41.08 3.03 -14.18
C ASP B 1181 39.93 2.82 -13.21
N VAL B 1182 39.22 1.70 -13.39
CA VAL B 1182 38.15 1.27 -12.46
C VAL B 1182 38.54 -0.04 -11.75
N GLY B 1183 39.86 -0.31 -11.65
CA GLY B 1183 40.33 -1.54 -11.05
C GLY B 1183 39.84 -2.67 -11.95
N SER B 1184 39.59 -3.83 -11.36
CA SER B 1184 38.99 -4.95 -12.05
C SER B 1184 37.47 -4.69 -11.97
N SER B 1185 36.90 -4.16 -13.04
CA SER B 1185 35.48 -3.78 -13.06
C SER B 1185 34.59 -4.93 -12.65
N LEU B 1186 33.63 -4.66 -11.77
CA LEU B 1186 32.61 -5.68 -11.49
C LEU B 1186 31.69 -5.90 -12.67
N ASN B 1187 31.54 -4.90 -13.51
CA ASN B 1187 30.58 -4.99 -14.63
C ASN B 1187 31.01 -3.91 -15.61
N PRO B 1188 31.77 -4.31 -16.68
CA PRO B 1188 32.25 -3.24 -17.58
C PRO B 1188 31.16 -2.52 -18.40
N ALA B 1189 30.00 -3.16 -18.65
CA ALA B 1189 28.91 -2.46 -19.34
C ALA B 1189 28.44 -1.32 -18.44
N ILE B 1190 28.21 -1.62 -17.18
CA ILE B 1190 27.73 -0.58 -16.24
C ILE B 1190 28.79 0.49 -15.96
N ASP B 1191 30.06 0.08 -15.85
CA ASP B 1191 31.11 1.02 -15.55
C ASP B 1191 31.42 1.90 -16.73
N ILE B 1192 31.35 1.35 -17.94
CA ILE B 1192 31.53 2.23 -19.07
C ILE B 1192 30.33 3.18 -19.19
N GLY B 1193 29.14 2.73 -18.79
CA GLY B 1193 27.98 3.61 -18.82
C GLY B 1193 28.10 4.70 -17.76
N GLN B 1194 28.74 4.43 -16.64
CA GLN B 1194 28.95 5.46 -15.64
C GLN B 1194 29.98 6.47 -16.15
N VAL B 1195 31.07 5.99 -16.75
CA VAL B 1195 32.06 6.88 -17.41
C VAL B 1195 31.44 7.80 -18.46
N GLU B 1196 30.63 7.21 -19.34
CA GLU B 1196 30.04 8.03 -20.39
C GLU B 1196 29.02 9.01 -19.81
N GLY B 1197 28.18 8.53 -18.90
CA GLY B 1197 27.15 9.38 -18.36
C GLY B 1197 27.72 10.52 -17.50
N ALA B 1198 28.68 10.18 -16.64
CA ALA B 1198 29.40 11.18 -15.87
C ALA B 1198 30.07 12.19 -16.81
N PHE B 1199 30.83 11.68 -17.77
CA PHE B 1199 31.52 12.57 -18.74
C PHE B 1199 30.53 13.52 -19.40
N VAL B 1200 29.33 13.04 -19.77
CA VAL B 1200 28.39 13.89 -20.53
C VAL B 1200 27.77 14.98 -19.57
N GLN B 1201 27.51 14.60 -18.32
CA GLN B 1201 27.09 15.58 -17.31
C GLN B 1201 28.15 16.69 -17.09
N GLY B 1202 29.44 16.34 -17.06
CA GLY B 1202 30.52 17.32 -16.93
C GLY B 1202 30.60 18.21 -18.17
N LEU B 1203 30.41 17.58 -19.33
CA LEU B 1203 30.33 18.31 -20.61
C LEU B 1203 29.21 19.37 -20.52
N GLY B 1204 28.07 18.99 -19.93
CA GLY B 1204 26.95 19.91 -19.76
C GLY B 1204 27.37 20.99 -18.79
N LEU B 1205 27.91 20.60 -17.63
CA LEU B 1205 28.34 21.61 -16.67
C LEU B 1205 29.28 22.69 -17.28
N PHE B 1206 30.20 22.20 -18.10
CA PHE B 1206 31.32 23.04 -18.58
C PHE B 1206 31.05 23.82 -19.86
N THR B 1207 29.99 23.44 -20.60
CA THR B 1207 29.75 23.96 -21.95
C THR B 1207 28.32 24.31 -22.31
N LEU B 1208 27.33 23.88 -21.56
CA LEU B 1208 25.95 24.03 -22.03
C LEU B 1208 24.99 24.61 -21.02
N GLU B 1209 25.10 24.10 -19.77
CA GLU B 1209 24.13 24.32 -18.71
C GLU B 1209 24.42 25.57 -17.94
N GLU B 1210 23.44 26.47 -17.93
CA GLU B 1210 23.62 27.74 -17.27
C GLU B 1210 22.31 28.12 -16.65
N LEU B 1211 22.33 28.43 -15.36
CA LEU B 1211 21.10 28.95 -14.70
C LEU B 1211 21.19 30.50 -14.65
N HIS B 1212 20.14 31.22 -15.00
CA HIS B 1212 20.10 32.69 -14.95
C HIS B 1212 19.08 33.14 -13.95
N TYR B 1213 19.49 34.14 -13.16
CA TYR B 1213 18.69 34.70 -12.06
C TYR B 1213 18.56 36.23 -12.28
N SER B 1214 17.40 36.77 -11.94
CA SER B 1214 17.22 38.21 -12.00
C SER B 1214 18.13 38.80 -10.93
N PRO B 1215 18.39 40.12 -10.96
CA PRO B 1215 19.15 40.74 -9.86
C PRO B 1215 18.47 40.60 -8.51
N GLU B 1216 17.16 40.44 -8.45
CA GLU B 1216 16.48 40.22 -7.17
C GLU B 1216 16.54 38.73 -6.67
N GLY B 1217 17.20 37.84 -7.42
CA GLY B 1217 17.41 36.46 -6.96
C GLY B 1217 16.34 35.48 -7.38
N SER B 1218 15.61 35.84 -8.43
CA SER B 1218 14.56 34.95 -8.94
C SER B 1218 15.06 34.17 -10.17
N LEU B 1219 15.07 32.85 -10.05
CA LEU B 1219 15.53 32.00 -11.13
C LEU B 1219 14.64 32.22 -12.40
N HIS B 1220 15.28 32.53 -13.53
CA HIS B 1220 14.54 32.62 -14.82
C HIS B 1220 14.46 31.25 -15.49
N THR B 1221 15.47 30.42 -15.33
CA THR B 1221 15.55 29.21 -16.17
C THR B 1221 14.98 28.03 -15.37
N ARG B 1222 13.74 27.68 -15.66
CA ARG B 1222 12.97 26.73 -14.89
C ARG B 1222 12.40 25.60 -15.71
N GLY B 1223 13.00 25.31 -16.87
CA GLY B 1223 12.62 24.08 -17.56
C GLY B 1223 13.59 23.79 -18.71
N PRO B 1224 13.35 22.66 -19.43
CA PRO B 1224 14.38 22.32 -20.40
C PRO B 1224 14.36 23.28 -21.62
N SER B 1225 13.30 24.11 -21.79
CA SER B 1225 13.32 25.09 -22.91
C SER B 1225 14.43 26.11 -22.69
N THR B 1226 14.78 26.40 -21.44
CA THR B 1226 15.76 27.49 -21.15
C THR B 1226 17.00 26.97 -20.46
N TYR B 1227 16.92 25.75 -19.93
CA TYR B 1227 18.07 25.16 -19.26
C TYR B 1227 18.46 23.96 -20.11
N LYS B 1228 19.65 24.02 -20.71
CA LYS B 1228 20.00 23.09 -21.81
C LYS B 1228 20.99 22.07 -21.33
N ILE B 1229 20.52 20.86 -21.07
CA ILE B 1229 21.47 19.77 -20.75
C ILE B 1229 21.96 19.15 -22.11
N PRO B 1230 22.99 18.30 -22.07
CA PRO B 1230 23.38 17.65 -23.34
C PRO B 1230 22.21 16.88 -24.02
N ALA B 1231 22.08 17.09 -25.33
CA ALA B 1231 21.06 16.42 -26.16
C ALA B 1231 21.78 15.22 -26.85
N PHE B 1232 21.03 14.32 -27.48
CA PHE B 1232 21.66 13.26 -28.29
C PHE B 1232 22.78 13.78 -29.19
N GLY B 1233 22.50 14.93 -29.84
CA GLY B 1233 23.49 15.50 -30.80
C GLY B 1233 24.60 16.26 -30.11
N SER B 1234 24.67 16.29 -28.77
CA SER B 1234 25.77 17.04 -28.09
C SER B 1234 27.01 16.17 -27.85
N ILE B 1235 26.89 14.85 -27.97
CA ILE B 1235 27.99 14.01 -27.53
C ILE B 1235 29.15 14.01 -28.54
N PRO B 1236 30.37 13.62 -28.09
CA PRO B 1236 31.46 13.63 -29.10
C PRO B 1236 31.10 12.65 -30.20
N THR B 1237 31.29 13.08 -31.45
CA THR B 1237 30.92 12.25 -32.61
C THR B 1237 31.73 10.95 -32.67
N GLU B 1238 33.00 11.03 -32.34
CA GLU B 1238 33.76 9.82 -32.20
C GLU B 1238 34.04 9.72 -30.69
N PHE B 1239 33.55 8.67 -30.05
CA PHE B 1239 33.45 8.60 -28.57
C PHE B 1239 34.04 7.25 -28.18
N ARG B 1240 35.24 7.28 -27.65
CA ARG B 1240 35.97 6.07 -27.31
C ARG B 1240 36.22 5.96 -25.82
N VAL B 1241 35.84 4.83 -25.24
CA VAL B 1241 36.12 4.62 -23.83
C VAL B 1241 36.91 3.34 -23.61
N SER B 1242 37.98 3.41 -22.79
CA SER B 1242 38.71 2.23 -22.39
C SER B 1242 38.82 2.14 -20.89
N LEU B 1243 38.59 0.95 -20.35
CA LEU B 1243 38.86 0.67 -18.96
C LEU B 1243 40.26 0.11 -18.90
N LEU B 1244 41.06 0.62 -17.96
CA LEU B 1244 42.46 0.24 -17.89
C LEU B 1244 42.59 -1.27 -17.57
N ARG B 1245 43.46 -1.97 -18.31
CA ARG B 1245 43.69 -3.42 -18.07
C ARG B 1245 44.65 -3.69 -16.89
N ASP B 1246 44.47 -4.83 -16.22
CA ASP B 1246 45.44 -5.36 -15.22
C ASP B 1246 45.80 -4.35 -14.15
N CYS B 1247 44.78 -3.93 -13.39
CA CYS B 1247 45.02 -2.98 -12.35
C CYS B 1247 44.09 -3.27 -11.17
N PRO B 1248 44.08 -4.56 -10.68
CA PRO B 1248 43.25 -4.85 -9.52
C PRO B 1248 43.46 -3.86 -8.40
N ASN B 1249 42.40 -3.51 -7.70
CA ASN B 1249 42.47 -2.64 -6.62
C ASN B 1249 42.19 -3.45 -5.33
N LYS B 1250 43.25 -3.78 -4.59
CA LYS B 1250 43.09 -4.67 -3.45
C LYS B 1250 42.28 -4.01 -2.28
N LYS B 1251 42.03 -2.72 -2.36
CA LYS B 1251 41.26 -2.05 -1.31
C LYS B 1251 39.72 -2.19 -1.44
N ALA B 1252 39.20 -2.87 -2.46
CA ALA B 1252 37.75 -2.92 -2.55
C ALA B 1252 37.27 -4.24 -3.11
N ILE B 1253 35.94 -4.44 -3.04
CA ILE B 1253 35.29 -5.75 -3.24
C ILE B 1253 35.64 -6.30 -4.62
N TYR B 1254 36.09 -7.57 -4.67
CA TYR B 1254 36.59 -8.20 -5.91
C TYR B 1254 37.51 -7.33 -6.76
N ALA B 1255 38.31 -6.50 -6.08
CA ALA B 1255 39.36 -5.75 -6.75
C ALA B 1255 38.89 -4.63 -7.70
N SER B 1256 37.64 -4.21 -7.57
CA SER B 1256 37.04 -3.15 -8.41
C SER B 1256 37.35 -1.75 -7.83
N LYS B 1257 36.96 -0.69 -8.55
CA LYS B 1257 36.98 0.70 -7.96
C LYS B 1257 35.63 1.42 -8.12
N ALA B 1258 35.35 2.38 -7.21
CA ALA B 1258 34.23 3.30 -7.38
C ALA B 1258 34.29 4.03 -8.75
N VAL B 1259 33.14 4.23 -9.39
CA VAL B 1259 33.15 4.83 -10.73
C VAL B 1259 32.10 5.98 -10.86
N GLY B 1260 31.16 6.12 -9.93
CA GLY B 1260 30.07 7.07 -10.18
C GLY B 1260 30.43 8.52 -10.54
N GLU B 1261 31.17 9.17 -9.62
CA GLU B 1261 31.59 10.56 -9.76
C GLU B 1261 32.92 10.83 -10.49
N PRO B 1262 33.98 9.99 -10.25
CA PRO B 1262 35.30 10.30 -10.84
C PRO B 1262 35.33 10.72 -12.33
N PRO B 1263 34.52 10.09 -13.22
CA PRO B 1263 34.77 10.53 -14.58
C PRO B 1263 34.16 11.92 -14.89
N LEU B 1264 33.32 12.48 -14.01
CA LEU B 1264 32.63 13.70 -14.45
C LEU B 1264 33.57 14.83 -14.87
N PHE B 1265 34.63 15.06 -14.09
CA PHE B 1265 35.53 16.15 -14.38
C PHE B 1265 36.18 16.02 -15.76
N LEU B 1266 36.22 14.81 -16.32
CA LEU B 1266 36.88 14.60 -17.62
C LEU B 1266 36.14 15.34 -18.73
N GLY B 1267 34.87 15.71 -18.46
CA GLY B 1267 34.14 16.62 -19.35
C GLY B 1267 34.90 17.93 -19.58
N ALA B 1268 35.77 18.32 -18.63
CA ALA B 1268 36.46 19.59 -18.74
C ALA B 1268 37.46 19.53 -19.91
N SER B 1269 37.79 18.32 -20.39
CA SER B 1269 38.69 18.22 -21.53
C SER B 1269 38.03 18.91 -22.75
N VAL B 1270 36.69 18.99 -22.76
CA VAL B 1270 35.97 19.70 -23.84
C VAL B 1270 36.12 21.20 -23.68
N PHE B 1271 35.98 21.67 -22.44
CA PHE B 1271 36.12 23.08 -22.14
C PHE B 1271 37.51 23.53 -22.56
N PHE B 1272 38.55 22.76 -22.22
CA PHE B 1272 39.90 23.27 -22.49
C PHE B 1272 40.30 23.11 -23.95
N ALA B 1273 39.67 22.18 -24.64
CA ALA B 1273 39.85 22.11 -26.07
C ALA B 1273 39.19 23.36 -26.64
N ILE B 1274 38.01 23.72 -26.13
CA ILE B 1274 37.38 24.95 -26.59
C ILE B 1274 38.28 26.16 -26.35
N LYS B 1275 38.90 26.22 -25.17
CA LYS B 1275 39.78 27.35 -24.85
C LYS B 1275 41.00 27.41 -25.81
N ASP B 1276 41.55 26.25 -26.15
CA ASP B 1276 42.59 26.13 -27.17
C ASP B 1276 42.12 26.76 -28.49
N ALA B 1277 40.92 26.40 -28.93
CA ALA B 1277 40.38 26.92 -30.17
C ALA B 1277 40.22 28.42 -30.11
N ILE B 1278 39.73 28.92 -28.98
CA ILE B 1278 39.50 30.34 -28.84
C ILE B 1278 40.86 31.10 -28.91
N ARG B 1279 41.93 30.53 -28.33
CA ARG B 1279 43.25 31.12 -28.47
C ARG B 1279 43.67 31.28 -29.92
N ALA B 1280 43.40 30.27 -30.76
CA ALA B 1280 43.65 30.36 -32.18
C ALA B 1280 42.84 31.44 -32.89
N ALA B 1281 41.55 31.53 -32.58
CA ALA B 1281 40.72 32.62 -33.11
C ALA B 1281 41.27 33.99 -32.73
N ARG B 1282 41.73 34.13 -31.48
CA ARG B 1282 42.29 35.38 -30.98
C ARG B 1282 43.65 35.70 -31.65
N ALA B 1283 44.49 34.69 -31.94
CA ALA B 1283 45.70 34.92 -32.71
C ALA B 1283 45.37 35.34 -34.14
N GLN B 1284 44.28 34.81 -34.70
CA GLN B 1284 43.83 35.14 -36.03
C GLN B 1284 43.36 36.61 -36.18
N HIS B 1285 42.54 37.10 -35.24
CA HIS B 1285 41.88 38.38 -35.46
C HIS B 1285 42.07 39.48 -34.42
N THR B 1286 42.74 39.18 -33.31
CA THR B 1286 42.71 40.02 -32.10
C THR B 1286 43.98 40.78 -31.68
N ASN B 1287 45.13 40.09 -31.71
CA ASN B 1287 46.22 40.42 -30.76
C ASN B 1287 47.67 40.35 -31.25
N ASN B 1288 48.05 39.16 -31.75
CA ASN B 1288 49.47 38.82 -32.04
C ASN B 1288 50.33 38.56 -30.77
N ASN B 1289 49.70 38.57 -29.59
CA ASN B 1289 50.42 38.45 -28.31
C ASN B 1289 51.06 37.08 -28.02
N THR B 1290 50.30 35.98 -28.13
CA THR B 1290 50.88 34.60 -28.02
C THR B 1290 50.99 34.13 -26.57
N LYS B 1291 51.38 35.02 -25.67
CA LYS B 1291 51.46 34.64 -24.28
C LYS B 1291 50.33 35.29 -23.51
N GLU B 1292 49.43 35.96 -24.22
CA GLU B 1292 48.25 36.63 -23.60
C GLU B 1292 47.37 35.64 -22.80
N LEU B 1293 46.91 36.05 -21.63
CA LEU B 1293 46.00 35.19 -20.89
C LEU B 1293 44.64 35.84 -20.92
N PHE B 1294 43.64 35.14 -21.42
CA PHE B 1294 42.31 35.75 -21.39
C PHE B 1294 41.44 34.88 -20.47
N ARG B 1295 40.57 35.53 -19.72
CA ARG B 1295 39.75 34.82 -18.76
C ARG B 1295 38.58 34.12 -19.46
N LEU B 1296 38.36 32.86 -19.14
CA LEU B 1296 37.19 32.14 -19.71
C LEU B 1296 36.54 31.38 -18.54
N ASP B 1297 35.40 31.90 -18.08
CA ASP B 1297 34.63 31.27 -17.02
C ASP B 1297 33.82 30.06 -17.58
N SER B 1298 33.38 29.18 -16.66
CA SER B 1298 32.52 28.06 -17.01
C SER B 1298 31.09 28.46 -16.64
N PRO B 1299 30.10 28.07 -17.45
CA PRO B 1299 30.23 27.25 -18.66
C PRO B 1299 30.63 28.10 -19.89
N ALA B 1300 31.41 27.50 -20.79
CA ALA B 1300 31.85 28.16 -22.02
C ALA B 1300 30.73 27.90 -23.02
N THR B 1301 29.66 28.67 -22.90
CA THR B 1301 28.50 28.62 -23.76
C THR B 1301 28.84 29.32 -25.10
N PRO B 1302 27.91 29.26 -26.07
CA PRO B 1302 28.10 30.07 -27.32
C PRO B 1302 28.32 31.58 -27.04
N GLU B 1303 27.60 32.13 -26.07
CA GLU B 1303 27.88 33.51 -25.67
C GLU B 1303 29.35 33.74 -25.36
N LYS B 1304 29.91 32.93 -24.46
CA LYS B 1304 31.25 33.21 -23.94
C LYS B 1304 32.25 32.93 -25.05
N ILE B 1305 31.97 31.91 -25.86
CA ILE B 1305 32.88 31.55 -26.94
C ILE B 1305 32.92 32.67 -27.95
N ARG B 1306 31.74 33.11 -28.41
CA ARG B 1306 31.64 34.11 -29.43
C ARG B 1306 32.28 35.45 -28.96
N ASN B 1307 31.94 35.87 -27.74
CA ASN B 1307 32.45 37.13 -27.16
C ASN B 1307 33.98 37.13 -27.01
N ALA B 1308 34.56 35.94 -26.78
CA ALA B 1308 36.00 35.80 -26.66
C ALA B 1308 36.68 35.83 -28.01
N CYS B 1309 35.97 35.52 -29.11
CA CYS B 1309 36.54 35.58 -30.49
C CYS B 1309 36.41 37.02 -30.99
N VAL B 1310 37.20 37.88 -30.34
CA VAL B 1310 37.29 39.30 -30.63
C VAL B 1310 37.74 39.54 -32.08
N ASP B 1311 37.02 40.40 -32.78
CA ASP B 1311 37.30 40.61 -34.20
C ASP B 1311 36.70 41.97 -34.58
N LYS B 1312 36.62 42.24 -35.88
CA LYS B 1312 36.05 43.51 -36.33
C LYS B 1312 34.53 43.67 -36.01
N PHE B 1313 33.81 42.55 -35.79
CA PHE B 1313 32.40 42.56 -35.47
C PHE B 1313 32.15 42.87 -33.99
N THR B 1314 32.78 42.13 -33.09
CA THR B 1314 32.66 42.40 -31.67
C THR B 1314 33.12 43.86 -31.34
N THR B 1315 34.23 44.31 -31.95
CA THR B 1315 34.70 45.71 -31.85
C THR B 1315 33.69 46.78 -32.26
N LEU B 1316 32.99 46.55 -33.35
CA LEU B 1316 32.01 47.50 -33.84
C LEU B 1316 30.72 47.52 -33.02
N CYS B 1317 30.38 46.48 -32.25
CA CYS B 1317 29.24 46.62 -31.30
C CYS B 1317 29.50 46.51 -29.80
N VAL B 1318 30.41 47.37 -29.31
CA VAL B 1318 30.76 47.43 -27.86
C VAL B 1318 29.81 48.31 -27.02
N LYS B 1326 33.77 57.93 -25.95
CA LYS B 1326 35.08 58.60 -26.23
C LYS B 1326 35.32 59.81 -25.30
N PRO B 1327 36.17 59.66 -24.26
CA PRO B 1327 36.16 60.72 -23.22
C PRO B 1327 36.70 62.09 -23.72
N TRP B 1328 36.21 63.18 -23.13
CA TRP B 1328 36.76 64.52 -23.46
C TRP B 1328 38.31 64.59 -23.41
N SER B 1329 38.91 63.98 -22.40
CA SER B 1329 40.37 64.10 -22.21
C SER B 1329 40.86 62.78 -21.69
N LEU B 1330 42.14 62.45 -21.93
CA LEU B 1330 42.79 61.23 -21.42
C LEU B 1330 44.22 61.58 -21.00
N ARG B 1331 44.66 61.15 -19.82
CA ARG B 1331 46.00 61.49 -19.38
C ARG B 1331 47.07 60.87 -20.34
N VAL B 1332 48.14 61.63 -20.57
CA VAL B 1332 49.22 61.14 -21.45
C VAL B 1332 50.36 60.40 -20.71
#